data_7DN2
#
_entry.id   7DN2
#
_cell.length_a   1.00
_cell.length_b   1.00
_cell.length_c   1.00
_cell.angle_alpha   90.00
_cell.angle_beta   90.00
_cell.angle_gamma   90.00
#
_symmetry.space_group_name_H-M   'P 1'
#
loop_
_entity.id
_entity.type
_entity.pdbx_description
1 polymer 'Major structural protein ORF14'
2 polymer 'Cement protein gp15'
#
loop_
_entity_poly.entity_id
_entity_poly.type
_entity_poly.pdbx_seq_one_letter_code
_entity_poly.pdbx_strand_id
1 'polypeptide(L)'
;MLEKLNNINFNNISNNLNLGIEVGREIQNASWIKSPFFSITGTGADRGVRLFSVASQQPFRPRIKAQLSGSGVSGNTDFE
ANYDNLEILSQTIYPDAFGNSLRSKIKAYSELERIDFIKESVDSLTTWMNEERDKRIVASLTNDFTNYLYTQTMNVATIR
KAIFHARNGLKGDNSKAFPIKPIRATMQSVGNVMVQNTSYIILLDSYQANQLKADSEFKELRKLYAFAGEDKGMLYSGLL
GVIDNCPVIDAGVWNKFNVGMPNSSISDSDFMRYLNKANVSSIVTPRQFKEKLNQEKDEKKRSINKEISIGCLIGASAVL
LAGSKETRFYIDETVDAGRKSLVGVDCLLGVSKARYQSTDGVVTPYDNQDYAVIGLVSDME
;
a,b,c,d,e,f,g,h,i
2 'polypeptide(L)'
;MKQKVHSVSYLAKAEFKFNNGVYNLVALPSGAEVVKVSLEVVGNPIATSTTSVSVGFEDETTKNYFLTLDNLAVDDASKK
HTTSAKDYTATSNKVVVAEVKNANDNNVKGVLRVLYFLPSVIEVEY
;
1,2,3,4,5,6,7,8,9
#
# COMPACT_ATOMS: atom_id res chain seq x y z
N ASN A 6 65.07 -83.81 16.69
CA ASN A 6 65.18 -82.35 16.73
C ASN A 6 64.11 -81.72 17.61
N ASN A 7 64.46 -80.61 18.24
CA ASN A 7 63.53 -79.83 19.04
C ASN A 7 63.47 -78.39 18.52
N ILE A 8 63.58 -78.23 17.21
CA ILE A 8 63.37 -76.93 16.60
C ILE A 8 61.90 -76.56 16.72
N ASN A 9 61.62 -75.28 16.97
CA ASN A 9 60.25 -74.86 17.23
C ASN A 9 59.51 -74.65 15.91
N PHE A 10 58.30 -75.18 15.81
CA PHE A 10 57.50 -75.08 14.60
C PHE A 10 56.37 -74.10 14.82
N ASN A 11 56.17 -73.23 13.82
CA ASN A 11 55.36 -72.02 13.98
C ASN A 11 53.92 -72.20 13.54
N ASN A 12 53.23 -73.24 14.03
CA ASN A 12 51.86 -73.42 13.56
C ASN A 12 51.08 -74.37 14.46
N ILE A 13 49.77 -74.13 14.54
CA ILE A 13 48.80 -75.14 14.96
C ILE A 13 48.19 -75.85 13.77
N SER A 14 48.52 -75.42 12.55
CA SER A 14 48.00 -76.08 11.35
C SER A 14 48.46 -77.52 11.28
N ASN A 15 49.71 -77.79 11.63
CA ASN A 15 50.28 -79.13 11.53
C ASN A 15 49.77 -80.08 12.59
N ASN A 16 48.99 -79.61 13.55
CA ASN A 16 48.50 -80.49 14.60
C ASN A 16 47.58 -81.54 13.98
N LEU A 17 48.07 -82.78 13.90
CA LEU A 17 47.35 -83.87 13.29
C LEU A 17 46.34 -84.49 14.21
N ASN A 18 45.93 -83.77 15.26
CA ASN A 18 44.86 -84.22 16.13
C ASN A 18 43.55 -83.53 15.84
N LEU A 19 43.57 -82.45 15.07
CA LEU A 19 42.38 -81.68 14.76
C LEU A 19 41.87 -82.00 13.37
N GLY A 20 40.56 -81.86 13.20
CA GLY A 20 39.94 -81.93 11.89
C GLY A 20 39.77 -80.54 11.28
N ILE A 21 38.93 -80.48 10.26
CA ILE A 21 38.52 -79.22 9.67
C ILE A 21 37.04 -79.31 9.36
N GLU A 22 36.27 -78.35 9.86
CA GLU A 22 34.87 -78.22 9.52
C GLU A 22 34.71 -77.16 8.44
N VAL A 23 34.15 -77.54 7.31
CA VAL A 23 33.77 -76.53 6.32
C VAL A 23 32.41 -75.97 6.69
N GLY A 24 32.15 -74.75 6.24
CA GLY A 24 30.89 -74.11 6.55
C GLY A 24 29.71 -74.91 6.04
N ARG A 25 28.60 -74.82 6.78
CA ARG A 25 27.38 -75.49 6.36
C ARG A 25 26.81 -74.89 5.09
N GLU A 26 27.14 -73.64 4.78
CA GLU A 26 26.65 -72.98 3.58
C GLU A 26 27.82 -72.38 2.82
N ILE A 27 27.59 -72.14 1.53
CA ILE A 27 28.49 -71.36 0.70
C ILE A 27 27.83 -70.02 0.47
N GLN A 28 28.43 -68.95 1.00
CA GLN A 28 27.84 -67.63 0.84
C GLN A 28 28.07 -67.13 -0.58
N ASN A 29 27.00 -66.64 -1.20
CA ASN A 29 27.08 -66.04 -2.52
C ASN A 29 27.69 -64.66 -2.41
N ALA A 30 28.63 -64.35 -3.32
CA ALA A 30 29.34 -63.09 -3.27
C ALA A 30 28.61 -61.96 -3.98
N SER A 31 27.54 -62.26 -4.71
CA SER A 31 26.81 -61.24 -5.46
C SER A 31 25.55 -60.86 -4.72
N TRP A 32 25.35 -59.56 -4.53
CA TRP A 32 24.22 -59.01 -3.81
C TRP A 32 23.56 -57.84 -4.51
N ILE A 33 24.26 -57.19 -5.44
CA ILE A 33 23.78 -55.96 -6.06
C ILE A 33 22.49 -56.20 -6.83
N LYS A 34 21.55 -55.27 -6.69
CA LYS A 34 20.41 -55.16 -7.59
C LYS A 34 20.51 -53.83 -8.33
N SER A 35 20.13 -53.84 -9.55
CA SER A 35 20.23 -52.68 -10.42
C SER A 35 18.88 -51.97 -10.50
N PRO A 36 18.87 -50.66 -10.70
CA PRO A 36 17.61 -49.90 -10.78
C PRO A 36 16.99 -49.91 -12.18
N PHE A 37 16.96 -51.08 -12.79
CA PHE A 37 16.41 -51.23 -14.13
C PHE A 37 15.24 -52.20 -14.19
N PHE A 38 15.20 -53.18 -13.30
CA PHE A 38 14.01 -54.00 -13.14
C PHE A 38 12.79 -53.17 -12.76
N SER A 39 13.00 -51.98 -12.20
CA SER A 39 11.92 -51.10 -11.80
C SER A 39 11.47 -50.16 -12.91
N ILE A 40 12.26 -50.03 -13.98
CA ILE A 40 11.90 -49.18 -15.11
C ILE A 40 11.28 -50.04 -16.20
N THR A 41 11.73 -51.28 -16.31
CA THR A 41 11.29 -52.15 -17.37
C THR A 41 9.86 -52.64 -17.13
N GLY A 42 9.06 -52.64 -18.19
CA GLY A 42 7.71 -53.14 -18.10
C GLY A 42 7.05 -53.09 -19.46
N THR A 43 5.81 -53.55 -19.50
CA THR A 43 5.05 -53.57 -20.75
C THR A 43 4.19 -52.33 -20.93
N GLY A 44 3.89 -51.61 -19.86
CA GLY A 44 3.09 -50.41 -19.99
C GLY A 44 3.76 -49.36 -20.84
N ALA A 45 2.94 -48.53 -21.48
CA ALA A 45 3.47 -47.54 -22.41
C ALA A 45 4.19 -46.41 -21.72
N ASP A 46 4.00 -46.26 -20.42
CA ASP A 46 4.66 -45.22 -19.65
C ASP A 46 6.04 -45.62 -19.14
N ARG A 47 6.44 -46.86 -19.33
CA ARG A 47 7.74 -47.32 -18.85
C ARG A 47 8.85 -46.68 -19.65
N GLY A 48 9.99 -46.45 -18.98
CA GLY A 48 11.13 -45.89 -19.64
C GLY A 48 11.90 -46.90 -20.47
N VAL A 49 11.86 -48.15 -20.05
CA VAL A 49 12.42 -49.26 -20.82
C VAL A 49 11.25 -50.17 -21.14
N ARG A 50 10.67 -50.01 -22.33
CA ARG A 50 9.46 -50.72 -22.67
C ARG A 50 9.76 -52.07 -23.30
N LEU A 51 8.94 -53.05 -22.96
CA LEU A 51 9.10 -54.42 -23.46
C LEU A 51 7.93 -54.74 -24.37
N PHE A 52 8.21 -54.98 -25.64
CA PHE A 52 7.22 -55.44 -26.59
C PHE A 52 7.29 -56.97 -26.62
N SER A 53 6.23 -57.62 -26.14
CA SER A 53 6.18 -59.08 -26.15
C SER A 53 5.63 -59.51 -27.50
N VAL A 54 6.53 -59.59 -28.47
CA VAL A 54 6.17 -59.97 -29.84
C VAL A 54 6.24 -61.49 -29.92
N ALA A 55 5.14 -62.14 -29.56
CA ALA A 55 5.08 -63.59 -29.61
C ALA A 55 5.37 -64.08 -31.01
N SER A 56 5.91 -65.30 -31.11
CA SER A 56 6.54 -65.78 -32.35
C SER A 56 7.66 -64.81 -32.75
N GLN A 57 8.67 -64.81 -31.89
CA GLN A 57 9.69 -63.77 -31.88
C GLN A 57 10.24 -63.51 -33.27
N GLN A 58 10.00 -62.31 -33.76
CA GLN A 58 10.50 -61.85 -35.05
C GLN A 58 11.07 -60.46 -34.84
N PRO A 59 11.92 -60.01 -35.73
CA PRO A 59 12.32 -58.61 -35.70
C PRO A 59 11.12 -57.69 -35.65
N PHE A 60 10.96 -56.96 -34.56
CA PHE A 60 9.79 -56.15 -34.31
C PHE A 60 9.98 -54.77 -34.92
N ARG A 61 8.86 -54.10 -35.19
CA ARG A 61 8.87 -52.77 -35.81
C ARG A 61 7.91 -51.86 -35.09
N PRO A 62 8.40 -51.08 -34.13
CA PRO A 62 7.55 -50.09 -33.47
C PRO A 62 7.42 -48.81 -34.30
N ARG A 63 6.27 -48.17 -34.11
CA ARG A 63 5.87 -47.03 -34.93
C ARG A 63 5.30 -45.91 -34.06
N ILE A 64 5.59 -44.67 -34.45
CA ILE A 64 5.03 -43.48 -33.84
C ILE A 64 4.31 -42.66 -34.91
N LYS A 65 3.39 -41.83 -34.43
CA LYS A 65 2.58 -40.95 -35.27
C LYS A 65 3.01 -39.51 -35.02
N ALA A 66 3.36 -38.79 -36.09
CA ALA A 66 3.59 -37.37 -35.95
C ALA A 66 2.27 -36.64 -35.70
N GLN A 67 2.37 -35.34 -35.43
CA GLN A 67 1.18 -34.54 -35.19
C GLN A 67 0.73 -33.83 -36.46
N LEU A 68 -0.57 -33.65 -36.60
CA LEU A 68 -1.10 -32.86 -37.69
C LEU A 68 -0.68 -31.42 -37.54
N SER A 69 -0.42 -30.77 -38.67
CA SER A 69 0.08 -29.40 -38.64
C SER A 69 -0.49 -28.54 -39.74
N GLY A 70 -1.43 -29.03 -40.54
CA GLY A 70 -1.90 -28.29 -41.68
C GLY A 70 -3.07 -27.38 -41.34
N SER A 71 -3.16 -26.29 -42.08
CA SER A 71 -4.35 -25.46 -42.04
C SER A 71 -5.54 -26.27 -42.51
N GLY A 72 -6.64 -26.19 -41.78
CA GLY A 72 -7.79 -26.97 -42.17
C GLY A 72 -8.58 -26.30 -43.27
N VAL A 73 -9.88 -26.22 -43.09
CA VAL A 73 -10.75 -25.49 -44.01
C VAL A 73 -11.65 -24.59 -43.20
N SER A 74 -12.01 -23.45 -43.78
CA SER A 74 -12.76 -22.42 -43.07
C SER A 74 -14.17 -22.31 -43.63
N GLY A 75 -15.14 -22.23 -42.74
CA GLY A 75 -16.51 -21.94 -43.13
C GLY A 75 -17.17 -23.01 -43.98
N ASN A 76 -17.56 -22.64 -45.19
CA ASN A 76 -18.27 -23.54 -46.09
C ASN A 76 -17.36 -24.30 -47.03
N THR A 77 -16.06 -24.05 -47.00
CA THR A 77 -15.14 -24.75 -47.87
C THR A 77 -15.14 -26.24 -47.55
N ASP A 78 -15.04 -27.06 -48.59
CA ASP A 78 -15.08 -28.50 -48.42
C ASP A 78 -13.82 -29.01 -47.77
N PHE A 79 -13.95 -30.13 -47.06
CA PHE A 79 -12.79 -30.79 -46.47
C PHE A 79 -11.71 -31.06 -47.51
N GLU A 80 -12.12 -31.42 -48.72
CA GLU A 80 -11.19 -31.84 -49.76
C GLU A 80 -10.34 -30.71 -50.31
N ALA A 81 -10.61 -29.46 -49.92
CA ALA A 81 -9.81 -28.35 -50.41
C ALA A 81 -8.48 -28.24 -49.69
N ASN A 82 -8.35 -28.84 -48.51
CA ASN A 82 -7.07 -28.92 -47.84
C ASN A 82 -7.08 -30.20 -46.99
N TYR A 83 -6.57 -31.27 -47.57
CA TYR A 83 -6.42 -32.52 -46.83
C TYR A 83 -5.21 -32.44 -45.92
N ASP A 84 -5.29 -33.12 -44.79
CA ASP A 84 -4.13 -33.29 -43.93
C ASP A 84 -3.52 -34.66 -44.19
N ASN A 85 -2.24 -34.78 -43.89
CA ASN A 85 -1.47 -35.98 -44.20
C ASN A 85 -0.91 -36.57 -42.91
N LEU A 86 -1.41 -37.73 -42.53
CA LEU A 86 -0.81 -38.46 -41.42
C LEU A 86 0.61 -38.86 -41.78
N GLU A 87 1.49 -38.86 -40.78
CA GLU A 87 2.86 -39.28 -40.99
C GLU A 87 3.22 -40.33 -39.95
N ILE A 88 3.81 -41.43 -40.42
CA ILE A 88 4.19 -42.57 -39.53
C ILE A 88 5.70 -42.79 -39.60
N LEU A 89 6.33 -42.96 -38.44
CA LEU A 89 7.74 -43.24 -38.33
C LEU A 89 7.90 -44.59 -37.67
N SER A 90 8.92 -45.34 -38.08
CA SER A 90 9.12 -46.65 -37.50
C SER A 90 10.60 -46.91 -37.31
N GLN A 91 10.89 -47.95 -36.55
CA GLN A 91 12.24 -48.48 -36.55
C GLN A 91 12.17 -50.00 -36.43
N THR A 92 13.27 -50.65 -36.75
CA THR A 92 13.33 -52.11 -36.75
C THR A 92 14.27 -52.57 -35.64
N ILE A 93 13.79 -53.47 -34.81
CA ILE A 93 14.58 -54.04 -33.72
C ILE A 93 14.71 -55.53 -34.01
N TYR A 94 15.92 -55.95 -34.35
CA TYR A 94 16.38 -57.31 -34.56
C TYR A 94 16.88 -57.90 -33.24
N PRO A 95 16.61 -59.17 -32.97
CA PRO A 95 17.09 -59.77 -31.72
C PRO A 95 18.53 -60.25 -31.86
N ASP A 96 19.12 -60.58 -30.72
CA ASP A 96 20.40 -61.28 -30.71
C ASP A 96 20.38 -62.31 -29.59
N ALA A 97 21.20 -63.34 -29.76
CA ALA A 97 21.24 -64.47 -28.83
C ALA A 97 22.58 -64.50 -28.13
N PHE A 98 22.54 -64.58 -26.81
CA PHE A 98 23.73 -64.73 -26.00
C PHE A 98 23.44 -65.75 -24.93
N GLY A 99 24.46 -66.14 -24.19
CA GLY A 99 24.26 -67.17 -23.19
C GLY A 99 25.58 -67.65 -22.64
N ASN A 100 25.48 -68.30 -21.49
CA ASN A 100 26.66 -68.77 -20.76
C ASN A 100 26.38 -70.15 -20.19
N SER A 101 27.43 -70.94 -20.03
CA SER A 101 27.32 -72.30 -19.55
C SER A 101 28.31 -72.56 -18.44
N LEU A 102 28.03 -73.63 -17.70
CA LEU A 102 28.85 -74.05 -16.57
C LEU A 102 28.89 -75.56 -16.57
N ARG A 103 30.10 -76.12 -16.59
CA ARG A 103 30.30 -77.57 -16.63
C ARG A 103 30.68 -78.06 -15.25
N SER A 104 30.10 -79.18 -14.85
CA SER A 104 30.27 -79.73 -13.53
C SER A 104 31.48 -80.66 -13.45
N LYS A 105 31.78 -81.08 -12.23
CA LYS A 105 32.71 -82.16 -11.97
C LYS A 105 31.93 -83.45 -11.73
N ILE A 106 32.66 -84.57 -11.70
CA ILE A 106 32.05 -85.92 -11.48
C ILE A 106 31.25 -85.89 -10.17
N LYS A 107 30.03 -86.43 -10.19
CA LYS A 107 29.10 -86.45 -9.07
C LYS A 107 29.79 -86.73 -7.74
N ALA A 108 30.80 -87.60 -7.76
CA ALA A 108 31.50 -87.94 -6.54
C ALA A 108 32.25 -86.76 -5.97
N TYR A 109 33.00 -86.04 -6.81
CA TYR A 109 33.71 -84.86 -6.34
C TYR A 109 32.74 -83.77 -5.90
N SER A 110 31.62 -83.64 -6.59
CA SER A 110 30.60 -82.69 -6.16
C SER A 110 30.06 -83.06 -4.79
N GLU A 111 30.04 -84.34 -4.45
CA GLU A 111 29.60 -84.74 -3.11
C GLU A 111 30.68 -84.52 -2.06
N LEU A 112 31.94 -84.82 -2.39
CA LEU A 112 33.04 -84.45 -1.50
C LEU A 112 32.99 -82.97 -1.15
N GLU A 113 33.09 -82.13 -2.15
CA GLU A 113 33.20 -80.71 -1.93
C GLU A 113 31.93 -80.07 -1.50
N ARG A 114 30.88 -80.83 -1.22
CA ARG A 114 29.63 -80.32 -0.66
C ARG A 114 29.04 -79.20 -1.50
N ILE A 115 29.43 -79.11 -2.75
CA ILE A 115 28.87 -78.15 -3.69
C ILE A 115 27.69 -78.80 -4.39
N ASP A 116 26.53 -78.16 -4.32
CA ASP A 116 25.35 -78.61 -5.06
C ASP A 116 25.35 -77.88 -6.39
N PHE A 117 25.77 -78.56 -7.45
CA PHE A 117 26.14 -77.85 -8.67
C PHE A 117 24.92 -77.25 -9.37
N ILE A 118 23.79 -77.95 -9.35
CA ILE A 118 22.64 -77.48 -10.12
C ILE A 118 22.15 -76.15 -9.58
N LYS A 119 21.97 -76.06 -8.26
CA LYS A 119 21.47 -74.82 -7.66
C LYS A 119 22.50 -73.70 -7.77
N GLU A 120 23.75 -73.98 -7.42
CA GLU A 120 24.78 -72.96 -7.47
C GLU A 120 24.93 -72.42 -8.89
N SER A 121 24.95 -73.30 -9.88
CA SER A 121 25.17 -72.86 -11.25
C SER A 121 23.95 -72.15 -11.80
N VAL A 122 22.74 -72.59 -11.43
CA VAL A 122 21.55 -71.89 -11.90
C VAL A 122 21.48 -70.49 -11.31
N ASP A 123 21.81 -70.35 -10.02
CA ASP A 123 21.87 -69.02 -9.41
C ASP A 123 22.92 -68.15 -10.09
N SER A 124 24.12 -68.69 -10.28
CA SER A 124 25.20 -67.92 -10.88
C SER A 124 24.83 -67.46 -12.28
N LEU A 125 24.22 -68.34 -13.08
CA LEU A 125 23.88 -67.98 -14.44
C LEU A 125 22.67 -67.07 -14.49
N THR A 126 21.76 -67.15 -13.52
CA THR A 126 20.69 -66.17 -13.42
C THR A 126 21.26 -64.78 -13.21
N THR A 127 22.21 -64.66 -12.28
CA THR A 127 22.85 -63.37 -12.06
C THR A 127 23.56 -62.89 -13.32
N TRP A 128 24.32 -63.79 -13.96
CA TRP A 128 25.04 -63.42 -15.17
C TRP A 128 24.09 -62.92 -16.25
N MET A 129 22.95 -63.59 -16.42
CA MET A 129 22.02 -63.23 -17.47
C MET A 129 21.36 -61.89 -17.17
N ASN A 130 21.03 -61.65 -15.91
CA ASN A 130 20.49 -60.34 -15.52
C ASN A 130 21.48 -59.23 -15.86
N GLU A 131 22.77 -59.45 -15.58
CA GLU A 131 23.73 -58.39 -15.84
C GLU A 131 23.96 -58.21 -17.34
N GLU A 132 23.89 -59.28 -18.14
CA GLU A 132 24.09 -59.14 -19.57
C GLU A 132 22.93 -58.42 -20.23
N ARG A 133 21.70 -58.77 -19.85
CA ARG A 133 20.54 -58.06 -20.36
C ARG A 133 20.58 -56.59 -19.97
N ASP A 134 20.94 -56.29 -18.72
CA ASP A 134 20.96 -54.89 -18.30
C ASP A 134 22.09 -54.12 -18.97
N LYS A 135 23.26 -54.76 -19.16
CA LYS A 135 24.35 -54.09 -19.86
C LYS A 135 23.99 -53.80 -21.30
N ARG A 136 23.21 -54.68 -21.93
CA ARG A 136 22.75 -54.40 -23.28
C ARG A 136 21.78 -53.22 -23.29
N ILE A 137 20.88 -53.18 -22.31
CA ILE A 137 19.98 -52.03 -22.19
C ILE A 137 20.76 -50.73 -22.06
N VAL A 138 21.80 -50.74 -21.22
CA VAL A 138 22.53 -49.50 -20.95
C VAL A 138 23.38 -49.10 -22.14
N ALA A 139 24.04 -50.07 -22.78
CA ALA A 139 24.85 -49.75 -23.95
C ALA A 139 23.97 -49.21 -25.08
N SER A 140 22.78 -49.79 -25.24
CA SER A 140 21.83 -49.26 -26.22
C SER A 140 21.38 -47.86 -25.83
N LEU A 141 21.29 -47.59 -24.54
CA LEU A 141 20.73 -46.33 -24.06
C LEU A 141 21.71 -45.18 -24.21
N THR A 142 22.98 -45.42 -23.94
CA THR A 142 23.98 -44.36 -23.89
C THR A 142 24.92 -44.41 -25.09
N ASN A 143 24.39 -44.78 -26.24
CA ASN A 143 25.15 -44.83 -27.48
C ASN A 143 24.61 -43.77 -28.43
N ASP A 144 25.48 -42.90 -28.91
CA ASP A 144 25.16 -41.92 -29.96
C ASP A 144 24.03 -41.00 -29.51
N PHE A 145 24.33 -40.21 -28.49
CA PHE A 145 23.41 -39.19 -28.02
C PHE A 145 23.21 -38.14 -29.10
N THR A 146 21.98 -38.00 -29.58
CA THR A 146 21.67 -36.92 -30.50
C THR A 146 21.39 -35.62 -29.75
N ASN A 147 20.85 -35.72 -28.54
CA ASN A 147 20.57 -34.57 -27.70
C ASN A 147 21.26 -34.80 -26.36
N TYR A 148 22.18 -33.91 -25.99
CA TYR A 148 22.91 -34.10 -24.75
C TYR A 148 23.40 -32.76 -24.23
N LEU A 149 23.59 -32.70 -22.92
CA LEU A 149 24.24 -31.57 -22.26
C LEU A 149 25.56 -32.04 -21.66
N TYR A 150 26.53 -31.13 -21.61
CA TYR A 150 27.82 -31.42 -20.99
C TYR A 150 28.13 -30.35 -19.95
N THR A 151 28.48 -30.80 -18.74
CA THR A 151 28.91 -29.92 -17.68
C THR A 151 30.19 -30.47 -17.06
N GLN A 152 30.99 -29.57 -16.49
CA GLN A 152 32.19 -30.01 -15.77
C GLN A 152 31.83 -30.88 -14.57
N THR A 153 30.82 -30.47 -13.82
CA THR A 153 30.41 -31.13 -12.61
C THR A 153 28.89 -31.17 -12.58
N MET A 154 28.31 -32.30 -12.21
CA MET A 154 26.86 -32.39 -12.15
C MET A 154 26.33 -31.45 -11.08
N ASN A 155 25.56 -30.46 -11.51
CA ASN A 155 24.92 -29.51 -10.63
C ASN A 155 23.42 -29.58 -10.83
N VAL A 156 22.70 -28.83 -10.00
CA VAL A 156 21.25 -28.78 -10.12
C VAL A 156 20.86 -27.93 -11.32
N ALA A 157 21.68 -26.95 -11.68
CA ALA A 157 21.38 -26.12 -12.85
C ALA A 157 21.32 -26.95 -14.12
N THR A 158 22.25 -27.89 -14.28
CA THR A 158 22.28 -28.69 -15.50
C THR A 158 21.14 -29.70 -15.52
N ILE A 159 20.80 -30.29 -14.38
CA ILE A 159 19.66 -31.19 -14.34
C ILE A 159 18.37 -30.45 -14.65
N ARG A 160 18.24 -29.22 -14.14
CA ARG A 160 17.06 -28.42 -14.43
C ARG A 160 17.04 -28.02 -15.90
N LYS A 161 18.20 -27.76 -16.48
CA LYS A 161 18.27 -27.45 -17.89
C LYS A 161 17.86 -28.65 -18.73
N ALA A 162 18.25 -29.84 -18.32
CA ALA A 162 17.82 -31.05 -19.04
C ALA A 162 16.32 -31.26 -18.91
N ILE A 163 15.77 -31.05 -17.72
CA ILE A 163 14.32 -31.19 -17.55
C ILE A 163 13.59 -30.15 -18.38
N PHE A 164 14.18 -28.97 -18.53
CA PHE A 164 13.58 -27.93 -19.35
C PHE A 164 13.62 -28.31 -20.82
N HIS A 165 14.78 -28.76 -21.31
CA HIS A 165 14.90 -29.21 -22.69
C HIS A 165 13.98 -30.38 -23.00
N ALA A 166 13.68 -31.20 -22.00
CA ALA A 166 12.74 -32.29 -22.24
C ALA A 166 11.30 -31.79 -22.28
N ARG A 167 10.92 -30.91 -21.35
CA ARG A 167 9.55 -30.44 -21.29
C ARG A 167 9.18 -29.60 -22.50
N ASN A 168 10.08 -28.75 -22.95
CA ASN A 168 9.80 -27.80 -24.01
C ASN A 168 10.50 -28.17 -25.31
N GLY A 169 11.12 -29.33 -25.36
CA GLY A 169 11.65 -29.87 -26.61
C GLY A 169 12.75 -29.07 -27.26
N LEU A 170 13.86 -28.88 -26.57
CA LEU A 170 14.99 -28.15 -27.11
C LEU A 170 16.21 -29.07 -27.20
N LYS A 171 17.23 -28.58 -27.88
CA LYS A 171 18.47 -29.32 -28.04
C LYS A 171 19.55 -28.72 -27.16
N GLY A 172 20.63 -29.47 -26.99
CA GLY A 172 21.72 -29.01 -26.14
C GLY A 172 22.30 -27.69 -26.60
N ASP A 173 22.37 -27.47 -27.91
CA ASP A 173 22.89 -26.24 -28.48
C ASP A 173 21.79 -25.26 -28.85
N ASN A 174 20.69 -25.26 -28.10
CA ASN A 174 19.58 -24.32 -28.30
C ASN A 174 18.98 -24.46 -29.70
N SER A 175 18.37 -25.62 -29.93
CA SER A 175 17.62 -25.87 -31.16
C SER A 175 16.36 -26.64 -30.81
N LYS A 176 15.28 -26.34 -31.52
CA LYS A 176 14.00 -26.98 -31.26
C LYS A 176 14.02 -28.40 -31.81
N ALA A 177 13.70 -29.38 -30.96
CA ALA A 177 13.53 -30.75 -31.44
C ALA A 177 12.11 -31.26 -31.27
N PHE A 178 11.67 -31.56 -30.04
CA PHE A 178 10.30 -31.97 -29.74
C PHE A 178 10.17 -32.24 -28.26
N PRO A 179 9.00 -32.05 -27.68
CA PRO A 179 8.82 -32.38 -26.26
C PRO A 179 8.82 -33.89 -26.04
N ILE A 180 9.69 -34.34 -25.15
CA ILE A 180 9.79 -35.76 -24.84
C ILE A 180 8.63 -36.17 -23.97
N LYS A 181 7.91 -37.21 -24.38
CA LYS A 181 6.85 -37.74 -23.55
C LYS A 181 7.42 -38.27 -22.24
N PRO A 182 6.82 -37.93 -21.10
CA PRO A 182 7.44 -38.25 -19.81
C PRO A 182 7.05 -39.62 -19.28
N ILE A 183 7.80 -40.06 -18.27
CA ILE A 183 7.44 -41.27 -17.55
C ILE A 183 6.07 -41.12 -16.93
N ARG A 184 5.78 -39.96 -16.36
CA ARG A 184 4.44 -39.68 -15.85
C ARG A 184 4.04 -38.25 -16.19
N ALA A 185 2.75 -38.05 -16.35
CA ALA A 185 2.21 -36.72 -16.62
C ALA A 185 0.94 -36.57 -15.80
N THR A 186 0.93 -35.62 -14.88
CA THR A 186 -0.22 -35.41 -14.02
C THR A 186 -0.67 -33.96 -14.11
N MET A 187 -1.87 -33.72 -13.58
CA MET A 187 -2.43 -32.38 -13.48
C MET A 187 -2.37 -31.94 -12.03
N GLN A 188 -1.73 -30.81 -11.78
CA GLN A 188 -1.57 -30.26 -10.44
C GLN A 188 -2.15 -28.85 -10.40
N SER A 189 -2.87 -28.55 -9.32
CA SER A 189 -3.47 -27.25 -9.15
C SER A 189 -2.43 -26.23 -8.69
N VAL A 190 -2.39 -25.09 -9.36
CA VAL A 190 -1.48 -24.00 -9.04
C VAL A 190 -2.36 -22.83 -8.60
N GLY A 191 -3.47 -23.14 -7.95
CA GLY A 191 -4.43 -22.14 -7.55
C GLY A 191 -5.79 -22.61 -8.00
N ASN A 192 -6.56 -21.74 -8.64
CA ASN A 192 -7.76 -22.18 -9.31
C ASN A 192 -7.45 -22.76 -10.70
N VAL A 193 -6.18 -23.00 -10.99
CA VAL A 193 -5.72 -23.40 -12.32
C VAL A 193 -5.08 -24.77 -12.22
N MET A 194 -5.47 -25.69 -13.10
CA MET A 194 -4.86 -26.99 -13.21
C MET A 194 -3.84 -26.96 -14.34
N VAL A 195 -2.59 -27.25 -14.01
CA VAL A 195 -1.51 -27.26 -14.97
C VAL A 195 -1.02 -28.70 -15.11
N GLN A 196 -0.18 -28.94 -16.12
CA GLN A 196 0.36 -30.26 -16.40
C GLN A 196 1.82 -30.31 -15.98
N ASN A 197 2.18 -31.27 -15.15
CA ASN A 197 3.57 -31.48 -14.76
C ASN A 197 4.03 -32.86 -15.18
N THR A 198 5.27 -32.93 -15.64
CA THR A 198 5.87 -34.13 -16.19
C THR A 198 6.97 -34.64 -15.28
N SER A 199 7.06 -35.96 -15.13
CA SER A 199 8.11 -36.62 -14.38
C SER A 199 8.88 -37.52 -15.33
N TYR A 200 10.13 -37.16 -15.59
CA TYR A 200 11.08 -38.01 -16.30
C TYR A 200 11.87 -38.83 -15.29
N ILE A 201 12.96 -39.45 -15.73
CA ILE A 201 13.85 -40.18 -14.83
C ILE A 201 15.29 -39.82 -15.18
N ILE A 202 16.01 -39.31 -14.20
CA ILE A 202 17.42 -38.97 -14.36
C ILE A 202 18.24 -40.11 -13.77
N LEU A 203 18.90 -40.86 -14.64
CA LEU A 203 19.83 -41.91 -14.26
C LEU A 203 21.22 -41.31 -14.30
N LEU A 204 21.75 -40.99 -13.13
CA LEU A 204 23.06 -40.40 -13.00
C LEU A 204 24.10 -41.48 -12.73
N ASP A 205 25.31 -41.23 -13.22
CA ASP A 205 26.43 -42.07 -12.84
C ASP A 205 26.74 -41.85 -11.36
N SER A 206 27.52 -42.76 -10.78
CA SER A 206 27.80 -42.64 -9.35
C SER A 206 28.84 -41.55 -9.08
N TYR A 207 29.80 -41.35 -9.98
CA TYR A 207 30.64 -40.16 -9.91
C TYR A 207 29.78 -38.91 -9.99
N GLN A 208 28.77 -38.93 -10.86
CA GLN A 208 27.87 -37.81 -10.99
C GLN A 208 27.01 -37.63 -9.74
N ALA A 209 26.61 -38.72 -9.10
CA ALA A 209 25.84 -38.59 -7.88
C ALA A 209 26.68 -38.01 -6.74
N ASN A 210 27.94 -38.42 -6.63
CA ASN A 210 28.81 -37.78 -5.66
C ASN A 210 29.03 -36.32 -5.98
N GLN A 211 29.21 -35.99 -7.25
CA GLN A 211 29.38 -34.58 -7.63
C GLN A 211 28.14 -33.77 -7.25
N LEU A 212 26.96 -34.37 -7.39
CA LEU A 212 25.74 -33.63 -7.10
C LEU A 212 25.54 -33.47 -5.59
N LYS A 213 25.90 -34.49 -4.81
CA LYS A 213 25.76 -34.35 -3.36
C LYS A 213 26.70 -33.32 -2.78
N ALA A 214 27.77 -32.97 -3.49
CA ALA A 214 28.70 -31.95 -3.06
C ALA A 214 28.47 -30.62 -3.77
N ASP A 215 27.21 -30.30 -4.09
CA ASP A 215 26.87 -29.13 -4.86
C ASP A 215 26.15 -28.12 -3.99
N SER A 216 26.51 -26.84 -4.12
CA SER A 216 25.93 -25.81 -3.29
C SER A 216 24.42 -25.70 -3.53
N GLU A 217 24.03 -25.54 -4.79
CA GLU A 217 22.62 -25.43 -5.13
C GLU A 217 21.83 -26.64 -4.65
N PHE A 218 22.44 -27.83 -4.72
CA PHE A 218 21.76 -29.03 -4.24
C PHE A 218 21.52 -28.96 -2.75
N LYS A 219 22.48 -28.45 -1.99
CA LYS A 219 22.29 -28.32 -0.55
C LYS A 219 21.25 -27.27 -0.21
N GLU A 220 21.25 -26.16 -0.94
CA GLU A 220 20.18 -25.16 -0.77
C GLU A 220 18.82 -25.79 -1.01
N LEU A 221 18.72 -26.65 -2.03
CA LEU A 221 17.43 -27.22 -2.36
C LEU A 221 17.01 -28.26 -1.34
N ARG A 222 17.96 -29.03 -0.81
CA ARG A 222 17.60 -29.98 0.24
C ARG A 222 17.17 -29.26 1.50
N LYS A 223 17.80 -28.11 1.78
CA LYS A 223 17.38 -27.29 2.91
C LYS A 223 15.95 -26.78 2.71
N LEU A 224 15.65 -26.27 1.51
CA LEU A 224 14.29 -25.85 1.21
C LEU A 224 13.30 -26.98 1.35
N TYR A 225 13.64 -28.17 0.84
CA TYR A 225 12.77 -29.33 1.01
C TYR A 225 12.51 -29.60 2.48
N ALA A 226 13.58 -29.59 3.28
CA ALA A 226 13.46 -29.85 4.71
C ALA A 226 12.49 -28.87 5.36
N PHE A 227 12.66 -27.59 5.07
CA PHE A 227 11.75 -26.58 5.61
C PHE A 227 10.31 -26.84 5.16
N ALA A 228 10.13 -27.26 3.91
CA ALA A 228 8.80 -27.55 3.40
C ALA A 228 8.33 -28.96 3.71
N GLY A 229 9.24 -29.89 4.00
CA GLY A 229 8.86 -31.27 4.25
C GLY A 229 8.35 -31.96 3.00
N GLU A 230 9.18 -31.99 1.96
CA GLU A 230 8.73 -32.45 0.65
C GLU A 230 9.01 -33.93 0.42
N ASP A 231 10.28 -34.33 0.47
CA ASP A 231 10.65 -35.73 0.29
C ASP A 231 11.55 -36.17 1.44
N LYS A 232 10.97 -36.92 2.36
CA LYS A 232 11.63 -37.25 3.62
C LYS A 232 12.64 -38.36 3.45
N GLY A 233 13.80 -38.19 4.08
CA GLY A 233 14.75 -39.29 4.19
C GLY A 233 15.52 -39.60 2.94
N MET A 234 15.86 -38.58 2.15
CA MET A 234 16.61 -38.81 0.93
C MET A 234 18.11 -38.63 1.15
N LEU A 235 18.53 -37.44 1.56
CA LEU A 235 19.95 -37.22 1.84
C LEU A 235 20.38 -37.90 3.12
N TYR A 236 19.45 -38.25 3.99
CA TYR A 236 19.78 -39.04 5.16
C TYR A 236 20.07 -40.48 4.78
N SER A 237 19.39 -41.00 3.76
CA SER A 237 19.58 -42.34 3.26
C SER A 237 20.52 -42.40 2.07
N GLY A 238 21.35 -41.39 1.89
CA GLY A 238 22.29 -41.37 0.80
C GLY A 238 21.69 -41.12 -0.56
N LEU A 239 20.38 -41.08 -0.69
CA LEU A 239 19.72 -40.96 -1.97
C LEU A 239 19.76 -39.51 -2.44
N LEU A 240 19.26 -39.28 -3.66
CA LEU A 240 19.25 -37.96 -4.26
C LEU A 240 17.86 -37.35 -4.38
N GLY A 241 16.81 -38.16 -4.30
CA GLY A 241 15.48 -37.62 -4.27
C GLY A 241 15.05 -37.01 -5.60
N VAL A 242 14.14 -36.04 -5.50
CA VAL A 242 13.43 -35.50 -6.65
C VAL A 242 13.94 -34.11 -6.96
N ILE A 243 14.17 -33.82 -8.25
CA ILE A 243 14.53 -32.44 -8.68
C ILE A 243 13.51 -32.09 -9.76
N ASP A 244 12.64 -31.10 -9.51
CA ASP A 244 11.60 -30.70 -10.49
C ASP A 244 10.73 -31.89 -10.89
N ASN A 245 10.06 -32.54 -9.92
CA ASN A 245 9.12 -33.67 -10.20
C ASN A 245 9.84 -34.90 -10.77
N CYS A 246 11.17 -34.86 -10.94
CA CYS A 246 11.86 -35.95 -11.59
C CYS A 246 12.87 -36.60 -10.65
N PRO A 247 12.76 -37.90 -10.40
CA PRO A 247 13.67 -38.56 -9.44
C PRO A 247 15.06 -38.76 -10.02
N VAL A 248 16.06 -38.21 -9.35
CA VAL A 248 17.45 -38.42 -9.71
C VAL A 248 17.94 -39.68 -9.01
N ILE A 249 18.64 -40.53 -9.75
CA ILE A 249 18.93 -41.88 -9.31
C ILE A 249 20.40 -42.17 -9.50
N ASP A 250 21.03 -42.65 -8.43
CA ASP A 250 22.40 -43.18 -8.52
C ASP A 250 22.33 -44.54 -9.18
N ALA A 251 22.74 -44.62 -10.44
CA ALA A 251 22.62 -45.87 -11.18
C ALA A 251 23.82 -46.79 -11.00
N GLY A 252 25.00 -46.24 -10.75
CA GLY A 252 26.17 -47.04 -10.47
C GLY A 252 27.23 -46.87 -11.54
N VAL A 253 28.29 -47.63 -11.38
CA VAL A 253 29.42 -47.61 -12.31
C VAL A 253 29.46 -48.94 -13.04
N TRP A 254 29.79 -48.88 -14.32
CA TRP A 254 29.90 -50.06 -15.18
C TRP A 254 31.19 -50.78 -14.85
N ASN A 255 31.08 -51.94 -14.20
CA ASN A 255 32.23 -52.78 -13.91
C ASN A 255 32.01 -54.15 -14.57
N LYS A 256 32.92 -55.07 -14.30
CA LYS A 256 32.84 -56.39 -14.91
C LYS A 256 31.78 -57.28 -14.27
N PHE A 257 31.12 -56.83 -13.21
CA PHE A 257 30.13 -57.67 -12.53
C PHE A 257 28.71 -57.14 -12.61
N ASN A 258 28.51 -55.84 -12.80
CA ASN A 258 27.15 -55.30 -12.86
C ASN A 258 27.14 -54.08 -13.77
N VAL A 259 26.03 -53.35 -13.76
CA VAL A 259 25.58 -52.59 -14.92
C VAL A 259 25.42 -51.09 -14.66
N GLY A 260 26.29 -50.51 -13.88
CA GLY A 260 26.25 -49.07 -13.73
C GLY A 260 26.40 -48.34 -15.05
N MET A 261 26.24 -47.01 -14.98
CA MET A 261 26.37 -46.18 -16.17
C MET A 261 27.79 -46.22 -16.69
N PRO A 262 27.99 -45.97 -17.98
CA PRO A 262 29.33 -46.07 -18.57
C PRO A 262 30.15 -44.80 -18.42
N ASN A 263 31.45 -44.94 -18.62
CA ASN A 263 32.36 -43.82 -18.69
C ASN A 263 33.35 -44.08 -19.81
N SER A 264 34.14 -43.07 -20.13
CA SER A 264 35.07 -43.23 -21.24
C SER A 264 36.26 -44.11 -20.90
N SER A 265 36.36 -44.62 -19.67
CA SER A 265 37.40 -45.59 -19.36
C SER A 265 37.09 -46.96 -19.95
N ILE A 266 35.83 -47.19 -20.28
CA ILE A 266 35.44 -48.50 -20.89
C ILE A 266 36.10 -48.56 -22.27
N SER A 267 36.70 -49.70 -22.60
CA SER A 267 37.28 -49.98 -23.91
C SER A 267 36.16 -50.04 -24.95
N ASP A 268 36.49 -49.66 -26.18
CA ASP A 268 35.51 -49.73 -27.25
C ASP A 268 35.04 -51.15 -27.47
N SER A 269 35.96 -52.12 -27.36
CA SER A 269 35.60 -53.52 -27.54
C SER A 269 34.52 -53.96 -26.56
N ASP A 270 34.72 -53.64 -25.27
CA ASP A 270 33.80 -54.10 -24.25
C ASP A 270 32.46 -53.40 -24.33
N PHE A 271 32.43 -52.17 -24.81
CA PHE A 271 31.15 -51.50 -25.02
C PHE A 271 30.44 -52.04 -26.24
N MET A 272 31.15 -52.15 -27.37
CA MET A 272 30.52 -52.60 -28.60
C MET A 272 30.04 -54.05 -28.51
N ARG A 273 30.67 -54.87 -27.67
CA ARG A 273 30.15 -56.23 -27.55
C ARG A 273 28.79 -56.28 -26.88
N TYR A 274 28.23 -55.16 -26.46
CA TYR A 274 26.89 -55.12 -25.88
C TYR A 274 25.90 -54.37 -26.76
N LEU A 275 26.32 -53.97 -27.96
CA LEU A 275 25.42 -53.37 -28.92
C LEU A 275 24.86 -54.46 -29.82
N ASN A 276 24.19 -54.08 -30.91
CA ASN A 276 23.59 -55.06 -31.78
C ASN A 276 24.07 -54.91 -33.22
N LYS A 277 24.47 -53.71 -33.61
CA LYS A 277 25.00 -53.40 -34.93
C LYS A 277 23.94 -53.55 -36.01
N ALA A 278 22.77 -54.08 -35.63
CA ALA A 278 21.62 -54.16 -36.49
C ALA A 278 20.52 -53.20 -36.08
N ASN A 279 20.49 -52.83 -34.81
CA ASN A 279 19.55 -51.86 -34.29
C ASN A 279 20.14 -50.47 -34.18
N VAL A 280 21.35 -50.26 -34.68
CA VAL A 280 22.11 -49.06 -34.41
C VAL A 280 22.44 -48.36 -35.72
N SER A 281 22.15 -47.06 -35.77
CA SER A 281 22.52 -46.26 -36.93
C SER A 281 24.03 -46.08 -37.00
N SER A 282 24.64 -45.63 -35.91
CA SER A 282 26.06 -45.33 -35.86
C SER A 282 26.59 -45.69 -34.48
N ILE A 283 27.85 -46.11 -34.44
CA ILE A 283 28.52 -46.46 -33.19
C ILE A 283 29.43 -45.31 -32.80
N VAL A 284 29.22 -44.77 -31.62
CA VAL A 284 30.16 -43.87 -30.97
C VAL A 284 30.19 -44.25 -29.49
N THR A 285 31.29 -44.84 -29.06
CA THR A 285 31.42 -45.35 -27.71
C THR A 285 31.73 -44.22 -26.74
N PRO A 286 31.64 -44.46 -25.43
CA PRO A 286 32.11 -43.46 -24.46
C PRO A 286 33.47 -42.88 -24.78
N ARG A 287 34.42 -43.72 -25.19
CA ARG A 287 35.74 -43.23 -25.59
C ARG A 287 35.64 -42.33 -26.82
N GLN A 288 34.93 -42.80 -27.84
CA GLN A 288 34.69 -41.99 -29.03
C GLN A 288 33.97 -40.70 -28.67
N PHE A 289 33.05 -40.76 -27.72
CA PHE A 289 32.25 -39.58 -27.39
C PHE A 289 33.09 -38.54 -26.66
N LYS A 290 33.92 -38.98 -25.72
CA LYS A 290 34.85 -38.08 -25.07
C LYS A 290 35.79 -37.45 -26.09
N GLU A 291 36.32 -38.26 -27.01
CA GLU A 291 37.20 -37.69 -28.04
C GLU A 291 36.45 -36.68 -28.89
N LYS A 292 35.17 -36.93 -29.17
CA LYS A 292 34.39 -36.03 -30.01
C LYS A 292 34.18 -34.69 -29.33
N LEU A 293 33.65 -34.70 -28.11
CA LEU A 293 33.41 -33.44 -27.41
C LEU A 293 34.68 -32.85 -26.81
N ASN A 294 35.82 -33.51 -26.96
CA ASN A 294 37.09 -32.96 -26.53
C ASN A 294 37.72 -32.07 -27.59
N GLN A 295 36.94 -31.58 -28.54
CA GLN A 295 37.42 -30.65 -29.55
C GLN A 295 36.84 -29.26 -29.39
N GLU A 296 36.08 -29.02 -28.32
CA GLU A 296 35.48 -27.71 -28.09
C GLU A 296 35.97 -27.13 -26.77
N ILE A 304 41.41 -30.91 -20.79
CA ILE A 304 40.97 -31.65 -21.96
C ILE A 304 41.29 -33.13 -21.79
N ASN A 305 42.27 -33.42 -20.94
CA ASN A 305 42.71 -34.79 -20.69
C ASN A 305 42.02 -35.33 -19.43
N LYS A 306 40.71 -35.49 -19.54
CA LYS A 306 39.90 -35.95 -18.43
C LYS A 306 38.87 -36.96 -18.93
N GLU A 307 38.66 -38.00 -18.13
CA GLU A 307 37.65 -38.99 -18.46
C GLU A 307 36.25 -38.44 -18.18
N ILE A 308 35.33 -38.73 -19.09
CA ILE A 308 33.96 -38.28 -18.94
C ILE A 308 33.13 -39.40 -18.33
N SER A 309 31.99 -39.02 -17.77
CA SER A 309 31.05 -39.92 -17.14
C SER A 309 29.67 -39.57 -17.67
N ILE A 310 28.83 -40.58 -17.87
CA ILE A 310 27.64 -40.45 -18.69
C ILE A 310 26.40 -40.80 -17.87
N GLY A 311 25.37 -39.96 -18.00
CA GLY A 311 24.06 -40.24 -17.44
C GLY A 311 22.99 -39.82 -18.43
N CYS A 312 21.75 -39.88 -17.99
CA CYS A 312 20.65 -39.76 -18.93
C CYS A 312 19.40 -39.21 -18.27
N LEU A 313 18.79 -38.22 -18.91
CA LEU A 313 17.36 -38.02 -18.74
C LEU A 313 16.64 -38.95 -19.70
N ILE A 314 15.69 -39.73 -19.19
CA ILE A 314 14.90 -40.61 -20.03
C ILE A 314 13.42 -40.37 -19.75
N GLY A 315 12.63 -40.42 -20.82
CA GLY A 315 11.19 -40.42 -20.73
C GLY A 315 10.60 -41.79 -20.99
N ALA A 316 9.30 -41.82 -21.23
CA ALA A 316 8.62 -43.08 -21.47
C ALA A 316 9.04 -43.68 -22.80
N SER A 317 9.24 -44.99 -22.82
CA SER A 317 9.59 -45.74 -24.03
C SER A 317 10.89 -45.23 -24.65
N ALA A 318 11.91 -45.08 -23.82
CA ALA A 318 13.20 -44.61 -24.31
C ALA A 318 14.01 -45.73 -24.90
N VAL A 319 13.88 -46.94 -24.37
CA VAL A 319 14.60 -48.11 -24.85
C VAL A 319 13.59 -49.24 -24.97
N LEU A 320 13.59 -49.89 -26.12
CA LEU A 320 12.60 -50.90 -26.46
C LEU A 320 13.24 -52.27 -26.43
N LEU A 321 12.59 -53.19 -25.73
CA LEU A 321 12.97 -54.59 -25.68
C LEU A 321 11.94 -55.37 -26.44
N ALA A 322 12.36 -56.02 -27.51
CA ALA A 322 11.52 -56.84 -28.35
C ALA A 322 11.82 -58.31 -28.10
N GLY A 323 10.78 -59.11 -28.02
CA GLY A 323 10.92 -60.54 -27.88
C GLY A 323 10.49 -61.03 -26.51
N SER A 324 11.41 -61.64 -25.78
CA SER A 324 11.13 -62.16 -24.45
C SER A 324 12.36 -61.90 -23.58
N LYS A 325 12.19 -61.06 -22.57
CA LYS A 325 13.28 -60.85 -21.61
C LYS A 325 13.43 -62.01 -20.65
N GLU A 326 12.54 -63.00 -20.72
CA GLU A 326 12.72 -64.23 -19.97
C GLU A 326 13.89 -65.03 -20.53
N THR A 327 14.53 -65.79 -19.67
CA THR A 327 15.71 -66.55 -20.03
C THR A 327 15.36 -68.02 -20.19
N ARG A 328 16.20 -68.73 -20.91
CA ARG A 328 16.03 -70.16 -21.13
C ARG A 328 17.15 -70.89 -20.43
N PHE A 329 16.81 -71.96 -19.73
CA PHE A 329 17.78 -72.77 -19.00
C PHE A 329 17.90 -74.15 -19.65
N TYR A 330 19.11 -74.68 -19.63
CA TYR A 330 19.43 -75.95 -20.28
C TYR A 330 20.20 -76.82 -19.31
N ILE A 331 19.50 -77.70 -18.61
CA ILE A 331 20.10 -78.63 -17.68
C ILE A 331 20.35 -79.94 -18.43
N ASP A 332 21.62 -80.24 -18.70
CA ASP A 332 22.01 -81.49 -19.34
C ASP A 332 22.71 -82.33 -18.27
N GLU A 333 21.96 -83.22 -17.64
CA GLU A 333 22.50 -84.13 -16.62
C GLU A 333 23.00 -85.42 -17.23
N THR A 334 23.36 -85.43 -18.51
CA THR A 334 23.81 -86.62 -19.20
C THR A 334 25.23 -86.46 -19.74
N VAL A 335 25.99 -85.50 -19.22
CA VAL A 335 27.38 -85.35 -19.62
C VAL A 335 28.20 -86.46 -19.00
N ASP A 336 29.16 -86.99 -19.77
CA ASP A 336 30.04 -88.06 -19.31
C ASP A 336 29.24 -89.24 -18.79
N ALA A 337 28.33 -89.72 -19.62
CA ALA A 337 27.45 -90.84 -19.32
C ALA A 337 26.55 -90.56 -18.12
N GLY A 338 26.31 -89.29 -17.82
CA GLY A 338 25.51 -88.94 -16.67
C GLY A 338 26.29 -88.70 -15.40
N ARG A 339 27.62 -88.70 -15.48
CA ARG A 339 28.47 -88.48 -14.32
C ARG A 339 28.70 -87.01 -14.03
N LYS A 340 28.72 -86.18 -15.05
CA LYS A 340 28.82 -84.72 -14.90
C LYS A 340 27.50 -84.09 -15.30
N SER A 341 27.49 -82.76 -15.31
CA SER A 341 26.30 -82.01 -15.68
C SER A 341 26.75 -80.72 -16.34
N LEU A 342 25.89 -80.21 -17.21
CA LEU A 342 26.15 -78.96 -17.90
C LEU A 342 24.91 -78.09 -17.76
N VAL A 343 25.05 -76.95 -17.10
CA VAL A 343 23.93 -76.02 -16.96
C VAL A 343 24.21 -74.83 -17.84
N GLY A 344 23.31 -74.56 -18.77
CA GLY A 344 23.47 -73.43 -19.65
C GLY A 344 22.30 -72.48 -19.54
N VAL A 345 22.48 -71.27 -20.05
CA VAL A 345 21.42 -70.27 -20.06
C VAL A 345 21.57 -69.46 -21.33
N ASP A 346 20.44 -69.23 -22.01
CA ASP A 346 20.43 -68.55 -23.30
C ASP A 346 19.33 -67.51 -23.29
N CYS A 347 19.53 -66.47 -24.10
CA CYS A 347 18.55 -65.41 -24.22
C CYS A 347 18.58 -64.87 -25.64
N LEU A 348 17.38 -64.73 -26.21
CA LEU A 348 17.18 -64.05 -27.49
C LEU A 348 16.40 -62.77 -27.21
N LEU A 349 16.99 -61.62 -27.52
CA LEU A 349 16.40 -60.36 -27.10
C LEU A 349 16.83 -59.24 -28.03
N GLY A 350 15.89 -58.39 -28.43
CA GLY A 350 16.20 -57.21 -29.20
C GLY A 350 16.18 -56.00 -28.29
N VAL A 351 17.27 -55.26 -28.28
CA VAL A 351 17.42 -54.06 -27.46
C VAL A 351 17.72 -52.91 -28.40
N SER A 352 16.91 -51.86 -28.34
CA SER A 352 17.20 -50.71 -29.19
C SER A 352 16.79 -49.43 -28.48
N LYS A 353 17.64 -48.42 -28.55
CA LYS A 353 17.22 -47.09 -28.15
C LYS A 353 16.21 -46.56 -29.15
N ALA A 354 15.05 -46.15 -28.65
CA ALA A 354 13.96 -45.69 -29.51
C ALA A 354 14.41 -44.52 -30.37
N ARG A 355 14.50 -44.74 -31.68
CA ARG A 355 14.97 -43.73 -32.62
C ARG A 355 14.30 -44.04 -33.95
N TYR A 356 13.20 -43.37 -34.23
CA TYR A 356 12.37 -43.70 -35.38
C TYR A 356 12.81 -42.92 -36.60
N GLN A 357 12.52 -43.47 -37.77
CA GLN A 357 12.84 -42.85 -39.06
C GLN A 357 11.56 -42.66 -39.85
N SER A 358 11.56 -41.63 -40.70
CA SER A 358 10.38 -41.31 -41.49
C SER A 358 10.22 -42.33 -42.61
N THR A 359 9.07 -43.01 -42.63
CA THR A 359 8.82 -44.02 -43.65
C THR A 359 8.90 -43.42 -45.04
N ASP A 360 8.27 -42.28 -45.25
CA ASP A 360 8.31 -41.58 -46.52
C ASP A 360 9.54 -40.67 -46.57
N GLY A 361 9.58 -39.78 -47.55
CA GLY A 361 10.60 -38.75 -47.58
C GLY A 361 10.14 -37.51 -46.84
N VAL A 362 9.23 -37.69 -45.90
CA VAL A 362 8.63 -36.57 -45.18
C VAL A 362 9.53 -36.20 -44.01
N VAL A 363 10.01 -34.97 -44.01
CA VAL A 363 10.85 -34.49 -42.91
C VAL A 363 9.95 -34.18 -41.73
N THR A 364 10.50 -34.36 -40.52
CA THR A 364 9.73 -34.33 -39.29
C THR A 364 10.71 -34.07 -38.16
N PRO A 365 10.29 -33.34 -37.11
CA PRO A 365 11.19 -33.13 -35.96
C PRO A 365 11.67 -34.42 -35.33
N TYR A 366 10.95 -35.53 -35.49
CA TYR A 366 11.29 -36.79 -34.87
C TYR A 366 12.25 -37.63 -35.71
N ASP A 367 12.43 -37.31 -36.99
CA ASP A 367 12.76 -38.34 -37.98
C ASP A 367 14.10 -39.02 -37.76
N ASN A 368 15.05 -38.41 -37.05
CA ASN A 368 16.30 -39.12 -36.83
C ASN A 368 16.86 -38.85 -35.43
N GLN A 369 15.98 -38.69 -34.45
CA GLN A 369 16.37 -38.22 -33.14
C GLN A 369 16.04 -39.27 -32.10
N ASP A 370 16.87 -39.34 -31.06
CA ASP A 370 16.53 -40.15 -29.90
C ASP A 370 15.17 -39.72 -29.39
N TYR A 371 14.26 -40.68 -29.28
CA TYR A 371 12.87 -40.33 -29.01
C TYR A 371 12.69 -39.76 -27.60
N ALA A 372 13.30 -40.38 -26.60
CA ALA A 372 13.06 -39.98 -25.23
C ALA A 372 14.33 -40.02 -24.39
N VAL A 373 15.45 -39.53 -24.92
CA VAL A 373 16.71 -39.60 -24.19
C VAL A 373 17.50 -38.31 -24.41
N ILE A 374 17.95 -37.71 -23.31
CA ILE A 374 18.93 -36.63 -23.33
C ILE A 374 20.15 -37.10 -22.55
N GLY A 375 21.34 -36.90 -23.11
CA GLY A 375 22.57 -37.31 -22.45
C GLY A 375 23.10 -36.24 -21.52
N LEU A 376 23.60 -36.67 -20.36
CA LEU A 376 24.14 -35.78 -19.34
C LEU A 376 25.58 -36.18 -19.10
N VAL A 377 26.51 -35.40 -19.60
CA VAL A 377 27.93 -35.74 -19.55
C VAL A 377 28.63 -34.86 -18.53
N SER A 378 29.41 -35.48 -17.64
CA SER A 378 30.29 -34.75 -16.74
C SER A 378 31.70 -35.32 -16.82
N ASP A 379 32.58 -34.88 -15.95
CA ASP A 379 33.85 -35.55 -15.74
C ASP A 379 33.75 -36.48 -14.55
N MET A 380 34.60 -37.51 -14.55
CA MET A 380 34.60 -38.46 -13.45
C MET A 380 35.84 -38.30 -12.58
N ILE B 8 62.18 -23.73 61.45
CA ILE B 8 60.85 -23.55 60.88
C ILE B 8 60.32 -24.87 60.33
N ASN B 9 59.28 -25.39 60.99
CA ASN B 9 58.70 -26.68 60.64
C ASN B 9 57.83 -26.50 59.41
N PHE B 10 58.41 -26.76 58.24
CA PHE B 10 57.61 -26.76 57.01
C PHE B 10 56.65 -27.93 56.98
N ASN B 11 57.00 -29.03 57.65
CA ASN B 11 56.14 -30.20 57.67
C ASN B 11 54.88 -29.91 58.48
N ASN B 12 53.73 -30.03 57.83
CA ASN B 12 52.44 -29.71 58.41
C ASN B 12 51.95 -30.85 59.28
N ILE B 13 50.64 -30.87 59.53
CA ILE B 13 49.94 -31.91 60.27
C ILE B 13 50.33 -33.30 59.77
N SER B 14 50.93 -33.36 58.58
CA SER B 14 51.38 -34.62 58.01
C SER B 14 52.20 -35.43 59.00
N ASN B 15 53.29 -34.87 59.51
CA ASN B 15 54.21 -35.61 60.38
C ASN B 15 53.88 -35.44 61.86
N ASN B 16 52.64 -35.09 62.19
CA ASN B 16 52.19 -35.04 63.57
C ASN B 16 51.83 -36.46 64.01
N LEU B 17 52.61 -37.02 64.92
CA LEU B 17 52.51 -38.43 65.28
C LEU B 17 51.35 -38.73 66.23
N ASN B 18 50.41 -37.81 66.38
CA ASN B 18 49.21 -38.05 67.15
C ASN B 18 48.06 -38.52 66.29
N LEU B 19 48.17 -38.38 64.98
CA LEU B 19 47.09 -38.69 64.05
C LEU B 19 47.28 -40.07 63.46
N GLY B 20 46.17 -40.79 63.29
CA GLY B 20 46.16 -42.03 62.57
C GLY B 20 45.91 -41.80 61.09
N ILE B 21 45.70 -42.90 60.38
CA ILE B 21 45.36 -42.86 58.96
C ILE B 21 44.26 -43.88 58.75
N GLU B 22 43.15 -43.45 58.18
CA GLU B 22 42.05 -44.36 57.88
C GLU B 22 42.00 -44.61 56.39
N VAL B 23 42.09 -45.86 56.01
CA VAL B 23 42.19 -46.28 54.62
C VAL B 23 40.79 -46.54 54.09
N GLY B 24 40.52 -46.05 52.88
CA GLY B 24 39.21 -46.18 52.26
C GLY B 24 38.67 -47.60 52.19
N ARG B 25 37.41 -47.75 52.58
CA ARG B 25 36.77 -49.07 52.56
C ARG B 25 36.81 -49.67 51.17
N GLU B 26 36.25 -48.97 50.19
CA GLU B 26 36.17 -49.49 48.82
C GLU B 26 37.39 -49.04 48.02
N ILE B 27 37.90 -49.96 47.21
CA ILE B 27 38.86 -49.62 46.17
C ILE B 27 38.06 -49.39 44.90
N GLN B 28 37.90 -48.13 44.50
CA GLN B 28 37.14 -47.86 43.29
C GLN B 28 37.92 -48.26 42.05
N ASN B 29 37.22 -48.86 41.10
CA ASN B 29 37.84 -49.43 39.91
C ASN B 29 38.07 -48.33 38.88
N ALA B 30 39.31 -48.17 38.43
CA ALA B 30 39.65 -47.14 37.48
C ALA B 30 39.20 -47.45 36.06
N SER B 31 38.73 -48.67 35.79
CA SER B 31 38.36 -49.06 34.44
C SER B 31 36.88 -48.80 34.22
N TRP B 32 36.57 -48.01 33.19
CA TRP B 32 35.19 -47.62 32.89
C TRP B 32 34.82 -47.72 31.43
N ILE B 33 35.77 -47.69 30.51
CA ILE B 33 35.48 -47.41 29.11
C ILE B 33 34.97 -48.66 28.41
N LYS B 34 34.18 -48.44 27.36
CA LYS B 34 33.63 -49.52 26.56
C LYS B 34 33.82 -49.20 25.08
N SER B 35 33.86 -50.24 24.28
CA SER B 35 34.03 -50.18 22.84
C SER B 35 32.75 -50.60 22.14
N PRO B 36 32.49 -50.11 20.93
CA PRO B 36 31.30 -50.54 20.20
C PRO B 36 31.41 -51.93 19.60
N PHE B 37 32.60 -52.52 19.60
CA PHE B 37 32.83 -53.78 18.91
C PHE B 37 31.97 -54.91 19.45
N PHE B 38 31.44 -54.77 20.66
CA PHE B 38 30.58 -55.83 21.20
C PHE B 38 29.25 -55.87 20.47
N SER B 39 28.77 -54.72 20.01
CA SER B 39 27.46 -54.67 19.35
C SER B 39 27.54 -55.02 17.88
N ILE B 40 28.72 -54.86 17.27
CA ILE B 40 28.92 -55.31 15.90
C ILE B 40 28.81 -56.82 15.82
N THR B 41 29.32 -57.52 16.82
CA THR B 41 29.44 -58.96 16.77
C THR B 41 28.08 -59.65 16.84
N GLY B 42 27.95 -60.75 16.12
CA GLY B 42 26.75 -61.55 16.16
C GLY B 42 26.91 -62.77 15.29
N THR B 43 25.92 -63.63 15.34
CA THR B 43 25.95 -64.88 14.60
C THR B 43 25.23 -64.80 13.26
N GLY B 44 24.59 -63.67 12.96
CA GLY B 44 23.93 -63.53 11.68
C GLY B 44 24.87 -63.11 10.58
N ALA B 45 24.44 -63.36 9.34
CA ALA B 45 25.29 -63.09 8.19
C ALA B 45 25.48 -61.59 7.97
N ASP B 46 24.50 -60.79 8.38
CA ASP B 46 24.58 -59.34 8.21
C ASP B 46 25.59 -58.69 9.15
N ARG B 47 26.08 -59.41 10.14
CA ARG B 47 26.99 -58.83 11.12
C ARG B 47 28.32 -58.46 10.48
N GLY B 48 28.89 -57.34 10.94
CA GLY B 48 30.20 -56.94 10.48
C GLY B 48 31.33 -57.75 11.10
N VAL B 49 31.08 -58.37 12.25
CA VAL B 49 32.00 -59.33 12.83
C VAL B 49 31.16 -60.54 13.16
N ARG B 50 31.22 -61.56 12.30
CA ARG B 50 30.34 -62.70 12.44
C ARG B 50 30.99 -63.76 13.32
N LEU B 51 30.16 -64.38 14.16
CA LEU B 51 30.61 -65.44 15.05
C LEU B 51 30.09 -66.77 14.53
N PHE B 52 31.00 -67.67 14.21
CA PHE B 52 30.66 -69.02 13.79
C PHE B 52 30.79 -69.95 14.99
N SER B 53 29.69 -70.60 15.36
CA SER B 53 29.68 -71.48 16.52
C SER B 53 29.97 -72.89 16.04
N VAL B 54 31.21 -73.33 16.22
CA VAL B 54 31.65 -74.65 15.81
C VAL B 54 31.66 -75.52 17.06
N ALA B 55 30.66 -76.40 17.19
CA ALA B 55 30.45 -77.12 18.44
C ALA B 55 31.65 -77.98 18.80
N SER B 56 32.39 -78.46 17.82
CA SER B 56 33.62 -79.20 18.09
C SER B 56 34.82 -78.29 18.31
N GLN B 57 34.71 -77.01 17.97
CA GLN B 57 35.79 -76.05 18.07
C GLN B 57 36.99 -76.46 17.22
N GLN B 58 36.73 -77.15 16.13
CA GLN B 58 37.77 -77.49 15.17
C GLN B 58 38.11 -76.27 14.33
N PRO B 59 39.28 -76.26 13.70
CA PRO B 59 39.57 -75.21 12.72
C PRO B 59 38.48 -75.10 11.67
N PHE B 60 37.91 -73.91 11.53
CA PHE B 60 36.78 -73.70 10.65
C PHE B 60 37.27 -73.35 9.24
N ARG B 61 36.43 -73.61 8.25
CA ARG B 61 36.76 -73.29 6.86
C ARG B 61 35.54 -72.78 6.13
N PRO B 62 35.29 -71.47 6.17
CA PRO B 62 34.20 -70.91 5.38
C PRO B 62 34.55 -70.73 3.92
N ARG B 63 33.51 -70.67 3.10
CA ARG B 63 33.59 -70.68 1.65
C ARG B 63 32.65 -69.64 1.06
N ILE B 64 33.04 -69.08 -0.08
CA ILE B 64 32.19 -68.19 -0.85
C ILE B 64 32.21 -68.59 -2.32
N LYS B 65 31.14 -68.21 -3.01
CA LYS B 65 30.97 -68.47 -4.43
C LYS B 65 31.24 -67.18 -5.20
N ALA B 66 32.32 -67.15 -5.98
CA ALA B 66 32.59 -65.99 -6.80
C ALA B 66 31.49 -65.81 -7.85
N GLN B 67 31.50 -64.64 -8.47
CA GLN B 67 30.52 -64.30 -9.50
C GLN B 67 31.10 -64.61 -10.88
N LEU B 68 30.24 -65.06 -11.77
CA LEU B 68 30.67 -65.33 -13.14
C LEU B 68 31.00 -64.03 -13.85
N SER B 69 32.17 -63.98 -14.46
CA SER B 69 32.60 -62.81 -15.19
C SER B 69 32.99 -63.10 -16.63
N GLY B 70 33.06 -64.36 -17.02
CA GLY B 70 33.40 -64.67 -18.39
C GLY B 70 32.32 -64.25 -19.35
N SER B 71 32.74 -63.93 -20.57
CA SER B 71 31.78 -63.74 -21.65
C SER B 71 31.15 -65.09 -22.00
N GLY B 72 29.95 -65.03 -22.55
CA GLY B 72 29.29 -66.26 -22.92
C GLY B 72 29.76 -66.79 -24.25
N VAL B 73 28.82 -67.22 -25.09
CA VAL B 73 29.14 -67.72 -26.40
C VAL B 73 28.67 -66.81 -27.52
N SER B 74 27.53 -66.12 -27.36
CA SER B 74 27.14 -65.01 -28.22
C SER B 74 26.98 -65.43 -29.68
N GLY B 75 25.94 -66.23 -29.91
CA GLY B 75 25.51 -66.48 -31.28
C GLY B 75 24.95 -67.87 -31.53
N ASN B 76 25.53 -68.57 -32.49
CA ASN B 76 25.29 -69.99 -32.68
C ASN B 76 26.37 -70.85 -32.08
N THR B 77 27.42 -70.24 -31.55
CA THR B 77 28.52 -70.95 -30.92
C THR B 77 28.02 -71.93 -29.88
N ASP B 78 28.71 -73.05 -29.76
CA ASP B 78 28.35 -74.04 -28.76
C ASP B 78 28.76 -73.58 -27.37
N PHE B 79 27.94 -73.95 -26.39
CA PHE B 79 28.27 -73.71 -24.99
C PHE B 79 29.71 -74.11 -24.67
N GLU B 80 30.15 -75.24 -25.21
CA GLU B 80 31.44 -75.82 -24.90
C GLU B 80 32.62 -75.01 -25.41
N ALA B 81 32.39 -73.90 -26.13
CA ALA B 81 33.49 -73.09 -26.60
C ALA B 81 33.96 -72.08 -25.55
N ASN B 82 33.07 -71.67 -24.65
CA ASN B 82 33.40 -70.71 -23.61
C ASN B 82 32.77 -71.11 -22.28
N TYR B 83 33.01 -72.35 -21.84
CA TYR B 83 32.61 -72.75 -20.50
C TYR B 83 33.05 -71.73 -19.47
N ASP B 84 32.17 -71.41 -18.53
CA ASP B 84 32.56 -70.60 -17.38
C ASP B 84 33.04 -71.52 -16.27
N ASN B 85 33.54 -70.91 -15.19
CA ASN B 85 34.34 -71.67 -14.23
C ASN B 85 33.67 -71.96 -12.90
N LEU B 86 32.85 -71.05 -12.35
CA LEU B 86 32.23 -71.24 -11.05
C LEU B 86 33.29 -71.41 -9.95
N GLU B 87 33.99 -70.32 -9.69
CA GLU B 87 35.06 -70.31 -8.70
C GLU B 87 34.50 -70.34 -7.28
N ILE B 88 35.05 -71.22 -6.45
CA ILE B 88 34.77 -71.26 -5.03
C ILE B 88 36.04 -70.86 -4.29
N LEU B 89 35.90 -70.02 -3.29
CA LEU B 89 37.04 -69.60 -2.48
C LEU B 89 36.78 -69.97 -1.03
N SER B 90 37.85 -70.15 -0.28
CA SER B 90 37.70 -70.55 1.11
C SER B 90 38.86 -70.01 1.93
N GLN B 91 38.68 -70.03 3.25
CA GLN B 91 39.79 -69.74 4.14
C GLN B 91 39.63 -70.56 5.41
N THR B 92 40.76 -70.81 6.07
CA THR B 92 40.78 -71.61 7.29
C THR B 92 41.10 -70.72 8.49
N ILE B 93 40.26 -70.82 9.51
CA ILE B 93 40.41 -70.08 10.75
C ILE B 93 40.76 -71.08 11.84
N TYR B 94 41.99 -71.01 12.31
CA TYR B 94 42.48 -71.83 13.41
C TYR B 94 42.25 -71.13 14.74
N PRO B 95 41.92 -71.90 15.79
CA PRO B 95 41.74 -71.28 17.11
C PRO B 95 43.06 -70.91 17.74
N ASP B 96 42.99 -69.99 18.70
CA ASP B 96 44.14 -69.53 19.45
C ASP B 96 43.76 -69.46 20.91
N ALA B 97 44.65 -69.90 21.79
CA ALA B 97 44.41 -69.90 23.22
C ALA B 97 45.27 -68.84 23.88
N PHE B 98 44.67 -68.11 24.81
CA PHE B 98 45.39 -67.04 25.49
C PHE B 98 44.71 -66.74 26.81
N GLY B 99 45.47 -66.21 27.75
CA GLY B 99 44.93 -65.89 29.05
C GLY B 99 45.93 -65.16 29.91
N ASN B 100 45.44 -64.75 31.07
CA ASN B 100 46.24 -64.00 32.03
C ASN B 100 46.01 -64.52 33.43
N SER B 101 47.00 -64.32 34.29
CA SER B 101 46.96 -64.87 35.63
C SER B 101 47.37 -63.81 36.64
N LEU B 102 46.76 -63.89 37.83
CA LEU B 102 47.05 -63.01 38.95
C LEU B 102 47.38 -63.88 40.15
N ARG B 103 48.59 -63.70 40.69
CA ARG B 103 49.07 -64.44 41.85
C ARG B 103 48.90 -63.60 43.10
N SER B 104 48.28 -64.19 44.11
CA SER B 104 48.00 -63.49 45.36
C SER B 104 49.27 -63.36 46.21
N LYS B 105 49.14 -62.53 47.24
CA LYS B 105 50.19 -62.36 48.28
C LYS B 105 49.81 -63.25 49.48
N ILE B 106 50.70 -63.40 50.46
CA ILE B 106 50.36 -64.27 51.64
C ILE B 106 49.08 -63.75 52.28
N LYS B 107 48.12 -64.66 52.53
CA LYS B 107 46.77 -64.37 53.09
C LYS B 107 46.80 -63.28 54.17
N ALA B 108 47.82 -63.27 55.02
CA ALA B 108 47.89 -62.29 56.10
C ALA B 108 48.08 -60.89 55.54
N TYR B 109 48.95 -60.73 54.55
CA TYR B 109 49.11 -59.44 53.90
C TYR B 109 47.85 -59.00 53.20
N SER B 110 47.06 -59.95 52.67
CA SER B 110 45.84 -59.57 51.98
C SER B 110 44.78 -59.08 52.96
N GLU B 111 44.74 -59.65 54.16
CA GLU B 111 43.83 -59.14 55.17
C GLU B 111 44.35 -57.84 55.78
N LEU B 112 45.66 -57.65 55.82
CA LEU B 112 46.22 -56.37 56.24
C LEU B 112 45.75 -55.24 55.33
N GLU B 113 46.05 -55.37 54.04
CA GLU B 113 45.75 -54.34 53.07
C GLU B 113 44.29 -54.30 52.65
N ARG B 114 43.42 -55.03 53.33
CA ARG B 114 41.96 -54.95 53.10
C ARG B 114 41.61 -55.13 51.63
N ILE B 115 42.31 -56.05 50.96
CA ILE B 115 42.07 -56.39 49.56
C ILE B 115 41.40 -57.74 49.52
N ASP B 116 40.20 -57.80 48.94
CA ASP B 116 39.55 -59.08 48.66
C ASP B 116 40.09 -59.56 47.32
N PHE B 117 41.16 -60.36 47.36
CA PHE B 117 41.92 -60.64 46.16
C PHE B 117 41.10 -61.39 45.12
N ILE B 118 40.24 -62.30 45.55
CA ILE B 118 39.55 -63.18 44.60
C ILE B 118 38.68 -62.35 43.65
N LYS B 119 37.78 -61.53 44.21
CA LYS B 119 36.85 -60.81 43.34
C LYS B 119 37.53 -59.65 42.62
N GLU B 120 38.48 -58.97 43.27
CA GLU B 120 39.23 -57.93 42.58
C GLU B 120 39.95 -58.50 41.37
N SER B 121 40.56 -59.67 41.53
CA SER B 121 41.27 -60.31 40.43
C SER B 121 40.31 -60.79 39.35
N VAL B 122 39.15 -61.31 39.75
CA VAL B 122 38.17 -61.76 38.76
C VAL B 122 37.69 -60.57 37.93
N ASP B 123 37.43 -59.43 38.57
CA ASP B 123 37.04 -58.22 37.85
C ASP B 123 38.14 -57.78 36.89
N SER B 124 39.38 -57.68 37.40
CA SER B 124 40.49 -57.24 36.57
C SER B 124 40.68 -58.16 35.38
N LEU B 125 40.57 -59.46 35.58
CA LEU B 125 40.80 -60.42 34.50
C LEU B 125 39.64 -60.44 33.52
N THR B 126 38.41 -60.25 33.98
CA THR B 126 37.30 -60.11 33.05
C THR B 126 37.54 -58.93 32.12
N THR B 127 37.98 -57.80 32.68
CA THR B 127 38.26 -56.64 31.84
C THR B 127 39.42 -56.92 30.89
N TRP B 128 40.48 -57.54 31.38
CA TRP B 128 41.62 -57.85 30.52
C TRP B 128 41.20 -58.76 29.38
N MET B 129 40.33 -59.73 29.65
CA MET B 129 39.91 -60.67 28.64
C MET B 129 39.06 -59.99 27.58
N ASN B 130 38.13 -59.14 28.00
CA ASN B 130 37.37 -58.36 27.02
C ASN B 130 38.29 -57.55 26.13
N GLU B 131 39.29 -56.91 26.73
CA GLU B 131 40.16 -56.06 25.93
C GLU B 131 41.01 -56.87 24.97
N GLU B 132 41.47 -58.05 25.38
CA GLU B 132 42.26 -58.88 24.48
C GLU B 132 41.40 -59.40 23.33
N ARG B 133 40.16 -59.79 23.62
CA ARG B 133 39.25 -60.19 22.57
C ARG B 133 39.09 -59.10 21.52
N ASP B 134 38.75 -57.89 21.97
CA ASP B 134 38.54 -56.82 21.01
C ASP B 134 39.83 -56.39 20.33
N LYS B 135 40.95 -56.47 21.02
CA LYS B 135 42.22 -56.09 20.41
C LYS B 135 42.60 -57.05 19.30
N ARG B 136 42.33 -58.34 19.49
CA ARG B 136 42.60 -59.28 18.42
C ARG B 136 41.65 -59.07 17.24
N ILE B 137 40.37 -58.80 17.52
CA ILE B 137 39.45 -58.48 16.44
C ILE B 137 39.97 -57.31 15.62
N VAL B 138 40.40 -56.24 16.29
CA VAL B 138 40.78 -55.03 15.59
C VAL B 138 42.11 -55.20 14.89
N ALA B 139 43.03 -55.94 15.49
CA ALA B 139 44.31 -56.20 14.85
C ALA B 139 44.12 -56.98 13.56
N SER B 140 43.28 -58.01 13.60
CA SER B 140 42.98 -58.73 12.37
C SER B 140 42.30 -57.82 11.37
N LEU B 141 41.41 -56.95 11.84
CA LEU B 141 40.67 -56.07 10.95
C LEU B 141 41.60 -55.11 10.20
N THR B 142 42.67 -54.67 10.85
CA THR B 142 43.50 -53.61 10.29
C THR B 142 44.83 -54.10 9.75
N ASN B 143 45.11 -55.39 9.79
CA ASN B 143 46.35 -55.91 9.26
C ASN B 143 46.27 -56.01 7.74
N ASP B 144 47.26 -55.42 7.06
CA ASP B 144 47.52 -55.66 5.65
C ASP B 144 46.29 -55.32 4.79
N PHE B 145 45.96 -54.04 4.77
CA PHE B 145 44.89 -53.56 3.88
C PHE B 145 45.22 -53.87 2.43
N THR B 146 44.23 -54.37 1.69
CA THR B 146 44.36 -54.49 0.25
C THR B 146 43.68 -53.35 -0.48
N ASN B 147 42.70 -52.69 0.16
CA ASN B 147 41.91 -51.64 -0.45
C ASN B 147 41.77 -50.51 0.55
N TYR B 148 42.35 -49.35 0.25
CA TYR B 148 42.33 -48.26 1.21
C TYR B 148 42.37 -46.91 0.51
N LEU B 149 41.78 -45.92 1.18
CA LEU B 149 41.89 -44.52 0.78
C LEU B 149 42.67 -43.77 1.83
N TYR B 150 43.59 -42.91 1.38
CA TYR B 150 44.37 -42.06 2.27
C TYR B 150 44.02 -40.60 2.02
N THR B 151 43.81 -39.85 3.10
CA THR B 151 43.59 -38.42 3.03
C THR B 151 44.36 -37.77 4.18
N GLN B 152 44.56 -36.46 4.08
CA GLN B 152 45.28 -35.78 5.16
C GLN B 152 44.40 -35.56 6.38
N THR B 153 43.16 -35.15 6.18
CA THR B 153 42.21 -35.02 7.27
C THR B 153 40.88 -35.65 6.86
N MET B 154 40.28 -36.39 7.78
CA MET B 154 39.01 -37.03 7.49
C MET B 154 37.95 -36.00 7.21
N ASN B 155 37.10 -36.29 6.22
CA ASN B 155 36.05 -35.38 5.82
C ASN B 155 34.92 -36.19 5.22
N VAL B 156 33.79 -35.50 4.96
CA VAL B 156 32.65 -36.19 4.36
C VAL B 156 32.97 -36.60 2.94
N ALA B 157 33.89 -35.90 2.27
CA ALA B 157 34.27 -36.27 0.91
C ALA B 157 34.89 -37.66 0.87
N THR B 158 35.81 -37.95 1.80
CA THR B 158 36.49 -39.23 1.78
C THR B 158 35.58 -40.35 2.27
N ILE B 159 34.73 -40.09 3.27
CA ILE B 159 33.79 -41.12 3.70
C ILE B 159 32.81 -41.44 2.58
N ARG B 160 32.42 -40.42 1.82
CA ARG B 160 31.52 -40.63 0.68
C ARG B 160 32.23 -41.41 -0.42
N LYS B 161 33.47 -41.07 -0.71
CA LYS B 161 34.26 -41.80 -1.68
C LYS B 161 34.45 -43.25 -1.27
N ALA B 162 34.53 -43.50 0.05
CA ALA B 162 34.69 -44.87 0.51
C ALA B 162 33.39 -45.65 0.40
N ILE B 163 32.26 -45.03 0.73
CA ILE B 163 30.99 -45.71 0.54
C ILE B 163 30.76 -45.99 -0.94
N PHE B 164 31.19 -45.07 -1.79
CA PHE B 164 31.13 -45.24 -3.23
C PHE B 164 32.00 -46.41 -3.70
N HIS B 165 33.24 -46.47 -3.23
CA HIS B 165 34.13 -47.56 -3.58
C HIS B 165 33.61 -48.90 -3.06
N ALA B 166 32.91 -48.89 -1.94
CA ALA B 166 32.35 -50.13 -1.41
C ALA B 166 31.14 -50.58 -2.20
N ARG B 167 30.27 -49.64 -2.58
CA ARG B 167 29.04 -50.03 -3.26
C ARG B 167 29.28 -50.41 -4.71
N ASN B 168 30.30 -49.82 -5.34
CA ASN B 168 30.56 -50.12 -6.75
C ASN B 168 31.81 -50.95 -7.00
N GLY B 169 32.65 -51.15 -6.01
CA GLY B 169 33.80 -52.01 -6.20
C GLY B 169 34.96 -51.33 -6.88
N LEU B 170 35.43 -50.22 -6.33
CA LEU B 170 36.61 -49.53 -6.83
C LEU B 170 37.77 -49.75 -5.88
N LYS B 171 38.89 -49.11 -6.19
CA LYS B 171 40.11 -49.25 -5.39
C LYS B 171 40.67 -47.88 -5.10
N GLY B 172 41.71 -47.85 -4.24
CA GLY B 172 42.37 -46.60 -3.94
C GLY B 172 42.99 -45.96 -5.16
N ASP B 173 43.49 -46.77 -6.08
CA ASP B 173 44.00 -46.29 -7.37
C ASP B 173 42.92 -46.27 -8.44
N ASN B 174 41.66 -46.09 -8.03
CA ASN B 174 40.47 -46.17 -8.87
C ASN B 174 40.55 -47.34 -9.84
N SER B 175 41.09 -48.46 -9.38
CA SER B 175 41.12 -49.67 -10.17
C SER B 175 39.85 -50.48 -9.87
N LYS B 176 39.80 -51.71 -10.33
CA LYS B 176 38.59 -52.51 -10.22
C LYS B 176 38.73 -53.54 -9.12
N ALA B 177 37.62 -53.83 -8.46
CA ALA B 177 37.54 -54.83 -7.40
C ALA B 177 36.12 -55.39 -7.43
N PHE B 178 35.73 -56.00 -6.36
CA PHE B 178 34.37 -56.45 -6.28
C PHE B 178 33.57 -55.55 -5.33
N PRO B 179 32.29 -55.34 -5.60
CA PRO B 179 31.47 -54.54 -4.69
C PRO B 179 31.22 -55.25 -3.37
N ILE B 180 31.44 -54.54 -2.27
CA ILE B 180 31.43 -55.14 -0.93
C ILE B 180 30.00 -55.30 -0.45
N LYS B 181 29.66 -56.50 -0.02
CA LYS B 181 28.35 -56.75 0.53
C LYS B 181 28.13 -55.88 1.76
N PRO B 182 27.05 -55.12 1.83
CA PRO B 182 26.89 -54.16 2.92
C PRO B 182 26.32 -54.82 4.16
N ILE B 183 26.40 -54.08 5.28
CA ILE B 183 25.83 -54.58 6.53
C ILE B 183 24.33 -54.75 6.39
N ARG B 184 23.69 -53.85 5.65
CA ARG B 184 22.28 -54.02 5.33
C ARG B 184 22.05 -53.49 3.91
N ALA B 185 21.08 -54.08 3.22
CA ALA B 185 20.70 -53.61 1.89
C ALA B 185 19.19 -53.71 1.79
N THR B 186 18.53 -52.60 1.48
CA THR B 186 17.08 -52.58 1.42
C THR B 186 16.61 -51.77 0.22
N MET B 187 15.45 -52.14 -0.31
CA MET B 187 14.88 -51.44 -1.44
C MET B 187 14.05 -50.26 -0.94
N GLN B 188 14.32 -49.08 -1.50
CA GLN B 188 13.57 -47.86 -1.23
C GLN B 188 13.02 -47.31 -2.54
N SER B 189 12.21 -46.27 -2.44
CA SER B 189 11.61 -45.63 -3.61
C SER B 189 12.01 -44.17 -3.64
N VAL B 190 12.67 -43.76 -4.72
CA VAL B 190 12.99 -42.35 -4.95
C VAL B 190 11.90 -41.68 -5.77
N GLY B 191 10.95 -42.45 -6.27
CA GLY B 191 9.85 -41.98 -7.09
C GLY B 191 8.97 -43.18 -7.31
N ASN B 192 8.56 -43.45 -8.54
CA ASN B 192 8.06 -44.77 -8.84
C ASN B 192 9.18 -45.79 -8.97
N VAL B 193 10.42 -45.34 -8.93
CA VAL B 193 11.60 -46.18 -9.10
C VAL B 193 11.99 -46.79 -7.76
N MET B 194 12.58 -47.98 -7.81
CA MET B 194 13.08 -48.66 -6.62
C MET B 194 14.60 -48.74 -6.72
N VAL B 195 15.27 -48.25 -5.68
CA VAL B 195 16.72 -48.24 -5.60
C VAL B 195 17.12 -49.13 -4.44
N GLN B 196 18.38 -49.55 -4.43
CA GLN B 196 18.94 -50.34 -3.35
C GLN B 196 19.79 -49.43 -2.49
N ASN B 197 19.42 -49.28 -1.21
CA ASN B 197 20.24 -48.61 -0.22
C ASN B 197 21.17 -49.60 0.44
N THR B 198 22.44 -49.21 0.57
CA THR B 198 23.48 -50.02 1.20
C THR B 198 23.97 -49.32 2.46
N SER B 199 23.92 -50.02 3.58
CA SER B 199 24.39 -49.52 4.86
C SER B 199 25.63 -50.31 5.25
N TYR B 200 26.77 -49.62 5.29
CA TYR B 200 28.03 -50.12 5.79
C TYR B 200 28.25 -49.61 7.21
N ILE B 201 29.44 -49.83 7.74
CA ILE B 201 29.80 -49.31 9.06
C ILE B 201 31.15 -48.64 8.95
N ILE B 202 31.22 -47.37 9.33
CA ILE B 202 32.48 -46.66 9.39
C ILE B 202 32.97 -46.71 10.83
N LEU B 203 34.16 -47.27 11.04
CA LEU B 203 34.81 -47.32 12.33
C LEU B 203 36.00 -46.38 12.23
N LEU B 204 35.83 -45.16 12.71
CA LEU B 204 36.91 -44.21 12.78
C LEU B 204 37.53 -44.24 14.17
N ASP B 205 38.80 -43.85 14.25
CA ASP B 205 39.40 -43.61 15.56
C ASP B 205 38.93 -42.25 16.04
N SER B 206 39.57 -41.72 17.08
CA SER B 206 39.09 -40.48 17.63
C SER B 206 39.79 -39.26 17.07
N TYR B 207 41.02 -39.42 16.56
CA TYR B 207 41.64 -38.35 15.78
C TYR B 207 40.82 -38.07 14.53
N GLN B 208 40.38 -39.11 13.84
CA GLN B 208 39.62 -38.93 12.62
C GLN B 208 38.20 -38.44 12.91
N ALA B 209 37.60 -38.89 14.01
CA ALA B 209 36.30 -38.35 14.39
C ALA B 209 36.40 -36.87 14.74
N ASN B 210 37.51 -36.47 15.35
CA ASN B 210 37.70 -35.05 15.64
C ASN B 210 37.93 -34.26 14.36
N GLN B 211 38.69 -34.82 13.42
CA GLN B 211 38.90 -34.15 12.14
C GLN B 211 37.62 -34.04 11.34
N LEU B 212 36.73 -35.02 11.45
CA LEU B 212 35.48 -34.98 10.72
C LEU B 212 34.50 -34.00 11.36
N LYS B 213 34.49 -33.92 12.70
CA LYS B 213 33.62 -32.95 13.36
C LYS B 213 33.97 -31.53 12.97
N ALA B 214 35.22 -31.27 12.60
CA ALA B 214 35.68 -29.95 12.21
C ALA B 214 35.73 -29.75 10.71
N ASP B 215 34.92 -30.49 9.96
CA ASP B 215 34.91 -30.42 8.51
C ASP B 215 33.69 -29.62 8.05
N SER B 216 33.93 -28.61 7.21
CA SER B 216 32.87 -27.71 6.79
C SER B 216 31.69 -28.48 6.19
N GLU B 217 31.96 -29.50 5.38
CA GLU B 217 30.89 -30.25 4.76
C GLU B 217 30.12 -31.08 5.78
N PHE B 218 30.80 -31.58 6.82
CA PHE B 218 30.08 -32.26 7.88
C PHE B 218 29.19 -31.29 8.64
N LYS B 219 29.65 -30.06 8.84
CA LYS B 219 28.82 -29.05 9.47
C LYS B 219 27.59 -28.75 8.63
N GLU B 220 27.78 -28.63 7.31
CA GLU B 220 26.65 -28.42 6.41
C GLU B 220 25.66 -29.58 6.47
N LEU B 221 26.17 -30.81 6.52
CA LEU B 221 25.30 -31.97 6.59
C LEU B 221 24.55 -32.02 7.92
N ARG B 222 25.19 -31.63 9.01
CA ARG B 222 24.50 -31.61 10.29
C ARG B 222 23.43 -30.53 10.31
N LYS B 223 23.73 -29.38 9.69
CA LYS B 223 22.72 -28.34 9.55
C LYS B 223 21.52 -28.85 8.77
N LEU B 224 21.76 -29.53 7.66
CA LEU B 224 20.68 -30.09 6.86
C LEU B 224 19.88 -31.12 7.64
N TYR B 225 20.55 -32.03 8.34
CA TYR B 225 19.84 -33.03 9.13
C TYR B 225 18.99 -32.39 10.21
N ALA B 226 19.49 -31.31 10.82
CA ALA B 226 18.71 -30.63 11.86
C ALA B 226 17.48 -29.96 11.26
N PHE B 227 17.66 -29.25 10.16
CA PHE B 227 16.52 -28.66 9.46
C PHE B 227 15.49 -29.72 9.10
N ALA B 228 15.95 -30.90 8.68
CA ALA B 228 15.07 -31.96 8.22
C ALA B 228 14.53 -32.83 9.34
N GLY B 229 15.01 -32.66 10.57
CA GLY B 229 14.59 -33.54 11.64
C GLY B 229 15.13 -34.94 11.54
N GLU B 230 16.30 -35.10 10.91
CA GLU B 230 16.96 -36.40 10.81
C GLU B 230 17.68 -36.70 12.11
N ASP B 231 18.60 -37.68 12.09
CA ASP B 231 19.03 -38.38 13.29
C ASP B 231 19.24 -37.45 14.48
N LYS B 232 18.41 -37.60 15.49
CA LYS B 232 18.29 -36.63 16.56
C LYS B 232 19.16 -37.02 17.74
N GLY B 233 19.54 -36.01 18.51
CA GLY B 233 20.42 -36.21 19.63
C GLY B 233 21.87 -36.43 19.28
N MET B 234 22.20 -36.68 18.01
CA MET B 234 23.57 -36.99 17.65
C MET B 234 24.49 -35.80 17.87
N LEU B 235 24.15 -34.66 17.28
CA LEU B 235 24.99 -33.48 17.43
C LEU B 235 25.02 -33.00 18.88
N TYR B 236 23.86 -32.99 19.53
CA TYR B 236 23.79 -32.60 20.93
C TYR B 236 24.58 -33.53 21.84
N SER B 237 24.87 -34.75 21.38
CA SER B 237 25.59 -35.73 22.18
C SER B 237 26.99 -35.99 21.67
N GLY B 238 27.51 -35.14 20.80
CA GLY B 238 28.86 -35.35 20.30
C GLY B 238 29.04 -36.56 19.42
N LEU B 239 27.97 -37.26 19.05
CA LEU B 239 28.08 -38.40 18.17
C LEU B 239 28.12 -37.94 16.72
N LEU B 240 28.70 -38.78 15.87
CA LEU B 240 28.81 -38.43 14.46
C LEU B 240 27.55 -38.77 13.69
N GLY B 241 26.88 -39.86 14.06
CA GLY B 241 25.64 -40.20 13.43
C GLY B 241 25.83 -40.96 12.12
N VAL B 242 24.82 -40.85 11.27
CA VAL B 242 24.70 -41.62 10.03
C VAL B 242 25.05 -40.72 8.86
N ILE B 243 26.08 -41.09 8.08
CA ILE B 243 26.41 -40.34 6.84
C ILE B 243 26.03 -41.25 5.68
N ASP B 244 25.03 -40.87 4.87
CA ASP B 244 24.63 -41.67 3.68
C ASP B 244 24.28 -43.10 4.09
N ASN B 245 23.28 -43.27 4.97
CA ASN B 245 22.79 -44.62 5.40
C ASN B 245 23.88 -45.40 6.15
N CYS B 246 25.03 -44.80 6.44
CA CYS B 246 26.13 -45.54 7.07
C CYS B 246 26.47 -44.93 8.41
N PRO B 247 26.32 -45.65 9.52
CA PRO B 247 26.72 -45.11 10.83
C PRO B 247 28.22 -44.91 10.90
N VAL B 248 28.63 -43.67 11.12
CA VAL B 248 30.03 -43.33 11.35
C VAL B 248 30.28 -43.38 12.85
N ILE B 249 31.19 -44.25 13.26
CA ILE B 249 31.41 -44.57 14.67
C ILE B 249 32.81 -44.14 15.06
N ASP B 250 32.90 -43.39 16.15
CA ASP B 250 34.18 -43.12 16.80
C ASP B 250 34.54 -44.32 17.65
N ALA B 251 35.55 -45.08 17.23
CA ALA B 251 35.85 -46.34 17.88
C ALA B 251 36.91 -46.24 18.96
N GLY B 252 37.61 -45.12 19.06
CA GLY B 252 38.56 -44.90 20.13
C GLY B 252 39.99 -44.89 19.61
N VAL B 253 40.92 -44.79 20.57
CA VAL B 253 42.34 -44.80 20.30
C VAL B 253 42.94 -46.01 20.99
N TRP B 254 43.74 -46.77 20.26
CA TRP B 254 44.39 -47.95 20.80
C TRP B 254 45.47 -47.54 21.79
N ASN B 255 45.37 -48.02 23.02
CA ASN B 255 46.42 -47.84 24.02
C ASN B 255 46.62 -49.15 24.75
N LYS B 256 47.50 -49.14 25.75
CA LYS B 256 47.87 -50.33 26.49
C LYS B 256 46.73 -50.91 27.33
N PHE B 257 45.65 -50.17 27.52
CA PHE B 257 44.59 -50.59 28.43
C PHE B 257 43.33 -51.05 27.72
N ASN B 258 42.93 -50.38 26.65
CA ASN B 258 41.65 -50.66 26.02
C ASN B 258 41.82 -50.62 24.51
N VAL B 259 40.83 -51.11 23.82
CA VAL B 259 40.88 -51.25 22.37
C VAL B 259 40.44 -49.96 21.71
N GLY B 260 41.07 -49.67 20.58
CA GLY B 260 40.64 -48.59 19.72
C GLY B 260 41.28 -48.81 18.37
N MET B 261 40.90 -47.97 17.41
CA MET B 261 41.48 -48.08 16.10
C MET B 261 42.96 -47.77 16.16
N PRO B 262 43.82 -48.57 15.57
CA PRO B 262 45.25 -48.41 15.75
C PRO B 262 45.82 -47.22 15.01
N ASN B 263 47.10 -46.98 15.18
CA ASN B 263 47.79 -45.90 14.48
C ASN B 263 49.27 -46.22 14.49
N SER B 264 50.03 -45.45 13.72
CA SER B 264 51.43 -45.80 13.54
C SER B 264 52.26 -45.57 14.79
N SER B 265 51.67 -45.23 15.93
CA SER B 265 52.40 -45.11 17.17
C SER B 265 52.45 -46.41 17.96
N ILE B 266 51.87 -47.47 17.40
CA ILE B 266 51.92 -48.81 18.04
C ILE B 266 53.17 -49.53 17.51
N SER B 267 53.95 -50.15 18.40
CA SER B 267 55.15 -50.87 18.02
C SER B 267 54.78 -52.12 17.24
N ASP B 268 55.64 -52.49 16.29
CA ASP B 268 55.39 -53.65 15.46
C ASP B 268 55.14 -54.89 16.31
N SER B 269 55.87 -55.03 17.42
CA SER B 269 55.67 -56.17 18.32
C SER B 269 54.32 -56.12 19.00
N ASP B 270 53.94 -54.95 19.52
CA ASP B 270 52.69 -54.80 20.25
C ASP B 270 51.49 -55.10 19.37
N PHE B 271 51.58 -54.79 18.08
CA PHE B 271 50.50 -55.12 17.16
C PHE B 271 50.56 -56.57 16.74
N MET B 272 51.77 -57.06 16.44
CA MET B 272 51.91 -58.42 15.92
C MET B 272 51.44 -59.45 16.93
N ARG B 273 51.65 -59.21 18.21
CA ARG B 273 51.27 -60.24 19.16
C ARG B 273 49.76 -60.40 19.30
N TYR B 274 48.95 -59.67 18.54
CA TYR B 274 47.51 -59.86 18.51
C TYR B 274 47.03 -60.50 17.20
N LEU B 275 47.94 -60.89 16.32
CA LEU B 275 47.63 -61.63 15.12
C LEU B 275 47.89 -63.11 15.33
N ASN B 276 47.04 -63.94 14.74
CA ASN B 276 47.13 -65.39 14.97
C ASN B 276 48.37 -65.98 14.28
N LYS B 277 48.70 -65.49 13.09
CA LYS B 277 49.88 -65.89 12.32
C LYS B 277 49.73 -67.27 11.72
N ALA B 278 48.70 -68.01 12.11
CA ALA B 278 48.21 -69.13 11.34
C ALA B 278 47.04 -68.72 10.45
N ASN B 279 46.49 -67.55 10.68
CA ASN B 279 45.31 -67.07 9.99
C ASN B 279 45.60 -65.99 8.98
N VAL B 280 46.78 -65.40 8.99
CA VAL B 280 47.10 -64.26 8.14
C VAL B 280 48.14 -64.68 7.11
N SER B 281 47.93 -64.23 5.88
CA SER B 281 48.92 -64.47 4.83
C SER B 281 50.16 -63.62 5.06
N SER B 282 49.99 -62.30 5.05
CA SER B 282 51.07 -61.35 5.29
C SER B 282 50.74 -60.53 6.52
N ILE B 283 51.74 -59.80 7.00
CA ILE B 283 51.62 -58.95 8.16
C ILE B 283 52.14 -57.57 7.80
N VAL B 284 51.28 -56.55 7.90
CA VAL B 284 51.65 -55.16 7.67
C VAL B 284 51.11 -54.37 8.84
N THR B 285 51.98 -54.03 9.78
CA THR B 285 51.58 -53.31 10.97
C THR B 285 51.47 -51.82 10.68
N PRO B 286 50.72 -51.08 11.50
CA PRO B 286 50.54 -49.65 11.24
C PRO B 286 51.82 -48.87 10.98
N ARG B 287 52.93 -49.27 11.56
CA ARG B 287 54.19 -48.60 11.28
C ARG B 287 54.69 -48.94 9.89
N GLN B 288 54.64 -50.22 9.52
CA GLN B 288 55.03 -50.61 8.17
C GLN B 288 54.09 -50.02 7.14
N PHE B 289 52.79 -49.96 7.46
CA PHE B 289 51.84 -49.32 6.55
C PHE B 289 52.14 -47.85 6.39
N LYS B 290 52.51 -47.17 7.48
CA LYS B 290 52.91 -45.77 7.37
C LYS B 290 54.14 -45.61 6.51
N GLU B 291 55.12 -46.50 6.65
CA GLU B 291 56.30 -46.41 5.82
C GLU B 291 56.04 -46.85 4.38
N LYS B 292 54.92 -47.52 4.14
CA LYS B 292 54.55 -47.90 2.79
C LYS B 292 53.82 -46.79 2.06
N LEU B 293 52.90 -46.12 2.74
CA LEU B 293 52.12 -45.08 2.05
C LEU B 293 52.83 -43.75 1.96
N ASN B 294 53.98 -43.59 2.61
CA ASN B 294 54.76 -42.36 2.48
C ASN B 294 55.87 -42.51 1.45
N GLN B 295 55.77 -43.52 0.58
CA GLN B 295 56.71 -43.70 -0.53
C GLN B 295 56.11 -43.27 -1.85
N GLU B 296 55.26 -42.25 -1.84
CA GLU B 296 54.63 -41.72 -3.04
C GLU B 296 55.15 -40.33 -3.37
N ILE B 304 54.94 -37.05 5.55
CA ILE B 304 56.31 -37.52 5.39
C ILE B 304 56.91 -37.81 6.77
N ASN B 305 56.49 -37.04 7.77
CA ASN B 305 57.02 -37.17 9.11
C ASN B 305 55.96 -37.33 10.17
N LYS B 306 54.68 -37.21 9.82
CA LYS B 306 53.60 -37.31 10.78
C LYS B 306 53.12 -38.75 10.90
N GLU B 307 52.53 -39.07 12.04
CA GLU B 307 51.97 -40.39 12.25
C GLU B 307 50.63 -40.52 11.55
N ILE B 308 50.36 -41.71 11.03
CA ILE B 308 49.10 -41.99 10.38
C ILE B 308 48.11 -42.50 11.41
N SER B 309 46.85 -42.47 11.05
CA SER B 309 45.77 -43.01 11.84
C SER B 309 44.86 -43.82 10.95
N ILE B 310 44.32 -44.91 11.49
CA ILE B 310 43.69 -45.95 10.68
C ILE B 310 42.27 -46.15 11.15
N GLY B 311 41.33 -46.15 10.20
CA GLY B 311 39.96 -46.58 10.43
C GLY B 311 39.52 -47.48 9.29
N CYS B 312 38.26 -47.90 9.36
CA CYS B 312 37.81 -48.95 8.46
C CYS B 312 36.36 -48.75 8.07
N LEU B 313 36.10 -48.79 6.77
CA LEU B 313 34.76 -49.13 6.30
C LEU B 313 34.65 -50.64 6.30
N ILE B 314 33.59 -51.17 6.92
CA ILE B 314 33.38 -52.61 6.96
C ILE B 314 31.96 -52.93 6.53
N GLY B 315 31.81 -54.06 5.84
CA GLY B 315 30.54 -54.63 5.51
C GLY B 315 30.25 -55.89 6.28
N ALA B 316 29.29 -56.65 5.79
CA ALA B 316 28.92 -57.89 6.47
C ALA B 316 30.06 -58.88 6.44
N SER B 317 30.28 -59.54 7.58
CA SER B 317 31.25 -60.62 7.71
C SER B 317 32.66 -60.14 7.34
N ALA B 318 33.06 -59.01 7.91
CA ALA B 318 34.41 -58.50 7.65
C ALA B 318 35.44 -59.19 8.51
N VAL B 319 35.07 -59.62 9.71
CA VAL B 319 35.94 -60.39 10.59
C VAL B 319 35.15 -61.60 11.04
N LEU B 320 35.75 -62.77 10.91
CA LEU B 320 35.12 -64.02 11.29
C LEU B 320 35.75 -64.54 12.57
N LEU B 321 34.90 -64.88 13.53
CA LEU B 321 35.31 -65.51 14.78
C LEU B 321 34.79 -66.94 14.77
N ALA B 322 35.70 -67.87 15.02
CA ALA B 322 35.36 -69.29 15.09
C ALA B 322 35.55 -69.79 16.51
N GLY B 323 34.63 -70.61 16.96
CA GLY B 323 34.70 -71.19 18.29
C GLY B 323 33.69 -70.60 19.23
N SER B 324 34.06 -70.48 20.50
CA SER B 324 33.18 -69.95 21.53
C SER B 324 33.87 -68.81 22.24
N LYS B 325 33.22 -67.65 22.29
CA LYS B 325 33.78 -66.52 23.02
C LYS B 325 33.70 -66.69 24.52
N GLU B 326 33.06 -67.76 25.01
CA GLU B 326 32.92 -67.95 26.44
C GLU B 326 34.28 -68.08 27.09
N THR B 327 34.53 -67.24 28.08
CA THR B 327 35.80 -67.21 28.78
C THR B 327 35.73 -68.10 30.01
N ARG B 328 36.84 -68.77 30.33
CA ARG B 328 36.87 -69.65 31.49
C ARG B 328 37.78 -69.08 32.57
N PHE B 329 37.37 -69.27 33.83
CA PHE B 329 38.11 -68.84 35.01
C PHE B 329 38.60 -70.05 35.77
N TYR B 330 39.83 -69.98 36.27
CA TYR B 330 40.41 -71.04 37.09
C TYR B 330 40.92 -70.41 38.38
N ILE B 331 40.40 -70.88 39.52
CA ILE B 331 40.69 -70.28 40.80
C ILE B 331 41.36 -71.34 41.68
N ASP B 332 42.68 -71.26 41.79
CA ASP B 332 43.46 -72.15 42.64
C ASP B 332 43.72 -71.44 43.97
N GLU B 333 42.96 -71.82 44.99
CA GLU B 333 43.18 -71.32 46.34
C GLU B 333 44.08 -72.23 47.17
N THR B 334 44.98 -72.97 46.50
CA THR B 334 45.85 -73.91 47.17
C THR B 334 47.32 -73.67 46.86
N VAL B 335 47.67 -72.50 46.32
CA VAL B 335 49.06 -72.15 46.11
C VAL B 335 49.73 -71.93 47.46
N ASP B 336 51.00 -72.32 47.56
CA ASP B 336 51.80 -72.14 48.77
C ASP B 336 51.10 -72.74 49.98
N ALA B 337 50.77 -74.02 49.88
CA ALA B 337 50.06 -74.79 50.90
C ALA B 337 48.70 -74.21 51.25
N GLY B 338 48.20 -73.26 50.47
CA GLY B 338 46.96 -72.60 50.75
C GLY B 338 47.12 -71.21 51.30
N ARG B 339 48.33 -70.68 51.31
CA ARG B 339 48.61 -69.39 51.89
C ARG B 339 48.48 -68.26 50.87
N LYS B 340 48.77 -68.54 49.61
CA LYS B 340 48.54 -67.61 48.52
C LYS B 340 47.42 -68.14 47.64
N SER B 341 47.18 -67.45 46.53
CA SER B 341 46.09 -67.83 45.64
C SER B 341 46.49 -67.50 44.21
N LEU B 342 45.68 -67.98 43.28
CA LEU B 342 46.00 -67.82 41.86
C LEU B 342 44.71 -67.82 41.06
N VAL B 343 44.41 -66.72 40.40
CA VAL B 343 43.24 -66.64 39.53
C VAL B 343 43.73 -66.50 38.10
N GLY B 344 43.40 -67.47 37.26
CA GLY B 344 43.74 -67.43 35.85
C GLY B 344 42.50 -67.31 35.01
N VAL B 345 42.65 -66.75 33.82
CA VAL B 345 41.56 -66.56 32.89
C VAL B 345 42.05 -66.97 31.52
N ASP B 346 41.22 -67.72 30.79
CA ASP B 346 41.64 -68.38 29.56
C ASP B 346 40.54 -68.33 28.52
N CYS B 347 40.95 -68.29 27.25
CA CYS B 347 40.01 -68.31 26.13
C CYS B 347 40.64 -68.99 24.94
N LEU B 348 39.82 -69.75 24.21
CA LEU B 348 40.17 -70.33 22.92
C LEU B 348 39.25 -69.74 21.88
N LEU B 349 39.82 -69.14 20.84
CA LEU B 349 39.03 -68.45 19.84
C LEU B 349 39.86 -68.21 18.59
N GLY B 350 39.25 -68.41 17.43
CA GLY B 350 39.89 -68.06 16.16
C GLY B 350 39.34 -66.72 15.68
N VAL B 351 40.25 -65.84 15.31
CA VAL B 351 39.90 -64.52 14.78
C VAL B 351 40.62 -64.35 13.46
N SER B 352 39.88 -63.95 12.42
CA SER B 352 40.57 -63.67 11.16
C SER B 352 39.77 -62.65 10.36
N LYS B 353 40.47 -61.76 9.68
CA LYS B 353 39.82 -60.92 8.69
C LYS B 353 39.41 -61.75 7.49
N ALA B 354 38.19 -61.54 7.01
CA ALA B 354 37.64 -62.29 5.89
C ALA B 354 38.47 -62.10 4.63
N ARG B 355 39.19 -63.13 4.21
CA ARG B 355 40.07 -63.05 3.05
C ARG B 355 40.18 -64.46 2.48
N TYR B 356 39.35 -64.77 1.49
CA TYR B 356 39.25 -66.13 0.97
C TYR B 356 40.17 -66.31 -0.22
N GLN B 357 40.81 -67.48 -0.29
CA GLN B 357 41.67 -67.83 -1.40
C GLN B 357 41.01 -68.89 -2.27
N SER B 358 41.49 -68.98 -3.50
CA SER B 358 40.85 -69.82 -4.50
C SER B 358 41.24 -71.28 -4.29
N THR B 359 40.21 -72.14 -4.19
CA THR B 359 40.45 -73.56 -3.92
C THR B 359 41.18 -74.24 -5.06
N ASP B 360 41.27 -73.59 -6.22
CA ASP B 360 42.12 -74.02 -7.33
C ASP B 360 42.85 -72.80 -7.88
N GLY B 361 43.85 -73.06 -8.70
CA GLY B 361 44.71 -71.98 -9.18
C GLY B 361 44.03 -70.87 -9.96
N VAL B 362 42.71 -70.98 -10.16
CA VAL B 362 41.97 -69.94 -10.86
C VAL B 362 42.08 -68.63 -10.10
N VAL B 363 42.45 -67.58 -10.80
CA VAL B 363 42.57 -66.26 -10.19
C VAL B 363 41.28 -65.49 -10.42
N THR B 364 40.94 -64.64 -9.46
CA THR B 364 39.72 -63.85 -9.51
C THR B 364 39.93 -62.61 -8.66
N PRO B 365 39.15 -61.56 -8.88
CA PRO B 365 39.26 -60.36 -8.02
C PRO B 365 39.21 -60.64 -6.52
N TYR B 366 38.51 -61.68 -6.09
CA TYR B 366 38.35 -61.97 -4.68
C TYR B 366 39.55 -62.68 -4.07
N ASP B 367 40.61 -62.94 -4.83
CA ASP B 367 41.60 -63.91 -4.40
C ASP B 367 42.36 -63.54 -3.12
N ASN B 368 43.18 -62.50 -3.16
CA ASN B 368 44.00 -62.15 -2.01
C ASN B 368 43.59 -60.79 -1.47
N GLN B 369 42.29 -60.57 -1.41
CA GLN B 369 41.72 -59.27 -1.08
C GLN B 369 40.84 -59.41 0.16
N ASP B 370 40.81 -58.34 0.95
CA ASP B 370 39.85 -58.29 2.04
C ASP B 370 38.45 -58.36 1.46
N TYR B 371 37.60 -59.17 2.08
CA TYR B 371 36.26 -59.38 1.56
C TYR B 371 35.40 -58.15 1.72
N ALA B 372 35.39 -57.53 2.90
CA ALA B 372 34.45 -56.47 3.20
C ALA B 372 35.10 -55.36 4.01
N VAL B 373 36.31 -54.94 3.64
CA VAL B 373 37.05 -53.96 4.44
C VAL B 373 37.77 -53.01 3.52
N ILE B 374 37.50 -51.71 3.65
CA ILE B 374 38.31 -50.66 3.05
C ILE B 374 38.97 -49.88 4.17
N GLY B 375 40.27 -49.59 4.00
CA GLY B 375 40.99 -48.82 4.98
C GLY B 375 40.87 -47.33 4.73
N LEU B 376 40.49 -46.58 5.76
CA LEU B 376 40.47 -45.13 5.73
C LEU B 376 41.68 -44.64 6.53
N VAL B 377 42.68 -44.11 5.84
CA VAL B 377 43.91 -43.70 6.48
C VAL B 377 43.99 -42.18 6.43
N SER B 378 44.28 -41.55 7.57
CA SER B 378 44.46 -40.12 7.62
C SER B 378 45.69 -39.83 8.46
N ASP B 379 45.91 -38.55 8.78
CA ASP B 379 46.99 -38.16 9.66
C ASP B 379 46.44 -37.91 11.06
N MET B 380 47.25 -38.20 12.08
CA MET B 380 46.83 -37.96 13.45
C MET B 380 47.65 -36.84 14.10
N LYS C 4 22.22 39.59 54.54
CA LYS C 4 21.44 40.81 54.30
C LYS C 4 21.89 41.52 53.04
N LEU C 5 22.87 40.94 52.36
CA LEU C 5 23.18 41.36 51.01
C LEU C 5 22.15 40.87 50.01
N ASN C 6 21.48 39.76 50.32
CA ASN C 6 20.44 39.18 49.49
C ASN C 6 20.94 38.87 48.09
N ASN C 7 22.11 38.26 48.00
CA ASN C 7 22.49 37.62 46.77
C ASN C 7 21.77 36.29 46.65
N ILE C 8 21.90 35.64 45.50
CA ILE C 8 21.36 34.29 45.38
C ILE C 8 22.17 33.37 46.26
N ASN C 9 21.49 32.65 47.14
CA ASN C 9 22.14 31.65 47.96
C ASN C 9 21.79 30.27 47.42
N PHE C 10 22.82 29.50 47.07
CA PHE C 10 22.64 28.18 46.50
C PHE C 10 22.74 27.08 47.56
N ASN C 11 21.96 27.22 48.63
CA ASN C 11 21.94 26.19 49.65
C ASN C 11 20.81 25.20 49.38
N ASN C 12 20.96 24.01 49.92
CA ASN C 12 20.00 22.93 49.74
C ASN C 12 19.23 22.72 51.03
N ILE C 13 18.28 21.79 50.98
CA ILE C 13 17.57 21.40 52.18
C ILE C 13 18.45 20.61 53.12
N SER C 14 19.66 20.26 52.70
CA SER C 14 20.61 19.65 53.61
C SER C 14 21.17 20.67 54.60
N ASN C 15 21.19 21.94 54.24
CA ASN C 15 21.67 23.00 55.12
C ASN C 15 20.61 23.47 56.10
N ASN C 16 19.41 22.92 56.05
CA ASN C 16 18.33 23.31 56.94
C ASN C 16 18.48 22.58 58.26
N LEU C 17 18.69 23.33 59.35
CA LEU C 17 18.97 22.77 60.66
C LEU C 17 17.70 22.51 61.45
N ASN C 18 16.56 22.43 60.78
CA ASN C 18 15.32 22.04 61.43
C ASN C 18 14.98 20.58 61.17
N LEU C 19 15.85 19.86 60.47
CA LEU C 19 15.61 18.51 60.04
C LEU C 19 16.52 17.55 60.80
N GLY C 20 16.09 16.30 60.88
CA GLY C 20 16.91 15.25 61.47
C GLY C 20 17.04 14.08 60.53
N ILE C 21 18.26 13.55 60.45
CA ILE C 21 18.49 12.37 59.64
C ILE C 21 17.75 11.17 60.25
N GLU C 22 17.46 10.20 59.41
CA GLU C 22 16.66 9.03 59.77
C GLU C 22 17.33 7.81 59.15
N VAL C 23 17.99 7.00 59.96
CA VAL C 23 18.76 5.88 59.41
C VAL C 23 17.87 4.66 59.29
N GLY C 24 18.21 3.80 58.33
CA GLY C 24 17.46 2.57 58.14
C GLY C 24 17.92 1.52 59.12
N ARG C 25 16.96 0.91 59.81
CA ARG C 25 17.31 -0.13 60.76
C ARG C 25 17.90 -1.35 60.05
N GLU C 26 17.43 -1.63 58.84
CA GLU C 26 17.89 -2.78 58.08
C GLU C 26 19.07 -2.38 57.20
N ILE C 27 20.20 -3.08 57.38
CA ILE C 27 21.39 -2.88 56.58
C ILE C 27 21.34 -3.86 55.42
N GLN C 28 21.50 -3.36 54.19
CA GLN C 28 21.29 -4.17 53.01
C GLN C 28 22.56 -4.92 52.66
N ASN C 29 22.46 -6.24 52.63
CA ASN C 29 23.57 -7.08 52.19
C ASN C 29 23.88 -6.81 50.73
N ALA C 30 25.16 -6.52 50.45
CA ALA C 30 25.61 -6.31 49.08
C ALA C 30 26.19 -7.58 48.46
N SER C 31 25.90 -8.74 49.03
CA SER C 31 26.36 -10.00 48.49
C SER C 31 25.17 -10.79 47.96
N TRP C 32 25.24 -11.20 46.71
CA TRP C 32 24.17 -11.94 46.06
C TRP C 32 24.68 -13.14 45.28
N ILE C 33 25.98 -13.26 45.04
CA ILE C 33 26.52 -14.22 44.08
C ILE C 33 26.56 -15.61 44.69
N LYS C 34 26.08 -16.60 43.94
CA LYS C 34 26.22 -18.00 44.29
C LYS C 34 27.24 -18.65 43.35
N SER C 35 27.92 -19.61 43.84
CA SER C 35 28.89 -20.25 42.97
C SER C 35 28.32 -21.55 42.41
N PRO C 36 28.82 -22.00 41.27
CA PRO C 36 28.42 -23.30 40.73
C PRO C 36 29.31 -24.45 41.22
N PHE C 37 29.51 -24.52 42.53
CA PHE C 37 30.32 -25.58 43.11
C PHE C 37 29.61 -26.39 44.17
N PHE C 38 28.49 -25.91 44.71
CA PHE C 38 27.71 -26.72 45.63
C PHE C 38 27.02 -27.86 44.90
N SER C 39 26.62 -27.63 43.65
CA SER C 39 25.95 -28.64 42.85
C SER C 39 26.91 -29.69 42.31
N ILE C 40 28.20 -29.35 42.21
CA ILE C 40 29.20 -30.32 41.81
C ILE C 40 29.53 -31.26 42.96
N THR C 41 29.56 -30.73 44.19
CA THR C 41 29.98 -31.50 45.34
C THR C 41 28.91 -32.50 45.76
N GLY C 42 29.33 -33.65 46.24
CA GLY C 42 28.41 -34.65 46.71
C GLY C 42 29.15 -35.92 47.07
N THR C 43 28.44 -36.81 47.75
CA THR C 43 29.04 -38.04 48.24
C THR C 43 29.12 -39.12 47.18
N GLY C 44 28.33 -39.03 46.12
CA GLY C 44 28.37 -40.04 45.08
C GLY C 44 29.73 -40.09 44.40
N ALA C 45 30.03 -41.27 43.84
CA ALA C 45 31.32 -41.46 43.18
C ALA C 45 31.41 -40.76 41.84
N ASP C 46 30.27 -40.39 41.25
CA ASP C 46 30.23 -39.71 39.97
C ASP C 46 30.18 -38.20 40.10
N ARG C 47 30.74 -37.66 41.17
CA ARG C 47 30.76 -36.23 41.40
C ARG C 47 32.09 -35.64 40.99
N GLY C 48 32.06 -34.39 40.54
CA GLY C 48 33.31 -33.70 40.24
C GLY C 48 34.08 -33.40 41.49
N VAL C 49 33.41 -32.93 42.53
CA VAL C 49 33.97 -32.75 43.85
C VAL C 49 33.30 -33.78 44.74
N ARG C 50 34.08 -34.73 45.24
CA ARG C 50 33.52 -35.81 46.04
C ARG C 50 33.85 -35.61 47.51
N LEU C 51 32.88 -35.91 48.37
CA LEU C 51 32.99 -35.66 49.80
C LEU C 51 32.96 -37.00 50.54
N PHE C 52 34.03 -37.30 51.26
CA PHE C 52 34.08 -38.42 52.18
C PHE C 52 33.83 -37.90 53.59
N SER C 53 32.85 -38.48 54.27
CA SER C 53 32.53 -38.07 55.64
C SER C 53 33.17 -39.03 56.64
N VAL C 54 34.49 -38.96 56.73
CA VAL C 54 35.21 -39.74 57.73
C VAL C 54 34.94 -39.17 59.11
N ALA C 55 34.31 -39.96 59.97
CA ALA C 55 33.81 -39.44 61.24
C ALA C 55 34.96 -39.07 62.18
N SER C 56 35.97 -39.93 62.27
CA SER C 56 37.11 -39.65 63.13
C SER C 56 37.92 -38.45 62.65
N GLN C 57 37.59 -37.88 61.50
CA GLN C 57 38.31 -36.72 60.94
C GLN C 57 39.80 -36.98 60.82
N GLN C 58 40.19 -38.25 60.70
CA GLN C 58 41.59 -38.59 60.52
C GLN C 58 41.98 -38.42 59.06
N PRO C 59 43.27 -38.22 58.79
CA PRO C 59 43.72 -38.15 57.39
C PRO C 59 43.31 -39.36 56.57
N PHE C 60 42.53 -39.12 55.52
CA PHE C 60 41.92 -40.19 54.75
C PHE C 60 42.88 -40.74 53.71
N ARG C 61 42.61 -41.96 53.29
CA ARG C 61 43.44 -42.63 52.27
C ARG C 61 42.54 -43.37 51.29
N PRO C 62 42.12 -42.72 50.22
CA PRO C 62 41.39 -43.41 49.16
C PRO C 62 42.33 -44.16 48.22
N ARG C 63 41.81 -45.28 47.70
CA ARG C 63 42.58 -46.21 46.89
C ARG C 63 41.83 -46.54 45.60
N ILE C 64 42.58 -46.70 44.52
CA ILE C 64 42.03 -47.10 43.23
C ILE C 64 42.78 -48.32 42.72
N LYS C 65 42.08 -49.12 41.91
CA LYS C 65 42.64 -50.30 41.27
C LYS C 65 43.04 -49.95 39.84
N ALA C 66 44.32 -50.12 39.53
CA ALA C 66 44.78 -49.95 38.16
C ALA C 66 44.26 -51.08 37.27
N GLN C 67 44.35 -50.88 35.97
CA GLN C 67 44.03 -51.93 35.03
C GLN C 67 45.22 -52.84 34.80
N LEU C 68 44.93 -54.09 34.44
CA LEU C 68 45.98 -55.00 34.04
C LEU C 68 46.45 -54.65 32.64
N SER C 69 47.76 -54.52 32.47
CA SER C 69 48.38 -54.25 31.17
C SER C 69 49.55 -55.21 31.05
N GLY C 70 49.28 -56.43 30.62
CA GLY C 70 50.32 -57.42 30.54
C GLY C 70 50.06 -58.42 29.43
N SER C 71 51.02 -58.60 28.54
CA SER C 71 50.97 -59.74 27.65
C SER C 71 50.92 -61.00 28.47
N GLY C 72 49.80 -61.71 28.39
CA GLY C 72 49.61 -62.81 29.30
C GLY C 72 50.31 -64.06 28.82
N VAL C 73 49.57 -65.14 28.69
CA VAL C 73 50.15 -66.44 28.36
C VAL C 73 49.43 -67.00 27.14
N SER C 74 50.16 -67.67 26.27
CA SER C 74 49.60 -68.23 25.05
C SER C 74 49.29 -69.71 25.23
N GLY C 75 49.01 -70.39 24.13
CA GLY C 75 48.54 -71.76 24.16
C GLY C 75 49.44 -72.74 24.84
N ASN C 76 48.92 -73.38 25.89
CA ASN C 76 49.56 -74.45 26.64
C ASN C 76 50.72 -73.98 27.51
N THR C 77 51.13 -72.73 27.35
CA THR C 77 52.09 -72.19 28.30
C THR C 77 51.40 -71.97 29.64
N ASP C 78 52.17 -72.13 30.71
CA ASP C 78 51.61 -72.08 32.06
C ASP C 78 51.33 -70.65 32.49
N PHE C 79 50.24 -70.49 33.23
CA PHE C 79 49.93 -69.19 33.83
C PHE C 79 51.15 -68.60 34.54
N GLU C 80 51.94 -69.46 35.19
CA GLU C 80 53.11 -69.01 35.94
C GLU C 80 54.23 -68.49 35.06
N ALA C 81 54.14 -68.66 33.75
CA ALA C 81 55.22 -68.19 32.89
C ALA C 81 55.17 -66.70 32.67
N ASN C 82 54.01 -66.08 32.81
CA ASN C 82 53.92 -64.62 32.74
C ASN C 82 52.78 -64.20 33.66
N TYR C 83 53.12 -63.95 34.93
CA TYR C 83 52.15 -63.44 35.87
C TYR C 83 51.87 -61.97 35.59
N ASP C 84 50.70 -61.53 36.02
CA ASP C 84 50.40 -60.11 36.05
C ASP C 84 50.30 -59.68 37.51
N ASN C 85 50.22 -58.37 37.73
CA ASN C 85 50.27 -57.83 39.09
C ASN C 85 49.16 -56.83 39.31
N LEU C 86 48.30 -57.11 40.30
CA LEU C 86 47.38 -56.10 40.78
C LEU C 86 48.16 -54.91 41.32
N GLU C 87 47.80 -53.72 40.86
CA GLU C 87 48.44 -52.49 41.30
C GLU C 87 47.40 -51.59 41.94
N ILE C 88 47.57 -51.34 43.24
CA ILE C 88 46.65 -50.43 43.99
C ILE C 88 47.38 -49.10 44.22
N LEU C 89 46.71 -47.98 43.93
CA LEU C 89 47.26 -46.66 44.11
C LEU C 89 46.46 -45.95 45.18
N SER C 90 47.12 -45.04 45.89
CA SER C 90 46.50 -44.38 47.04
C SER C 90 46.78 -42.89 47.00
N GLN C 91 45.95 -42.16 47.74
CA GLN C 91 46.19 -40.76 48.03
C GLN C 91 45.93 -40.53 49.51
N THR C 92 46.64 -39.57 50.09
CA THR C 92 46.46 -39.26 51.50
C THR C 92 46.02 -37.81 51.63
N ILE C 93 44.87 -37.60 52.24
CA ILE C 93 44.25 -36.29 52.38
C ILE C 93 44.26 -35.93 53.85
N TYR C 94 45.06 -34.94 54.22
CA TYR C 94 45.21 -34.37 55.55
C TYR C 94 44.26 -33.20 55.73
N PRO C 95 43.62 -33.08 56.90
CA PRO C 95 42.75 -31.93 57.14
C PRO C 95 43.56 -30.67 57.36
N ASP C 96 42.95 -29.54 57.05
CA ASP C 96 43.52 -28.23 57.32
C ASP C 96 42.47 -27.37 57.99
N ALA C 97 42.90 -26.52 58.90
CA ALA C 97 42.00 -25.59 59.57
C ALA C 97 42.15 -24.21 58.97
N PHE C 98 41.10 -23.40 59.14
CA PHE C 98 41.13 -22.00 58.73
C PHE C 98 39.88 -21.31 59.25
N GLY C 99 39.99 -20.01 59.48
CA GLY C 99 38.86 -19.28 60.03
C GLY C 99 39.09 -17.79 59.99
N ASN C 100 38.09 -17.06 60.45
CA ASN C 100 38.15 -15.60 60.42
C ASN C 100 37.33 -15.05 61.58
N SER C 101 37.51 -13.76 61.86
CA SER C 101 36.85 -13.18 63.00
C SER C 101 36.65 -11.68 62.82
N LEU C 102 35.55 -11.19 63.37
CA LEU C 102 35.24 -9.78 63.46
C LEU C 102 35.24 -9.36 64.93
N ARG C 103 35.88 -8.24 65.22
CA ARG C 103 35.98 -7.68 66.56
C ARG C 103 35.13 -6.43 66.65
N SER C 104 34.11 -6.44 67.51
CA SER C 104 33.15 -5.30 67.62
C SER C 104 33.79 -4.04 68.21
N LYS C 105 33.04 -2.93 68.20
CA LYS C 105 33.52 -1.68 68.84
C LYS C 105 32.97 -1.68 70.27
N ILE C 106 33.11 -0.57 70.99
CA ILE C 106 32.53 -0.48 72.36
C ILE C 106 31.00 -0.64 72.29
N LYS C 107 30.40 -1.28 73.30
CA LYS C 107 28.94 -1.52 73.33
C LYS C 107 28.18 -0.22 73.03
N ALA C 108 28.55 0.88 73.69
CA ALA C 108 27.84 2.17 73.51
C ALA C 108 27.77 2.53 72.02
N TYR C 109 28.88 2.42 71.30
CA TYR C 109 28.92 2.81 69.89
C TYR C 109 28.11 1.86 69.03
N SER C 110 28.07 0.57 69.39
CA SER C 110 27.27 -0.37 68.64
C SER C 110 25.79 -0.07 68.76
N GLU C 111 25.33 0.34 69.95
CA GLU C 111 23.93 0.71 70.08
C GLU C 111 23.65 2.08 69.47
N LEU C 112 24.64 2.97 69.50
CA LEU C 112 24.49 4.27 68.86
C LEU C 112 24.30 4.13 67.36
N GLU C 113 25.13 3.30 66.73
CA GLU C 113 25.10 3.14 65.28
C GLU C 113 24.01 2.20 64.80
N ARG C 114 23.32 1.53 65.72
CA ARG C 114 22.20 0.65 65.39
C ARG C 114 22.62 -0.44 64.40
N ILE C 115 23.67 -1.16 64.77
CA ILE C 115 24.21 -2.27 64.00
C ILE C 115 24.23 -3.48 64.92
N ASP C 116 23.37 -4.45 64.65
CA ASP C 116 23.37 -5.71 65.39
C ASP C 116 24.62 -6.48 65.00
N PHE C 117 25.66 -6.42 65.84
CA PHE C 117 26.95 -6.92 65.42
C PHE C 117 26.96 -8.43 65.29
N ILE C 118 26.29 -9.14 66.20
CA ILE C 118 26.33 -10.59 66.16
C ILE C 118 25.70 -11.11 64.87
N LYS C 119 24.52 -10.60 64.52
CA LYS C 119 23.83 -11.08 63.34
C LYS C 119 24.59 -10.73 62.06
N GLU C 120 24.96 -9.46 61.91
CA GLU C 120 25.71 -9.04 60.73
C GLU C 120 27.02 -9.79 60.61
N SER C 121 27.66 -10.08 61.74
CA SER C 121 28.95 -10.74 61.72
C SER C 121 28.80 -12.21 61.36
N VAL C 122 27.79 -12.88 61.90
CA VAL C 122 27.54 -14.26 61.52
C VAL C 122 27.25 -14.35 60.02
N ASP C 123 26.45 -13.42 59.50
CA ASP C 123 26.14 -13.43 58.08
C ASP C 123 27.38 -13.21 57.23
N SER C 124 28.14 -12.16 57.55
CA SER C 124 29.33 -11.84 56.76
C SER C 124 30.34 -12.98 56.83
N LEU C 125 30.49 -13.60 57.99
CA LEU C 125 31.46 -14.66 58.15
C LEU C 125 31.02 -15.94 57.47
N THR C 126 29.72 -16.22 57.45
CA THR C 126 29.20 -17.33 56.65
C THR C 126 29.55 -17.15 55.19
N THR C 127 29.29 -15.96 54.65
CA THR C 127 29.66 -15.70 53.26
C THR C 127 31.16 -15.87 53.04
N TRP C 128 31.97 -15.29 53.93
CA TRP C 128 33.42 -15.40 53.82
C TRP C 128 33.86 -16.86 53.82
N MET C 129 33.28 -17.67 54.69
CA MET C 129 33.68 -19.05 54.82
C MET C 129 33.30 -19.87 53.59
N ASN C 130 32.12 -19.60 53.03
CA ASN C 130 31.73 -20.24 51.78
C ASN C 130 32.74 -19.91 50.68
N GLU C 131 33.08 -18.63 50.52
CA GLU C 131 34.02 -18.26 49.48
C GLU C 131 35.38 -18.91 49.71
N GLU C 132 35.82 -19.01 50.96
CA GLU C 132 37.14 -19.61 51.22
C GLU C 132 37.14 -21.10 50.93
N ARG C 133 36.05 -21.79 51.25
CA ARG C 133 35.95 -23.21 50.95
C ARG C 133 35.99 -23.45 49.44
N ASP C 134 35.21 -22.66 48.68
CA ASP C 134 35.23 -22.83 47.24
C ASP C 134 36.59 -22.47 46.65
N LYS C 135 37.30 -21.51 47.25
CA LYS C 135 38.62 -21.20 46.76
C LYS C 135 39.61 -22.31 47.06
N ARG C 136 39.45 -22.98 48.21
CA ARG C 136 40.21 -24.20 48.48
C ARG C 136 40.03 -25.19 47.36
N ILE C 137 38.78 -25.48 47.02
CA ILE C 137 38.48 -26.45 45.97
C ILE C 137 39.07 -26.04 44.63
N VAL C 138 38.83 -24.78 44.24
CA VAL C 138 39.29 -24.33 42.93
C VAL C 138 40.81 -24.31 42.84
N ALA C 139 41.48 -23.91 43.93
CA ALA C 139 42.93 -23.80 43.87
C ALA C 139 43.59 -25.16 43.90
N SER C 140 42.99 -26.14 44.58
CA SER C 140 43.53 -27.49 44.46
C SER C 140 43.23 -28.06 43.09
N LEU C 141 42.09 -27.70 42.51
CA LEU C 141 41.74 -28.14 41.16
C LEU C 141 42.70 -27.61 40.11
N THR C 142 43.18 -26.39 40.29
CA THR C 142 43.93 -25.69 39.25
C THR C 142 45.43 -25.82 39.40
N ASN C 143 45.92 -26.19 40.57
CA ASN C 143 47.36 -26.30 40.80
C ASN C 143 47.97 -27.46 40.02
N ASP C 144 49.03 -27.18 39.28
CA ASP C 144 49.92 -28.19 38.71
C ASP C 144 49.18 -29.14 37.76
N PHE C 145 48.73 -28.58 36.65
CA PHE C 145 48.13 -29.39 35.60
C PHE C 145 49.17 -30.32 35.00
N THR C 146 48.87 -31.63 35.03
CA THR C 146 49.65 -32.59 34.27
C THR C 146 49.15 -32.74 32.85
N ASN C 147 47.85 -32.49 32.64
CA ASN C 147 47.21 -32.60 31.35
C ASN C 147 46.51 -31.27 31.07
N TYR C 148 46.96 -30.54 30.06
CA TYR C 148 46.37 -29.25 29.76
C TYR C 148 46.42 -29.00 28.26
N LEU C 149 45.50 -28.17 27.78
CA LEU C 149 45.50 -27.68 26.41
C LEU C 149 45.52 -26.16 26.43
N TYR C 150 46.47 -25.56 25.71
CA TYR C 150 46.53 -24.11 25.60
C TYR C 150 46.04 -23.68 24.21
N THR C 151 45.03 -22.83 24.19
CA THR C 151 44.56 -22.18 22.97
C THR C 151 44.61 -20.67 23.16
N GLN C 152 44.80 -19.95 22.06
CA GLN C 152 44.82 -18.50 22.16
C GLN C 152 43.43 -17.94 22.44
N THR C 153 42.39 -18.57 21.91
CA THR C 153 41.02 -18.16 22.15
C THR C 153 40.17 -19.40 22.37
N MET C 154 39.41 -19.43 23.46
CA MET C 154 38.57 -20.58 23.75
C MET C 154 37.49 -20.72 22.67
N ASN C 155 37.42 -21.88 22.05
CA ASN C 155 36.46 -22.13 20.98
C ASN C 155 35.92 -23.54 21.10
N VAL C 156 35.05 -23.90 20.18
CA VAL C 156 34.42 -25.23 20.21
C VAL C 156 35.43 -26.30 19.83
N ALA C 157 36.34 -25.98 18.92
CA ALA C 157 37.36 -26.95 18.53
C ALA C 157 38.16 -27.42 19.73
N THR C 158 38.56 -26.49 20.60
CA THR C 158 39.40 -26.85 21.73
C THR C 158 38.62 -27.58 22.82
N ILE C 159 37.35 -27.24 23.01
CA ILE C 159 36.54 -27.95 23.98
C ILE C 159 36.30 -29.39 23.53
N ARG C 160 36.03 -29.57 22.23
CA ARG C 160 35.89 -30.91 21.68
C ARG C 160 37.20 -31.68 21.78
N LYS C 161 38.32 -31.04 21.45
CA LYS C 161 39.61 -31.70 21.56
C LYS C 161 39.91 -32.10 23.00
N ALA C 162 39.45 -31.30 23.96
CA ALA C 162 39.65 -31.67 25.36
C ALA C 162 38.78 -32.85 25.75
N ILE C 163 37.53 -32.89 25.28
CA ILE C 163 36.67 -34.03 25.57
C ILE C 163 37.26 -35.30 24.96
N PHE C 164 37.85 -35.16 23.77
CA PHE C 164 38.44 -36.29 23.08
C PHE C 164 39.74 -36.74 23.74
N HIS C 165 40.51 -35.80 24.29
CA HIS C 165 41.69 -36.18 25.06
C HIS C 165 41.30 -36.85 26.36
N ALA C 166 40.18 -36.44 26.95
CA ALA C 166 39.78 -37.02 28.23
C ALA C 166 39.26 -38.44 28.03
N ARG C 167 38.38 -38.64 27.05
CA ARG C 167 37.76 -39.95 26.90
C ARG C 167 38.78 -41.01 26.50
N ASN C 168 39.77 -40.65 25.69
CA ASN C 168 40.69 -41.63 25.14
C ASN C 168 42.08 -41.53 25.74
N GLY C 169 42.22 -40.86 26.88
CA GLY C 169 43.47 -40.85 27.61
C GLY C 169 44.62 -40.17 26.91
N LEU C 170 44.37 -39.13 26.15
CA LEU C 170 45.45 -38.44 25.46
C LEU C 170 45.96 -37.28 26.31
N LYS C 171 47.18 -36.84 25.98
CA LYS C 171 47.77 -35.69 26.61
C LYS C 171 47.96 -34.59 25.58
N GLY C 172 48.20 -33.38 26.08
CA GLY C 172 48.29 -32.21 25.22
C GLY C 172 49.25 -32.32 24.06
N ASP C 173 50.22 -33.23 24.16
CA ASP C 173 51.19 -33.48 23.10
C ASP C 173 50.97 -34.84 22.45
N ASN C 174 49.75 -35.37 22.53
CA ASN C 174 49.38 -36.70 22.05
C ASN C 174 50.09 -37.82 22.78
N SER C 175 50.82 -37.51 23.84
CA SER C 175 51.38 -38.54 24.71
C SER C 175 50.25 -39.33 25.36
N LYS C 176 50.55 -40.57 25.71
CA LYS C 176 49.49 -41.44 26.20
C LYS C 176 49.30 -41.26 27.70
N ALA C 177 48.12 -41.67 28.17
CA ALA C 177 47.73 -41.58 29.56
C ALA C 177 46.60 -42.58 29.79
N PHE C 178 45.96 -42.44 30.82
CA PHE C 178 44.78 -43.26 31.01
C PHE C 178 43.52 -42.47 30.68
N PRO C 179 42.43 -43.13 30.31
CA PRO C 179 41.18 -42.41 30.02
C PRO C 179 40.47 -41.94 31.28
N ILE C 180 39.98 -40.71 31.23
CA ILE C 180 39.37 -40.05 32.38
C ILE C 180 37.93 -40.51 32.54
N LYS C 181 37.60 -41.01 33.72
CA LYS C 181 36.24 -41.42 33.97
C LYS C 181 35.32 -40.21 33.97
N PRO C 182 34.19 -40.26 33.27
CA PRO C 182 33.35 -39.07 33.13
C PRO C 182 32.32 -38.96 34.25
N ILE C 183 31.73 -37.77 34.36
CA ILE C 183 30.64 -37.58 35.32
C ILE C 183 29.52 -38.55 35.03
N ARG C 184 29.23 -38.79 33.75
CA ARG C 184 28.20 -39.74 33.39
C ARG C 184 28.60 -40.48 32.12
N ALA C 185 28.20 -41.73 32.01
CA ALA C 185 28.48 -42.54 30.83
C ALA C 185 27.27 -43.43 30.56
N THR C 186 26.71 -43.31 29.36
CA THR C 186 25.55 -44.09 28.96
C THR C 186 25.84 -44.82 27.66
N MET C 187 24.98 -45.78 27.32
CA MET C 187 25.04 -46.44 26.03
C MET C 187 23.95 -45.89 25.13
N GLN C 188 24.30 -45.57 23.89
CA GLN C 188 23.39 -44.91 22.96
C GLN C 188 23.50 -45.54 21.58
N SER C 189 22.37 -45.70 20.91
CA SER C 189 22.30 -46.40 19.64
C SER C 189 22.52 -45.41 18.49
N VAL C 190 23.68 -45.50 17.85
CA VAL C 190 23.99 -44.69 16.68
C VAL C 190 23.74 -45.57 15.47
N GLY C 191 22.49 -45.55 14.98
CA GLY C 191 22.14 -46.25 13.77
C GLY C 191 22.60 -47.70 13.73
N ASN C 192 21.99 -48.55 14.55
CA ASN C 192 22.21 -49.99 14.64
C ASN C 192 23.44 -50.37 15.46
N VAL C 193 24.21 -49.40 15.95
CA VAL C 193 25.44 -49.68 16.68
C VAL C 193 25.38 -48.96 18.02
N MET C 194 25.56 -49.70 19.11
CA MET C 194 25.60 -49.11 20.44
C MET C 194 27.01 -48.60 20.72
N VAL C 195 27.12 -47.29 21.00
CA VAL C 195 28.38 -46.71 21.43
C VAL C 195 28.20 -46.19 22.85
N GLN C 196 29.31 -45.82 23.46
CA GLN C 196 29.30 -45.23 24.80
C GLN C 196 29.44 -43.74 24.68
N ASN C 197 28.63 -43.01 25.43
CA ASN C 197 28.60 -41.56 25.43
C ASN C 197 28.99 -41.06 26.82
N THR C 198 29.84 -40.05 26.85
CA THR C 198 30.46 -39.58 28.09
C THR C 198 30.16 -38.10 28.28
N SER C 199 29.68 -37.74 29.46
CA SER C 199 29.45 -36.36 29.83
C SER C 199 30.42 -36.00 30.96
N TYR C 200 31.34 -35.09 30.66
CA TYR C 200 32.24 -34.45 31.60
C TYR C 200 31.63 -33.13 32.04
N ILE C 201 32.38 -32.35 32.83
CA ILE C 201 32.00 -31.00 33.20
C ILE C 201 33.11 -30.07 32.77
N ILE C 202 32.74 -28.90 32.25
CA ILE C 202 33.70 -27.91 31.79
C ILE C 202 33.43 -26.60 32.52
N LEU C 203 34.46 -26.08 33.19
CA LEU C 203 34.36 -24.88 34.02
C LEU C 203 35.33 -23.86 33.44
N LEU C 204 34.81 -22.80 32.85
CA LEU C 204 35.63 -21.77 32.23
C LEU C 204 35.59 -20.48 33.03
N ASP C 205 36.60 -19.66 32.82
CA ASP C 205 36.58 -18.30 33.32
C ASP C 205 35.47 -17.52 32.60
N SER C 206 35.24 -16.28 33.05
CA SER C 206 34.25 -15.46 32.38
C SER C 206 34.77 -14.95 31.04
N TYR C 207 36.08 -14.65 30.97
CA TYR C 207 36.65 -14.24 29.71
C TYR C 207 36.72 -15.39 28.71
N GLN C 208 36.95 -16.61 29.19
CA GLN C 208 36.89 -17.77 28.32
C GLN C 208 35.48 -17.99 27.81
N ALA C 209 34.48 -17.77 28.65
CA ALA C 209 33.09 -17.93 28.21
C ALA C 209 32.72 -16.86 27.20
N ASN C 210 33.26 -15.66 27.34
CA ASN C 210 33.05 -14.64 26.31
C ASN C 210 33.71 -15.04 25.00
N GLN C 211 34.95 -15.53 25.06
CA GLN C 211 35.65 -15.98 23.86
C GLN C 211 34.87 -17.10 23.17
N LEU C 212 34.30 -18.00 23.95
CA LEU C 212 33.52 -19.08 23.35
C LEU C 212 32.24 -18.55 22.72
N LYS C 213 31.58 -17.60 23.37
CA LYS C 213 30.37 -17.04 22.79
C LYS C 213 30.63 -16.29 21.50
N ALA C 214 31.84 -15.75 21.32
CA ALA C 214 32.19 -15.02 20.13
C ALA C 214 32.80 -15.91 19.05
N ASP C 215 32.82 -17.22 19.27
CA ASP C 215 33.30 -18.16 18.27
C ASP C 215 32.20 -18.48 17.27
N SER C 216 32.54 -18.47 15.98
CA SER C 216 31.54 -18.64 14.95
C SER C 216 30.98 -20.05 14.93
N GLU C 217 31.84 -21.04 15.20
CA GLU C 217 31.37 -22.41 15.35
C GLU C 217 30.34 -22.51 16.47
N PHE C 218 30.52 -21.72 17.53
CA PHE C 218 29.58 -21.78 18.64
C PHE C 218 28.25 -21.17 18.27
N LYS C 219 28.26 -20.10 17.49
CA LYS C 219 27.00 -19.52 17.02
C LYS C 219 26.28 -20.48 16.09
N GLU C 220 27.03 -21.13 15.19
CA GLU C 220 26.43 -22.16 14.33
C GLU C 220 25.79 -23.25 15.17
N LEU C 221 26.50 -23.72 16.18
CA LEU C 221 25.98 -24.77 17.05
C LEU C 221 24.74 -24.30 17.80
N ARG C 222 24.71 -23.04 18.23
CA ARG C 222 23.54 -22.52 18.94
C ARG C 222 22.33 -22.48 18.02
N LYS C 223 22.53 -22.09 16.76
CA LYS C 223 21.44 -22.10 15.81
C LYS C 223 20.93 -23.52 15.58
N LEU C 224 21.86 -24.47 15.45
CA LEU C 224 21.46 -25.88 15.26
C LEU C 224 20.67 -26.38 16.45
N TYR C 225 21.10 -26.06 17.66
CA TYR C 225 20.38 -26.50 18.85
C TYR C 225 19.01 -25.84 18.92
N ALA C 226 18.94 -24.55 18.62
CA ALA C 226 17.66 -23.84 18.66
C ALA C 226 16.65 -24.48 17.72
N PHE C 227 17.08 -24.79 16.49
CA PHE C 227 16.16 -25.46 15.58
C PHE C 227 15.80 -26.84 16.08
N ALA C 228 16.79 -27.64 16.48
CA ALA C 228 16.54 -29.02 16.86
C ALA C 228 15.65 -29.12 18.10
N GLY C 229 15.36 -28.02 18.77
CA GLY C 229 14.50 -28.05 19.94
C GLY C 229 15.18 -28.45 21.22
N GLU C 230 16.45 -28.14 21.37
CA GLU C 230 17.26 -28.59 22.49
C GLU C 230 18.02 -27.41 23.09
N ASP C 231 18.63 -27.65 24.24
CA ASP C 231 19.16 -26.59 25.09
C ASP C 231 18.08 -25.56 25.38
N LYS C 232 17.05 -26.01 26.09
CA LYS C 232 15.87 -25.20 26.35
C LYS C 232 16.19 -24.07 27.31
N GLY C 233 16.48 -22.89 26.76
CA GLY C 233 16.67 -21.71 27.57
C GLY C 233 18.10 -21.19 27.61
N MET C 234 19.08 -21.97 27.16
CA MET C 234 20.47 -21.54 27.28
C MET C 234 20.68 -20.20 26.60
N LEU C 235 20.49 -20.16 25.28
CA LEU C 235 20.21 -18.89 24.64
C LEU C 235 18.88 -18.38 25.18
N TYR C 236 18.74 -17.07 25.25
CA TYR C 236 17.64 -16.35 25.88
C TYR C 236 17.82 -16.31 27.39
N SER C 237 18.78 -17.04 27.95
CA SER C 237 19.20 -16.85 29.32
C SER C 237 20.66 -16.47 29.42
N GLY C 238 21.34 -16.28 28.29
CA GLY C 238 22.73 -15.90 28.29
C GLY C 238 23.71 -17.00 28.62
N LEU C 239 23.23 -18.20 28.95
CA LEU C 239 24.11 -19.29 29.33
C LEU C 239 24.84 -19.84 28.12
N LEU C 240 25.68 -20.84 28.36
CA LEU C 240 26.48 -21.48 27.32
C LEU C 240 25.89 -22.80 26.85
N GLY C 241 25.40 -23.63 27.78
CA GLY C 241 24.72 -24.85 27.40
C GLY C 241 25.58 -26.10 27.44
N VAL C 242 25.40 -26.97 26.45
CA VAL C 242 26.05 -28.26 26.42
C VAL C 242 26.78 -28.41 25.09
N ILE C 243 28.07 -28.76 25.13
CA ILE C 243 28.86 -29.04 23.90
C ILE C 243 29.37 -30.48 24.00
N ASP C 244 29.11 -31.32 23.00
CA ASP C 244 29.56 -32.74 22.99
C ASP C 244 29.14 -33.41 24.30
N ASN C 245 27.85 -33.27 24.67
CA ASN C 245 27.29 -33.92 25.86
C ASN C 245 27.84 -33.35 27.17
N CYS C 246 28.69 -32.33 27.13
CA CYS C 246 29.33 -31.82 28.34
C CYS C 246 28.82 -30.43 28.65
N PRO C 247 28.24 -30.19 29.82
CA PRO C 247 27.78 -28.83 30.16
C PRO C 247 28.94 -27.88 30.36
N VAL C 248 28.97 -26.81 29.56
CA VAL C 248 29.96 -25.75 29.71
C VAL C 248 29.42 -24.73 30.69
N ILE C 249 30.24 -24.37 31.68
CA ILE C 249 29.81 -23.57 32.81
C ILE C 249 30.70 -22.34 32.91
N ASP C 250 30.09 -21.17 32.99
CA ASP C 250 30.81 -19.96 33.37
C ASP C 250 30.98 -19.96 34.87
N ALA C 251 32.21 -20.05 35.34
CA ALA C 251 32.48 -20.19 36.76
C ALA C 251 32.95 -18.89 37.40
N GLY C 252 33.01 -17.80 36.64
CA GLY C 252 33.39 -16.53 37.20
C GLY C 252 34.89 -16.34 37.22
N VAL C 253 35.30 -15.17 37.71
CA VAL C 253 36.71 -14.82 37.83
C VAL C 253 37.08 -14.79 39.30
N TRP C 254 38.35 -15.11 39.56
CA TRP C 254 38.91 -15.03 40.90
C TRP C 254 39.17 -13.57 41.27
N ASN C 255 38.55 -13.12 42.36
CA ASN C 255 38.88 -11.81 42.90
C ASN C 255 39.08 -11.90 44.41
N LYS C 256 39.19 -10.75 45.08
CA LYS C 256 39.32 -10.74 46.53
C LYS C 256 38.06 -11.27 47.20
N PHE C 257 36.92 -11.18 46.54
CA PHE C 257 35.64 -11.38 47.19
C PHE C 257 34.97 -12.69 46.83
N ASN C 258 34.77 -12.98 45.55
CA ASN C 258 34.11 -14.19 45.13
C ASN C 258 35.10 -15.15 44.50
N VAL C 259 34.70 -16.40 44.41
CA VAL C 259 35.49 -17.44 43.79
C VAL C 259 35.12 -17.51 42.31
N GLY C 260 36.12 -17.64 41.47
CA GLY C 260 35.88 -17.89 40.07
C GLY C 260 36.90 -18.88 39.57
N MET C 261 37.19 -18.83 38.28
CA MET C 261 38.32 -19.58 37.79
C MET C 261 39.58 -18.72 37.88
N PRO C 262 40.72 -19.30 38.23
CA PRO C 262 41.93 -18.51 38.40
C PRO C 262 42.37 -17.87 37.09
N ASN C 263 43.38 -17.02 37.21
CA ASN C 263 44.01 -16.41 36.05
C ASN C 263 45.40 -15.95 36.48
N SER C 264 46.20 -15.56 35.50
CA SER C 264 47.59 -15.26 35.77
C SER C 264 47.80 -13.97 36.53
N SER C 265 46.76 -13.15 36.68
CA SER C 265 46.93 -11.85 37.39
C SER C 265 47.00 -12.08 38.90
N ILE C 266 46.67 -13.29 39.35
CA ILE C 266 46.71 -13.64 40.81
C ILE C 266 48.18 -13.79 41.21
N SER C 267 48.53 -13.37 42.44
CA SER C 267 49.94 -13.47 42.93
C SER C 267 50.20 -14.90 43.42
N ASP C 268 51.48 -15.26 43.57
CA ASP C 268 51.84 -16.59 44.04
C ASP C 268 51.37 -16.82 45.47
N SER C 269 51.55 -15.84 46.35
CA SER C 269 51.16 -16.02 47.74
C SER C 269 49.64 -16.09 47.86
N ASP C 270 48.93 -15.24 47.12
CA ASP C 270 47.47 -15.25 47.12
C ASP C 270 46.93 -16.61 46.72
N PHE C 271 47.57 -17.27 45.75
CA PHE C 271 47.13 -18.60 45.34
C PHE C 271 47.54 -19.64 46.37
N MET C 272 48.84 -19.70 46.69
CA MET C 272 49.35 -20.72 47.59
C MET C 272 48.63 -20.76 48.92
N ARG C 273 48.14 -19.62 49.39
CA ARG C 273 47.49 -19.70 50.70
C ARG C 273 46.15 -20.39 50.65
N TYR C 274 45.75 -21.00 49.54
CA TYR C 274 44.57 -21.84 49.49
C TYR C 274 44.92 -23.29 49.25
N LEU C 275 46.21 -23.62 49.23
CA LEU C 275 46.69 -24.96 48.95
C LEU C 275 47.16 -25.60 50.24
N ASN C 276 46.50 -26.71 50.61
CA ASN C 276 46.96 -27.55 51.70
C ASN C 276 48.31 -28.14 51.33
N LYS C 277 49.38 -27.67 51.96
CA LYS C 277 50.72 -28.07 51.55
C LYS C 277 51.03 -29.52 51.89
N ALA C 278 50.33 -30.09 52.86
CA ALA C 278 50.50 -31.50 53.16
C ALA C 278 49.90 -32.38 52.08
N ASN C 279 48.98 -31.84 51.29
CA ASN C 279 48.21 -32.62 50.34
C ASN C 279 48.78 -32.62 48.94
N VAL C 280 49.65 -31.67 48.61
CA VAL C 280 50.19 -31.56 47.27
C VAL C 280 51.64 -32.02 47.26
N SER C 281 52.09 -32.45 46.09
CA SER C 281 53.47 -32.85 45.86
C SER C 281 54.29 -31.75 45.21
N SER C 282 53.68 -30.99 44.30
CA SER C 282 54.31 -29.85 43.67
C SER C 282 53.32 -28.71 43.62
N ILE C 283 53.84 -27.51 43.38
CA ILE C 283 53.02 -26.30 43.36
C ILE C 283 53.38 -25.52 42.12
N VAL C 284 52.39 -25.26 41.26
CA VAL C 284 52.55 -24.44 40.08
C VAL C 284 51.40 -23.46 40.08
N THR C 285 51.67 -22.23 40.50
CA THR C 285 50.66 -21.19 40.50
C THR C 285 50.44 -20.68 39.09
N PRO C 286 49.27 -20.08 38.83
CA PRO C 286 49.02 -19.54 37.48
C PRO C 286 50.13 -18.68 36.92
N ARG C 287 50.89 -17.98 37.75
CA ARG C 287 51.98 -17.16 37.24
C ARG C 287 53.14 -18.02 36.75
N GLN C 288 53.53 -19.02 37.55
CA GLN C 288 54.57 -19.93 37.10
C GLN C 288 54.11 -20.76 35.93
N PHE C 289 52.82 -21.09 35.88
CA PHE C 289 52.28 -21.80 34.73
C PHE C 289 52.33 -20.95 33.48
N LYS C 290 52.02 -19.66 33.59
CA LYS C 290 52.16 -18.77 32.45
C LYS C 290 53.61 -18.67 32.01
N GLU C 291 54.54 -18.62 32.95
CA GLU C 291 55.94 -18.54 32.55
C GLU C 291 56.42 -19.82 31.90
N LYS C 292 55.90 -20.97 32.33
CA LYS C 292 56.30 -22.22 31.72
C LYS C 292 55.64 -22.44 30.36
N LEU C 293 54.49 -21.83 30.12
CA LEU C 293 53.95 -21.80 28.77
C LEU C 293 54.77 -20.89 27.87
N ASN C 294 55.25 -19.77 28.39
CA ASN C 294 56.04 -18.83 27.60
C ASN C 294 57.42 -19.36 27.27
N GLN C 295 57.79 -20.53 27.76
CA GLN C 295 59.10 -21.13 27.51
C GLN C 295 60.22 -20.21 27.95
N ASN C 305 53.76 -12.57 26.24
CA ASN C 305 53.66 -11.82 27.48
C ASN C 305 52.23 -11.31 27.69
N LYS C 306 51.33 -12.21 28.04
CA LYS C 306 49.91 -11.90 28.17
C LYS C 306 49.30 -12.80 29.23
N GLU C 307 48.46 -12.22 30.08
CA GLU C 307 47.83 -12.99 31.14
C GLU C 307 46.97 -14.10 30.57
N ILE C 308 46.79 -15.15 31.35
CA ILE C 308 46.09 -16.35 30.92
C ILE C 308 44.92 -16.63 31.86
N SER C 309 43.80 -17.05 31.28
CA SER C 309 42.69 -17.60 32.03
C SER C 309 42.78 -19.13 32.01
N ILE C 310 42.27 -19.73 33.08
CA ILE C 310 42.45 -21.14 33.34
C ILE C 310 41.09 -21.74 33.68
N GLY C 311 40.59 -22.62 32.82
CA GLY C 311 39.44 -23.43 33.09
C GLY C 311 39.85 -24.89 33.20
N CYS C 312 38.84 -25.73 33.36
CA CYS C 312 39.08 -27.13 33.66
C CYS C 312 37.99 -28.00 33.05
N LEU C 313 38.41 -29.07 32.37
CA LEU C 313 37.56 -30.23 32.20
C LEU C 313 37.76 -31.11 33.44
N ILE C 314 36.66 -31.53 34.05
CA ILE C 314 36.71 -32.41 35.20
C ILE C 314 35.78 -33.60 34.95
N GLY C 315 36.26 -34.78 35.32
CA GLY C 315 35.45 -35.97 35.39
C GLY C 315 35.00 -36.27 36.80
N ALA C 316 34.70 -37.54 37.05
CA ALA C 316 34.21 -37.95 38.35
C ALA C 316 35.37 -37.99 39.34
N SER C 317 35.13 -37.45 40.54
CA SER C 317 36.12 -37.38 41.60
C SER C 317 37.41 -36.72 41.12
N ALA C 318 37.29 -35.45 40.75
CA ALA C 318 38.47 -34.70 40.33
C ALA C 318 39.20 -34.12 41.53
N VAL C 319 38.45 -33.61 42.51
CA VAL C 319 39.03 -33.24 43.79
C VAL C 319 38.26 -33.98 44.88
N LEU C 320 38.97 -34.29 45.95
CA LEU C 320 38.44 -35.07 47.06
C LEU C 320 38.40 -34.19 48.30
N LEU C 321 37.25 -34.19 48.96
CA LEU C 321 37.02 -33.52 50.22
C LEU C 321 36.89 -34.56 51.31
N ALA C 322 37.80 -34.51 52.27
CA ALA C 322 37.80 -35.41 53.41
C ALA C 322 37.47 -34.65 54.69
N GLY C 323 36.73 -35.33 55.57
CA GLY C 323 36.42 -34.80 56.86
C GLY C 323 35.01 -34.27 56.98
N SER C 324 34.87 -32.97 57.18
CA SER C 324 33.56 -32.36 57.37
C SER C 324 33.64 -30.90 56.97
N LYS C 325 32.81 -30.50 56.01
CA LYS C 325 32.69 -29.07 55.72
C LYS C 325 31.64 -28.43 56.61
N GLU C 326 31.76 -28.70 57.90
CA GLU C 326 30.93 -28.11 58.93
C GLU C 326 31.74 -27.04 59.66
N THR C 327 31.14 -25.88 59.81
CA THR C 327 31.83 -24.73 60.38
C THR C 327 31.31 -24.47 61.79
N ARG C 328 32.23 -24.11 62.68
CA ARG C 328 31.87 -23.74 64.03
C ARG C 328 31.94 -22.24 64.18
N PHE C 329 30.98 -21.68 64.91
CA PHE C 329 30.95 -20.26 65.22
C PHE C 329 31.30 -20.08 66.70
N TYR C 330 32.27 -19.22 66.96
CA TYR C 330 32.76 -18.93 68.31
C TYR C 330 32.40 -17.49 68.63
N ILE C 331 31.43 -17.30 69.50
CA ILE C 331 30.94 -15.98 69.87
C ILE C 331 31.45 -15.65 71.26
N ASP C 332 32.28 -14.61 71.37
CA ASP C 332 32.86 -14.19 72.63
C ASP C 332 32.31 -12.81 72.95
N GLU C 333 31.45 -12.74 73.97
CA GLU C 333 30.86 -11.47 74.41
C GLU C 333 31.57 -10.92 75.63
N THR C 334 32.88 -11.14 75.73
CA THR C 334 33.63 -10.80 76.94
C THR C 334 34.95 -10.10 76.60
N VAL C 335 35.09 -9.56 75.41
CA VAL C 335 36.28 -8.80 75.07
C VAL C 335 36.20 -7.43 75.72
N ASP C 336 37.35 -6.91 76.14
CA ASP C 336 37.44 -5.60 76.79
C ASP C 336 36.47 -5.50 77.97
N ALA C 337 36.57 -6.49 78.86
CA ALA C 337 35.75 -6.64 80.06
C ALA C 337 34.28 -6.85 79.75
N GLY C 338 33.89 -6.89 78.48
CA GLY C 338 32.50 -7.06 78.09
C GLY C 338 31.95 -5.97 77.20
N ARG C 339 32.73 -4.93 76.88
CA ARG C 339 32.24 -3.90 75.96
C ARG C 339 32.15 -4.46 74.55
N LYS C 340 33.25 -4.98 74.02
CA LYS C 340 33.33 -5.45 72.66
C LYS C 340 33.07 -6.96 72.59
N SER C 341 32.56 -7.38 71.44
CA SER C 341 32.36 -8.79 71.14
C SER C 341 33.34 -9.22 70.06
N LEU C 342 33.36 -10.52 69.82
CA LEU C 342 34.27 -11.12 68.85
C LEU C 342 33.59 -12.36 68.29
N VAL C 343 33.22 -12.31 67.02
CA VAL C 343 32.59 -13.44 66.35
C VAL C 343 33.62 -14.05 65.44
N GLY C 344 33.93 -15.33 65.65
CA GLY C 344 34.82 -16.04 64.77
C GLY C 344 34.14 -17.24 64.16
N VAL C 345 34.64 -17.71 63.02
CA VAL C 345 34.16 -18.92 62.39
C VAL C 345 35.37 -19.74 61.97
N ASP C 346 35.33 -21.02 62.27
CA ASP C 346 36.45 -21.93 62.03
C ASP C 346 35.96 -23.14 61.27
N CYS C 347 36.86 -23.73 60.48
CA CYS C 347 36.56 -24.89 59.68
C CYS C 347 37.78 -25.80 59.62
N LEU C 348 37.51 -27.10 59.56
CA LEU C 348 38.53 -28.13 59.39
C LEU C 348 38.10 -29.00 58.21
N LEU C 349 38.87 -28.94 57.12
CA LEU C 349 38.51 -29.63 55.89
C LEU C 349 39.78 -30.05 55.17
N GLY C 350 39.75 -31.23 54.54
CA GLY C 350 40.87 -31.64 53.74
C GLY C 350 40.54 -31.64 52.27
N VAL C 351 41.21 -30.82 51.48
CA VAL C 351 40.93 -30.69 50.06
C VAL C 351 42.16 -31.14 49.29
N SER C 352 41.96 -32.03 48.32
CA SER C 352 43.09 -32.38 47.47
C SER C 352 42.60 -32.81 46.09
N LYS C 353 43.20 -32.25 45.05
CA LYS C 353 42.97 -32.79 43.72
C LYS C 353 43.35 -34.27 43.70
N ALA C 354 42.46 -35.09 43.14
CA ALA C 354 42.69 -36.53 43.11
C ALA C 354 43.90 -36.87 42.28
N ARG C 355 44.86 -37.54 42.90
CA ARG C 355 46.13 -37.85 42.25
C ARG C 355 46.75 -39.01 43.05
N TYR C 356 46.70 -40.20 42.50
CA TYR C 356 46.99 -41.41 43.27
C TYR C 356 48.39 -41.90 42.97
N GLN C 357 49.18 -42.09 44.02
CA GLN C 357 50.52 -42.63 43.89
C GLN C 357 50.51 -44.12 44.21
N SER C 358 51.45 -44.85 43.61
CA SER C 358 51.49 -46.29 43.76
C SER C 358 51.91 -46.69 45.16
N THR C 359 51.15 -47.59 45.78
CA THR C 359 51.47 -48.06 47.12
C THR C 359 52.68 -48.98 47.13
N ASP C 360 53.36 -49.18 46.00
CA ASP C 360 54.42 -50.16 45.90
C ASP C 360 55.69 -49.64 45.23
N GLY C 361 55.63 -48.52 44.52
CA GLY C 361 56.75 -48.06 43.72
C GLY C 361 56.67 -48.46 42.26
N VAL C 362 55.71 -49.30 41.89
CA VAL C 362 55.54 -49.69 40.50
C VAL C 362 55.05 -48.50 39.69
N VAL C 363 55.86 -48.07 38.72
CA VAL C 363 55.46 -46.97 37.87
C VAL C 363 54.29 -47.40 36.99
N THR C 364 53.25 -46.59 36.98
CA THR C 364 52.03 -46.83 36.23
C THR C 364 51.64 -45.52 35.57
N PRO C 365 50.92 -45.56 34.46
CA PRO C 365 50.40 -44.32 33.88
C PRO C 365 49.49 -43.51 34.79
N TYR C 366 49.20 -44.01 35.98
CA TYR C 366 48.33 -43.31 36.92
C TYR C 366 49.08 -42.55 38.01
N ASP C 367 50.38 -42.81 38.18
CA ASP C 367 51.01 -42.56 39.48
C ASP C 367 51.04 -41.07 39.84
N ASN C 368 51.61 -40.23 39.00
CA ASN C 368 51.71 -38.82 39.32
C ASN C 368 50.91 -37.98 38.34
N GLN C 369 49.71 -38.44 38.03
CA GLN C 369 48.87 -37.80 37.04
C GLN C 369 47.54 -37.42 37.66
N ASP C 370 47.03 -36.25 37.29
CA ASP C 370 45.70 -35.85 37.70
C ASP C 370 44.70 -36.88 37.20
N TYR C 371 43.90 -37.41 38.13
CA TYR C 371 42.97 -38.48 37.81
C TYR C 371 41.93 -38.02 36.79
N ALA C 372 41.28 -36.89 37.05
CA ALA C 372 40.12 -36.49 36.25
C ALA C 372 40.12 -34.99 35.97
N VAL C 373 41.24 -34.43 35.55
CA VAL C 373 41.33 -32.99 35.29
C VAL C 373 42.19 -32.74 34.06
N ILE C 374 41.66 -31.97 33.12
CA ILE C 374 42.44 -31.35 32.05
C ILE C 374 42.32 -29.84 32.19
N GLY C 375 43.42 -29.13 31.97
CA GLY C 375 43.44 -27.69 32.07
C GLY C 375 43.23 -27.03 30.72
N LEU C 376 42.26 -26.13 30.66
CA LEU C 376 41.93 -25.37 29.47
C LEU C 376 42.45 -23.96 29.63
N VAL C 377 43.58 -23.65 29.01
CA VAL C 377 44.26 -22.39 29.20
C VAL C 377 44.08 -21.54 27.96
N SER C 378 43.66 -20.29 28.15
CA SER C 378 43.51 -19.37 27.03
C SER C 378 44.08 -18.02 27.40
N ASP C 379 44.30 -17.18 26.39
CA ASP C 379 44.78 -15.83 26.62
C ASP C 379 43.66 -14.96 27.18
N MET C 380 43.96 -14.24 28.26
CA MET C 380 42.97 -13.38 28.89
C MET C 380 43.06 -11.95 28.37
N LYS D 4 -22.79 46.26 -8.06
CA LYS D 4 -22.55 45.11 -7.21
C LYS D 4 -23.85 44.54 -6.66
N LEU D 5 -24.63 43.86 -7.50
CA LEU D 5 -25.87 43.26 -7.02
C LEU D 5 -25.86 41.75 -7.08
N ASN D 6 -25.77 41.14 -8.25
CA ASN D 6 -25.74 39.69 -8.33
C ASN D 6 -24.36 39.15 -8.66
N ASN D 7 -23.39 39.35 -7.80
CA ASN D 7 -22.07 38.81 -8.06
C ASN D 7 -21.92 37.46 -7.36
N ILE D 8 -20.81 36.79 -7.62
CA ILE D 8 -20.54 35.50 -7.01
C ILE D 8 -20.11 35.74 -5.57
N ASN D 9 -20.90 35.26 -4.62
CA ASN D 9 -20.46 35.27 -3.23
C ASN D 9 -19.81 33.93 -2.93
N PHE D 10 -18.53 33.98 -2.56
CA PHE D 10 -17.80 32.78 -2.19
C PHE D 10 -17.94 32.49 -0.70
N ASN D 11 -19.18 32.49 -0.23
CA ASN D 11 -19.47 32.34 1.19
C ASN D 11 -19.90 30.91 1.45
N ASN D 12 -18.98 30.11 1.96
CA ASN D 12 -19.26 28.74 2.33
C ASN D 12 -20.31 28.70 3.45
N ILE D 13 -20.83 27.51 3.70
CA ILE D 13 -21.97 27.31 4.58
C ILE D 13 -21.73 27.86 5.99
N SER D 14 -20.48 28.22 6.32
CA SER D 14 -20.21 28.82 7.62
C SER D 14 -20.84 30.20 7.75
N ASN D 15 -21.23 30.83 6.65
CA ASN D 15 -21.84 32.15 6.65
C ASN D 15 -23.34 32.07 6.43
N ASN D 16 -23.99 31.06 6.97
CA ASN D 16 -25.43 30.85 6.81
C ASN D 16 -26.07 31.10 8.16
N LEU D 17 -26.85 32.17 8.25
CA LEU D 17 -27.41 32.63 9.52
C LEU D 17 -28.62 31.83 9.96
N ASN D 18 -28.87 30.67 9.36
CA ASN D 18 -29.92 29.79 9.82
C ASN D 18 -29.40 28.64 10.65
N LEU D 19 -28.09 28.46 10.70
CA LEU D 19 -27.47 27.35 11.38
C LEU D 19 -26.99 27.78 12.75
N GLY D 20 -27.33 26.99 13.76
CA GLY D 20 -26.78 27.16 15.09
C GLY D 20 -25.73 26.09 15.35
N ILE D 21 -24.56 26.52 15.82
CA ILE D 21 -23.48 25.59 16.09
C ILE D 21 -23.83 24.74 17.30
N GLU D 22 -23.36 23.50 17.30
CA GLU D 22 -23.51 22.58 18.42
C GLU D 22 -22.11 22.20 18.92
N VAL D 23 -21.92 22.29 20.23
CA VAL D 23 -20.61 22.09 20.83
C VAL D 23 -20.55 20.67 21.38
N GLY D 24 -19.39 20.04 21.25
CA GLY D 24 -19.27 18.63 21.60
C GLY D 24 -19.62 18.39 23.06
N ARG D 25 -20.32 17.27 23.29
CA ARG D 25 -20.86 16.98 24.62
C ARG D 25 -19.76 16.72 25.64
N GLU D 26 -18.56 16.32 25.20
CA GLU D 26 -17.47 16.04 26.12
C GLU D 26 -16.18 16.61 25.57
N ILE D 27 -15.37 17.18 26.46
CA ILE D 27 -14.01 17.60 26.11
C ILE D 27 -13.11 16.40 26.28
N GLN D 28 -12.58 15.89 25.16
CA GLN D 28 -11.76 14.69 25.23
C GLN D 28 -10.31 15.06 25.49
N ASN D 29 -9.64 14.23 26.29
CA ASN D 29 -8.31 14.55 26.80
C ASN D 29 -7.26 14.13 25.80
N ALA D 30 -6.30 15.01 25.55
CA ALA D 30 -5.22 14.78 24.60
C ALA D 30 -4.03 14.05 25.21
N SER D 31 -4.25 13.32 26.30
CA SER D 31 -3.19 12.64 27.01
C SER D 31 -3.53 11.16 27.13
N TRP D 32 -2.63 10.31 26.69
CA TRP D 32 -2.88 8.87 26.68
C TRP D 32 -1.71 8.02 27.14
N ILE D 33 -0.50 8.55 27.24
CA ILE D 33 0.69 7.71 27.36
C ILE D 33 0.89 7.25 28.79
N LYS D 34 1.24 5.98 28.92
CA LYS D 34 1.73 5.40 30.15
C LYS D 34 3.21 5.07 29.98
N SER D 35 3.98 5.20 31.05
CA SER D 35 5.42 5.00 30.95
C SER D 35 5.82 3.72 31.66
N PRO D 36 6.97 3.12 31.30
CA PRO D 36 7.39 1.87 31.91
C PRO D 36 8.13 2.05 33.23
N PHE D 37 7.57 2.87 34.11
CA PHE D 37 8.17 3.15 35.41
C PHE D 37 7.26 2.86 36.58
N PHE D 38 5.95 2.82 36.38
CA PHE D 38 5.06 2.42 37.45
C PHE D 38 5.29 0.96 37.82
N SER D 39 5.80 0.17 36.89
CA SER D 39 6.02 -1.25 37.11
C SER D 39 7.37 -1.54 37.75
N ILE D 40 8.38 -0.71 37.48
CA ILE D 40 9.66 -0.87 38.17
C ILE D 40 9.52 -0.51 39.65
N THR D 41 8.76 0.54 39.95
CA THR D 41 8.70 1.09 41.29
C THR D 41 8.02 0.11 42.25
N GLY D 42 8.55 0.03 43.46
CA GLY D 42 7.97 -0.86 44.46
C GLY D 42 8.72 -0.73 45.76
N THR D 43 8.26 -1.50 46.74
CA THR D 43 8.86 -1.46 48.08
C THR D 43 9.87 -2.58 48.33
N GLY D 44 9.67 -3.75 47.73
CA GLY D 44 10.60 -4.84 47.94
C GLY D 44 12.01 -4.47 47.51
N ALA D 45 12.98 -5.09 48.16
CA ALA D 45 14.38 -4.72 47.94
C ALA D 45 14.89 -5.11 46.56
N ASP D 46 14.12 -5.88 45.80
CA ASP D 46 14.52 -6.30 44.46
C ASP D 46 14.15 -5.29 43.39
N ARG D 47 13.31 -4.31 43.70
CA ARG D 47 12.85 -3.34 42.71
C ARG D 47 14.01 -2.51 42.19
N GLY D 48 13.87 -2.07 40.94
CA GLY D 48 14.86 -1.18 40.37
C GLY D 48 14.73 0.24 40.86
N VAL D 49 13.50 0.66 41.17
CA VAL D 49 13.22 1.92 41.82
C VAL D 49 12.52 1.56 43.12
N ARG D 50 13.26 1.57 44.23
CA ARG D 50 12.73 1.08 45.49
C ARG D 50 12.15 2.23 46.31
N LEU D 51 10.91 2.06 46.75
CA LEU D 51 10.28 3.02 47.63
C LEU D 51 10.55 2.67 49.08
N PHE D 52 11.07 3.63 49.83
CA PHE D 52 11.27 3.48 51.27
C PHE D 52 10.12 4.14 52.01
N SER D 53 9.40 3.36 52.80
CA SER D 53 8.38 3.92 53.66
C SER D 53 9.05 4.69 54.80
N VAL D 54 8.74 5.99 54.91
CA VAL D 54 9.30 6.85 55.93
C VAL D 54 8.15 7.66 56.52
N ALA D 55 7.76 7.33 57.75
CA ALA D 55 6.55 7.90 58.33
C ALA D 55 6.65 9.42 58.46
N SER D 56 7.59 9.90 59.27
CA SER D 56 7.89 11.33 59.33
C SER D 56 8.89 11.63 58.23
N GLN D 57 8.51 12.49 57.29
CA GLN D 57 9.29 12.61 56.06
C GLN D 57 10.60 13.33 56.32
N GLN D 58 11.39 12.79 57.20
CA GLN D 58 12.70 13.34 57.47
C GLN D 58 13.71 12.78 56.48
N PRO D 59 14.79 13.51 56.23
CA PRO D 59 15.85 12.97 55.36
C PRO D 59 16.29 11.58 55.79
N PHE D 60 16.09 10.62 54.90
CA PHE D 60 16.30 9.21 55.19
C PHE D 60 17.76 8.84 54.97
N ARG D 61 18.18 7.74 55.60
CA ARG D 61 19.55 7.26 55.46
C ARG D 61 19.58 5.74 55.32
N PRO D 62 19.72 5.22 54.09
CA PRO D 62 19.96 3.79 53.91
C PRO D 62 21.44 3.42 53.97
N ARG D 63 21.68 2.16 54.35
CA ARG D 63 23.03 1.66 54.59
C ARG D 63 23.19 0.27 53.99
N ILE D 64 24.37 0.00 53.45
CA ILE D 64 24.72 -1.30 52.92
C ILE D 64 25.93 -1.86 53.65
N LYS D 65 26.04 -3.18 53.69
CA LYS D 65 27.15 -3.87 54.31
C LYS D 65 28.03 -4.47 53.22
N ALA D 66 29.30 -4.08 53.21
CA ALA D 66 30.23 -4.56 52.19
C ALA D 66 30.60 -6.02 52.48
N GLN D 67 31.58 -6.52 51.74
CA GLN D 67 31.94 -7.93 51.79
C GLN D 67 33.31 -8.09 52.44
N LEU D 68 33.46 -9.14 53.24
CA LEU D 68 34.73 -9.40 53.88
C LEU D 68 35.73 -9.90 52.85
N SER D 69 36.99 -9.49 53.02
CA SER D 69 38.02 -9.85 52.05
C SER D 69 39.35 -10.22 52.70
N GLY D 70 39.39 -10.39 54.01
CA GLY D 70 40.64 -10.67 54.68
C GLY D 70 40.97 -12.16 54.71
N SER D 71 42.26 -12.45 54.68
CA SER D 71 42.74 -13.79 54.96
C SER D 71 42.75 -13.97 56.48
N GLY D 72 42.12 -15.03 56.95
CA GLY D 72 41.94 -15.16 58.38
C GLY D 72 43.15 -15.76 59.07
N VAL D 73 42.94 -16.84 59.82
CA VAL D 73 44.00 -17.52 60.54
C VAL D 73 44.07 -18.96 60.05
N SER D 74 45.29 -19.50 59.99
CA SER D 74 45.51 -20.78 59.32
C SER D 74 45.51 -21.97 60.27
N GLY D 75 46.48 -22.04 61.16
CA GLY D 75 46.64 -23.27 61.92
C GLY D 75 45.84 -23.27 63.19
N ASN D 76 46.52 -23.36 64.33
CA ASN D 76 45.90 -22.99 65.59
C ASN D 76 46.22 -21.56 65.98
N THR D 77 46.81 -20.80 65.06
CA THR D 77 46.89 -19.36 65.17
C THR D 77 45.53 -18.81 65.56
N ASP D 78 45.51 -17.87 66.50
CA ASP D 78 44.20 -17.46 66.99
C ASP D 78 43.73 -16.18 66.30
N PHE D 79 42.44 -15.91 66.50
CA PHE D 79 41.73 -14.93 65.70
C PHE D 79 42.40 -13.56 65.75
N GLU D 80 42.93 -13.16 66.91
CA GLU D 80 43.51 -11.83 67.04
C GLU D 80 44.69 -11.60 66.09
N ALA D 81 45.30 -12.66 65.57
CA ALA D 81 46.43 -12.48 64.68
C ALA D 81 46.04 -11.76 63.41
N ASN D 82 44.80 -11.93 62.95
CA ASN D 82 44.32 -11.22 61.77
C ASN D 82 42.82 -10.99 61.96
N TYR D 83 42.46 -9.83 62.48
CA TYR D 83 41.07 -9.46 62.61
C TYR D 83 40.55 -8.98 61.26
N ASP D 84 39.26 -9.22 61.03
CA ASP D 84 38.61 -8.71 59.83
C ASP D 84 37.80 -7.47 60.16
N ASN D 85 37.47 -6.71 59.12
CA ASN D 85 36.85 -5.40 59.26
C ASN D 85 35.48 -5.41 58.60
N LEU D 86 34.43 -5.28 59.40
CA LEU D 86 33.06 -5.17 58.90
C LEU D 86 32.85 -3.74 58.43
N GLU D 87 32.94 -3.52 57.13
CA GLU D 87 32.83 -2.19 56.55
C GLU D 87 31.40 -1.93 56.10
N ILE D 88 30.88 -0.74 56.47
CA ILE D 88 29.47 -0.35 56.20
C ILE D 88 29.41 1.02 55.50
N LEU D 89 28.60 1.12 54.46
CA LEU D 89 28.45 2.32 53.65
C LEU D 89 27.05 2.87 53.78
N SER D 90 26.88 4.12 53.39
CA SER D 90 25.65 4.82 53.69
C SER D 90 25.37 5.87 52.62
N GLN D 91 24.10 6.24 52.53
CA GLN D 91 23.68 7.35 51.69
C GLN D 91 22.55 8.08 52.39
N THR D 92 22.44 9.38 52.14
CA THR D 92 21.36 10.18 52.72
C THR D 92 20.53 10.83 51.63
N ILE D 93 19.21 10.67 51.74
CA ILE D 93 18.26 11.12 50.74
C ILE D 93 17.40 12.22 51.38
N TYR D 94 17.48 13.39 50.83
CA TYR D 94 16.75 14.57 51.25
C TYR D 94 15.50 14.75 50.39
N PRO D 95 14.43 15.30 50.95
CA PRO D 95 13.22 15.53 50.16
C PRO D 95 13.29 16.84 49.38
N ASP D 96 12.27 17.04 48.55
CA ASP D 96 12.16 18.23 47.73
C ASP D 96 10.68 18.41 47.39
N ALA D 97 10.25 19.66 47.31
CA ALA D 97 8.85 19.98 47.11
C ALA D 97 8.65 20.67 45.77
N PHE D 98 7.61 20.25 45.05
CA PHE D 98 7.28 20.85 43.77
C PHE D 98 5.77 20.83 43.60
N GLY D 99 5.28 21.63 42.67
CA GLY D 99 3.85 21.67 42.45
C GLY D 99 3.50 22.58 41.30
N ASN D 100 2.22 22.54 40.95
CA ASN D 100 1.67 23.27 39.80
C ASN D 100 0.28 23.76 40.15
N SER D 101 -0.29 24.60 39.30
CA SER D 101 -1.58 25.19 39.63
C SER D 101 -2.27 25.72 38.39
N LEU D 102 -3.59 25.75 38.44
CA LEU D 102 -4.45 26.30 37.39
C LEU D 102 -5.46 27.25 38.02
N ARG D 103 -5.53 28.46 37.47
CA ARG D 103 -6.49 29.47 37.90
C ARG D 103 -7.59 29.61 36.86
N SER D 104 -8.84 29.54 37.31
CA SER D 104 -9.99 29.52 36.38
C SER D 104 -10.43 30.88 35.88
N LYS D 105 -11.54 30.88 35.12
CA LYS D 105 -12.12 32.14 34.63
C LYS D 105 -13.23 32.52 35.61
N ILE D 106 -14.10 33.45 35.23
CA ILE D 106 -15.26 33.79 36.11
C ILE D 106 -16.21 32.61 36.04
N LYS D 107 -16.95 32.36 37.10
CA LYS D 107 -17.81 31.19 37.18
C LYS D 107 -18.86 31.17 36.06
N ALA D 108 -19.38 32.34 35.69
CA ALA D 108 -20.40 32.35 34.65
C ALA D 108 -19.82 31.99 33.30
N TYR D 109 -18.57 32.37 33.04
CA TYR D 109 -17.88 31.91 31.83
C TYR D 109 -17.69 30.40 31.86
N SER D 110 -17.41 29.85 33.05
CA SER D 110 -17.24 28.40 33.15
C SER D 110 -18.53 27.67 32.83
N GLU D 111 -19.66 28.18 33.33
CA GLU D 111 -20.93 27.56 32.98
C GLU D 111 -21.29 27.80 31.52
N LEU D 112 -20.87 28.95 30.98
CA LEU D 112 -21.20 29.31 29.61
C LEU D 112 -20.40 28.47 28.62
N GLU D 113 -19.16 28.13 28.95
CA GLU D 113 -18.31 27.34 28.09
C GLU D 113 -18.39 25.86 28.38
N ARG D 114 -19.32 25.44 29.25
CA ARG D 114 -19.57 24.03 29.56
C ARG D 114 -18.31 23.32 30.03
N ILE D 115 -17.43 24.05 30.70
CA ILE D 115 -16.23 23.47 31.31
C ILE D 115 -16.49 23.26 32.79
N ASP D 116 -15.98 22.17 33.33
CA ASP D 116 -16.02 21.87 34.76
C ASP D 116 -14.57 22.00 35.23
N PHE D 117 -14.21 23.21 35.67
CA PHE D 117 -12.80 23.51 35.93
C PHE D 117 -12.21 22.65 37.01
N ILE D 118 -13.00 22.24 38.01
CA ILE D 118 -12.44 21.46 39.10
C ILE D 118 -12.02 20.08 38.63
N LYS D 119 -12.91 19.40 37.89
CA LYS D 119 -12.60 18.04 37.43
C LYS D 119 -11.50 18.05 36.38
N GLU D 120 -11.61 18.94 35.39
CA GLU D 120 -10.58 19.01 34.37
C GLU D 120 -9.25 19.42 34.96
N SER D 121 -9.26 20.26 35.99
CA SER D 121 -8.01 20.71 36.58
C SER D 121 -7.39 19.60 37.41
N VAL D 122 -8.18 18.87 38.18
CA VAL D 122 -7.64 17.74 38.94
C VAL D 122 -7.05 16.71 38.00
N ASP D 123 -7.75 16.41 36.91
CA ASP D 123 -7.21 15.48 35.92
C ASP D 123 -5.89 15.96 35.35
N SER D 124 -5.88 17.19 34.81
CA SER D 124 -4.68 17.71 34.16
C SER D 124 -3.50 17.75 35.12
N LEU D 125 -3.73 18.20 36.36
CA LEU D 125 -2.64 18.32 37.31
C LEU D 125 -2.16 16.97 37.81
N THR D 126 -3.07 16.01 37.96
CA THR D 126 -2.64 14.65 38.29
C THR D 126 -1.72 14.09 37.22
N THR D 127 -2.09 14.27 35.96
CA THR D 127 -1.22 13.80 34.88
C THR D 127 0.12 14.50 34.93
N TRP D 128 0.11 15.83 35.06
CA TRP D 128 1.34 16.61 35.14
C TRP D 128 2.24 16.10 36.27
N MET D 129 1.65 15.82 37.43
CA MET D 129 2.40 15.43 38.60
C MET D 129 3.00 14.04 38.44
N ASN D 130 2.26 13.13 37.83
CA ASN D 130 2.81 11.84 37.45
C ASN D 130 4.05 12.00 36.59
N GLU D 131 3.94 12.80 35.53
CA GLU D 131 5.09 12.97 34.65
C GLU D 131 6.24 13.67 35.36
N GLU D 132 5.95 14.54 36.32
CA GLU D 132 7.00 15.25 37.03
C GLU D 132 7.79 14.33 37.94
N ARG D 133 7.12 13.46 38.67
CA ARG D 133 7.87 12.54 39.51
C ARG D 133 8.62 11.51 38.67
N ASP D 134 8.06 11.08 37.53
CA ASP D 134 8.81 10.17 36.68
C ASP D 134 10.02 10.85 36.07
N LYS D 135 9.90 12.13 35.71
CA LYS D 135 11.04 12.86 35.19
C LYS D 135 12.12 13.05 36.24
N ARG D 136 11.72 13.23 37.51
CA ARG D 136 12.73 13.34 38.57
C ARG D 136 13.44 12.01 38.79
N ILE D 137 12.71 10.90 38.72
CA ILE D 137 13.33 9.59 38.80
C ILE D 137 14.36 9.42 37.69
N VAL D 138 13.96 9.72 36.45
CA VAL D 138 14.86 9.47 35.33
C VAL D 138 16.00 10.47 35.31
N ALA D 139 15.81 11.65 35.88
CA ALA D 139 16.91 12.62 35.94
C ALA D 139 17.93 12.23 37.00
N SER D 140 17.47 11.69 38.13
CA SER D 140 18.43 11.17 39.10
C SER D 140 19.10 9.91 38.57
N LEU D 141 18.42 9.18 37.70
CA LEU D 141 18.94 7.92 37.18
C LEU D 141 20.09 8.13 36.21
N THR D 142 20.06 9.18 35.40
CA THR D 142 20.99 9.31 34.29
C THR D 142 21.97 10.45 34.47
N ASN D 143 22.13 10.93 35.69
CA ASN D 143 23.11 11.96 36.03
C ASN D 143 24.41 11.30 36.45
N ASP D 144 25.52 11.80 35.94
CA ASP D 144 26.86 11.48 36.45
C ASP D 144 27.09 9.97 36.50
N PHE D 145 27.12 9.38 35.31
CA PHE D 145 27.40 7.96 35.22
C PHE D 145 28.82 7.66 35.66
N THR D 146 28.96 6.89 36.74
CA THR D 146 30.29 6.41 37.13
C THR D 146 30.69 5.20 36.31
N ASN D 147 29.72 4.49 35.74
CA ASN D 147 29.97 3.32 34.90
C ASN D 147 29.09 3.44 33.67
N TYR D 148 29.71 3.49 32.49
CA TYR D 148 28.94 3.65 31.26
C TYR D 148 29.70 3.05 30.10
N LEU D 149 28.95 2.74 29.04
CA LEU D 149 29.49 2.26 27.78
C LEU D 149 28.99 3.15 26.66
N TYR D 150 29.86 3.43 25.69
CA TYR D 150 29.50 4.22 24.53
C TYR D 150 29.64 3.39 23.26
N THR D 151 28.77 3.68 22.30
CA THR D 151 28.86 3.03 21.00
C THR D 151 28.12 3.87 19.98
N GLN D 152 28.62 3.85 18.75
CA GLN D 152 27.99 4.60 17.66
C GLN D 152 26.51 4.29 17.53
N THR D 153 26.16 3.00 17.56
CA THR D 153 24.79 2.55 17.37
C THR D 153 24.54 1.43 18.35
N MET D 154 23.33 1.36 18.89
CA MET D 154 23.01 0.31 19.84
C MET D 154 22.96 -1.04 19.14
N ASN D 155 23.77 -1.97 19.61
CA ASN D 155 23.86 -3.32 19.08
C ASN D 155 23.35 -4.30 20.12
N VAL D 156 23.37 -5.58 19.76
CA VAL D 156 23.25 -6.61 20.78
C VAL D 156 24.60 -6.80 21.47
N ALA D 157 25.68 -6.52 20.77
CA ALA D 157 27.01 -6.73 21.35
C ALA D 157 27.25 -5.84 22.55
N THR D 158 26.84 -4.57 22.48
CA THR D 158 27.10 -3.69 23.61
C THR D 158 26.12 -3.91 24.75
N ILE D 159 24.89 -4.33 24.45
CA ILE D 159 23.99 -4.72 25.52
C ILE D 159 24.54 -5.96 26.25
N ARG D 160 25.15 -6.87 25.49
CA ARG D 160 25.77 -8.04 26.10
C ARG D 160 27.01 -7.65 26.89
N LYS D 161 27.78 -6.71 26.38
CA LYS D 161 28.94 -6.21 27.11
C LYS D 161 28.52 -5.54 28.41
N ALA D 162 27.40 -4.84 28.40
CA ALA D 162 26.90 -4.21 29.61
C ALA D 162 26.41 -5.25 30.60
N ILE D 163 25.74 -6.29 30.12
CA ILE D 163 25.29 -7.33 31.04
C ILE D 163 26.48 -8.09 31.60
N PHE D 164 27.55 -8.23 30.81
CA PHE D 164 28.76 -8.87 31.31
C PHE D 164 29.46 -8.01 32.35
N HIS D 165 29.55 -6.69 32.10
CA HIS D 165 30.12 -5.79 33.09
C HIS D 165 29.30 -5.76 34.36
N ALA D 166 27.99 -5.89 34.25
CA ALA D 166 27.15 -5.91 35.45
C ALA D 166 27.32 -7.21 36.22
N ARG D 167 27.36 -8.34 35.51
CA ARG D 167 27.41 -9.63 36.19
C ARG D 167 28.77 -9.88 36.82
N ASN D 168 29.83 -9.36 36.22
CA ASN D 168 31.16 -9.63 36.75
C ASN D 168 31.73 -8.48 37.55
N GLY D 169 31.42 -7.26 37.16
CA GLY D 169 31.88 -6.08 37.86
C GLY D 169 33.08 -5.55 37.12
N LEU D 170 32.84 -4.60 36.22
CA LEU D 170 33.90 -4.10 35.36
C LEU D 170 33.53 -2.70 34.91
N LYS D 171 34.51 -1.82 34.90
CA LYS D 171 34.27 -0.48 34.40
C LYS D 171 34.28 -0.50 32.88
N GLY D 172 33.74 0.56 32.28
CA GLY D 172 33.68 0.66 30.84
C GLY D 172 35.04 0.64 30.17
N ASP D 173 36.08 1.04 30.89
CA ASP D 173 37.45 0.92 30.42
C ASP D 173 38.14 -0.34 30.92
N ASN D 174 37.35 -1.40 31.15
CA ASN D 174 37.80 -2.72 31.58
C ASN D 174 38.39 -2.70 32.98
N SER D 175 38.36 -1.57 33.66
CA SER D 175 38.83 -1.50 35.03
C SER D 175 37.89 -2.27 35.95
N LYS D 176 38.41 -2.66 37.11
CA LYS D 176 37.64 -3.49 38.02
C LYS D 176 36.61 -2.66 38.78
N ALA D 177 35.50 -3.30 39.12
CA ALA D 177 34.37 -2.69 39.79
C ALA D 177 33.71 -3.76 40.65
N PHE D 178 32.49 -3.56 41.02
CA PHE D 178 31.74 -4.56 41.75
C PHE D 178 30.55 -5.05 40.93
N PRO D 179 30.12 -6.30 41.13
CA PRO D 179 28.98 -6.82 40.36
C PRO D 179 27.65 -6.26 40.87
N ILE D 180 26.88 -5.68 39.95
CA ILE D 180 25.56 -5.16 40.28
C ILE D 180 24.63 -6.30 40.61
N LYS D 181 23.99 -6.22 41.77
CA LYS D 181 22.93 -7.16 42.10
C LYS D 181 21.75 -6.97 41.16
N PRO D 182 21.18 -8.05 40.63
CA PRO D 182 20.15 -7.92 39.60
C PRO D 182 18.74 -7.86 40.19
N ILE D 183 17.79 -7.47 39.34
CA ILE D 183 16.38 -7.54 39.72
C ILE D 183 15.99 -8.97 40.06
N ARG D 184 16.49 -9.93 39.32
CA ARG D 184 16.19 -11.33 39.63
C ARG D 184 17.47 -12.17 39.61
N ALA D 185 17.56 -13.11 40.53
CA ALA D 185 18.67 -14.05 40.61
C ALA D 185 18.08 -15.44 40.79
N THR D 186 18.16 -16.26 39.76
CA THR D 186 17.56 -17.59 39.79
C THR D 186 18.65 -18.64 39.63
N MET D 187 18.32 -19.87 39.97
CA MET D 187 19.19 -21.01 39.71
C MET D 187 18.66 -21.77 38.50
N GLN D 188 19.56 -22.13 37.60
CA GLN D 188 19.20 -22.76 36.34
C GLN D 188 20.11 -23.95 36.09
N SER D 189 19.53 -25.06 35.66
CA SER D 189 20.27 -26.31 35.51
C SER D 189 20.82 -26.42 34.09
N VAL D 190 22.13 -26.26 33.96
CA VAL D 190 22.86 -26.60 32.74
C VAL D 190 23.34 -28.04 32.90
N GLY D 191 22.75 -28.95 32.15
CA GLY D 191 22.98 -30.36 32.42
C GLY D 191 22.38 -30.69 33.77
N ASN D 192 23.24 -30.97 34.75
CA ASN D 192 22.80 -31.06 36.13
C ASN D 192 23.60 -30.13 37.04
N VAL D 193 24.32 -29.17 36.48
CA VAL D 193 25.02 -28.15 37.25
C VAL D 193 24.11 -26.95 37.37
N MET D 194 23.77 -26.57 38.60
CA MET D 194 22.96 -25.38 38.81
C MET D 194 23.87 -24.16 38.80
N VAL D 195 23.55 -23.18 37.97
CA VAL D 195 24.28 -21.94 37.89
C VAL D 195 23.33 -20.81 38.22
N GLN D 196 23.89 -19.62 38.40
CA GLN D 196 23.09 -18.46 38.77
C GLN D 196 22.84 -17.62 37.53
N ASN D 197 21.60 -17.17 37.39
CA ASN D 197 21.17 -16.38 36.25
C ASN D 197 20.60 -15.06 36.74
N THR D 198 21.15 -13.97 36.23
CA THR D 198 20.75 -12.62 36.61
C THR D 198 19.84 -12.02 35.55
N SER D 199 18.75 -11.41 35.99
CA SER D 199 17.88 -10.62 35.13
C SER D 199 17.96 -9.18 35.57
N TYR D 200 18.56 -8.35 34.72
CA TYR D 200 18.65 -6.90 34.88
C TYR D 200 17.49 -6.24 34.15
N ILE D 201 17.56 -4.91 33.98
CA ILE D 201 16.56 -4.20 33.20
C ILE D 201 17.30 -3.20 32.32
N ILE D 202 17.16 -3.34 31.01
CA ILE D 202 17.74 -2.39 30.07
C ILE D 202 16.66 -1.38 29.71
N LEU D 203 16.89 -0.12 30.06
CA LEU D 203 16.01 0.98 29.70
C LEU D 203 16.67 1.74 28.57
N LEU D 204 16.15 1.54 27.37
CA LEU D 204 16.71 2.18 26.18
C LEU D 204 15.89 3.41 25.82
N ASP D 205 16.58 4.38 25.23
CA ASP D 205 15.89 5.46 24.56
C ASP D 205 15.20 4.93 23.30
N SER D 206 14.27 5.71 22.77
CA SER D 206 13.56 5.28 21.56
C SER D 206 14.46 5.32 20.34
N TYR D 207 15.31 6.35 20.23
CA TYR D 207 16.30 6.35 19.17
C TYR D 207 17.13 5.08 19.22
N GLN D 208 17.55 4.68 20.42
CA GLN D 208 18.28 3.44 20.58
C GLN D 208 17.39 2.23 20.31
N ALA D 209 16.11 2.31 20.69
CA ALA D 209 15.23 1.15 20.51
C ALA D 209 14.96 0.87 19.05
N ASN D 210 15.02 1.87 18.17
CA ASN D 210 14.90 1.59 16.76
C ASN D 210 16.24 1.47 16.05
N GLN D 211 17.32 1.96 16.67
CA GLN D 211 18.65 1.59 16.20
C GLN D 211 18.93 0.12 16.43
N LEU D 212 18.33 -0.46 17.46
CA LEU D 212 18.55 -1.87 17.76
C LEU D 212 17.76 -2.78 16.85
N LYS D 213 16.58 -2.36 16.41
CA LYS D 213 15.78 -3.19 15.52
C LYS D 213 16.38 -3.26 14.13
N ALA D 214 17.20 -2.27 13.75
CA ALA D 214 17.95 -2.31 12.50
C ALA D 214 19.30 -2.99 12.66
N ASP D 215 19.45 -3.87 13.65
CA ASP D 215 20.71 -4.53 13.93
C ASP D 215 20.73 -5.92 13.33
N SER D 216 21.85 -6.26 12.69
CA SER D 216 22.03 -7.58 12.12
C SER D 216 21.95 -8.65 13.19
N GLU D 217 22.69 -8.46 14.28
CA GLU D 217 22.70 -9.42 15.37
C GLU D 217 21.36 -9.50 16.06
N PHE D 218 20.62 -8.40 16.15
CA PHE D 218 19.30 -8.47 16.75
C PHE D 218 18.36 -9.28 15.87
N LYS D 219 18.47 -9.11 14.55
CA LYS D 219 17.67 -9.91 13.64
C LYS D 219 17.99 -11.39 13.79
N GLU D 220 19.27 -11.75 13.76
CA GLU D 220 19.60 -13.17 13.87
C GLU D 220 19.23 -13.74 15.23
N LEU D 221 19.28 -12.91 16.28
CA LEU D 221 18.84 -13.39 17.58
C LEU D 221 17.33 -13.62 17.61
N ARG D 222 16.56 -12.77 16.92
CA ARG D 222 15.13 -13.03 16.82
C ARG D 222 14.87 -14.29 16.02
N LYS D 223 15.69 -14.52 15.00
CA LYS D 223 15.59 -15.76 14.23
C LYS D 223 15.83 -16.98 15.11
N LEU D 224 16.85 -16.91 15.97
CA LEU D 224 17.11 -17.99 16.90
C LEU D 224 15.95 -18.19 17.87
N TYR D 225 15.41 -17.09 18.39
CA TYR D 225 14.28 -17.18 19.31
C TYR D 225 13.08 -17.82 18.62
N ALA D 226 12.89 -17.55 17.33
CA ALA D 226 11.78 -18.12 16.60
C ALA D 226 11.97 -19.61 16.36
N PHE D 227 13.18 -20.02 16.00
CA PHE D 227 13.48 -21.46 15.96
C PHE D 227 13.15 -22.10 17.30
N ALA D 228 13.67 -21.54 18.38
CA ALA D 228 13.38 -22.08 19.71
C ALA D 228 11.93 -21.84 20.11
N GLY D 229 11.32 -20.77 19.62
CA GLY D 229 9.95 -20.46 19.98
C GLY D 229 9.82 -19.99 21.41
N GLU D 230 10.55 -18.95 21.78
CA GLU D 230 10.63 -18.51 23.17
C GLU D 230 10.03 -17.14 23.41
N ASP D 231 10.53 -16.11 22.73
CA ASP D 231 10.12 -14.75 23.01
C ASP D 231 9.03 -14.31 22.03
N LYS D 232 7.88 -14.96 22.17
CA LYS D 232 6.84 -14.89 21.16
C LYS D 232 6.12 -13.54 21.19
N GLY D 233 6.12 -12.86 20.05
CA GLY D 233 5.42 -11.61 19.89
C GLY D 233 6.29 -10.38 19.90
N MET D 234 7.52 -10.49 20.37
CA MET D 234 8.37 -9.32 20.57
C MET D 234 8.97 -8.78 19.28
N LEU D 235 8.46 -9.19 18.12
CA LEU D 235 8.74 -8.51 16.87
C LEU D 235 7.49 -8.27 16.03
N TYR D 236 6.44 -9.06 16.22
CA TYR D 236 5.15 -8.76 15.63
C TYR D 236 4.48 -7.59 16.33
N SER D 237 4.83 -7.33 17.59
CA SER D 237 4.27 -6.24 18.36
C SER D 237 5.17 -5.01 18.41
N GLY D 238 6.30 -5.04 17.72
CA GLY D 238 7.21 -3.92 17.75
C GLY D 238 8.08 -3.83 18.98
N LEU D 239 7.94 -4.75 19.92
CA LEU D 239 8.70 -4.71 21.16
C LEU D 239 10.12 -5.16 20.90
N LEU D 240 10.92 -5.28 21.95
CA LEU D 240 12.30 -5.74 21.84
C LEU D 240 12.57 -7.02 22.60
N GLY D 241 11.82 -7.31 23.65
CA GLY D 241 11.93 -8.57 24.33
C GLY D 241 13.18 -8.69 25.18
N VAL D 242 13.56 -9.94 25.41
CA VAL D 242 14.60 -10.29 26.38
C VAL D 242 15.89 -10.56 25.63
N ILE D 243 16.99 -9.99 26.15
CA ILE D 243 18.35 -10.29 25.59
C ILE D 243 19.19 -10.75 26.79
N ASP D 244 19.63 -12.01 26.78
CA ASP D 244 20.44 -12.57 27.91
C ASP D 244 19.69 -12.42 29.23
N ASN D 245 18.45 -12.94 29.32
CA ASN D 245 17.65 -12.94 30.57
C ASN D 245 17.19 -11.54 30.99
N CYS D 246 17.61 -10.47 30.30
CA CYS D 246 17.28 -9.12 30.76
C CYS D 246 16.37 -8.44 29.75
N PRO D 247 15.16 -8.02 30.14
CA PRO D 247 14.25 -7.41 29.17
C PRO D 247 14.73 -6.03 28.72
N VAL D 248 14.75 -5.84 27.40
CA VAL D 248 15.09 -4.55 26.80
C VAL D 248 13.80 -3.80 26.56
N ILE D 249 13.80 -2.50 26.84
CA ILE D 249 12.57 -1.73 26.90
C ILE D 249 12.77 -0.38 26.25
N ASP D 250 11.89 -0.06 25.30
CA ASP D 250 11.80 1.29 24.76
C ASP D 250 11.10 2.16 25.80
N ALA D 251 11.85 3.04 26.45
CA ALA D 251 11.25 3.86 27.51
C ALA D 251 10.57 5.10 26.95
N GLY D 252 11.02 5.59 25.81
CA GLY D 252 10.47 6.78 25.22
C GLY D 252 11.53 7.86 25.08
N VAL D 253 11.08 9.03 24.67
CA VAL D 253 11.95 10.19 24.52
C VAL D 253 11.48 11.27 25.49
N TRP D 254 12.44 11.93 26.13
CA TRP D 254 12.15 13.02 27.04
C TRP D 254 11.70 14.24 26.25
N ASN D 255 10.46 14.66 26.46
CA ASN D 255 9.93 15.87 25.87
C ASN D 255 9.21 16.67 26.94
N LYS D 256 8.68 17.82 26.56
CA LYS D 256 8.01 18.72 27.49
C LYS D 256 6.67 18.19 27.96
N PHE D 257 6.31 16.97 27.59
CA PHE D 257 5.00 16.44 27.89
C PHE D 257 5.02 15.24 28.82
N ASN D 258 5.90 14.28 28.58
CA ASN D 258 5.98 13.12 29.46
C ASN D 258 7.42 12.65 29.52
N VAL D 259 7.62 11.58 30.25
CA VAL D 259 8.96 11.14 30.61
C VAL D 259 9.48 10.18 29.55
N GLY D 260 10.76 10.30 29.23
CA GLY D 260 11.47 9.33 28.45
C GLY D 260 12.92 9.40 28.82
N MET D 261 13.73 8.56 28.20
CA MET D 261 15.14 8.64 28.45
C MET D 261 15.68 9.95 27.89
N PRO D 262 16.56 10.63 28.59
CA PRO D 262 17.02 11.94 28.13
C PRO D 262 17.98 11.83 26.97
N ASN D 263 18.34 12.99 26.41
CA ASN D 263 19.26 13.05 25.25
C ASN D 263 20.02 14.37 25.37
N SER D 264 21.09 14.55 24.60
CA SER D 264 21.93 15.78 24.74
C SER D 264 21.15 17.03 24.29
N SER D 265 20.04 16.84 23.58
CA SER D 265 19.24 17.98 23.06
C SER D 265 18.65 18.79 24.22
N ILE D 266 18.50 18.18 25.40
CA ILE D 266 17.85 18.87 26.55
C ILE D 266 18.78 19.98 27.07
N SER D 267 18.22 21.15 27.37
CA SER D 267 19.04 22.26 27.94
C SER D 267 19.50 21.88 29.35
N ASP D 268 20.70 22.34 29.74
CA ASP D 268 21.25 22.04 31.09
C ASP D 268 20.23 22.43 32.15
N SER D 269 19.65 23.63 32.07
CA SER D 269 18.72 24.11 33.08
C SER D 269 17.50 23.20 33.19
N ASP D 270 16.94 22.79 32.05
CA ASP D 270 15.76 21.95 32.07
C ASP D 270 16.05 20.61 32.74
N PHE D 271 17.25 20.08 32.53
CA PHE D 271 17.62 18.84 33.22
C PHE D 271 17.84 19.09 34.70
N MET D 272 18.61 20.12 35.04
CA MET D 272 18.94 20.40 36.43
C MET D 272 17.71 20.73 37.26
N ARG D 273 16.63 21.19 36.64
CA ARG D 273 15.40 21.43 37.39
C ARG D 273 14.91 20.16 38.07
N TYR D 274 15.13 19.01 37.45
CA TYR D 274 14.61 17.76 37.96
C TYR D 274 15.58 17.04 38.87
N LEU D 275 16.70 17.68 39.21
CA LEU D 275 17.65 17.16 40.17
C LEU D 275 17.47 17.85 41.52
N ASN D 276 17.78 17.13 42.58
CA ASN D 276 17.58 17.65 43.93
C ASN D 276 18.71 18.57 44.37
N LYS D 277 19.95 18.26 44.01
CA LYS D 277 21.15 19.04 44.32
C LYS D 277 21.52 18.92 45.79
N ALA D 278 20.64 18.34 46.59
CA ALA D 278 20.99 17.87 47.91
C ALA D 278 21.32 16.39 47.91
N ASN D 279 21.06 15.70 46.81
CA ASN D 279 21.22 14.25 46.73
C ASN D 279 22.21 13.84 45.65
N VAL D 280 22.96 14.77 45.09
CA VAL D 280 23.87 14.47 43.99
C VAL D 280 25.27 14.91 44.40
N SER D 281 26.25 14.03 44.16
CA SER D 281 27.65 14.41 44.34
C SER D 281 28.01 15.55 43.39
N SER D 282 27.91 15.29 42.09
CA SER D 282 28.11 16.30 41.06
C SER D 282 26.97 16.20 40.06
N ILE D 283 26.92 17.16 39.15
CA ILE D 283 25.88 17.22 38.13
C ILE D 283 26.56 17.16 36.77
N VAL D 284 26.21 16.15 35.98
CA VAL D 284 26.65 16.03 34.60
C VAL D 284 25.39 15.84 33.77
N THR D 285 24.93 16.91 33.14
CA THR D 285 23.76 16.83 32.31
C THR D 285 24.09 16.10 31.00
N PRO D 286 23.07 15.65 30.27
CA PRO D 286 23.34 15.02 28.97
C PRO D 286 24.22 15.83 28.05
N ARG D 287 24.12 17.16 28.09
CA ARG D 287 24.95 17.99 27.22
C ARG D 287 26.40 18.01 27.70
N GLN D 288 26.62 18.22 28.99
CA GLN D 288 27.98 18.14 29.52
C GLN D 288 28.54 16.74 29.36
N PHE D 289 27.69 15.72 29.47
CA PHE D 289 28.15 14.35 29.28
C PHE D 289 28.57 14.11 27.83
N LYS D 290 27.80 14.66 26.88
CA LYS D 290 28.20 14.55 25.49
C LYS D 290 29.54 15.23 25.27
N GLU D 291 29.73 16.41 25.84
CA GLU D 291 31.00 17.09 25.68
C GLU D 291 32.13 16.32 26.34
N LYS D 292 31.83 15.62 27.44
CA LYS D 292 32.85 14.83 28.12
C LYS D 292 33.31 13.66 27.27
N LEU D 293 32.36 12.92 26.71
CA LEU D 293 32.76 11.85 25.78
C LEU D 293 32.91 12.39 24.37
N ASN D 294 33.65 13.49 24.24
CA ASN D 294 33.90 14.09 22.94
C ASN D 294 35.27 14.72 22.82
N GLN D 295 36.13 14.63 23.83
CA GLN D 295 37.51 15.08 23.70
C GLN D 295 38.40 14.02 23.06
N GLU D 296 37.83 12.91 22.63
CA GLU D 296 38.62 11.83 22.04
C GLU D 296 38.33 11.69 20.54
N ILE D 304 31.30 13.17 16.46
CA ILE D 304 32.11 14.37 16.65
C ILE D 304 31.22 15.55 16.99
N ASN D 305 30.08 15.66 16.30
CA ASN D 305 29.17 16.78 16.47
C ASN D 305 27.71 16.32 16.47
N LYS D 306 27.46 15.09 16.92
CA LYS D 306 26.11 14.54 16.92
C LYS D 306 25.58 14.47 18.35
N GLU D 307 24.26 14.46 18.47
CA GLU D 307 23.63 14.36 19.76
C GLU D 307 23.53 12.90 20.19
N ILE D 308 23.63 12.70 21.51
CA ILE D 308 23.65 11.36 22.08
C ILE D 308 22.32 11.09 22.76
N SER D 309 21.98 9.81 22.85
CA SER D 309 20.89 9.31 23.68
C SER D 309 21.48 8.67 24.93
N ILE D 310 20.60 8.34 25.87
CA ILE D 310 21.02 7.86 27.19
C ILE D 310 20.07 6.75 27.60
N GLY D 311 20.53 5.50 27.54
CA GLY D 311 19.86 4.39 28.19
C GLY D 311 20.70 3.90 29.36
N CYS D 312 20.24 2.82 29.97
CA CYS D 312 20.91 2.36 31.16
C CYS D 312 20.53 0.92 31.49
N LEU D 313 21.51 0.17 31.94
CA LEU D 313 21.29 -1.09 32.62
C LEU D 313 21.03 -0.80 34.09
N ILE D 314 20.00 -1.44 34.63
CA ILE D 314 19.47 -1.17 35.95
C ILE D 314 19.40 -2.47 36.73
N GLY D 315 19.96 -2.46 37.94
CA GLY D 315 19.80 -3.53 38.89
C GLY D 315 18.82 -3.17 39.98
N ALA D 316 18.76 -4.03 40.99
CA ALA D 316 17.87 -3.78 42.11
C ALA D 316 18.32 -2.56 42.89
N SER D 317 17.34 -1.75 43.31
CA SER D 317 17.58 -0.55 44.11
C SER D 317 18.54 0.40 43.38
N ALA D 318 18.23 0.67 42.12
CA ALA D 318 19.08 1.58 41.36
C ALA D 318 18.85 3.03 41.75
N VAL D 319 17.59 3.43 41.93
CA VAL D 319 17.28 4.73 42.50
C VAL D 319 16.34 4.50 43.67
N LEU D 320 16.43 5.41 44.64
CA LEU D 320 15.75 5.29 45.91
C LEU D 320 14.77 6.45 46.06
N LEU D 321 13.55 6.11 46.44
CA LEU D 321 12.50 7.09 46.74
C LEU D 321 12.23 7.06 48.23
N ALA D 322 12.50 8.18 48.88
CA ALA D 322 12.22 8.36 50.30
C ALA D 322 11.03 9.27 50.50
N GLY D 323 10.30 9.01 51.57
CA GLY D 323 9.14 9.81 51.93
C GLY D 323 7.85 9.15 51.47
N SER D 324 7.03 9.91 50.75
CA SER D 324 5.83 9.35 50.14
C SER D 324 5.66 9.97 48.77
N LYS D 325 5.05 9.22 47.86
CA LYS D 325 4.62 9.77 46.59
C LYS D 325 3.21 10.36 46.69
N GLU D 326 2.62 10.34 47.88
CA GLU D 326 1.32 10.95 48.10
C GLU D 326 1.33 12.41 47.65
N THR D 327 0.25 12.83 47.02
CA THR D 327 0.15 14.14 46.42
C THR D 327 -1.01 14.90 47.06
N ARG D 328 -0.79 16.18 47.34
CA ARG D 328 -1.80 17.01 47.97
C ARG D 328 -2.44 17.93 46.94
N PHE D 329 -3.76 18.07 47.04
CA PHE D 329 -4.52 18.99 46.22
C PHE D 329 -5.02 20.15 47.06
N TYR D 330 -4.99 21.35 46.50
CA TYR D 330 -5.38 22.58 47.16
C TYR D 330 -6.41 23.27 46.29
N ILE D 331 -7.66 23.27 46.72
CA ILE D 331 -8.75 23.82 45.92
C ILE D 331 -9.25 25.07 46.62
N ASP D 332 -8.80 26.23 46.14
CA ASP D 332 -9.18 27.53 46.69
C ASP D 332 -10.31 28.11 45.86
N GLU D 333 -11.54 27.96 46.35
CA GLU D 333 -12.71 28.56 45.73
C GLU D 333 -13.03 29.92 46.32
N THR D 334 -12.01 30.78 46.42
CA THR D 334 -12.20 32.11 46.99
C THR D 334 -11.44 33.16 46.20
N VAL D 335 -10.97 32.85 45.00
CA VAL D 335 -10.32 33.87 44.18
C VAL D 335 -11.38 34.79 43.61
N ASP D 336 -11.04 36.08 43.51
CA ASP D 336 -11.93 37.10 42.96
C ASP D 336 -13.27 37.11 43.71
N ALA D 337 -13.17 37.10 45.05
CA ALA D 337 -14.30 37.06 45.95
C ALA D 337 -15.11 35.79 45.82
N GLY D 338 -14.50 34.71 45.33
CA GLY D 338 -15.21 33.48 45.09
C GLY D 338 -15.79 33.37 43.70
N ARG D 339 -15.43 34.27 42.79
CA ARG D 339 -15.92 34.22 41.42
C ARG D 339 -15.04 33.35 40.54
N LYS D 340 -13.72 33.46 40.70
CA LYS D 340 -12.78 32.55 40.06
C LYS D 340 -12.47 31.41 41.02
N SER D 341 -11.50 30.59 40.67
CA SER D 341 -11.14 29.44 41.48
C SER D 341 -9.74 28.99 41.11
N LEU D 342 -9.09 28.31 42.04
CA LEU D 342 -7.71 27.90 41.86
C LEU D 342 -7.56 26.47 42.32
N VAL D 343 -6.87 25.66 41.53
CA VAL D 343 -6.61 24.27 41.89
C VAL D 343 -5.11 24.04 41.78
N GLY D 344 -4.52 23.54 42.85
CA GLY D 344 -3.09 23.35 42.89
C GLY D 344 -2.72 21.96 43.34
N VAL D 345 -1.58 21.49 42.88
CA VAL D 345 -1.07 20.16 43.16
C VAL D 345 0.34 20.31 43.73
N ASP D 346 0.63 19.58 44.82
CA ASP D 346 1.92 19.68 45.48
C ASP D 346 2.41 18.30 45.91
N CYS D 347 3.72 18.09 45.81
CA CYS D 347 4.34 16.86 46.24
C CYS D 347 5.65 17.15 46.95
N LEU D 348 5.96 16.32 47.94
CA LEU D 348 7.25 16.30 48.62
C LEU D 348 7.83 14.90 48.48
N LEU D 349 9.01 14.81 47.87
CA LEU D 349 9.57 13.52 47.46
C LEU D 349 11.09 13.55 47.54
N GLY D 350 11.69 12.46 47.98
CA GLY D 350 13.13 12.37 47.92
C GLY D 350 13.56 11.35 46.90
N VAL D 351 14.35 11.77 45.90
CA VAL D 351 14.73 10.91 44.79
C VAL D 351 16.24 10.97 44.65
N SER D 352 16.90 9.82 44.70
CA SER D 352 18.33 9.85 44.45
C SER D 352 18.80 8.55 43.82
N LYS D 353 19.75 8.66 42.91
CA LYS D 353 20.41 7.47 42.40
C LYS D 353 21.26 6.84 43.49
N ALA D 354 21.01 5.57 43.78
CA ALA D 354 21.75 4.84 44.81
C ALA D 354 23.25 4.93 44.57
N ARG D 355 23.96 5.60 45.48
CA ARG D 355 25.39 5.78 45.37
C ARG D 355 25.89 5.98 46.80
N TYR D 356 26.39 4.91 47.40
CA TYR D 356 26.72 4.92 48.81
C TYR D 356 28.16 5.36 49.02
N GLN D 357 28.41 5.99 50.15
CA GLN D 357 29.75 6.34 50.60
C GLN D 357 30.05 5.60 51.90
N SER D 358 31.33 5.39 52.16
CA SER D 358 31.73 4.74 53.40
C SER D 358 31.54 5.68 54.58
N THR D 359 30.99 5.13 55.67
CA THR D 359 30.70 5.95 56.84
C THR D 359 31.97 6.52 57.45
N ASP D 360 33.01 5.71 57.54
CA ASP D 360 34.35 6.20 57.82
C ASP D 360 35.08 6.42 56.49
N GLY D 361 36.39 6.61 56.53
CA GLY D 361 37.15 6.83 55.32
C GLY D 361 37.64 5.59 54.62
N VAL D 362 37.18 4.40 55.03
CA VAL D 362 37.67 3.16 54.42
C VAL D 362 37.23 3.09 52.96
N VAL D 363 38.16 2.69 52.09
CA VAL D 363 37.92 2.63 50.66
C VAL D 363 37.48 1.22 50.28
N THR D 364 36.36 1.12 49.58
CA THR D 364 35.78 -0.13 49.12
C THR D 364 35.50 -0.01 47.63
N PRO D 365 35.17 -1.13 46.97
CA PRO D 365 34.70 -1.02 45.58
C PRO D 365 33.39 -0.26 45.42
N TYR D 366 32.67 0.00 46.51
CA TYR D 366 31.35 0.62 46.45
C TYR D 366 31.34 2.10 46.78
N ASP D 367 32.43 2.67 47.27
CA ASP D 367 32.32 3.84 48.13
C ASP D 367 31.92 5.11 47.40
N ASN D 368 32.09 5.19 46.08
CA ASN D 368 31.62 6.40 45.42
C ASN D 368 31.05 6.10 44.05
N GLN D 369 30.45 4.93 43.87
CA GLN D 369 30.05 4.45 42.56
C GLN D 369 28.54 4.27 42.51
N ASP D 370 27.98 4.46 41.33
CA ASP D 370 26.59 4.09 41.08
C ASP D 370 26.37 2.66 41.50
N TYR D 371 25.48 2.46 42.45
CA TYR D 371 25.28 1.13 43.02
C TYR D 371 24.85 0.13 41.96
N ALA D 372 23.84 0.47 41.16
CA ALA D 372 23.21 -0.50 40.28
C ALA D 372 22.88 0.09 38.93
N VAL D 373 23.79 0.85 38.34
CA VAL D 373 23.49 1.56 37.10
C VAL D 373 24.70 1.52 36.18
N ILE D 374 24.46 1.17 34.91
CA ILE D 374 25.44 1.33 33.85
C ILE D 374 24.83 2.18 32.75
N GLY D 375 25.60 3.13 32.22
CA GLY D 375 25.11 4.00 31.15
C GLY D 375 25.37 3.43 29.77
N LEU D 376 24.36 3.52 28.91
CA LEU D 376 24.41 3.01 27.54
C LEU D 376 24.18 4.20 26.63
N VAL D 377 25.27 4.76 26.10
CA VAL D 377 25.21 5.97 25.30
C VAL D 377 25.44 5.61 23.84
N SER D 378 24.56 6.09 22.97
CA SER D 378 24.75 5.99 21.54
C SER D 378 24.41 7.34 20.94
N ASP D 379 24.46 7.43 19.61
CA ASP D 379 24.12 8.70 18.90
C ASP D 379 22.59 8.89 18.92
N MET D 380 22.13 10.13 18.77
CA MET D 380 20.68 10.46 18.82
C MET D 380 19.97 10.02 17.53
N GLU D 381 20.73 9.86 16.44
CA GLU D 381 20.15 9.44 15.13
C GLU D 381 18.98 10.35 14.77
N LEU E 5 -22.13 -9.07 -60.78
CA LEU E 5 -20.87 -8.83 -60.08
C LEU E 5 -20.70 -9.80 -58.93
N ASN E 6 -19.56 -10.48 -58.89
CA ASN E 6 -19.24 -11.41 -57.80
C ASN E 6 -17.84 -11.08 -57.28
N ASN E 7 -17.78 -10.12 -56.36
CA ASN E 7 -16.53 -9.79 -55.69
C ASN E 7 -16.46 -10.49 -54.33
N ILE E 8 -15.35 -10.27 -53.64
CA ILE E 8 -15.13 -10.92 -52.36
C ILE E 8 -16.04 -10.31 -51.30
N ASN E 9 -16.71 -11.15 -50.53
CA ASN E 9 -17.48 -10.70 -49.38
C ASN E 9 -16.57 -10.76 -48.17
N PHE E 10 -15.91 -9.64 -47.87
CA PHE E 10 -15.00 -9.58 -46.74
C PHE E 10 -15.77 -9.56 -45.42
N ASN E 11 -16.78 -8.71 -45.32
CA ASN E 11 -17.70 -8.71 -44.19
C ASN E 11 -18.70 -9.85 -44.32
N ASN E 12 -18.18 -11.08 -44.35
CA ASN E 12 -18.98 -12.21 -44.80
C ASN E 12 -20.13 -12.51 -43.85
N ILE E 13 -19.83 -12.78 -42.59
CA ILE E 13 -20.85 -13.17 -41.63
C ILE E 13 -21.44 -11.96 -40.90
N SER E 14 -20.79 -10.80 -40.97
CA SER E 14 -21.33 -9.61 -40.33
C SER E 14 -22.64 -9.18 -40.98
N ASN E 15 -22.75 -9.34 -42.29
CA ASN E 15 -23.93 -8.93 -43.03
C ASN E 15 -24.62 -10.12 -43.67
N ASN E 16 -24.67 -11.23 -42.95
CA ASN E 16 -25.41 -12.42 -43.35
C ASN E 16 -26.86 -12.22 -42.93
N LEU E 17 -27.74 -11.92 -43.88
CA LEU E 17 -29.10 -11.56 -43.54
C LEU E 17 -29.94 -12.73 -43.06
N ASN E 18 -29.37 -13.92 -42.96
CA ASN E 18 -30.09 -15.06 -42.41
C ASN E 18 -29.96 -15.19 -40.92
N LEU E 19 -29.14 -14.35 -40.29
CA LEU E 19 -28.80 -14.49 -38.89
C LEU E 19 -29.45 -13.39 -38.08
N GLY E 20 -29.71 -13.69 -36.81
CA GLY E 20 -30.13 -12.68 -35.87
C GLY E 20 -29.05 -12.44 -34.85
N ILE E 21 -29.09 -11.31 -34.16
CA ILE E 21 -28.16 -11.02 -33.09
C ILE E 21 -28.87 -11.30 -31.77
N GLU E 22 -28.19 -11.99 -30.87
CA GLU E 22 -28.78 -12.46 -29.63
C GLU E 22 -28.10 -11.74 -28.48
N VAL E 23 -28.85 -10.91 -27.78
CA VAL E 23 -28.29 -10.06 -26.73
C VAL E 23 -28.20 -10.85 -25.44
N GLY E 24 -27.12 -10.65 -24.69
CA GLY E 24 -26.96 -11.32 -23.42
C GLY E 24 -28.06 -10.96 -22.45
N ARG E 25 -28.42 -11.93 -21.61
CA ARG E 25 -29.53 -11.74 -20.70
C ARG E 25 -29.25 -10.62 -19.71
N GLU E 26 -28.22 -10.78 -18.89
CA GLU E 26 -27.87 -9.80 -17.87
C GLU E 26 -26.81 -8.84 -18.39
N ILE E 27 -26.82 -7.63 -17.83
CA ILE E 27 -25.80 -6.65 -18.08
C ILE E 27 -24.77 -6.74 -16.97
N GLN E 28 -23.50 -6.87 -17.33
CA GLN E 28 -22.46 -7.06 -16.35
C GLN E 28 -22.03 -5.72 -15.78
N ASN E 29 -22.00 -5.63 -14.46
CA ASN E 29 -21.52 -4.43 -13.81
C ASN E 29 -20.00 -4.39 -13.86
N ALA E 30 -19.45 -3.25 -14.29
CA ALA E 30 -18.01 -3.12 -14.44
C ALA E 30 -17.31 -2.63 -13.18
N SER E 31 -18.05 -2.26 -12.13
CA SER E 31 -17.46 -1.77 -10.90
C SER E 31 -17.43 -2.89 -9.87
N TRP E 32 -16.24 -3.23 -9.40
CA TRP E 32 -16.03 -4.32 -8.47
C TRP E 32 -15.23 -3.92 -7.23
N ILE E 33 -14.49 -2.82 -7.28
CA ILE E 33 -13.43 -2.57 -6.31
C ILE E 33 -14.03 -2.05 -5.00
N LYS E 34 -13.26 -2.17 -3.93
CA LYS E 34 -13.68 -1.74 -2.61
C LYS E 34 -12.51 -1.14 -1.85
N SER E 35 -12.75 -0.07 -1.21
CA SER E 35 -11.71 0.56 -0.43
C SER E 35 -11.79 0.12 1.02
N PRO E 36 -10.68 0.10 1.75
CA PRO E 36 -10.70 -0.33 3.15
C PRO E 36 -11.33 0.70 4.09
N PHE E 37 -11.67 1.88 3.58
CA PHE E 37 -12.05 2.99 4.44
C PHE E 37 -13.33 2.70 5.21
N PHE E 38 -14.26 1.97 4.61
CA PHE E 38 -15.48 1.59 5.32
C PHE E 38 -15.16 0.89 6.63
N SER E 39 -14.08 0.11 6.68
CA SER E 39 -13.74 -0.62 7.88
C SER E 39 -13.01 0.25 8.91
N ILE E 40 -12.53 1.42 8.49
CA ILE E 40 -11.85 2.32 9.40
C ILE E 40 -12.83 3.25 10.12
N THR E 41 -13.98 3.50 9.52
CA THR E 41 -14.95 4.46 10.03
C THR E 41 -15.75 3.85 11.17
N GLY E 42 -16.26 4.70 12.05
CA GLY E 42 -17.10 4.24 13.15
C GLY E 42 -17.34 5.37 14.13
N THR E 43 -18.21 5.09 15.09
CA THR E 43 -18.59 6.09 16.09
C THR E 43 -17.71 6.06 17.33
N GLY E 44 -17.07 4.93 17.63
CA GLY E 44 -16.17 4.89 18.75
C GLY E 44 -15.02 5.87 18.61
N ALA E 45 -14.38 6.17 19.74
CA ALA E 45 -13.28 7.12 19.74
C ALA E 45 -11.98 6.49 19.26
N ASP E 46 -11.89 5.18 19.22
CA ASP E 46 -10.70 4.51 18.74
C ASP E 46 -10.57 4.53 17.23
N ARG E 47 -11.67 4.80 16.51
CA ARG E 47 -11.67 4.75 15.06
C ARG E 47 -10.79 5.84 14.47
N GLY E 48 -10.08 5.49 13.40
CA GLY E 48 -9.28 6.46 12.68
C GLY E 48 -10.08 7.44 11.87
N VAL E 49 -11.36 7.15 11.64
CA VAL E 49 -12.31 8.10 11.09
C VAL E 49 -13.53 8.01 11.99
N ARG E 50 -13.71 8.99 12.88
CA ARG E 50 -14.76 8.94 13.89
C ARG E 50 -15.99 9.65 13.34
N LEU E 51 -17.11 8.96 13.33
CA LEU E 51 -18.38 9.53 12.88
C LEU E 51 -19.12 10.07 14.08
N PHE E 52 -19.27 11.39 14.14
CA PHE E 52 -20.06 12.04 15.18
C PHE E 52 -21.51 12.07 14.74
N SER E 53 -22.35 11.26 15.37
CA SER E 53 -23.77 11.25 15.06
C SER E 53 -24.44 12.38 15.83
N VAL E 54 -24.86 13.41 15.12
CA VAL E 54 -25.56 14.55 15.72
C VAL E 54 -26.85 14.77 14.95
N ALA E 55 -27.98 14.34 15.54
CA ALA E 55 -29.28 14.67 15.00
C ALA E 55 -29.44 16.18 14.93
N SER E 56 -30.29 16.64 14.01
CA SER E 56 -30.35 18.06 13.70
C SER E 56 -28.97 18.55 13.25
N GLN E 57 -28.59 18.06 12.07
CA GLN E 57 -27.19 18.03 11.69
C GLN E 57 -26.62 19.43 11.49
N GLN E 58 -26.51 20.15 12.58
CA GLN E 58 -25.90 21.45 12.65
C GLN E 58 -24.39 21.32 12.60
N PRO E 59 -23.69 22.39 12.23
CA PRO E 59 -22.24 22.40 12.37
C PRO E 59 -21.80 21.94 13.75
N PHE E 60 -20.91 20.97 13.80
CA PHE E 60 -20.51 20.36 15.05
C PHE E 60 -19.19 20.95 15.51
N ARG E 61 -19.04 21.09 16.82
CA ARG E 61 -17.83 21.64 17.43
C ARG E 61 -17.32 20.69 18.50
N PRO E 62 -16.36 19.83 18.18
CA PRO E 62 -15.71 19.02 19.20
C PRO E 62 -14.48 19.71 19.76
N ARG E 63 -14.19 19.40 21.02
CA ARG E 63 -13.14 20.10 21.75
C ARG E 63 -12.21 19.10 22.43
N ILE E 64 -10.93 19.44 22.45
CA ILE E 64 -9.92 18.66 23.14
C ILE E 64 -9.29 19.51 24.24
N LYS E 65 -8.86 18.84 25.30
CA LYS E 65 -8.13 19.46 26.40
C LYS E 65 -6.65 19.16 26.24
N ALA E 66 -5.86 20.18 25.90
CA ALA E 66 -4.41 20.01 25.88
C ALA E 66 -3.92 19.62 27.26
N GLN E 67 -2.72 19.05 27.31
CA GLN E 67 -2.16 18.66 28.60
C GLN E 67 -1.09 19.65 29.02
N LEU E 68 -0.85 19.71 30.32
CA LEU E 68 -0.01 20.74 30.90
C LEU E 68 1.45 20.48 30.59
N SER E 69 2.19 21.56 30.32
CA SER E 69 3.61 21.50 30.04
C SER E 69 4.38 22.54 30.84
N GLY E 70 3.79 23.05 31.91
CA GLY E 70 4.40 24.13 32.65
C GLY E 70 5.44 23.66 33.63
N SER E 71 6.39 24.54 33.92
CA SER E 71 7.47 24.20 34.84
C SER E 71 6.95 23.91 36.23
N GLY E 72 5.84 24.52 36.61
CA GLY E 72 5.35 24.38 37.95
C GLY E 72 6.07 25.34 38.88
N VAL E 73 6.01 25.02 40.18
CA VAL E 73 6.56 25.90 41.18
C VAL E 73 7.39 25.07 42.16
N SER E 74 8.51 25.65 42.57
CA SER E 74 9.50 24.93 43.35
C SER E 74 9.19 25.04 44.85
N GLY E 75 10.16 24.70 45.69
CA GLY E 75 9.98 24.43 47.10
C GLY E 75 9.05 25.33 47.90
N ASN E 76 9.32 26.63 47.96
CA ASN E 76 8.50 27.54 48.72
C ASN E 76 7.88 28.66 47.92
N THR E 77 8.26 28.79 46.64
CA THR E 77 7.67 29.80 45.78
C THR E 77 6.16 29.59 45.67
N ASP E 78 5.43 30.68 45.47
CA ASP E 78 3.98 30.63 45.45
C ASP E 78 3.46 30.16 44.10
N PHE E 79 2.31 29.48 44.13
CA PHE E 79 1.66 29.02 42.91
C PHE E 79 1.56 30.15 41.88
N GLU E 80 1.12 31.33 42.32
CA GLU E 80 0.89 32.44 41.39
C GLU E 80 2.15 32.87 40.67
N ALA E 81 3.32 32.49 41.15
CA ALA E 81 4.55 32.82 40.44
C ALA E 81 4.61 32.15 39.08
N ASN E 82 4.00 30.97 38.95
CA ASN E 82 3.90 30.32 37.66
C ASN E 82 2.58 29.55 37.66
N TYR E 83 1.52 30.21 37.21
CA TYR E 83 0.28 29.49 36.98
C TYR E 83 0.41 28.67 35.70
N ASP E 84 -0.40 27.64 35.60
CA ASP E 84 -0.45 26.88 34.36
C ASP E 84 -1.74 27.24 33.61
N ASN E 85 -1.69 27.05 32.29
CA ASN E 85 -2.79 27.38 31.43
C ASN E 85 -3.57 26.12 31.09
N LEU E 86 -4.90 26.21 31.17
CA LEU E 86 -5.77 25.10 30.81
C LEU E 86 -6.25 25.29 29.37
N GLU E 87 -5.32 25.10 28.44
CA GLU E 87 -5.61 25.33 27.03
C GLU E 87 -6.61 24.32 26.50
N ILE E 88 -7.72 24.84 25.99
CA ILE E 88 -8.81 24.02 25.37
C ILE E 88 -8.86 24.41 23.89
N LEU E 89 -8.96 23.42 23.00
CA LEU E 89 -8.97 23.67 21.57
C LEU E 89 -10.24 23.10 20.96
N SER E 90 -10.64 23.65 19.82
CA SER E 90 -11.87 23.23 19.17
C SER E 90 -11.73 23.29 17.67
N GLN E 91 -12.57 22.49 17.01
CA GLN E 91 -12.76 22.56 15.58
C GLN E 91 -14.25 22.70 15.32
N THR E 92 -14.60 23.26 14.17
CA THR E 92 -15.99 23.31 13.74
C THR E 92 -16.12 22.63 12.38
N ILE E 93 -17.04 21.70 12.28
CA ILE E 93 -17.23 20.87 11.09
C ILE E 93 -18.53 21.29 10.43
N TYR E 94 -18.42 21.95 9.30
CA TYR E 94 -19.64 22.33 8.60
C TYR E 94 -20.05 21.27 7.58
N PRO E 95 -21.33 21.04 7.40
CA PRO E 95 -21.78 20.03 6.43
C PRO E 95 -21.57 20.50 5.00
N ASP E 96 -21.77 19.56 4.09
CA ASP E 96 -21.68 19.82 2.66
C ASP E 96 -22.70 18.94 1.95
N ALA E 97 -23.30 19.48 0.89
CA ALA E 97 -24.38 18.82 0.18
C ALA E 97 -23.94 18.53 -1.24
N PHE E 98 -24.10 17.27 -1.66
CA PHE E 98 -23.66 16.85 -2.99
C PHE E 98 -24.49 15.67 -3.46
N GLY E 99 -24.66 15.57 -4.77
CA GLY E 99 -25.47 14.49 -5.31
C GLY E 99 -25.37 14.40 -6.81
N ASN E 100 -26.00 13.36 -7.34
CA ASN E 100 -25.94 13.05 -8.76
C ASN E 100 -27.25 12.43 -9.21
N SER E 101 -27.54 12.56 -10.50
CA SER E 101 -28.82 12.07 -11.01
C SER E 101 -28.64 11.37 -12.34
N LEU E 102 -29.66 10.59 -12.69
CA LEU E 102 -29.71 9.84 -13.94
C LEU E 102 -31.12 9.98 -14.51
N ARG E 103 -31.22 10.52 -15.71
CA ARG E 103 -32.48 10.60 -16.43
C ARG E 103 -32.55 9.48 -17.45
N SER E 104 -33.68 8.78 -17.48
CA SER E 104 -33.83 7.61 -18.32
C SER E 104 -34.27 8.00 -19.73
N LYS E 105 -34.66 6.98 -20.51
CA LYS E 105 -35.19 7.22 -21.88
C LYS E 105 -36.71 6.99 -21.80
N ILE E 106 -37.39 6.98 -22.95
CA ILE E 106 -38.86 6.70 -22.95
C ILE E 106 -39.09 5.25 -22.49
N LYS E 107 -40.25 4.97 -21.87
CA LYS E 107 -40.53 3.61 -21.35
C LYS E 107 -40.34 2.57 -22.45
N ALA E 108 -40.89 2.80 -23.64
CA ALA E 108 -40.80 1.82 -24.76
C ALA E 108 -39.33 1.52 -25.08
N TYR E 109 -38.44 2.50 -24.96
CA TYR E 109 -37.03 2.30 -25.33
C TYR E 109 -36.28 1.53 -24.26
N SER E 110 -36.68 1.69 -23.00
CA SER E 110 -36.04 0.93 -21.94
C SER E 110 -36.43 -0.54 -22.00
N GLU E 111 -37.69 -0.83 -22.29
CA GLU E 111 -38.04 -2.24 -22.45
C GLU E 111 -37.63 -2.79 -23.80
N LEU E 112 -37.33 -1.93 -24.77
CA LEU E 112 -36.72 -2.37 -26.01
C LEU E 112 -35.28 -2.79 -25.79
N GLU E 113 -34.47 -1.87 -25.27
CA GLU E 113 -33.06 -2.16 -24.99
C GLU E 113 -32.86 -3.02 -23.76
N ARG E 114 -33.94 -3.42 -23.09
CA ARG E 114 -33.89 -4.37 -21.99
C ARG E 114 -32.97 -3.86 -20.86
N ILE E 115 -33.05 -2.57 -20.58
CA ILE E 115 -32.35 -1.94 -19.48
C ILE E 115 -33.37 -1.64 -18.39
N ASP E 116 -33.18 -2.23 -17.21
CA ASP E 116 -34.05 -1.96 -16.07
C ASP E 116 -33.53 -0.72 -15.37
N PHE E 117 -34.06 0.44 -15.74
CA PHE E 117 -33.40 1.70 -15.42
C PHE E 117 -33.37 1.97 -13.92
N ILE E 118 -34.43 1.62 -13.20
CA ILE E 118 -34.44 1.92 -11.77
C ILE E 118 -33.36 1.12 -11.05
N LYS E 119 -33.32 -0.20 -11.29
CA LYS E 119 -32.30 -1.04 -10.68
C LYS E 119 -30.90 -0.55 -11.02
N GLU E 120 -30.63 -0.36 -12.30
CA GLU E 120 -29.28 -0.04 -12.74
C GLU E 120 -28.86 1.34 -12.24
N SER E 121 -29.79 2.29 -12.27
CA SER E 121 -29.47 3.64 -11.83
C SER E 121 -29.24 3.69 -10.34
N VAL E 122 -30.05 2.96 -9.56
CA VAL E 122 -29.83 2.92 -8.12
C VAL E 122 -28.47 2.31 -7.81
N ASP E 123 -28.12 1.20 -8.48
CA ASP E 123 -26.81 0.60 -8.27
C ASP E 123 -25.68 1.58 -8.61
N SER E 124 -25.77 2.20 -9.78
CA SER E 124 -24.71 3.09 -10.23
C SER E 124 -24.58 4.28 -9.29
N LEU E 125 -25.70 4.84 -8.85
CA LEU E 125 -25.65 6.01 -7.99
C LEU E 125 -25.19 5.66 -6.59
N THR E 126 -25.53 4.47 -6.10
CA THR E 126 -24.98 4.00 -4.84
C THR E 126 -23.45 3.96 -4.92
N THR E 127 -22.93 3.42 -6.01
CA THR E 127 -21.48 3.33 -6.14
C THR E 127 -20.84 4.70 -6.24
N TRP E 128 -21.42 5.58 -7.05
CA TRP E 128 -20.90 6.94 -7.18
C TRP E 128 -20.90 7.65 -5.85
N MET E 129 -21.93 7.42 -5.04
CA MET E 129 -22.07 8.09 -3.76
C MET E 129 -21.02 7.59 -2.77
N ASN E 130 -20.83 6.27 -2.70
CA ASN E 130 -19.79 5.72 -1.85
C ASN E 130 -18.42 6.27 -2.24
N GLU E 131 -18.17 6.42 -3.53
CA GLU E 131 -16.85 6.89 -3.93
C GLU E 131 -16.67 8.36 -3.66
N GLU E 132 -17.73 9.15 -3.80
CA GLU E 132 -17.64 10.56 -3.44
C GLU E 132 -17.37 10.73 -1.95
N ARG E 133 -18.04 9.94 -1.12
CA ARG E 133 -17.80 9.97 0.31
C ARG E 133 -16.34 9.67 0.64
N ASP E 134 -15.81 8.58 0.09
CA ASP E 134 -14.43 8.22 0.41
C ASP E 134 -13.43 9.21 -0.19
N LYS E 135 -13.75 9.79 -1.35
CA LYS E 135 -12.84 10.77 -1.93
C LYS E 135 -12.78 12.02 -1.08
N ARG E 136 -13.90 12.40 -0.45
CA ARG E 136 -13.88 13.52 0.48
C ARG E 136 -13.04 13.19 1.70
N ILE E 137 -13.25 12.00 2.27
CA ILE E 137 -12.47 11.61 3.44
C ILE E 137 -10.97 11.65 3.13
N VAL E 138 -10.59 11.21 1.92
CA VAL E 138 -9.17 11.11 1.62
C VAL E 138 -8.60 12.46 1.23
N ALA E 139 -9.39 13.31 0.59
CA ALA E 139 -8.90 14.63 0.24
C ALA E 139 -8.69 15.48 1.47
N SER E 140 -9.62 15.43 2.41
CA SER E 140 -9.42 16.14 3.67
C SER E 140 -8.28 15.54 4.45
N LEU E 141 -8.14 14.22 4.38
CA LEU E 141 -7.06 13.53 5.07
C LEU E 141 -5.68 13.87 4.52
N THR E 142 -5.56 14.48 3.34
CA THR E 142 -4.26 14.58 2.68
C THR E 142 -3.94 15.97 2.15
N ASN E 143 -4.53 17.03 2.69
CA ASN E 143 -4.08 18.36 2.33
C ASN E 143 -3.31 18.99 3.48
N ASP E 144 -2.28 19.75 3.11
CA ASP E 144 -1.39 20.48 4.04
C ASP E 144 -1.03 19.66 5.27
N PHE E 145 -0.29 18.58 5.04
CA PHE E 145 0.34 17.88 6.15
C PHE E 145 1.18 18.85 6.96
N THR E 146 0.91 18.91 8.26
CA THR E 146 1.80 19.63 9.15
C THR E 146 2.99 18.79 9.57
N ASN E 147 2.81 17.47 9.61
CA ASN E 147 3.84 16.53 10.00
C ASN E 147 3.95 15.47 8.91
N TYR E 148 5.16 15.26 8.39
CA TYR E 148 5.34 14.28 7.33
C TYR E 148 6.80 13.88 7.22
N LEU E 149 7.03 12.73 6.59
CA LEU E 149 8.35 12.25 6.22
C LEU E 149 8.39 12.01 4.73
N TYR E 150 9.43 12.48 4.07
CA TYR E 150 9.65 12.20 2.67
C TYR E 150 10.81 11.23 2.51
N THR E 151 10.58 10.14 1.79
CA THR E 151 11.63 9.21 1.41
C THR E 151 11.55 8.98 -0.09
N GLN E 152 12.68 8.66 -0.70
CA GLN E 152 12.67 8.44 -2.15
C GLN E 152 11.99 7.13 -2.50
N THR E 153 12.04 6.14 -1.62
CA THR E 153 11.41 4.85 -1.85
C THR E 153 10.94 4.31 -0.51
N MET E 154 9.68 3.89 -0.43
CA MET E 154 9.16 3.40 0.83
C MET E 154 9.93 2.17 1.28
N ASN E 155 10.18 2.12 2.59
CA ASN E 155 10.91 1.02 3.20
C ASN E 155 10.41 0.88 4.62
N VAL E 156 10.80 -0.24 5.25
CA VAL E 156 10.34 -0.46 6.62
C VAL E 156 11.03 0.48 7.59
N ALA E 157 12.21 0.99 7.23
CA ALA E 157 12.87 1.97 8.09
C ALA E 157 12.05 3.24 8.22
N THR E 158 11.46 3.71 7.12
CA THR E 158 10.67 4.93 7.19
C THR E 158 9.35 4.69 7.90
N ILE E 159 8.75 3.51 7.71
CA ILE E 159 7.55 3.19 8.45
C ILE E 159 7.82 3.15 9.95
N ARG E 160 8.98 2.62 10.34
CA ARG E 160 9.36 2.61 11.75
C ARG E 160 9.60 4.02 12.26
N LYS E 161 10.34 4.82 11.50
CA LYS E 161 10.55 6.22 11.83
C LYS E 161 9.23 6.91 12.09
N ALA E 162 8.25 6.68 11.22
CA ALA E 162 6.95 7.30 11.38
C ALA E 162 6.23 6.79 12.61
N ILE E 163 6.31 5.49 12.87
CA ILE E 163 5.56 4.93 13.99
C ILE E 163 6.10 5.48 15.30
N PHE E 164 7.41 5.65 15.43
CA PHE E 164 7.90 6.15 16.71
C PHE E 164 7.92 7.68 16.77
N HIS E 165 7.99 8.37 15.62
CA HIS E 165 7.63 9.77 15.57
C HIS E 165 6.22 10.01 16.11
N ALA E 166 5.30 9.10 15.81
CA ALA E 166 3.96 9.24 16.37
C ALA E 166 3.89 8.81 17.82
N ARG E 167 4.70 7.82 18.20
CA ARG E 167 4.67 7.33 19.57
C ARG E 167 5.18 8.38 20.55
N ASN E 168 6.19 9.15 20.17
CA ASN E 168 6.77 10.13 21.09
C ASN E 168 6.32 11.55 20.82
N GLY E 169 6.11 11.90 19.56
CA GLY E 169 5.76 13.25 19.16
C GLY E 169 6.99 13.92 18.62
N LEU E 170 7.15 13.85 17.30
CA LEU E 170 8.30 14.41 16.61
C LEU E 170 7.83 14.83 15.23
N LYS E 171 8.67 15.61 14.57
CA LYS E 171 8.40 16.04 13.21
C LYS E 171 9.54 15.59 12.30
N GLY E 172 9.35 15.80 11.00
CA GLY E 172 10.35 15.39 10.04
C GLY E 172 11.70 16.06 10.25
N ASP E 173 11.67 17.25 10.86
CA ASP E 173 12.92 17.99 11.17
C ASP E 173 13.39 17.58 12.56
N ASN E 174 13.05 16.36 13.00
CA ASN E 174 13.40 15.87 14.37
C ASN E 174 13.05 16.94 15.42
N SER E 175 11.84 17.49 15.35
CA SER E 175 11.41 18.52 16.33
C SER E 175 10.60 17.84 17.44
N LYS E 176 9.97 18.63 18.31
CA LYS E 176 9.11 18.04 19.37
C LYS E 176 7.67 18.54 19.17
N ALA E 177 6.82 17.69 18.56
CA ALA E 177 5.41 18.06 18.36
C ALA E 177 4.58 17.59 19.55
N PHE E 178 3.70 16.61 19.33
CA PHE E 178 2.89 16.05 20.44
C PHE E 178 2.63 14.57 20.14
N PRO E 179 2.63 13.68 21.16
CA PRO E 179 2.33 12.27 20.95
C PRO E 179 0.97 12.03 20.26
N ILE E 180 0.96 11.18 19.24
CA ILE E 180 -0.30 10.90 18.48
C ILE E 180 -1.02 9.71 19.11
N LYS E 181 -2.26 9.89 19.55
CA LYS E 181 -3.05 8.82 20.15
C LYS E 181 -3.27 7.72 19.11
N PRO E 182 -3.05 6.46 19.47
CA PRO E 182 -3.12 5.38 18.48
C PRO E 182 -4.53 4.81 18.37
N ILE E 183 -4.74 4.03 17.31
CA ILE E 183 -6.02 3.32 17.17
C ILE E 183 -6.23 2.38 18.34
N ARG E 184 -5.19 1.63 18.71
CA ARG E 184 -5.25 0.84 19.93
C ARG E 184 -3.98 1.06 20.73
N ALA E 185 -4.07 0.85 22.04
CA ALA E 185 -2.90 0.93 22.90
C ALA E 185 -3.11 -0.04 24.05
N THR E 186 -2.21 -1.00 24.21
CA THR E 186 -2.40 -2.05 25.19
C THR E 186 -1.23 -2.10 26.15
N MET E 187 -1.48 -2.68 27.31
CA MET E 187 -0.44 -2.96 28.30
C MET E 187 0.01 -4.40 28.12
N GLN E 188 1.24 -4.58 27.66
CA GLN E 188 1.84 -5.89 27.56
C GLN E 188 3.02 -5.99 28.52
N SER E 189 3.54 -7.20 28.66
CA SER E 189 4.56 -7.52 29.67
C SER E 189 5.79 -8.08 29.00
N VAL E 190 6.85 -7.28 28.94
CA VAL E 190 8.16 -7.75 28.49
C VAL E 190 8.87 -8.30 29.72
N GLY E 191 8.84 -9.63 29.85
CA GLY E 191 9.54 -10.31 30.91
C GLY E 191 8.77 -10.19 32.21
N ASN E 192 8.92 -9.04 32.86
CA ASN E 192 8.11 -8.70 34.02
C ASN E 192 7.79 -7.21 34.05
N VAL E 193 8.15 -6.46 33.01
CA VAL E 193 7.91 -5.02 32.98
C VAL E 193 6.71 -4.75 32.09
N MET E 194 5.77 -3.97 32.61
CA MET E 194 4.57 -3.61 31.87
C MET E 194 4.87 -2.39 31.01
N VAL E 195 4.92 -2.60 29.70
CA VAL E 195 5.04 -1.53 28.73
C VAL E 195 3.67 -1.37 28.07
N GLN E 196 3.48 -0.26 27.39
CA GLN E 196 2.32 -0.10 26.53
C GLN E 196 2.80 -0.05 25.08
N ASN E 197 2.14 -0.82 24.23
CA ASN E 197 2.43 -0.82 22.81
C ASN E 197 1.23 -0.29 22.05
N THR E 198 1.52 0.49 21.02
CA THR E 198 0.53 1.22 20.25
C THR E 198 0.32 0.54 18.90
N SER E 199 -0.87 0.77 18.34
CA SER E 199 -1.24 0.27 17.03
C SER E 199 -1.90 1.43 16.28
N TYR E 200 -1.21 1.93 15.26
CA TYR E 200 -1.71 2.93 14.33
C TYR E 200 -2.24 2.23 13.09
N ILE E 201 -2.55 3.01 12.06
CA ILE E 201 -2.95 2.46 10.77
C ILE E 201 -2.17 3.18 9.69
N ILE E 202 -1.43 2.43 8.89
CA ILE E 202 -0.60 3.00 7.84
C ILE E 202 -1.30 2.72 6.51
N LEU E 203 -1.70 3.78 5.83
CA LEU E 203 -2.39 3.71 4.56
C LEU E 203 -1.39 4.16 3.50
N LEU E 204 -0.83 3.20 2.78
CA LEU E 204 0.13 3.49 1.74
C LEU E 204 -0.54 3.63 0.40
N ASP E 205 0.09 4.38 -0.48
CA ASP E 205 -0.28 4.34 -1.88
C ASP E 205 0.26 3.07 -2.52
N SER E 206 -0.33 2.69 -3.65
CA SER E 206 0.04 1.41 -4.25
C SER E 206 1.42 1.46 -4.88
N TYR E 207 1.85 2.61 -5.38
CA TYR E 207 3.26 2.76 -5.74
C TYR E 207 4.13 2.55 -4.51
N GLN E 208 3.66 3.01 -3.35
CA GLN E 208 4.44 2.86 -2.12
C GLN E 208 4.41 1.42 -1.61
N ALA E 209 3.29 0.72 -1.78
CA ALA E 209 3.25 -0.69 -1.42
C ALA E 209 4.15 -1.52 -2.34
N ASN E 210 4.21 -1.14 -3.62
CA ASN E 210 5.11 -1.83 -4.54
C ASN E 210 6.56 -1.55 -4.20
N GLN E 211 6.86 -0.34 -3.73
CA GLN E 211 8.21 -0.06 -3.27
C GLN E 211 8.54 -0.84 -2.01
N LEU E 212 7.59 -0.92 -1.08
CA LEU E 212 7.84 -1.64 0.16
C LEU E 212 8.06 -3.14 -0.08
N LYS E 213 7.38 -3.71 -1.07
CA LYS E 213 7.57 -5.13 -1.33
C LYS E 213 8.98 -5.44 -1.82
N ALA E 214 9.60 -4.53 -2.56
CA ALA E 214 10.95 -4.73 -3.06
C ALA E 214 12.01 -4.21 -2.09
N ASP E 215 11.71 -4.13 -0.80
CA ASP E 215 12.63 -3.59 0.19
C ASP E 215 13.32 -4.73 0.92
N SER E 216 14.65 -4.67 0.96
CA SER E 216 15.43 -5.79 1.48
C SER E 216 15.07 -6.11 2.92
N GLU E 217 14.92 -5.08 3.75
CA GLU E 217 14.57 -5.32 5.15
C GLU E 217 13.14 -5.79 5.30
N PHE E 218 12.27 -5.46 4.35
CA PHE E 218 10.92 -6.02 4.39
C PHE E 218 10.94 -7.52 4.10
N LYS E 219 11.79 -7.95 3.16
CA LYS E 219 11.97 -9.38 2.94
C LYS E 219 12.58 -10.05 4.17
N GLU E 220 13.52 -9.36 4.83
CA GLU E 220 14.07 -9.87 6.07
C GLU E 220 12.98 -10.06 7.13
N LEU E 221 12.09 -9.09 7.25
CA LEU E 221 11.05 -9.16 8.26
C LEU E 221 10.02 -10.23 7.91
N ARG E 222 9.73 -10.43 6.63
CA ARG E 222 8.83 -11.51 6.25
C ARG E 222 9.45 -12.86 6.53
N LYS E 223 10.75 -13.01 6.26
CA LYS E 223 11.46 -14.22 6.64
C LYS E 223 11.35 -14.49 8.13
N LEU E 224 11.55 -13.43 8.94
CA LEU E 224 11.44 -13.57 10.38
C LEU E 224 10.04 -14.00 10.79
N TYR E 225 9.01 -13.33 10.25
CA TYR E 225 7.64 -13.70 10.57
C TYR E 225 7.34 -15.14 10.18
N ALA E 226 7.93 -15.60 9.06
CA ALA E 226 7.74 -16.98 8.63
C ALA E 226 8.35 -17.95 9.62
N PHE E 227 9.61 -17.73 10.00
CA PHE E 227 10.23 -18.56 11.04
C PHE E 227 9.43 -18.53 12.33
N ALA E 228 8.83 -17.40 12.66
CA ALA E 228 7.99 -17.26 13.85
C ALA E 228 6.59 -17.78 13.63
N GLY E 229 5.95 -17.39 12.52
CA GLY E 229 4.63 -17.88 12.18
C GLY E 229 3.45 -17.10 12.72
N GLU E 230 3.35 -15.81 12.42
CA GLU E 230 2.19 -15.01 12.83
C GLU E 230 1.39 -14.48 11.65
N ASP E 231 2.00 -13.72 10.74
CA ASP E 231 1.28 -13.21 9.57
C ASP E 231 1.19 -14.27 8.47
N LYS E 232 0.66 -15.42 8.86
CA LYS E 232 0.51 -16.53 7.93
C LYS E 232 -0.53 -16.16 6.87
N GLY E 233 -0.06 -15.95 5.65
CA GLY E 233 -0.94 -15.64 4.55
C GLY E 233 -0.92 -14.21 4.07
N MET E 234 0.14 -13.44 4.36
CA MET E 234 0.24 -12.10 3.82
C MET E 234 1.14 -12.06 2.60
N LEU E 235 2.35 -12.57 2.73
CA LEU E 235 3.24 -12.65 1.57
C LEU E 235 2.67 -13.55 0.49
N TYR E 236 1.93 -14.58 0.89
CA TYR E 236 1.28 -15.43 -0.10
C TYR E 236 0.15 -14.69 -0.80
N SER E 237 -0.65 -13.94 -0.05
CA SER E 237 -1.80 -13.24 -0.59
C SER E 237 -1.47 -11.84 -1.08
N GLY E 238 -0.18 -11.49 -1.20
CA GLY E 238 0.18 -10.19 -1.73
C GLY E 238 -0.10 -9.02 -0.82
N LEU E 239 -0.53 -9.27 0.42
CA LEU E 239 -0.76 -8.20 1.37
C LEU E 239 0.56 -7.78 2.01
N LEU E 240 0.49 -6.71 2.79
CA LEU E 240 1.68 -6.18 3.46
C LEU E 240 1.78 -6.62 4.91
N GLY E 241 0.66 -6.86 5.57
CA GLY E 241 0.70 -7.34 6.92
C GLY E 241 1.00 -6.25 7.94
N VAL E 242 1.30 -6.70 9.15
CA VAL E 242 1.49 -5.82 10.29
C VAL E 242 2.98 -5.58 10.49
N ILE E 243 3.37 -4.30 10.59
CA ILE E 243 4.78 -3.94 10.88
C ILE E 243 4.76 -3.14 12.19
N ASP E 244 5.41 -3.64 13.24
CA ASP E 244 5.44 -2.95 14.56
C ASP E 244 4.00 -2.76 15.07
N ASN E 245 3.22 -3.84 15.17
CA ASN E 245 1.83 -3.78 15.71
C ASN E 245 0.90 -2.96 14.81
N CYS E 246 1.39 -2.34 13.75
CA CYS E 246 0.58 -1.42 12.94
C CYS E 246 0.27 -2.06 11.60
N PRO E 247 -1.00 -2.33 11.28
CA PRO E 247 -1.33 -2.87 9.97
C PRO E 247 -1.00 -1.89 8.86
N VAL E 248 -0.21 -2.34 7.90
CA VAL E 248 0.15 -1.55 6.73
C VAL E 248 -0.75 -1.98 5.59
N ILE E 249 -1.45 -1.02 5.00
CA ILE E 249 -2.49 -1.30 4.01
C ILE E 249 -2.19 -0.56 2.73
N ASP E 250 -2.15 -1.30 1.63
CA ASP E 250 -2.24 -0.69 0.30
C ASP E 250 -3.64 -0.12 0.12
N ALA E 251 -3.75 1.20 0.07
CA ALA E 251 -5.04 1.86 0.01
C ALA E 251 -5.45 2.25 -1.40
N GLY E 252 -4.67 1.89 -2.39
CA GLY E 252 -5.06 2.09 -3.77
C GLY E 252 -4.47 3.35 -4.36
N VAL E 253 -4.88 3.60 -5.60
CA VAL E 253 -4.47 4.78 -6.34
C VAL E 253 -5.72 5.57 -6.68
N TRP E 254 -5.64 6.88 -6.52
CA TRP E 254 -6.76 7.77 -6.79
C TRP E 254 -6.96 7.90 -8.29
N ASN E 255 -8.13 7.48 -8.77
CA ASN E 255 -8.52 7.63 -10.16
C ASN E 255 -9.93 8.18 -10.22
N LYS E 256 -10.40 8.44 -11.44
CA LYS E 256 -11.70 9.06 -11.63
C LYS E 256 -12.85 8.17 -11.19
N PHE E 257 -12.62 6.87 -10.99
CA PHE E 257 -13.69 5.94 -10.70
C PHE E 257 -13.81 5.59 -9.23
N ASN E 258 -12.71 5.62 -8.48
CA ASN E 258 -12.74 5.13 -7.12
C ASN E 258 -11.63 5.79 -6.32
N VAL E 259 -11.69 5.61 -5.02
CA VAL E 259 -10.82 6.31 -4.09
C VAL E 259 -9.51 5.57 -3.92
N GLY E 260 -8.45 6.33 -3.69
CA GLY E 260 -7.16 5.79 -3.32
C GLY E 260 -6.32 6.94 -2.81
N MET E 261 -5.11 6.60 -2.40
CA MET E 261 -4.19 7.64 -1.98
C MET E 261 -3.80 8.50 -3.17
N PRO E 262 -3.81 9.82 -3.02
CA PRO E 262 -3.57 10.71 -4.16
C PRO E 262 -2.11 10.71 -4.54
N ASN E 263 -1.81 11.47 -5.59
CA ASN E 263 -0.43 11.70 -6.00
C ASN E 263 -0.40 13.03 -6.74
N SER E 264 0.81 13.53 -6.97
CA SER E 264 0.94 14.84 -7.57
C SER E 264 0.53 14.87 -9.04
N SER E 265 -0.03 13.76 -9.53
CA SER E 265 -0.49 13.69 -10.94
C SER E 265 -1.91 14.25 -11.05
N ILE E 266 -2.63 14.29 -9.91
CA ILE E 266 -4.03 14.81 -9.87
C ILE E 266 -3.98 16.33 -10.09
N SER E 267 -5.03 16.89 -10.71
CA SER E 267 -5.10 18.35 -10.98
C SER E 267 -5.53 19.09 -9.71
N ASP E 268 -5.19 20.39 -9.62
CA ASP E 268 -5.55 21.18 -8.46
C ASP E 268 -7.06 21.25 -8.27
N SER E 269 -7.79 21.55 -9.35
CA SER E 269 -9.25 21.63 -9.24
C SER E 269 -9.87 20.28 -8.92
N ASP E 270 -9.33 19.22 -9.52
CA ASP E 270 -9.89 17.89 -9.31
C ASP E 270 -9.75 17.46 -7.86
N PHE E 271 -8.65 17.85 -7.21
CA PHE E 271 -8.48 17.56 -5.79
C PHE E 271 -9.30 18.51 -4.93
N MET E 272 -9.37 19.78 -5.32
CA MET E 272 -9.99 20.80 -4.48
C MET E 272 -11.51 20.68 -4.46
N ARG E 273 -12.11 20.09 -5.49
CA ARG E 273 -13.55 19.97 -5.44
C ARG E 273 -14.03 18.97 -4.40
N TYR E 274 -13.12 18.36 -3.64
CA TYR E 274 -13.48 17.39 -2.61
C TYR E 274 -13.21 17.90 -1.21
N LEU E 275 -12.72 19.12 -1.07
CA LEU E 275 -12.53 19.76 0.22
C LEU E 275 -13.73 20.66 0.52
N ASN E 276 -14.10 20.70 1.80
CA ASN E 276 -15.28 21.48 2.20
C ASN E 276 -15.08 22.98 2.03
N LYS E 277 -13.88 23.48 2.30
CA LYS E 277 -13.50 24.88 2.16
C LYS E 277 -14.13 25.75 3.23
N ALA E 278 -15.02 25.18 4.04
CA ALA E 278 -15.44 25.77 5.29
C ALA E 278 -14.89 25.01 6.48
N ASN E 279 -14.48 23.77 6.27
CA ASN E 279 -13.89 22.92 7.30
C ASN E 279 -12.37 22.99 7.31
N VAL E 280 -11.75 23.69 6.37
CA VAL E 280 -10.30 23.76 6.29
C VAL E 280 -9.87 25.21 6.36
N SER E 281 -8.61 25.40 6.78
CA SER E 281 -8.01 26.73 6.81
C SER E 281 -7.19 27.01 5.55
N SER E 282 -6.17 26.18 5.31
CA SER E 282 -5.34 26.28 4.12
C SER E 282 -5.58 25.07 3.24
N ILE E 283 -5.06 25.15 2.01
CA ILE E 283 -5.24 24.10 1.02
C ILE E 283 -3.92 23.90 0.30
N VAL E 284 -3.27 22.76 0.54
CA VAL E 284 -2.08 22.36 -0.17
C VAL E 284 -2.44 21.09 -0.92
N THR E 285 -2.64 21.19 -2.23
CA THR E 285 -2.94 20.03 -3.04
C THR E 285 -1.66 19.22 -3.25
N PRO E 286 -1.80 17.94 -3.62
CA PRO E 286 -0.60 17.14 -3.89
C PRO E 286 0.36 17.76 -4.88
N ARG E 287 -0.13 18.47 -5.90
CA ARG E 287 0.78 19.13 -6.81
C ARG E 287 1.50 20.29 -6.13
N GLN E 288 0.77 21.08 -5.34
CA GLN E 288 1.42 22.17 -4.58
C GLN E 288 2.37 21.60 -3.53
N PHE E 289 1.98 20.49 -2.90
CA PHE E 289 2.87 19.82 -1.96
C PHE E 289 4.14 19.36 -2.65
N LYS E 290 4.03 18.88 -3.88
CA LYS E 290 5.21 18.49 -4.63
C LYS E 290 6.09 19.68 -4.93
N GLU E 291 5.48 20.82 -5.27
CA GLU E 291 6.26 22.03 -5.49
C GLU E 291 6.96 22.47 -4.21
N LYS E 292 6.29 22.32 -3.07
CA LYS E 292 6.88 22.68 -1.79
C LYS E 292 8.08 21.79 -1.48
N LEU E 293 7.91 20.47 -1.57
CA LEU E 293 9.01 19.55 -1.38
C LEU E 293 10.11 19.74 -2.41
N ASN E 294 9.80 20.36 -3.54
CA ASN E 294 10.81 20.54 -4.56
C ASN E 294 11.80 21.64 -4.20
N GLN E 295 11.37 22.60 -3.40
CA GLN E 295 12.27 23.66 -2.93
C GLN E 295 13.24 23.06 -1.93
N GLU E 296 14.45 22.73 -2.40
CA GLU E 296 15.44 22.04 -1.59
C GLU E 296 16.82 22.65 -1.74
N ILE E 304 14.56 15.12 -9.66
CA ILE E 304 14.18 16.50 -9.39
C ILE E 304 12.75 16.74 -9.87
N ASN E 305 12.45 16.22 -11.05
CA ASN E 305 11.14 16.38 -11.68
C ASN E 305 10.25 15.16 -11.49
N LYS E 306 10.36 14.49 -10.34
CA LYS E 306 9.63 13.26 -10.10
C LYS E 306 8.31 13.55 -9.39
N GLU E 307 7.24 12.91 -9.86
CA GLU E 307 5.96 13.00 -9.18
C GLU E 307 6.02 12.30 -7.84
N ILE E 308 5.31 12.83 -6.86
CA ILE E 308 5.33 12.29 -5.53
C ILE E 308 4.08 11.44 -5.33
N SER E 309 4.12 10.65 -4.27
CA SER E 309 3.03 9.76 -3.91
C SER E 309 2.84 9.87 -2.41
N ILE E 310 1.60 9.79 -1.96
CA ILE E 310 1.24 10.20 -0.60
C ILE E 310 0.59 9.03 0.13
N GLY E 311 1.07 8.75 1.34
CA GLY E 311 0.40 7.88 2.27
C GLY E 311 0.30 8.56 3.62
N CYS E 312 -0.30 7.86 4.57
CA CYS E 312 -0.59 8.47 5.85
C CYS E 312 -0.48 7.45 6.96
N LEU E 313 0.27 7.79 7.99
CA LEU E 313 0.07 7.16 9.29
C LEU E 313 -1.06 7.89 9.98
N ILE E 314 -2.12 7.17 10.33
CA ILE E 314 -3.26 7.75 11.02
C ILE E 314 -3.40 7.09 12.37
N GLY E 315 -3.68 7.92 13.39
CA GLY E 315 -4.12 7.46 14.68
C GLY E 315 -5.61 7.66 14.86
N ALA E 316 -6.08 7.37 16.06
CA ALA E 316 -7.50 7.45 16.37
C ALA E 316 -8.06 8.82 16.08
N SER E 317 -9.17 8.86 15.33
CA SER E 317 -9.89 10.09 15.02
C SER E 317 -9.01 11.08 14.26
N ALA E 318 -8.44 10.61 13.15
CA ALA E 318 -7.70 11.51 12.26
C ALA E 318 -8.62 12.28 11.35
N VAL E 319 -9.80 11.73 11.06
CA VAL E 319 -10.82 12.39 10.27
C VAL E 319 -12.10 12.36 11.10
N LEU E 320 -12.85 13.45 11.04
CA LEU E 320 -14.10 13.60 11.78
C LEU E 320 -15.23 13.76 10.79
N LEU E 321 -16.26 12.92 10.94
CA LEU E 321 -17.48 12.97 10.16
C LEU E 321 -18.62 13.43 11.05
N ALA E 322 -19.22 14.55 10.70
CA ALA E 322 -20.37 15.09 11.41
C ALA E 322 -21.60 15.04 10.54
N GLY E 323 -22.74 14.76 11.15
CA GLY E 323 -24.00 14.70 10.45
C GLY E 323 -24.50 13.30 10.28
N SER E 324 -24.89 12.95 9.06
CA SER E 324 -25.40 11.61 8.75
C SER E 324 -24.79 11.20 7.42
N LYS E 325 -23.93 10.20 7.45
CA LYS E 325 -23.32 9.71 6.21
C LYS E 325 -24.29 8.88 5.39
N GLU E 326 -25.51 8.65 5.88
CA GLU E 326 -26.55 8.03 5.08
C GLU E 326 -26.87 8.89 3.86
N THR E 327 -27.32 8.24 2.81
CA THR E 327 -27.65 8.90 1.55
C THR E 327 -29.14 8.83 1.30
N ARG E 328 -29.64 9.72 0.46
CA ARG E 328 -31.05 9.78 0.13
C ARG E 328 -31.26 9.54 -1.35
N PHE E 329 -32.33 8.82 -1.68
CA PHE E 329 -32.69 8.50 -3.06
C PHE E 329 -34.01 9.17 -3.40
N TYR E 330 -34.02 9.88 -4.53
CA TYR E 330 -35.19 10.59 -5.01
C TYR E 330 -35.58 9.98 -6.36
N ILE E 331 -36.66 9.20 -6.38
CA ILE E 331 -37.10 8.52 -7.58
C ILE E 331 -38.33 9.21 -8.10
N ASP E 332 -38.20 9.90 -9.24
CA ASP E 332 -39.32 10.58 -9.88
C ASP E 332 -39.71 9.80 -11.12
N GLU E 333 -40.78 9.02 -11.01
CA GLU E 333 -41.36 8.30 -12.14
C GLU E 333 -42.38 9.13 -12.88
N THR E 334 -42.28 10.46 -12.81
CA THR E 334 -43.27 11.35 -13.39
C THR E 334 -42.64 12.35 -14.35
N VAL E 335 -41.48 12.03 -14.91
CA VAL E 335 -40.87 12.86 -15.93
C VAL E 335 -41.56 12.57 -17.25
N ASP E 336 -41.74 13.61 -18.07
CA ASP E 336 -42.34 13.50 -19.39
C ASP E 336 -43.67 12.74 -19.32
N ALA E 337 -44.52 13.19 -18.39
CA ALA E 337 -45.87 12.65 -18.15
C ALA E 337 -45.86 11.20 -17.69
N GLY E 338 -44.72 10.65 -17.33
CA GLY E 338 -44.63 9.27 -16.90
C GLY E 338 -43.83 8.39 -17.83
N ARG E 339 -43.45 8.88 -19.01
CA ARG E 339 -42.62 8.09 -19.91
C ARG E 339 -41.22 7.93 -19.35
N LYS E 340 -40.50 9.03 -19.20
CA LYS E 340 -39.14 8.99 -18.72
C LYS E 340 -39.13 8.97 -17.19
N SER E 341 -37.93 8.96 -16.62
CA SER E 341 -37.78 8.80 -15.19
C SER E 341 -36.48 9.43 -14.74
N LEU E 342 -36.48 9.96 -13.53
CA LEU E 342 -35.29 10.56 -12.95
C LEU E 342 -34.98 9.85 -11.64
N VAL E 343 -33.71 9.57 -11.42
CA VAL E 343 -33.25 8.94 -10.20
C VAL E 343 -32.10 9.78 -9.67
N GLY E 344 -32.30 10.41 -8.52
CA GLY E 344 -31.27 11.22 -7.92
C GLY E 344 -30.80 10.65 -6.60
N VAL E 345 -29.58 10.99 -6.22
CA VAL E 345 -29.01 10.58 -4.95
C VAL E 345 -28.31 11.79 -4.35
N ASP E 346 -28.56 12.04 -3.07
CA ASP E 346 -28.10 13.25 -2.41
C ASP E 346 -27.51 12.88 -1.06
N CYS E 347 -26.60 13.72 -0.56
CA CYS E 347 -26.01 13.50 0.74
C CYS E 347 -25.57 14.83 1.36
N LEU E 348 -25.72 14.93 2.68
CA LEU E 348 -25.29 16.07 3.47
C LEU E 348 -24.37 15.56 4.58
N LEU E 349 -23.08 15.89 4.48
CA LEU E 349 -22.08 15.31 5.36
C LEU E 349 -20.95 16.30 5.59
N GLY E 350 -20.48 16.39 6.84
CA GLY E 350 -19.34 17.20 7.16
C GLY E 350 -18.12 16.32 7.35
N VAL E 351 -17.12 16.55 6.52
CA VAL E 351 -15.86 15.81 6.59
C VAL E 351 -14.76 16.80 6.92
N SER E 352 -13.93 16.49 7.91
CA SER E 352 -12.82 17.37 8.20
C SER E 352 -11.67 16.58 8.78
N LYS E 353 -10.45 16.95 8.41
CA LYS E 353 -9.29 16.38 9.08
C LYS E 353 -9.21 16.95 10.49
N ALA E 354 -9.06 16.07 11.48
CA ALA E 354 -8.98 16.49 12.87
C ALA E 354 -7.81 17.46 13.06
N ARG E 355 -8.13 18.72 13.31
CA ARG E 355 -7.11 19.75 13.41
C ARG E 355 -7.71 20.88 14.26
N TYR E 356 -7.35 20.91 15.53
CA TYR E 356 -8.00 21.79 16.48
C TYR E 356 -7.27 23.11 16.58
N GLN E 357 -8.03 24.17 16.84
CA GLN E 357 -7.52 25.52 16.93
C GLN E 357 -7.66 26.03 18.36
N SER E 358 -6.72 26.87 18.76
CA SER E 358 -6.73 27.39 20.12
C SER E 358 -7.96 28.22 20.36
N THR E 359 -8.73 27.87 21.40
CA THR E 359 -9.99 28.55 21.66
C THR E 359 -9.77 30.01 21.99
N ASP E 360 -8.91 30.31 22.96
CA ASP E 360 -8.69 31.71 23.24
C ASP E 360 -7.62 32.36 22.36
N GLY E 361 -6.34 32.14 22.64
CA GLY E 361 -5.33 32.74 21.80
C GLY E 361 -3.96 32.11 21.80
N VAL E 362 -3.80 31.00 22.48
CA VAL E 362 -2.48 30.60 22.97
C VAL E 362 -1.77 29.71 21.95
N VAL E 363 -0.46 29.91 21.82
CA VAL E 363 0.36 29.01 21.03
C VAL E 363 0.52 27.70 21.78
N THR E 364 0.41 26.60 21.05
CA THR E 364 0.39 25.27 21.65
C THR E 364 0.83 24.29 20.58
N PRO E 365 1.51 23.19 20.95
CA PRO E 365 1.81 22.16 19.95
C PRO E 365 0.60 21.69 19.16
N TYR E 366 -0.60 21.77 19.72
CA TYR E 366 -1.81 21.32 19.06
C TYR E 366 -2.51 22.42 18.27
N ASP E 367 -1.85 23.55 18.04
CA ASP E 367 -2.60 24.76 17.66
C ASP E 367 -3.12 24.70 16.23
N ASN E 368 -2.26 24.44 15.27
CA ASN E 368 -2.70 24.36 13.88
C ASN E 368 -2.05 23.15 13.23
N GLN E 369 -2.13 22.02 13.92
CA GLN E 369 -1.37 20.83 13.58
C GLN E 369 -2.31 19.65 13.39
N ASP E 370 -2.00 18.81 12.41
CA ASP E 370 -2.77 17.60 12.21
C ASP E 370 -2.73 16.75 13.47
N TYR E 371 -3.90 16.42 13.99
CA TYR E 371 -3.99 15.79 15.30
C TYR E 371 -3.45 14.36 15.28
N ALA E 372 -3.80 13.57 14.26
CA ALA E 372 -3.39 12.17 14.24
C ALA E 372 -2.97 11.73 12.85
N VAL E 373 -2.27 12.58 12.12
CA VAL E 373 -1.89 12.28 10.75
C VAL E 373 -0.44 12.68 10.54
N ILE E 374 0.40 11.71 10.22
CA ILE E 374 1.73 11.96 9.68
C ILE E 374 1.70 11.60 8.20
N GLY E 375 2.21 12.50 7.37
CA GLY E 375 2.33 12.19 5.96
C GLY E 375 3.53 11.32 5.68
N LEU E 376 3.40 10.49 4.64
CA LEU E 376 4.43 9.54 4.23
C LEU E 376 4.59 9.72 2.72
N VAL E 377 5.59 10.48 2.30
CA VAL E 377 5.71 10.88 0.91
C VAL E 377 6.84 10.11 0.26
N SER E 378 6.56 9.51 -0.90
CA SER E 378 7.57 8.74 -1.67
C SER E 378 7.43 9.09 -3.15
N ASP E 379 8.48 8.89 -3.94
CA ASP E 379 8.40 9.16 -5.40
C ASP E 379 7.55 8.06 -6.05
N MET E 380 6.42 8.42 -6.66
CA MET E 380 5.56 7.39 -7.30
C MET E 380 6.22 6.89 -8.57
N GLU E 381 6.81 5.69 -8.52
CA GLU E 381 7.51 5.07 -9.67
C GLU E 381 7.32 3.56 -9.62
N LEU F 5 36.56 -68.23 -50.46
CA LEU F 5 35.53 -69.23 -50.16
C LEU F 5 34.94 -69.04 -48.78
N ASN F 6 35.68 -69.42 -47.75
CA ASN F 6 35.19 -69.39 -46.38
C ASN F 6 35.97 -68.32 -45.62
N ASN F 7 35.53 -67.07 -45.77
CA ASN F 7 36.12 -65.95 -45.06
C ASN F 7 35.24 -65.61 -43.86
N ILE F 8 35.69 -64.66 -43.06
CA ILE F 8 34.88 -64.20 -41.95
C ILE F 8 33.70 -63.42 -42.50
N ASN F 9 32.49 -63.83 -42.10
CA ASN F 9 31.27 -63.14 -42.50
C ASN F 9 30.93 -62.11 -41.43
N PHE F 10 30.90 -60.85 -41.83
CA PHE F 10 30.67 -59.75 -40.89
C PHE F 10 29.25 -59.21 -40.94
N ASN F 11 28.34 -59.93 -41.58
CA ASN F 11 26.97 -59.47 -41.62
C ASN F 11 26.29 -59.68 -40.27
N ASN F 12 25.22 -58.94 -40.05
CA ASN F 12 24.42 -59.09 -38.84
C ASN F 12 23.10 -59.74 -39.19
N ILE F 13 22.27 -59.96 -38.17
CA ILE F 13 21.09 -60.78 -38.32
C ILE F 13 20.03 -60.15 -39.22
N SER F 14 20.22 -58.90 -39.63
CA SER F 14 19.29 -58.31 -40.58
C SER F 14 19.44 -58.92 -41.97
N ASN F 15 20.65 -59.33 -42.33
CA ASN F 15 20.87 -59.95 -43.63
C ASN F 15 20.28 -61.34 -43.72
N ASN F 16 19.97 -61.96 -42.59
CA ASN F 16 19.37 -63.30 -42.59
C ASN F 16 18.01 -63.26 -43.26
N LEU F 17 17.91 -63.89 -44.44
CA LEU F 17 16.68 -63.93 -45.21
C LEU F 17 15.69 -64.96 -44.69
N ASN F 18 15.94 -65.54 -43.53
CA ASN F 18 15.01 -66.45 -42.89
C ASN F 18 14.13 -65.75 -41.88
N LEU F 19 14.33 -64.46 -41.68
CA LEU F 19 13.60 -63.69 -40.68
C LEU F 19 12.52 -62.87 -41.36
N GLY F 20 11.38 -62.76 -40.70
CA GLY F 20 10.32 -61.90 -41.18
C GLY F 20 10.06 -60.76 -40.22
N ILE F 21 9.91 -59.56 -40.74
CA ILE F 21 9.60 -58.42 -39.89
C ILE F 21 8.15 -58.48 -39.44
N GLU F 22 7.91 -58.12 -38.19
CA GLU F 22 6.57 -58.14 -37.60
C GLU F 22 6.24 -56.72 -37.13
N VAL F 23 5.36 -56.04 -37.85
CA VAL F 23 5.03 -54.66 -37.55
C VAL F 23 4.03 -54.60 -36.40
N GLY F 24 4.22 -53.63 -35.51
CA GLY F 24 3.33 -53.49 -34.38
C GLY F 24 2.05 -52.74 -34.71
N ARG F 25 0.96 -53.15 -34.07
CA ARG F 25 -0.35 -52.56 -34.33
C ARG F 25 -0.60 -51.32 -33.49
N GLU F 26 0.03 -51.19 -32.34
CA GLU F 26 -0.09 -50.00 -31.53
C GLU F 26 0.84 -48.91 -32.03
N ILE F 27 0.30 -47.75 -32.34
CA ILE F 27 1.06 -46.64 -32.89
C ILE F 27 1.08 -45.52 -31.84
N GLN F 28 2.28 -45.13 -31.42
CA GLN F 28 2.42 -44.11 -30.40
C GLN F 28 2.22 -42.72 -31.00
N ASN F 29 1.60 -41.84 -30.23
CA ASN F 29 1.37 -40.47 -30.66
C ASN F 29 1.94 -39.51 -29.63
N ALA F 30 1.84 -38.22 -29.93
CA ALA F 30 2.26 -37.14 -29.05
C ALA F 30 1.08 -36.51 -28.32
N SER F 31 0.00 -37.27 -28.15
CA SER F 31 -1.22 -36.79 -27.53
C SER F 31 -1.12 -36.65 -26.02
N TRP F 32 0.07 -36.83 -25.45
CA TRP F 32 0.23 -36.66 -24.01
C TRP F 32 0.16 -35.20 -23.60
N ILE F 33 0.49 -34.29 -24.51
CA ILE F 33 0.61 -32.88 -24.17
C ILE F 33 -0.75 -32.29 -23.83
N LYS F 34 -0.75 -31.30 -22.94
CA LYS F 34 -1.95 -30.60 -22.54
C LYS F 34 -1.63 -29.15 -22.29
N SER F 35 -2.50 -28.30 -22.65
CA SER F 35 -2.34 -26.89 -22.34
C SER F 35 -3.23 -26.49 -21.18
N PRO F 36 -2.85 -25.48 -20.41
CA PRO F 36 -3.66 -25.06 -19.26
C PRO F 36 -4.75 -24.07 -19.62
N PHE F 37 -5.47 -24.33 -20.71
CA PHE F 37 -6.50 -23.43 -21.17
C PHE F 37 -7.90 -23.98 -20.98
N PHE F 38 -8.07 -25.30 -20.88
CA PHE F 38 -9.37 -25.86 -20.57
C PHE F 38 -9.78 -25.55 -19.15
N SER F 39 -8.81 -25.41 -18.24
CA SER F 39 -9.09 -25.10 -16.85
C SER F 39 -9.42 -23.62 -16.66
N ILE F 40 -8.78 -22.76 -17.45
CA ILE F 40 -9.11 -21.33 -17.44
C ILE F 40 -10.53 -21.11 -17.91
N THR F 41 -11.04 -22.00 -18.75
CA THR F 41 -12.32 -21.82 -19.41
C THR F 41 -13.46 -22.31 -18.53
N GLY F 42 -14.62 -21.70 -18.71
CA GLY F 42 -15.79 -22.11 -17.95
C GLY F 42 -16.98 -21.25 -18.31
N THR F 43 -18.13 -21.62 -17.75
CA THR F 43 -19.36 -20.89 -17.98
C THR F 43 -19.63 -19.83 -16.92
N GLY F 44 -18.98 -19.90 -15.76
CA GLY F 44 -19.17 -18.89 -14.75
C GLY F 44 -18.53 -17.57 -15.13
N ALA F 45 -19.01 -16.51 -14.49
CA ALA F 45 -18.52 -15.18 -14.82
C ALA F 45 -17.11 -14.94 -14.30
N ASP F 46 -16.67 -15.71 -13.33
CA ASP F 46 -15.32 -15.57 -12.76
C ASP F 46 -14.31 -16.45 -13.48
N ARG F 47 -14.28 -16.37 -14.80
CA ARG F 47 -13.42 -17.21 -15.61
C ARG F 47 -12.60 -16.33 -16.54
N GLY F 48 -11.32 -16.65 -16.68
CA GLY F 48 -10.51 -15.95 -17.66
C GLY F 48 -11.07 -16.06 -19.05
N VAL F 49 -11.67 -17.19 -19.37
CA VAL F 49 -12.30 -17.43 -20.66
C VAL F 49 -13.74 -17.84 -20.36
N ARG F 50 -14.68 -16.92 -20.56
CA ARG F 50 -16.09 -17.18 -20.27
C ARG F 50 -16.76 -17.75 -21.51
N LEU F 51 -17.49 -18.84 -21.32
CA LEU F 51 -18.25 -19.48 -22.40
C LEU F 51 -19.72 -19.15 -22.23
N PHE F 52 -20.31 -18.50 -23.22
CA PHE F 52 -21.75 -18.25 -23.27
C PHE F 52 -22.38 -19.35 -24.11
N SER F 53 -23.06 -20.29 -23.45
CA SER F 53 -23.68 -21.41 -24.14
C SER F 53 -24.96 -20.92 -24.82
N VAL F 54 -24.79 -20.27 -25.97
CA VAL F 54 -25.91 -19.74 -26.74
C VAL F 54 -26.51 -20.86 -27.58
N ALA F 55 -27.54 -21.52 -27.05
CA ALA F 55 -28.32 -22.43 -27.87
C ALA F 55 -28.98 -21.65 -29.00
N SER F 56 -29.10 -22.28 -30.17
CA SER F 56 -29.40 -21.57 -31.40
C SER F 56 -28.32 -20.51 -31.65
N GLN F 57 -27.11 -21.01 -31.88
CA GLN F 57 -25.92 -20.20 -31.70
C GLN F 57 -25.81 -19.08 -32.72
N GLN F 58 -26.52 -18.00 -32.47
CA GLN F 58 -26.49 -16.79 -33.25
C GLN F 58 -25.33 -15.92 -32.81
N PRO F 59 -24.99 -14.90 -33.60
CA PRO F 59 -24.04 -13.90 -33.12
C PRO F 59 -24.49 -13.36 -31.77
N PHE F 60 -23.57 -13.35 -30.81
CA PHE F 60 -23.89 -12.99 -29.43
C PHE F 60 -23.50 -11.56 -29.14
N ARG F 61 -24.23 -10.93 -28.24
CA ARG F 61 -23.98 -9.53 -27.88
C ARG F 61 -24.06 -9.38 -26.38
N PRO F 62 -22.92 -9.44 -25.69
CA PRO F 62 -22.89 -9.09 -24.26
C PRO F 62 -22.65 -7.59 -24.05
N ARG F 63 -23.01 -7.16 -22.84
CA ARG F 63 -23.03 -5.74 -22.50
C ARG F 63 -22.49 -5.53 -21.09
N ILE F 64 -21.72 -4.46 -20.91
CA ILE F 64 -21.27 -4.03 -19.60
C ILE F 64 -21.83 -2.64 -19.29
N LYS F 65 -22.12 -2.43 -18.01
CA LYS F 65 -22.52 -1.12 -17.52
C LYS F 65 -21.28 -0.37 -17.05
N ALA F 66 -20.96 0.73 -17.72
CA ALA F 66 -19.83 1.53 -17.31
C ALA F 66 -20.10 2.18 -15.96
N GLN F 67 -19.02 2.51 -15.26
CA GLN F 67 -19.14 3.15 -13.97
C GLN F 67 -19.34 4.64 -14.13
N LEU F 68 -20.18 5.21 -13.26
CA LEU F 68 -20.50 6.63 -13.34
C LEU F 68 -19.30 7.49 -12.93
N SER F 69 -19.21 8.63 -13.61
CA SER F 69 -18.24 9.67 -13.28
C SER F 69 -18.97 10.99 -13.43
N GLY F 70 -18.22 12.08 -13.53
CA GLY F 70 -19.00 13.29 -13.63
C GLY F 70 -19.26 13.90 -12.27
N SER F 71 -19.27 15.24 -12.26
CA SER F 71 -19.22 15.96 -11.00
C SER F 71 -20.49 15.79 -10.20
N GLY F 72 -21.65 15.85 -10.85
CA GLY F 72 -22.89 15.93 -10.11
C GLY F 72 -23.19 17.37 -9.75
N VAL F 73 -24.08 17.54 -8.78
CA VAL F 73 -24.47 18.87 -8.33
C VAL F 73 -24.12 19.02 -6.86
N SER F 74 -23.85 20.26 -6.46
CA SER F 74 -23.53 20.57 -5.08
C SER F 74 -24.42 21.68 -4.57
N GLY F 75 -24.75 21.60 -3.27
CA GLY F 75 -25.51 22.63 -2.60
C GLY F 75 -26.98 22.63 -2.91
N ASN F 76 -27.45 23.69 -3.55
CA ASN F 76 -28.84 23.81 -3.93
C ASN F 76 -29.07 23.57 -5.41
N THR F 77 -28.01 23.43 -6.20
CA THR F 77 -28.16 23.19 -7.62
C THR F 77 -29.02 21.96 -7.87
N ASP F 78 -29.95 22.09 -8.80
CA ASP F 78 -30.88 21.01 -9.07
C ASP F 78 -30.25 19.99 -10.01
N PHE F 79 -30.78 18.77 -9.94
CA PHE F 79 -30.18 17.63 -10.62
C PHE F 79 -30.01 17.88 -12.11
N GLU F 80 -30.96 18.59 -12.73
CA GLU F 80 -30.92 18.77 -14.18
C GLU F 80 -29.77 19.63 -14.65
N ALA F 81 -29.02 20.26 -13.74
CA ALA F 81 -27.87 21.04 -14.16
C ALA F 81 -26.67 20.18 -14.52
N ASN F 82 -26.62 18.96 -13.99
CA ASN F 82 -25.59 18.00 -14.39
C ASN F 82 -26.24 16.62 -14.32
N TYR F 83 -26.81 16.20 -15.44
CA TYR F 83 -27.29 14.84 -15.55
C TYR F 83 -26.11 13.93 -15.83
N ASP F 84 -26.12 12.77 -15.20
CA ASP F 84 -25.11 11.78 -15.52
C ASP F 84 -25.62 10.86 -16.62
N ASN F 85 -24.68 10.20 -17.28
CA ASN F 85 -24.98 9.35 -18.42
C ASN F 85 -24.78 7.90 -18.01
N LEU F 86 -25.87 7.13 -18.01
CA LEU F 86 -25.83 5.69 -17.78
C LEU F 86 -25.34 5.04 -19.06
N GLU F 87 -24.06 4.75 -19.12
CA GLU F 87 -23.44 4.33 -20.37
C GLU F 87 -23.34 2.82 -20.45
N ILE F 88 -23.89 2.26 -21.54
CA ILE F 88 -23.85 0.78 -21.76
C ILE F 88 -22.94 0.50 -22.96
N LEU F 89 -21.98 -0.40 -22.79
CA LEU F 89 -21.06 -0.82 -23.83
C LEU F 89 -21.38 -2.25 -24.21
N SER F 90 -21.22 -2.57 -25.48
CA SER F 90 -21.54 -3.91 -25.95
C SER F 90 -20.45 -4.40 -26.87
N GLN F 91 -20.43 -5.71 -27.03
CA GLN F 91 -19.57 -6.38 -27.99
C GLN F 91 -20.41 -7.37 -28.77
N THR F 92 -20.04 -7.64 -30.01
CA THR F 92 -20.71 -8.66 -30.79
C THR F 92 -19.70 -9.71 -31.25
N ILE F 93 -19.92 -10.95 -30.83
CA ILE F 93 -19.09 -12.09 -31.17
C ILE F 93 -19.80 -12.88 -32.25
N TYR F 94 -19.18 -12.99 -33.41
CA TYR F 94 -19.66 -13.75 -34.56
C TYR F 94 -18.99 -15.11 -34.62
N PRO F 95 -19.72 -16.20 -34.81
CA PRO F 95 -19.10 -17.52 -34.85
C PRO F 95 -18.27 -17.72 -36.10
N ASP F 96 -17.38 -18.70 -36.03
CA ASP F 96 -16.52 -19.05 -37.15
C ASP F 96 -16.43 -20.57 -37.24
N ALA F 97 -16.55 -21.10 -38.46
CA ALA F 97 -16.49 -22.54 -38.67
C ALA F 97 -15.11 -22.91 -39.18
N PHE F 98 -14.51 -23.92 -38.55
CA PHE F 98 -13.21 -24.39 -38.98
C PHE F 98 -13.13 -25.90 -38.74
N GLY F 99 -12.32 -26.57 -39.55
CA GLY F 99 -12.20 -28.01 -39.44
C GLY F 99 -11.08 -28.54 -40.30
N ASN F 100 -10.83 -29.83 -40.13
CA ASN F 100 -9.71 -30.51 -40.77
C ASN F 100 -10.16 -31.89 -41.22
N SER F 101 -9.35 -32.55 -42.03
CA SER F 101 -9.74 -33.84 -42.58
C SER F 101 -8.52 -34.65 -42.96
N LEU F 102 -8.66 -35.96 -42.83
CA LEU F 102 -7.67 -36.94 -43.24
C LEU F 102 -8.30 -37.90 -44.23
N ARG F 103 -7.66 -38.06 -45.39
CA ARG F 103 -8.14 -39.06 -46.40
C ARG F 103 -7.27 -40.31 -46.28
N SER F 104 -7.80 -41.46 -46.69
CA SER F 104 -7.05 -42.74 -46.53
C SER F 104 -6.51 -43.21 -47.88
N LYS F 105 -5.71 -44.28 -47.88
CA LYS F 105 -5.25 -44.88 -49.16
C LYS F 105 -6.22 -46.03 -49.45
N ILE F 106 -5.95 -46.84 -50.46
CA ILE F 106 -6.92 -47.90 -50.83
C ILE F 106 -7.05 -48.90 -49.67
N LYS F 107 -8.22 -49.53 -49.52
CA LYS F 107 -8.47 -50.45 -48.37
C LYS F 107 -7.33 -51.48 -48.32
N ALA F 108 -6.89 -51.96 -49.49
CA ALA F 108 -5.81 -52.97 -49.56
C ALA F 108 -4.54 -52.48 -48.85
N TYR F 109 -4.23 -51.18 -48.94
CA TYR F 109 -2.97 -50.65 -48.35
C TYR F 109 -3.15 -50.45 -46.83
N SER F 110 -4.36 -50.10 -46.40
CA SER F 110 -4.64 -49.88 -44.99
C SER F 110 -4.48 -51.18 -44.21
N GLU F 111 -5.08 -52.26 -44.71
CA GLU F 111 -4.94 -53.55 -44.05
C GLU F 111 -3.54 -54.11 -44.22
N LEU F 112 -2.88 -53.79 -45.34
CA LEU F 112 -1.50 -54.21 -45.54
C LEU F 112 -0.59 -53.68 -44.44
N GLU F 113 -0.61 -52.36 -44.24
CA GLU F 113 0.22 -51.72 -43.23
C GLU F 113 -0.41 -51.74 -41.86
N ARG F 114 -1.44 -52.56 -41.67
CA ARG F 114 -2.15 -52.75 -40.41
C ARG F 114 -2.32 -51.43 -39.67
N ILE F 115 -2.95 -50.50 -40.38
CA ILE F 115 -3.29 -49.18 -39.86
C ILE F 115 -4.81 -49.14 -39.75
N ASP F 116 -5.32 -49.08 -38.52
CA ASP F 116 -6.73 -48.79 -38.31
C ASP F 116 -6.92 -47.31 -38.57
N PHE F 117 -7.44 -46.96 -39.75
CA PHE F 117 -7.40 -45.56 -40.17
C PHE F 117 -8.43 -44.73 -39.44
N ILE F 118 -9.64 -45.25 -39.26
CA ILE F 118 -10.67 -44.46 -38.60
C ILE F 118 -10.22 -44.07 -37.21
N LYS F 119 -9.72 -45.03 -36.44
CA LYS F 119 -9.33 -44.76 -35.06
C LYS F 119 -8.17 -43.76 -34.98
N GLU F 120 -7.07 -44.07 -35.66
CA GLU F 120 -5.90 -43.20 -35.61
C GLU F 120 -6.23 -41.81 -36.13
N SER F 121 -6.95 -41.73 -37.25
CA SER F 121 -7.31 -40.44 -37.80
C SER F 121 -8.19 -39.65 -36.85
N VAL F 122 -9.13 -40.31 -36.18
CA VAL F 122 -10.00 -39.62 -35.25
C VAL F 122 -9.20 -39.05 -34.09
N ASP F 123 -8.28 -39.82 -33.52
CA ASP F 123 -7.61 -39.29 -32.33
C ASP F 123 -6.62 -38.19 -32.72
N SER F 124 -5.97 -38.30 -33.88
CA SER F 124 -5.08 -37.23 -34.30
C SER F 124 -5.86 -35.97 -34.68
N LEU F 125 -7.03 -36.13 -35.30
CA LEU F 125 -7.85 -34.96 -35.61
C LEU F 125 -8.42 -34.33 -34.35
N THR F 126 -8.66 -35.13 -33.31
CA THR F 126 -9.08 -34.59 -32.03
C THR F 126 -7.97 -33.72 -31.42
N THR F 127 -6.75 -34.24 -31.41
CA THR F 127 -5.63 -33.45 -30.93
C THR F 127 -5.50 -32.15 -31.73
N TRP F 128 -5.66 -32.24 -33.05
CA TRP F 128 -5.57 -31.05 -33.88
C TRP F 128 -6.66 -30.04 -33.53
N MET F 129 -7.88 -30.52 -33.33
CA MET F 129 -8.99 -29.62 -33.03
C MET F 129 -8.76 -28.92 -31.69
N ASN F 130 -8.26 -29.68 -30.70
CA ASN F 130 -7.92 -29.06 -29.42
C ASN F 130 -6.90 -27.96 -29.60
N GLU F 131 -5.80 -28.25 -30.29
CA GLU F 131 -4.74 -27.26 -30.47
C GLU F 131 -5.25 -26.04 -31.22
N GLU F 132 -6.13 -26.23 -32.18
CA GLU F 132 -6.58 -25.11 -33.00
C GLU F 132 -7.59 -24.24 -32.26
N ARG F 133 -8.45 -24.83 -31.46
CA ARG F 133 -9.32 -24.00 -30.61
C ARG F 133 -8.50 -23.20 -29.61
N ASP F 134 -7.52 -23.84 -28.98
CA ASP F 134 -6.65 -23.12 -28.07
C ASP F 134 -5.88 -22.02 -28.78
N LYS F 135 -5.51 -22.24 -30.03
CA LYS F 135 -4.79 -21.20 -30.74
C LYS F 135 -5.71 -20.05 -31.14
N ARG F 136 -6.97 -20.33 -31.44
CA ARG F 136 -7.94 -19.23 -31.57
C ARG F 136 -7.94 -18.38 -30.31
N ILE F 137 -8.08 -19.03 -29.16
CA ILE F 137 -8.15 -18.33 -27.88
C ILE F 137 -6.90 -17.47 -27.68
N VAL F 138 -5.72 -18.06 -27.90
CA VAL F 138 -4.48 -17.35 -27.64
C VAL F 138 -4.29 -16.20 -28.62
N ALA F 139 -4.63 -16.41 -29.89
CA ALA F 139 -4.46 -15.34 -30.87
C ALA F 139 -5.37 -14.18 -30.57
N SER F 140 -6.63 -14.44 -30.20
CA SER F 140 -7.51 -13.32 -29.89
C SER F 140 -7.07 -12.64 -28.60
N LEU F 141 -6.54 -13.41 -27.65
CA LEU F 141 -6.07 -12.86 -26.40
C LEU F 141 -4.84 -11.99 -26.57
N THR F 142 -4.00 -12.28 -27.54
CA THR F 142 -2.73 -11.60 -27.71
C THR F 142 -2.75 -10.55 -28.81
N ASN F 143 -3.88 -10.40 -29.50
CA ASN F 143 -3.96 -9.41 -30.57
C ASN F 143 -4.21 -8.03 -29.98
N ASP F 144 -3.38 -7.06 -30.36
CA ASP F 144 -3.64 -5.65 -30.13
C ASP F 144 -3.79 -5.32 -28.65
N PHE F 145 -2.69 -5.47 -27.92
CA PHE F 145 -2.68 -5.04 -26.52
C PHE F 145 -2.89 -3.54 -26.43
N THR F 146 -3.95 -3.14 -25.73
CA THR F 146 -4.14 -1.73 -25.42
C THR F 146 -3.35 -1.30 -24.20
N ASN F 147 -2.99 -2.26 -23.34
CA ASN F 147 -2.30 -1.98 -22.10
C ASN F 147 -1.31 -3.11 -21.86
N TYR F 148 -0.02 -2.78 -21.76
CA TYR F 148 1.01 -3.80 -21.67
C TYR F 148 2.22 -3.24 -20.95
N LEU F 149 3.10 -4.14 -20.52
CA LEU F 149 4.38 -3.80 -19.93
C LEU F 149 5.47 -4.51 -20.70
N TYR F 150 6.55 -3.80 -21.01
CA TYR F 150 7.74 -4.41 -21.57
C TYR F 150 8.85 -4.42 -20.53
N THR F 151 9.67 -5.46 -20.59
CA THR F 151 10.83 -5.58 -19.72
C THR F 151 11.87 -6.41 -20.45
N GLN F 152 13.14 -6.21 -20.09
CA GLN F 152 14.20 -6.97 -20.74
C GLN F 152 14.15 -8.44 -20.34
N THR F 153 13.86 -8.72 -19.08
CA THR F 153 13.81 -10.07 -18.54
C THR F 153 12.63 -10.17 -17.59
N MET F 154 11.96 -11.31 -17.59
CA MET F 154 10.79 -11.48 -16.74
C MET F 154 11.25 -11.65 -15.29
N ASN F 155 10.90 -10.70 -14.45
CA ASN F 155 11.19 -10.76 -13.04
C ASN F 155 9.91 -10.53 -12.24
N VAL F 156 9.97 -10.85 -10.95
CA VAL F 156 8.82 -10.67 -10.09
C VAL F 156 8.50 -9.20 -9.87
N ALA F 157 9.47 -8.31 -10.05
CA ALA F 157 9.19 -6.88 -10.02
C ALA F 157 8.14 -6.52 -11.07
N THR F 158 8.32 -7.02 -12.29
CA THR F 158 7.38 -6.70 -13.36
C THR F 158 6.03 -7.37 -13.15
N ILE F 159 6.01 -8.58 -12.60
CA ILE F 159 4.74 -9.24 -12.33
C ILE F 159 3.97 -8.49 -11.25
N ARG F 160 4.68 -8.01 -10.22
CA ARG F 160 4.05 -7.20 -9.18
C ARG F 160 3.56 -5.88 -9.76
N LYS F 161 4.35 -5.26 -10.63
CA LYS F 161 3.92 -4.05 -11.30
C LYS F 161 2.68 -4.29 -12.14
N ALA F 162 2.57 -5.46 -12.76
CA ALA F 162 1.41 -5.77 -13.60
C ALA F 162 0.17 -6.00 -12.74
N ILE F 163 0.32 -6.66 -11.60
CA ILE F 163 -0.83 -6.85 -10.72
C ILE F 163 -1.29 -5.51 -10.14
N PHE F 164 -0.34 -4.67 -9.72
CA PHE F 164 -0.65 -3.34 -9.25
C PHE F 164 -1.36 -2.51 -10.32
N HIS F 165 -0.85 -2.56 -11.56
CA HIS F 165 -1.50 -1.87 -12.66
C HIS F 165 -2.91 -2.39 -12.93
N ALA F 166 -3.10 -3.71 -12.87
CA ALA F 166 -4.41 -4.26 -13.14
C ALA F 166 -5.40 -3.87 -12.06
N ARG F 167 -4.98 -3.92 -10.80
CA ARG F 167 -5.89 -3.62 -9.71
C ARG F 167 -6.19 -2.14 -9.61
N ASN F 168 -5.34 -1.28 -10.14
CA ASN F 168 -5.54 0.15 -9.97
C ASN F 168 -5.83 0.88 -11.27
N GLY F 169 -6.03 0.16 -12.36
CA GLY F 169 -6.44 0.80 -13.60
C GLY F 169 -5.40 1.71 -14.21
N LEU F 170 -4.13 1.33 -14.14
CA LEU F 170 -3.04 2.12 -14.70
C LEU F 170 -2.52 1.47 -15.97
N LYS F 171 -1.88 2.27 -16.79
CA LYS F 171 -1.22 1.81 -18.00
C LYS F 171 0.29 1.84 -17.81
N GLY F 172 1.00 1.20 -18.74
CA GLY F 172 2.44 1.11 -18.64
C GLY F 172 3.15 2.44 -18.58
N ASP F 173 2.51 3.51 -19.04
CA ASP F 173 3.02 4.87 -18.93
C ASP F 173 2.38 5.62 -17.78
N ASN F 174 1.76 4.92 -16.85
CA ASN F 174 1.00 5.47 -15.73
C ASN F 174 -0.21 6.27 -16.17
N SER F 175 -0.58 6.19 -17.45
CA SER F 175 -1.85 6.75 -17.88
C SER F 175 -2.99 6.01 -17.20
N LYS F 176 -4.19 6.56 -17.32
CA LYS F 176 -5.33 6.06 -16.59
C LYS F 176 -6.18 5.13 -17.44
N ALA F 177 -6.81 4.17 -16.77
CA ALA F 177 -7.64 3.14 -17.36
C ALA F 177 -8.68 2.77 -16.33
N PHE F 178 -9.28 1.63 -16.47
CA PHE F 178 -10.21 1.17 -15.46
C PHE F 178 -9.61 0.02 -14.68
N PRO F 179 -9.99 -0.15 -13.41
CA PRO F 179 -9.50 -1.32 -12.65
C PRO F 179 -10.04 -2.61 -13.22
N ILE F 180 -9.13 -3.45 -13.72
CA ILE F 180 -9.50 -4.73 -14.32
C ILE F 180 -10.09 -5.64 -13.26
N LYS F 181 -11.22 -6.26 -13.56
CA LYS F 181 -11.86 -7.14 -12.62
C LYS F 181 -11.06 -8.44 -12.49
N PRO F 182 -10.90 -8.97 -11.28
CA PRO F 182 -10.06 -10.16 -11.09
C PRO F 182 -10.83 -11.46 -11.26
N ILE F 183 -10.06 -12.55 -11.38
CA ILE F 183 -10.68 -13.87 -11.34
C ILE F 183 -11.33 -14.10 -9.99
N ARG F 184 -10.68 -13.67 -8.92
CA ARG F 184 -11.34 -13.71 -7.62
C ARG F 184 -11.01 -12.47 -6.83
N ALA F 185 -11.95 -12.05 -6.00
CA ALA F 185 -11.76 -10.93 -5.08
C ALA F 185 -12.33 -11.32 -3.72
N THR F 186 -11.63 -10.97 -2.66
CA THR F 186 -12.00 -11.40 -1.33
C THR F 186 -11.74 -10.28 -0.33
N MET F 187 -12.53 -10.27 0.75
CA MET F 187 -12.31 -9.38 1.88
C MET F 187 -11.57 -10.15 2.97
N GLN F 188 -10.39 -9.66 3.35
CA GLN F 188 -9.53 -10.31 4.32
C GLN F 188 -9.10 -9.30 5.37
N SER F 189 -9.09 -9.72 6.63
CA SER F 189 -8.73 -8.84 7.73
C SER F 189 -7.22 -8.82 7.94
N VAL F 190 -6.67 -7.62 8.01
CA VAL F 190 -5.26 -7.39 8.35
C VAL F 190 -5.27 -6.52 9.60
N GLY F 191 -4.85 -7.09 10.72
CA GLY F 191 -5.12 -6.45 11.99
C GLY F 191 -6.61 -6.43 12.20
N ASN F 192 -7.23 -5.27 12.08
CA ASN F 192 -8.67 -5.18 12.01
C ASN F 192 -9.16 -4.47 10.77
N VAL F 193 -8.26 -4.02 9.91
CA VAL F 193 -8.65 -3.35 8.67
C VAL F 193 -9.02 -4.41 7.63
N MET F 194 -10.20 -4.27 7.04
CA MET F 194 -10.63 -5.18 5.98
C MET F 194 -10.08 -4.69 4.65
N VAL F 195 -9.22 -5.50 4.04
CA VAL F 195 -8.62 -5.20 2.75
C VAL F 195 -9.28 -6.11 1.72
N GLN F 196 -9.27 -5.70 0.46
CA GLN F 196 -9.78 -6.51 -0.64
C GLN F 196 -8.60 -6.99 -1.46
N ASN F 197 -8.35 -8.29 -1.44
CA ASN F 197 -7.28 -8.88 -2.22
C ASN F 197 -7.84 -9.55 -3.47
N THR F 198 -7.06 -9.50 -4.53
CA THR F 198 -7.49 -9.90 -5.86
C THR F 198 -6.54 -10.91 -6.45
N SER F 199 -7.09 -11.92 -7.13
CA SER F 199 -6.30 -12.93 -7.83
C SER F 199 -6.64 -12.87 -9.31
N TYR F 200 -5.62 -12.55 -10.12
CA TYR F 200 -5.61 -12.64 -11.56
C TYR F 200 -4.97 -13.94 -12.00
N ILE F 201 -4.67 -14.05 -13.30
CA ILE F 201 -3.92 -15.20 -13.82
C ILE F 201 -2.83 -14.69 -14.74
N ILE F 202 -1.59 -15.07 -14.48
CA ILE F 202 -0.47 -14.70 -15.32
C ILE F 202 -0.09 -15.90 -16.17
N LEU F 203 -0.08 -15.70 -17.48
CA LEU F 203 0.25 -16.72 -18.46
C LEU F 203 1.54 -16.31 -19.14
N LEU F 204 2.62 -17.00 -18.81
CA LEU F 204 3.91 -16.79 -19.43
C LEU F 204 4.23 -17.96 -20.36
N ASP F 205 5.16 -17.72 -21.28
CA ASP F 205 5.61 -18.82 -22.11
C ASP F 205 6.75 -19.54 -21.37
N SER F 206 7.46 -20.40 -22.09
CA SER F 206 8.53 -21.14 -21.43
C SER F 206 9.75 -20.25 -21.19
N TYR F 207 10.06 -19.36 -22.14
CA TYR F 207 11.24 -18.52 -22.00
C TYR F 207 11.07 -17.52 -20.87
N GLN F 208 9.88 -16.92 -20.74
CA GLN F 208 9.64 -16.01 -19.64
C GLN F 208 9.62 -16.75 -18.31
N ALA F 209 9.11 -17.97 -18.28
CA ALA F 209 9.15 -18.75 -17.04
C ALA F 209 10.59 -19.05 -16.64
N ASN F 210 11.46 -19.29 -17.62
CA ASN F 210 12.88 -19.44 -17.28
C ASN F 210 13.45 -18.15 -16.73
N GLN F 211 13.27 -17.05 -17.46
CA GLN F 211 13.78 -15.77 -16.99
C GLN F 211 13.29 -15.44 -15.59
N LEU F 212 12.10 -15.91 -15.23
CA LEU F 212 11.59 -15.70 -13.89
C LEU F 212 12.27 -16.61 -12.89
N LYS F 213 12.54 -17.86 -13.27
CA LYS F 213 13.22 -18.74 -12.35
C LYS F 213 14.67 -18.32 -12.09
N ALA F 214 15.28 -17.59 -13.02
CA ALA F 214 16.62 -17.05 -12.86
C ALA F 214 16.62 -15.71 -12.15
N ASP F 215 15.55 -15.36 -11.45
CA ASP F 215 15.41 -14.07 -10.79
C ASP F 215 15.75 -14.21 -9.31
N SER F 216 16.62 -13.33 -8.82
CA SER F 216 17.03 -13.38 -7.42
C SER F 216 15.86 -13.18 -6.49
N GLU F 217 15.01 -12.20 -6.78
CA GLU F 217 13.85 -11.95 -5.92
C GLU F 217 12.91 -13.13 -5.95
N PHE F 218 12.83 -13.84 -7.07
CA PHE F 218 11.99 -15.02 -7.16
C PHE F 218 12.54 -16.16 -6.31
N LYS F 219 13.86 -16.34 -6.32
CA LYS F 219 14.47 -17.34 -5.45
C LYS F 219 14.23 -17.00 -3.98
N GLU F 220 14.35 -15.72 -3.64
CA GLU F 220 14.08 -15.29 -2.28
C GLU F 220 12.63 -15.58 -1.89
N LEU F 221 11.70 -15.28 -2.78
CA LEU F 221 10.28 -15.51 -2.50
C LEU F 221 9.98 -17.00 -2.36
N ARG F 222 10.67 -17.83 -3.14
CA ARG F 222 10.50 -19.27 -2.98
C ARG F 222 11.03 -19.75 -1.63
N LYS F 223 12.18 -19.21 -1.21
CA LYS F 223 12.68 -19.52 0.12
C LYS F 223 11.69 -19.11 1.20
N LEU F 224 11.06 -17.93 1.02
CA LEU F 224 10.11 -17.47 2.02
C LEU F 224 8.86 -18.34 2.06
N TYR F 225 8.38 -18.76 0.90
CA TYR F 225 7.25 -19.68 0.86
C TYR F 225 7.61 -20.99 1.54
N ALA F 226 8.86 -21.45 1.39
CA ALA F 226 9.29 -22.68 2.03
C ALA F 226 9.33 -22.53 3.54
N PHE F 227 9.93 -21.44 4.03
CA PHE F 227 9.94 -21.17 5.46
C PHE F 227 8.52 -21.13 6.02
N ALA F 228 7.64 -20.36 5.39
CA ALA F 228 6.27 -20.28 5.84
C ALA F 228 5.53 -21.62 5.71
N GLY F 229 5.99 -22.49 4.82
CA GLY F 229 5.27 -23.71 4.51
C GLY F 229 4.00 -23.42 3.74
N GLU F 230 4.13 -22.69 2.63
CA GLU F 230 2.97 -22.21 1.88
C GLU F 230 2.84 -22.82 0.50
N ASP F 231 3.85 -22.68 -0.36
CA ASP F 231 3.71 -23.03 -1.77
C ASP F 231 4.06 -24.50 -1.93
N LYS F 232 3.11 -25.35 -1.56
CA LYS F 232 3.38 -26.76 -1.40
C LYS F 232 3.50 -27.45 -2.76
N GLY F 233 4.64 -28.07 -3.00
CA GLY F 233 4.92 -28.77 -4.22
C GLY F 233 5.49 -27.91 -5.33
N MET F 234 5.28 -26.59 -5.28
CA MET F 234 5.61 -25.75 -6.42
C MET F 234 7.09 -25.81 -6.75
N LEU F 235 7.95 -25.78 -5.73
CA LEU F 235 9.37 -25.95 -5.96
C LEU F 235 9.72 -27.42 -6.18
N TYR F 236 9.03 -28.29 -5.45
CA TYR F 236 9.23 -29.73 -5.60
C TYR F 236 8.90 -30.21 -7.01
N SER F 237 7.98 -29.52 -7.69
CA SER F 237 7.48 -29.96 -8.98
C SER F 237 7.98 -29.14 -10.15
N GLY F 238 8.84 -28.16 -9.91
CA GLY F 238 9.31 -27.32 -11.00
C GLY F 238 8.37 -26.22 -11.43
N LEU F 239 7.21 -26.11 -10.80
CA LEU F 239 6.24 -25.10 -11.15
C LEU F 239 6.63 -23.75 -10.57
N LEU F 240 5.95 -22.70 -11.04
CA LEU F 240 6.26 -21.34 -10.61
C LEU F 240 5.46 -20.90 -9.40
N GLY F 241 4.21 -21.34 -9.28
CA GLY F 241 3.43 -21.03 -8.10
C GLY F 241 2.70 -19.70 -8.15
N VAL F 242 2.49 -19.09 -7.00
CA VAL F 242 1.60 -17.94 -6.86
C VAL F 242 2.41 -16.73 -6.43
N ILE F 243 2.22 -15.61 -7.14
CA ILE F 243 2.89 -14.33 -6.77
C ILE F 243 1.77 -13.29 -6.56
N ASP F 244 1.68 -12.68 -5.37
CA ASP F 244 0.62 -11.69 -5.07
C ASP F 244 -0.76 -12.31 -5.29
N ASN F 245 -1.05 -13.44 -4.64
CA ASN F 245 -2.32 -14.14 -4.73
C ASN F 245 -2.61 -14.66 -6.14
N CYS F 246 -1.76 -14.37 -7.12
CA CYS F 246 -2.05 -14.65 -8.52
C CYS F 246 -1.22 -15.84 -9.00
N PRO F 247 -1.85 -16.91 -9.48
CA PRO F 247 -1.08 -18.01 -10.07
C PRO F 247 -0.32 -17.58 -11.31
N VAL F 248 0.92 -18.04 -11.42
CA VAL F 248 1.74 -17.82 -12.59
C VAL F 248 1.87 -19.15 -13.31
N ILE F 249 1.50 -19.18 -14.59
CA ILE F 249 1.36 -20.40 -15.35
C ILE F 249 2.36 -20.37 -16.49
N ASP F 250 3.15 -21.43 -16.61
CA ASP F 250 3.96 -21.64 -17.80
C ASP F 250 3.06 -22.26 -18.87
N ALA F 251 2.75 -21.48 -19.90
CA ALA F 251 1.82 -21.93 -20.92
C ALA F 251 2.51 -22.70 -22.04
N GLY F 252 3.71 -22.31 -22.41
CA GLY F 252 4.46 -22.95 -23.47
C GLY F 252 4.79 -21.96 -24.57
N VAL F 253 5.52 -22.46 -25.57
CA VAL F 253 5.87 -21.67 -26.73
C VAL F 253 5.00 -22.14 -27.90
N TRP F 254 4.36 -21.19 -28.56
CA TRP F 254 3.63 -21.45 -29.79
C TRP F 254 4.57 -21.97 -30.86
N ASN F 255 4.32 -23.19 -31.34
CA ASN F 255 4.96 -23.72 -32.53
C ASN F 255 3.87 -24.20 -33.48
N LYS F 256 4.29 -24.78 -34.60
CA LYS F 256 3.33 -25.25 -35.60
C LYS F 256 2.53 -26.46 -35.13
N PHE F 257 2.81 -27.00 -33.95
CA PHE F 257 2.12 -28.19 -33.46
C PHE F 257 1.26 -27.92 -32.23
N ASN F 258 1.85 -27.37 -31.18
CA ASN F 258 1.14 -27.15 -29.93
C ASN F 258 0.87 -25.67 -29.72
N VAL F 259 -0.02 -25.40 -28.79
CA VAL F 259 -0.41 -24.05 -28.43
C VAL F 259 0.45 -23.58 -27.27
N GLY F 260 0.79 -22.31 -27.27
CA GLY F 260 1.51 -21.72 -26.18
C GLY F 260 1.44 -20.23 -26.26
N MET F 261 2.36 -19.59 -25.57
CA MET F 261 2.19 -18.15 -25.77
C MET F 261 3.02 -17.70 -26.97
N PRO F 262 2.51 -16.76 -27.76
CA PRO F 262 3.18 -16.44 -29.02
C PRO F 262 4.48 -15.69 -28.85
N ASN F 263 5.11 -15.37 -29.98
CA ASN F 263 6.38 -14.66 -29.97
C ASN F 263 6.54 -14.02 -31.34
N SER F 264 7.49 -13.11 -31.45
CA SER F 264 7.66 -12.36 -32.68
C SER F 264 8.33 -13.15 -33.78
N SER F 265 8.61 -14.43 -33.56
CA SER F 265 9.22 -15.27 -34.58
C SER F 265 8.19 -15.81 -35.56
N ILE F 266 6.99 -16.09 -35.01
CA ILE F 266 5.78 -16.58 -35.74
C ILE F 266 5.44 -15.58 -36.85
N SER F 267 5.04 -16.05 -38.03
CA SER F 267 4.79 -15.11 -39.11
C SER F 267 3.42 -14.46 -38.98
N ASP F 268 3.23 -13.38 -39.74
CA ASP F 268 2.00 -12.60 -39.65
C ASP F 268 0.79 -13.40 -40.12
N SER F 269 0.94 -14.11 -41.24
CA SER F 269 -0.16 -14.94 -41.73
C SER F 269 -0.49 -16.06 -40.75
N ASP F 270 0.53 -16.71 -40.20
CA ASP F 270 0.30 -17.83 -39.30
C ASP F 270 -0.44 -17.41 -38.05
N PHE F 271 -0.25 -16.16 -37.61
CA PHE F 271 -1.01 -15.66 -36.47
C PHE F 271 -2.38 -15.17 -36.89
N MET F 272 -2.46 -14.43 -38.00
CA MET F 272 -3.70 -13.81 -38.45
C MET F 272 -4.74 -14.82 -38.87
N ARG F 273 -4.33 -16.02 -39.25
CA ARG F 273 -5.33 -17.01 -39.65
C ARG F 273 -6.11 -17.57 -38.46
N TYR F 274 -5.67 -17.30 -37.23
CA TYR F 274 -6.38 -17.76 -36.04
C TYR F 274 -7.24 -16.66 -35.45
N LEU F 275 -7.40 -15.54 -36.14
CA LEU F 275 -8.28 -14.45 -35.73
C LEU F 275 -9.59 -14.52 -36.51
N ASN F 276 -10.68 -14.18 -35.84
CA ASN F 276 -11.99 -14.26 -36.48
C ASN F 276 -12.13 -13.26 -37.61
N LYS F 277 -11.43 -12.13 -37.53
CA LYS F 277 -11.38 -11.11 -38.58
C LYS F 277 -12.71 -10.39 -38.74
N ALA F 278 -13.74 -10.86 -38.03
CA ALA F 278 -14.98 -10.12 -37.87
C ALA F 278 -15.22 -9.72 -36.43
N ASN F 279 -14.53 -10.33 -35.48
CA ASN F 279 -14.62 -9.97 -34.09
C ASN F 279 -13.61 -8.91 -33.68
N VAL F 280 -12.61 -8.64 -34.51
CA VAL F 280 -11.55 -7.72 -34.16
C VAL F 280 -11.77 -6.42 -34.91
N SER F 281 -11.26 -5.33 -34.33
CA SER F 281 -11.24 -4.02 -34.96
C SER F 281 -9.91 -3.70 -35.61
N SER F 282 -8.81 -4.06 -34.95
CA SER F 282 -7.48 -3.88 -35.49
C SER F 282 -6.66 -5.11 -35.17
N ILE F 283 -5.66 -5.38 -36.00
CA ILE F 283 -4.81 -6.55 -35.86
C ILE F 283 -3.38 -6.09 -35.66
N VAL F 284 -2.76 -6.54 -34.57
CA VAL F 284 -1.36 -6.29 -34.27
C VAL F 284 -0.73 -7.64 -33.96
N THR F 285 -0.12 -8.26 -34.96
CA THR F 285 0.53 -9.54 -34.76
C THR F 285 1.82 -9.36 -33.96
N PRO F 286 2.29 -10.42 -33.29
CA PRO F 286 3.51 -10.31 -32.49
C PRO F 286 4.69 -9.67 -33.21
N ARG F 287 4.80 -9.84 -34.52
CA ARG F 287 5.90 -9.23 -35.25
C ARG F 287 5.67 -7.74 -35.46
N GLN F 288 4.45 -7.35 -35.83
CA GLN F 288 4.13 -5.93 -35.88
C GLN F 288 4.25 -5.29 -34.51
N PHE F 289 3.89 -6.05 -33.47
CA PHE F 289 4.04 -5.55 -32.11
C PHE F 289 5.50 -5.29 -31.78
N LYS F 290 6.38 -6.24 -32.10
CA LYS F 290 7.80 -6.03 -31.86
C LYS F 290 8.31 -4.83 -32.63
N GLU F 291 7.92 -4.71 -33.90
CA GLU F 291 8.40 -3.57 -34.68
C GLU F 291 7.86 -2.25 -34.13
N LYS F 292 6.71 -2.29 -33.47
CA LYS F 292 6.11 -1.07 -32.91
C LYS F 292 6.79 -0.67 -31.61
N LEU F 293 6.92 -1.60 -30.66
CA LEU F 293 7.62 -1.24 -29.44
C LEU F 293 9.10 -1.10 -29.63
N ASN F 294 9.58 -1.17 -30.87
CA ASN F 294 10.99 -0.98 -31.16
C ASN F 294 11.27 0.42 -31.70
N GLN F 295 10.40 1.38 -31.38
CA GLN F 295 10.58 2.77 -31.73
C GLN F 295 10.80 3.55 -30.43
N GLU F 296 12.05 3.60 -29.99
CA GLU F 296 12.39 4.24 -28.74
C GLU F 296 13.44 5.34 -28.94
N ILE F 304 16.60 -4.30 -29.40
CA ILE F 304 16.92 -3.58 -30.62
C ILE F 304 16.65 -4.46 -31.83
N ASN F 305 17.12 -5.71 -31.77
CA ASN F 305 16.86 -6.66 -32.83
C ASN F 305 16.51 -8.04 -32.31
N LYS F 306 16.32 -8.21 -31.01
CA LYS F 306 15.95 -9.50 -30.45
C LYS F 306 14.46 -9.76 -30.66
N GLU F 307 14.11 -11.05 -30.71
CA GLU F 307 12.70 -11.42 -30.77
C GLU F 307 12.06 -11.21 -29.41
N ILE F 308 10.80 -10.81 -29.41
CA ILE F 308 10.07 -10.58 -28.19
C ILE F 308 9.20 -11.78 -27.90
N SER F 309 9.13 -12.15 -26.63
CA SER F 309 8.20 -13.14 -26.14
C SER F 309 7.06 -12.44 -25.42
N ILE F 310 5.86 -13.01 -25.51
CA ILE F 310 4.65 -12.33 -25.11
C ILE F 310 3.91 -13.19 -24.09
N GLY F 311 3.54 -12.58 -22.97
CA GLY F 311 2.67 -13.19 -22.00
C GLY F 311 1.54 -12.25 -21.65
N CYS F 312 0.73 -12.68 -20.70
CA CYS F 312 -0.50 -11.95 -20.41
C CYS F 312 -0.84 -12.03 -18.93
N LEU F 313 -1.41 -10.96 -18.44
CA LEU F 313 -2.20 -10.97 -17.21
C LEU F 313 -3.66 -10.92 -17.65
N ILE F 314 -4.45 -11.88 -17.20
CA ILE F 314 -5.85 -11.96 -17.55
C ILE F 314 -6.68 -11.90 -16.27
N GLY F 315 -7.75 -11.12 -16.32
CA GLY F 315 -8.79 -11.13 -15.32
C GLY F 315 -9.99 -11.91 -15.76
N ALA F 316 -11.09 -11.75 -15.04
CA ALA F 316 -12.30 -12.49 -15.35
C ALA F 316 -12.89 -12.01 -16.67
N SER F 317 -13.31 -12.98 -17.50
CA SER F 317 -13.90 -12.70 -18.80
C SER F 317 -12.97 -11.87 -19.68
N ALA F 318 -11.72 -12.33 -19.79
CA ALA F 318 -10.78 -11.68 -20.68
C ALA F 318 -11.03 -12.05 -22.13
N VAL F 319 -11.41 -13.30 -22.38
CA VAL F 319 -11.76 -13.78 -23.71
C VAL F 319 -13.15 -14.39 -23.63
N LEU F 320 -14.01 -13.99 -24.56
CA LEU F 320 -15.37 -14.47 -24.64
C LEU F 320 -15.49 -15.52 -25.73
N LEU F 321 -16.00 -16.69 -25.36
CA LEU F 321 -16.40 -17.72 -26.28
C LEU F 321 -17.92 -17.75 -26.36
N ALA F 322 -18.45 -17.72 -27.58
CA ALA F 322 -19.88 -17.79 -27.82
C ALA F 322 -20.17 -18.98 -28.72
N GLY F 323 -21.23 -19.71 -28.37
CA GLY F 323 -21.67 -20.84 -29.15
C GLY F 323 -21.38 -22.15 -28.44
N SER F 324 -21.65 -23.24 -29.16
CA SER F 324 -21.36 -24.57 -28.66
C SER F 324 -19.88 -24.87 -28.86
N LYS F 325 -19.17 -25.15 -27.78
CA LYS F 325 -17.76 -25.45 -27.87
C LYS F 325 -17.50 -26.88 -28.34
N GLU F 326 -18.56 -27.65 -28.60
CA GLU F 326 -18.40 -29.03 -29.05
C GLU F 326 -17.85 -29.10 -30.46
N THR F 327 -17.05 -30.12 -30.71
CA THR F 327 -16.58 -30.44 -32.05
C THR F 327 -17.33 -31.65 -32.58
N ARG F 328 -17.51 -31.72 -33.89
CA ARG F 328 -18.31 -32.75 -34.53
C ARG F 328 -17.48 -33.49 -35.56
N PHE F 329 -17.63 -34.82 -35.58
CA PHE F 329 -16.89 -35.69 -36.48
C PHE F 329 -17.76 -36.17 -37.62
N TYR F 330 -17.15 -36.30 -38.80
CA TYR F 330 -17.82 -36.72 -40.03
C TYR F 330 -16.98 -37.81 -40.67
N ILE F 331 -17.51 -39.03 -40.71
CA ILE F 331 -16.77 -40.18 -41.22
C ILE F 331 -17.49 -40.72 -42.44
N ASP F 332 -16.80 -40.73 -43.58
CA ASP F 332 -17.35 -41.22 -44.84
C ASP F 332 -16.46 -42.35 -45.35
N GLU F 333 -16.95 -43.59 -45.27
CA GLU F 333 -16.23 -44.74 -45.77
C GLU F 333 -16.56 -45.06 -47.22
N THR F 334 -17.19 -44.12 -47.94
CA THR F 334 -17.65 -44.36 -49.30
C THR F 334 -16.87 -43.56 -50.33
N VAL F 335 -15.63 -43.24 -50.03
CA VAL F 335 -14.78 -42.53 -50.97
C VAL F 335 -14.16 -43.55 -51.92
N ASP F 336 -13.98 -43.16 -53.19
CA ASP F 336 -13.42 -44.05 -54.22
C ASP F 336 -14.18 -45.37 -54.28
N ALA F 337 -15.50 -45.27 -54.39
CA ALA F 337 -16.40 -46.41 -54.46
C ALA F 337 -16.36 -47.26 -53.19
N GLY F 338 -15.92 -46.68 -52.08
CA GLY F 338 -15.78 -47.41 -50.84
C GLY F 338 -14.39 -47.91 -50.58
N ARG F 339 -13.44 -47.62 -51.46
CA ARG F 339 -12.09 -48.14 -51.32
C ARG F 339 -11.25 -47.25 -50.42
N LYS F 340 -11.61 -45.97 -50.32
CA LYS F 340 -10.93 -45.01 -49.45
C LYS F 340 -11.93 -44.44 -48.45
N SER F 341 -11.40 -43.73 -47.47
CA SER F 341 -12.19 -43.21 -46.37
C SER F 341 -11.73 -41.81 -46.03
N LEU F 342 -12.68 -40.97 -45.64
CA LEU F 342 -12.41 -39.60 -45.26
C LEU F 342 -12.94 -39.37 -43.86
N VAL F 343 -12.08 -38.93 -42.95
CA VAL F 343 -12.49 -38.48 -41.63
C VAL F 343 -12.35 -36.97 -41.59
N GLY F 344 -13.31 -36.31 -40.95
CA GLY F 344 -13.30 -34.87 -40.85
C GLY F 344 -13.77 -34.46 -39.49
N VAL F 345 -13.33 -33.28 -39.07
CA VAL F 345 -13.71 -32.71 -37.79
C VAL F 345 -13.99 -31.23 -38.02
N ASP F 346 -15.04 -30.73 -37.36
CA ASP F 346 -15.52 -29.38 -37.59
C ASP F 346 -15.99 -28.76 -36.27
N CYS F 347 -15.93 -27.44 -36.20
CA CYS F 347 -16.33 -26.70 -35.02
C CYS F 347 -16.82 -25.33 -35.44
N LEU F 348 -17.90 -24.87 -34.80
CA LEU F 348 -18.44 -23.53 -34.98
C LEU F 348 -18.30 -22.79 -33.66
N LEU F 349 -17.43 -21.79 -33.61
CA LEU F 349 -17.10 -21.14 -32.36
C LEU F 349 -16.83 -19.66 -32.59
N GLY F 350 -17.46 -18.81 -31.79
CA GLY F 350 -17.11 -17.41 -31.77
C GLY F 350 -16.09 -17.14 -30.68
N VAL F 351 -14.95 -16.59 -31.05
CA VAL F 351 -13.87 -16.31 -30.11
C VAL F 351 -13.49 -14.84 -30.24
N SER F 352 -13.55 -14.11 -29.14
CA SER F 352 -13.16 -12.71 -29.22
C SER F 352 -12.51 -12.29 -27.91
N LYS F 353 -11.58 -11.35 -27.99
CA LYS F 353 -11.08 -10.71 -26.79
C LYS F 353 -12.10 -9.69 -26.31
N ALA F 354 -12.45 -9.77 -25.03
CA ALA F 354 -13.47 -8.90 -24.45
C ALA F 354 -13.06 -7.44 -24.58
N ARG F 355 -13.79 -6.71 -25.42
CA ARG F 355 -13.43 -5.34 -25.77
C ARG F 355 -14.73 -4.67 -26.22
N TYR F 356 -15.35 -3.91 -25.32
CA TYR F 356 -16.70 -3.44 -25.51
C TYR F 356 -16.69 -2.02 -26.06
N GLN F 357 -17.53 -1.76 -27.05
CA GLN F 357 -17.65 -0.45 -27.66
C GLN F 357 -18.91 0.24 -27.17
N SER F 358 -18.87 1.57 -27.19
CA SER F 358 -19.98 2.36 -26.68
C SER F 358 -21.19 2.27 -27.60
N THR F 359 -22.32 1.83 -27.05
CA THR F 359 -23.52 1.66 -27.85
C THR F 359 -24.11 2.98 -28.33
N ASP F 360 -23.48 4.10 -28.02
CA ASP F 360 -23.82 5.40 -28.55
C ASP F 360 -22.52 6.14 -28.84
N GLY F 361 -22.61 7.45 -29.04
CA GLY F 361 -21.40 8.18 -29.36
C GLY F 361 -20.56 8.63 -28.20
N VAL F 362 -20.96 8.34 -26.97
CA VAL F 362 -20.20 8.78 -25.80
C VAL F 362 -18.92 7.97 -25.67
N VAL F 363 -17.80 8.65 -25.47
CA VAL F 363 -16.51 8.00 -25.28
C VAL F 363 -16.22 7.89 -23.79
N THR F 364 -15.87 6.69 -23.35
CA THR F 364 -15.57 6.38 -21.96
C THR F 364 -14.20 5.73 -21.89
N PRO F 365 -13.68 5.50 -20.67
CA PRO F 365 -12.41 4.76 -20.55
C PRO F 365 -12.47 3.32 -21.03
N TYR F 366 -13.67 2.74 -21.19
CA TYR F 366 -13.79 1.35 -21.59
C TYR F 366 -13.96 1.18 -23.09
N ASP F 367 -13.72 2.21 -23.89
CA ASP F 367 -14.25 2.23 -25.25
C ASP F 367 -13.57 1.22 -26.15
N ASN F 368 -12.27 1.35 -26.35
CA ASN F 368 -11.54 0.45 -27.24
C ASN F 368 -10.39 -0.18 -26.50
N GLN F 369 -10.68 -0.72 -25.33
CA GLN F 369 -9.66 -1.23 -24.43
C GLN F 369 -9.89 -2.71 -24.19
N ASP F 370 -8.81 -3.46 -24.07
CA ASP F 370 -8.91 -4.80 -23.53
C ASP F 370 -9.49 -4.71 -22.13
N TYR F 371 -10.66 -5.31 -21.96
CA TYR F 371 -11.38 -5.19 -20.71
C TYR F 371 -10.59 -5.79 -19.55
N ALA F 372 -9.98 -6.95 -19.74
CA ALA F 372 -9.32 -7.66 -18.65
C ALA F 372 -8.02 -8.31 -19.12
N VAL F 373 -7.20 -7.58 -19.88
CA VAL F 373 -5.96 -8.13 -20.39
C VAL F 373 -4.86 -7.08 -20.32
N ILE F 374 -3.71 -7.45 -19.74
CA ILE F 374 -2.50 -6.64 -19.78
C ILE F 374 -1.41 -7.48 -20.43
N GLY F 375 -0.68 -6.90 -21.37
CA GLY F 375 0.41 -7.60 -22.00
C GLY F 375 1.66 -7.62 -21.15
N LEU F 376 2.51 -8.62 -21.39
CA LEU F 376 3.77 -8.79 -20.66
C LEU F 376 4.84 -9.20 -21.67
N VAL F 377 5.54 -8.22 -22.23
CA VAL F 377 6.50 -8.48 -23.28
C VAL F 377 7.89 -8.51 -22.68
N SER F 378 8.70 -9.48 -23.07
CA SER F 378 10.10 -9.53 -22.69
C SER F 378 10.89 -10.00 -23.90
N ASP F 379 12.18 -10.25 -23.71
CA ASP F 379 13.02 -10.79 -24.77
C ASP F 379 13.12 -12.30 -24.63
N MET F 380 13.30 -12.97 -25.77
CA MET F 380 13.42 -14.45 -25.81
C MET F 380 14.87 -14.83 -25.50
N GLU F 381 15.13 -15.34 -24.30
CA GLU F 381 16.50 -15.74 -23.87
C GLU F 381 17.47 -14.59 -24.15
N LYS G 4 -7.53 86.68 75.33
CA LYS G 4 -7.28 87.63 76.41
C LYS G 4 -7.22 89.04 75.84
N LEU G 5 -7.00 89.15 74.54
CA LEU G 5 -7.17 90.43 73.87
C LEU G 5 -8.63 90.85 73.86
N ASN G 6 -9.55 89.89 74.01
CA ASN G 6 -10.99 90.14 74.08
C ASN G 6 -11.48 90.92 72.85
N ASN G 7 -11.35 90.27 71.70
CA ASN G 7 -11.96 90.76 70.48
C ASN G 7 -13.16 89.88 70.15
N ILE G 8 -13.91 90.28 69.13
CA ILE G 8 -15.15 89.59 68.79
C ILE G 8 -14.81 88.15 68.43
N ASN G 9 -15.30 87.22 69.24
CA ASN G 9 -15.04 85.80 69.04
C ASN G 9 -16.20 85.24 68.22
N PHE G 10 -16.01 85.14 66.91
CA PHE G 10 -17.00 84.51 66.06
C PHE G 10 -17.06 83.01 66.25
N ASN G 11 -16.16 82.44 67.04
CA ASN G 11 -16.23 81.02 67.37
C ASN G 11 -17.55 80.72 68.05
N ASN G 12 -18.39 79.95 67.38
CA ASN G 12 -19.72 79.62 67.88
C ASN G 12 -19.66 78.36 68.73
N ILE G 13 -20.83 77.79 69.04
CA ILE G 13 -20.92 76.62 69.90
C ILE G 13 -20.20 75.41 69.32
N SER G 14 -19.83 75.45 68.04
CA SER G 14 -19.11 74.32 67.46
C SER G 14 -17.69 74.22 67.99
N ASN G 15 -17.10 75.34 68.37
CA ASN G 15 -15.77 75.38 68.95
C ASN G 15 -15.76 75.07 70.44
N ASN G 16 -16.92 74.82 71.04
CA ASN G 16 -17.00 74.53 72.46
C ASN G 16 -16.56 73.10 72.71
N LEU G 17 -15.48 72.92 73.48
CA LEU G 17 -14.92 71.61 73.75
C LEU G 17 -15.59 70.89 74.89
N ASN G 18 -16.78 71.33 75.30
CA ASN G 18 -17.54 70.64 76.32
C ASN G 18 -18.60 69.74 75.73
N LEU G 19 -18.79 69.78 74.41
CA LEU G 19 -19.86 69.09 73.71
C LEU G 19 -19.30 67.89 72.96
N GLY G 20 -20.12 66.85 72.84
CA GLY G 20 -19.76 65.68 72.07
C GLY G 20 -20.66 65.46 70.88
N ILE G 21 -20.08 65.20 69.71
CA ILE G 21 -20.89 64.88 68.55
C ILE G 21 -21.68 63.61 68.79
N GLU G 22 -22.81 63.49 68.09
CA GLU G 22 -23.72 62.36 68.22
C GLU G 22 -24.17 61.97 66.82
N VAL G 23 -23.60 60.91 66.26
CA VAL G 23 -23.90 60.54 64.89
C VAL G 23 -25.13 59.65 64.85
N GLY G 24 -25.92 59.80 63.79
CA GLY G 24 -27.14 59.04 63.64
C GLY G 24 -26.92 57.55 63.58
N ARG G 25 -27.77 56.80 64.28
CA ARG G 25 -27.62 55.35 64.31
C ARG G 25 -27.80 54.74 62.92
N GLU G 26 -28.56 55.41 62.06
CA GLU G 26 -28.84 54.91 60.72
C GLU G 26 -28.23 55.83 59.68
N ILE G 27 -27.69 55.23 58.63
CA ILE G 27 -27.26 55.96 57.44
C ILE G 27 -28.40 55.94 56.44
N GLN G 28 -28.75 57.11 55.91
CA GLN G 28 -29.90 57.25 55.04
C GLN G 28 -29.54 56.88 53.61
N ASN G 29 -30.47 56.19 52.95
CA ASN G 29 -30.29 55.77 51.56
C ASN G 29 -30.68 56.90 50.63
N ALA G 30 -29.70 57.42 49.88
CA ALA G 30 -30.00 58.54 49.00
C ALA G 30 -30.70 58.13 47.72
N SER G 31 -30.57 56.88 47.29
CA SER G 31 -31.20 56.44 46.04
C SER G 31 -32.65 56.05 46.28
N TRP G 32 -33.54 56.60 45.47
CA TRP G 32 -34.97 56.36 45.61
C TRP G 32 -35.68 56.08 44.28
N ILE G 33 -35.11 56.48 43.15
CA ILE G 33 -35.86 56.59 41.91
C ILE G 33 -36.06 55.20 41.28
N LYS G 34 -37.08 55.10 40.45
CA LYS G 34 -37.42 53.86 39.76
C LYS G 34 -37.80 54.16 38.33
N SER G 35 -37.31 53.32 37.42
CA SER G 35 -37.55 53.43 35.99
C SER G 35 -38.75 52.59 35.59
N PRO G 36 -39.42 52.92 34.49
CA PRO G 36 -40.58 52.14 34.06
C PRO G 36 -40.23 50.84 33.36
N PHE G 37 -38.97 50.67 32.91
CA PHE G 37 -38.62 49.58 32.02
C PHE G 37 -38.89 48.21 32.62
N PHE G 38 -38.82 48.07 33.95
CA PHE G 38 -39.11 46.78 34.56
C PHE G 38 -40.49 46.27 34.18
N SER G 39 -41.45 47.16 33.99
CA SER G 39 -42.81 46.77 33.66
C SER G 39 -42.98 46.50 32.17
N ILE G 40 -42.03 46.93 31.36
CA ILE G 40 -42.07 46.66 29.93
C ILE G 40 -41.53 45.28 29.61
N THR G 41 -40.53 44.84 30.38
CA THR G 41 -39.86 43.57 30.12
C THR G 41 -40.79 42.40 30.38
N GLY G 42 -40.57 41.31 29.67
CA GLY G 42 -41.40 40.12 29.82
C GLY G 42 -40.94 39.04 28.86
N THR G 43 -41.60 37.89 28.97
CA THR G 43 -41.30 36.76 28.09
C THR G 43 -42.23 36.66 26.90
N GLY G 44 -43.45 37.18 27.00
CA GLY G 44 -44.37 37.11 25.90
C GLY G 44 -43.89 37.88 24.68
N ALA G 45 -44.38 37.47 23.51
CA ALA G 45 -43.99 38.09 22.26
C ALA G 45 -44.47 39.53 22.15
N ASP G 46 -45.42 39.94 22.97
CA ASP G 46 -46.00 41.28 22.88
C ASP G 46 -45.23 42.34 23.63
N ARG G 47 -44.39 41.97 24.58
CA ARG G 47 -43.67 42.98 25.37
C ARG G 47 -42.71 43.75 24.49
N GLY G 48 -42.56 45.04 24.78
CA GLY G 48 -41.64 45.86 24.03
C GLY G 48 -40.18 45.50 24.27
N VAL G 49 -39.91 44.80 25.36
CA VAL G 49 -38.57 44.29 25.66
C VAL G 49 -38.78 42.83 26.04
N ARG G 50 -38.58 41.93 25.08
CA ARG G 50 -38.81 40.52 25.32
C ARG G 50 -37.53 39.85 25.82
N LEU G 51 -37.66 39.07 26.88
CA LEU G 51 -36.57 38.29 27.42
C LEU G 51 -36.66 36.87 26.88
N PHE G 52 -35.56 36.39 26.33
CA PHE G 52 -35.46 35.03 25.82
C PHE G 52 -34.73 34.19 26.85
N SER G 53 -35.48 33.33 27.54
CA SER G 53 -34.90 32.42 28.53
C SER G 53 -34.32 31.22 27.80
N VAL G 54 -33.07 31.38 27.33
CA VAL G 54 -32.42 30.33 26.54
C VAL G 54 -32.23 29.08 27.38
N ALA G 55 -31.98 29.22 28.68
CA ALA G 55 -31.73 28.15 29.65
C ALA G 55 -30.39 27.47 29.41
N SER G 56 -29.65 27.85 28.37
CA SER G 56 -28.32 27.33 28.10
C SER G 56 -27.27 28.42 28.07
N GLN G 57 -27.67 29.69 28.12
CA GLN G 57 -26.82 30.87 28.09
C GLN G 57 -26.04 31.01 26.80
N GLN G 58 -26.22 30.11 25.84
CA GLN G 58 -25.49 30.21 24.59
C GLN G 58 -25.97 31.43 23.80
N PRO G 59 -25.12 31.98 22.94
CA PRO G 59 -25.57 33.05 22.05
C PRO G 59 -26.82 32.67 21.29
N PHE G 60 -27.87 33.47 21.44
CA PHE G 60 -29.17 33.18 20.87
C PHE G 60 -29.23 33.66 19.42
N ARG G 61 -30.12 33.03 18.65
CA ARG G 61 -30.34 33.44 17.26
C ARG G 61 -31.82 33.42 16.95
N PRO G 62 -32.48 34.56 17.03
CA PRO G 62 -33.88 34.65 16.62
C PRO G 62 -34.04 35.04 15.16
N ARG G 63 -35.14 34.55 14.58
CA ARG G 63 -35.42 34.67 13.15
C ARG G 63 -36.84 35.16 12.93
N ILE G 64 -36.99 36.02 11.93
CA ILE G 64 -38.29 36.49 11.47
C ILE G 64 -38.52 36.05 10.03
N LYS G 65 -39.78 35.90 9.67
CA LYS G 65 -40.20 35.56 8.32
C LYS G 65 -40.74 36.82 7.66
N ALA G 66 -40.10 37.26 6.59
CA ALA G 66 -40.57 38.44 5.87
C ALA G 66 -41.95 38.18 5.28
N GLN G 67 -42.52 39.22 4.68
CA GLN G 67 -43.83 39.13 4.07
C GLN G 67 -43.70 39.14 2.56
N LEU G 68 -44.45 38.27 1.92
CA LEU G 68 -44.38 38.12 0.46
C LEU G 68 -44.85 39.40 -0.22
N SER G 69 -44.12 39.79 -1.25
CA SER G 69 -44.51 40.88 -2.13
C SER G 69 -44.27 40.40 -3.55
N GLY G 70 -44.27 41.31 -4.50
CA GLY G 70 -44.01 40.88 -5.87
C GLY G 70 -45.22 40.27 -6.52
N SER G 71 -45.47 40.68 -7.77
CA SER G 71 -46.63 40.23 -8.49
C SER G 71 -46.50 38.76 -8.85
N GLY G 72 -47.55 37.98 -8.59
CA GLY G 72 -47.52 36.57 -8.90
C GLY G 72 -47.74 36.33 -10.37
N VAL G 73 -48.59 35.38 -10.72
CA VAL G 73 -48.87 35.04 -12.09
C VAL G 73 -50.32 35.36 -12.40
N SER G 74 -50.57 35.84 -13.61
CA SER G 74 -51.90 36.25 -14.04
C SER G 74 -52.44 35.29 -15.10
N GLY G 75 -53.69 34.89 -14.93
CA GLY G 75 -54.39 34.12 -15.96
C GLY G 75 -53.92 32.69 -16.12
N ASN G 76 -53.39 32.37 -17.29
CA ASN G 76 -52.93 31.01 -17.56
C ASN G 76 -51.43 30.86 -17.45
N THR G 77 -50.68 31.96 -17.50
CA THR G 77 -49.26 31.94 -17.17
C THR G 77 -49.02 31.13 -15.92
N ASP G 78 -48.02 30.25 -15.97
CA ASP G 78 -47.85 29.36 -14.84
C ASP G 78 -46.84 29.92 -13.84
N PHE G 79 -46.74 29.22 -12.71
CA PHE G 79 -46.05 29.74 -11.53
C PHE G 79 -44.59 30.06 -11.81
N GLU G 80 -43.89 29.21 -12.53
CA GLU G 80 -42.47 29.49 -12.62
C GLU G 80 -42.13 30.62 -13.51
N ALA G 81 -43.10 31.41 -13.98
CA ALA G 81 -42.77 32.68 -14.61
C ALA G 81 -42.46 33.74 -13.58
N ASN G 82 -43.10 33.67 -12.41
CA ASN G 82 -42.83 34.59 -11.31
C ASN G 82 -43.13 33.85 -10.01
N TYR G 83 -42.12 33.23 -9.43
CA TYR G 83 -42.28 32.72 -8.08
C TYR G 83 -41.63 33.70 -7.11
N ASP G 84 -42.16 33.75 -5.90
CA ASP G 84 -41.64 34.66 -4.89
C ASP G 84 -40.65 33.96 -3.98
N ASN G 85 -39.92 34.77 -3.22
CA ASN G 85 -38.85 34.29 -2.36
C ASN G 85 -39.32 34.39 -0.91
N LEU G 86 -39.42 33.25 -0.24
CA LEU G 86 -39.75 33.22 1.18
C LEU G 86 -38.47 33.56 1.94
N GLU G 87 -38.38 34.79 2.44
CA GLU G 87 -37.16 35.31 3.03
C GLU G 87 -37.15 35.13 4.53
N ILE G 88 -36.00 34.68 5.05
CA ILE G 88 -35.83 34.49 6.53
C ILE G 88 -34.67 35.37 7.00
N LEU G 89 -34.93 36.24 7.98
CA LEU G 89 -33.94 37.12 8.54
C LEU G 89 -33.64 36.67 9.96
N SER G 90 -32.45 36.97 10.43
CA SER G 90 -32.08 36.56 11.77
C SER G 90 -31.13 37.59 12.36
N GLN G 91 -30.88 37.44 13.65
CA GLN G 91 -29.77 38.13 14.27
C GLN G 91 -29.23 37.28 15.40
N THR G 92 -28.02 37.60 15.84
CA THR G 92 -27.36 36.87 16.91
C THR G 92 -27.22 37.78 18.12
N ILE G 93 -27.55 37.24 19.29
CA ILE G 93 -27.45 37.95 20.55
C ILE G 93 -26.42 37.23 21.40
N TYR G 94 -25.28 37.85 21.61
CA TYR G 94 -24.17 37.40 22.45
C TYR G 94 -24.31 37.95 23.85
N PRO G 95 -23.97 37.18 24.88
CA PRO G 95 -24.04 37.69 26.24
C PRO G 95 -22.82 38.51 26.59
N ASP G 96 -22.99 39.37 27.60
CA ASP G 96 -21.91 40.18 28.12
C ASP G 96 -21.89 40.06 29.64
N ALA G 97 -20.70 40.00 30.21
CA ALA G 97 -20.51 39.92 31.65
C ALA G 97 -20.10 41.28 32.18
N PHE G 98 -20.72 41.68 33.29
CA PHE G 98 -20.42 42.97 33.90
C PHE G 98 -20.70 42.86 35.39
N GLY G 99 -19.86 43.51 36.19
CA GLY G 99 -19.99 43.40 37.63
C GLY G 99 -19.21 44.48 38.34
N ASN G 100 -19.52 44.62 39.62
CA ASN G 100 -18.93 45.68 40.44
C ASN G 100 -18.66 45.16 41.83
N SER G 101 -17.64 45.73 42.48
CA SER G 101 -17.23 45.27 43.80
C SER G 101 -16.97 46.45 44.73
N LEU G 102 -17.11 46.16 46.02
CA LEU G 102 -16.83 47.09 47.10
C LEU G 102 -15.89 46.42 48.08
N ARG G 103 -14.72 47.02 48.26
CA ARG G 103 -13.72 46.56 49.22
C ARG G 103 -13.95 47.24 50.56
N SER G 104 -13.99 46.44 51.62
CA SER G 104 -14.25 46.98 52.98
C SER G 104 -12.94 47.44 53.64
N LYS G 105 -13.06 48.27 54.67
CA LYS G 105 -11.88 48.75 55.45
C LYS G 105 -11.63 47.74 56.58
N ILE G 106 -10.52 47.88 57.30
CA ILE G 106 -10.22 46.95 58.42
C ILE G 106 -11.39 46.97 59.42
N LYS G 107 -11.82 45.80 59.88
CA LYS G 107 -12.96 45.59 60.81
C LYS G 107 -13.04 46.67 61.90
N ALA G 108 -11.93 46.93 62.61
CA ALA G 108 -11.87 47.97 63.66
C ALA G 108 -12.51 49.27 63.17
N TYR G 109 -12.13 49.74 61.98
CA TYR G 109 -12.67 50.99 61.46
C TYR G 109 -14.14 50.85 61.08
N SER G 110 -14.58 49.64 60.72
CA SER G 110 -15.99 49.45 60.39
C SER G 110 -16.85 49.51 61.64
N GLU G 111 -16.36 48.97 62.76
CA GLU G 111 -17.07 49.10 64.02
C GLU G 111 -16.99 50.53 64.55
N LEU G 112 -15.86 51.19 64.33
CA LEU G 112 -15.68 52.58 64.78
C LEU G 112 -16.67 53.50 64.07
N GLU G 113 -16.65 53.49 62.74
CA GLU G 113 -17.53 54.35 61.96
C GLU G 113 -18.95 53.81 61.87
N ARG G 114 -19.24 52.70 62.52
CA ARG G 114 -20.61 52.20 62.68
C ARG G 114 -21.29 52.02 61.32
N ILE G 115 -20.66 51.22 60.47
CA ILE G 115 -21.14 50.94 59.13
C ILE G 115 -21.16 49.44 58.96
N ASP G 116 -22.36 48.88 58.79
CA ASP G 116 -22.52 47.46 58.50
C ASP G 116 -22.22 47.25 57.02
N PHE G 117 -20.97 46.91 56.72
CA PHE G 117 -20.48 46.95 55.36
C PHE G 117 -21.17 45.93 54.46
N ILE G 118 -21.56 44.78 55.01
CA ILE G 118 -22.18 43.75 54.18
C ILE G 118 -23.53 44.23 53.65
N LYS G 119 -24.41 44.66 54.54
CA LYS G 119 -25.73 45.12 54.12
C LYS G 119 -25.63 46.34 53.22
N GLU G 120 -24.82 47.32 53.63
CA GLU G 120 -24.64 48.52 52.83
C GLU G 120 -24.18 48.19 51.43
N SER G 121 -23.19 47.30 51.31
CA SER G 121 -22.64 46.98 50.00
C SER G 121 -23.62 46.19 49.15
N VAL G 122 -24.34 45.24 49.76
CA VAL G 122 -25.30 44.46 48.98
C VAL G 122 -26.38 45.38 48.43
N ASP G 123 -26.87 46.32 49.24
CA ASP G 123 -27.89 47.24 48.75
C ASP G 123 -27.34 48.15 47.65
N SER G 124 -26.18 48.75 47.89
CA SER G 124 -25.58 49.65 46.91
C SER G 124 -25.34 48.94 45.59
N LEU G 125 -24.81 47.72 45.64
CA LEU G 125 -24.48 46.99 44.44
C LEU G 125 -25.74 46.49 43.75
N THR G 126 -26.79 46.17 44.50
CA THR G 126 -28.06 45.83 43.89
C THR G 126 -28.59 46.96 43.03
N THR G 127 -28.61 48.18 43.58
CA THR G 127 -29.14 49.27 42.76
C THR G 127 -28.21 49.59 41.60
N TRP G 128 -26.89 49.49 41.80
CA TRP G 128 -25.98 49.70 40.70
C TRP G 128 -26.22 48.69 39.59
N MET G 129 -26.44 47.44 39.96
CA MET G 129 -26.70 46.40 38.97
C MET G 129 -27.99 46.68 38.20
N ASN G 130 -29.02 47.15 38.89
CA ASN G 130 -30.27 47.47 38.21
C ASN G 130 -30.09 48.60 37.22
N GLU G 131 -29.40 49.67 37.62
CA GLU G 131 -29.18 50.76 36.68
C GLU G 131 -28.32 50.33 35.51
N GLU G 132 -27.39 49.41 35.73
CA GLU G 132 -26.55 48.92 34.64
C GLU G 132 -27.35 48.11 33.64
N ARG G 133 -28.22 47.21 34.15
CA ARG G 133 -29.07 46.45 33.26
C ARG G 133 -29.97 47.36 32.43
N ASP G 134 -30.62 48.32 33.08
CA ASP G 134 -31.54 49.17 32.34
C ASP G 134 -30.81 50.14 31.42
N LYS G 135 -29.57 50.49 31.73
CA LYS G 135 -28.81 51.32 30.81
C LYS G 135 -28.32 50.53 29.61
N ARG G 136 -28.05 49.22 29.79
CA ARG G 136 -27.88 48.35 28.63
C ARG G 136 -29.11 48.39 27.75
N ILE G 137 -30.28 48.18 28.36
CA ILE G 137 -31.52 48.15 27.60
C ILE G 137 -31.72 49.45 26.83
N VAL G 138 -31.40 50.58 27.46
CA VAL G 138 -31.72 51.86 26.84
C VAL G 138 -30.65 52.27 25.84
N ALA G 139 -29.41 51.83 26.01
CA ALA G 139 -28.41 52.14 25.00
C ALA G 139 -28.58 51.26 23.77
N SER G 140 -29.06 50.02 23.94
CA SER G 140 -29.44 49.24 22.78
C SER G 140 -30.55 49.92 22.00
N LEU G 141 -31.53 50.46 22.72
CA LEU G 141 -32.71 51.09 22.16
C LEU G 141 -32.42 52.36 21.40
N THR G 142 -31.21 52.91 21.47
CA THR G 142 -31.01 54.27 21.00
C THR G 142 -29.94 54.44 19.93
N ASN G 143 -28.93 53.57 19.86
CA ASN G 143 -27.91 53.79 18.86
C ASN G 143 -28.45 53.51 17.46
N ASP G 144 -28.05 54.35 16.51
CA ASP G 144 -28.29 54.13 15.08
C ASP G 144 -29.78 53.89 14.79
N PHE G 145 -30.56 54.94 15.00
CA PHE G 145 -31.96 54.91 14.60
C PHE G 145 -32.08 54.77 13.08
N THR G 146 -32.78 53.73 12.63
CA THR G 146 -33.07 53.63 11.20
C THR G 146 -34.26 54.48 10.82
N ASN G 147 -35.23 54.62 11.71
CA ASN G 147 -36.46 55.35 11.47
C ASN G 147 -36.66 56.35 12.60
N TYR G 148 -36.70 57.64 12.29
CA TYR G 148 -36.88 58.63 13.33
C TYR G 148 -37.56 59.88 12.78
N LEU G 149 -38.15 60.64 13.69
CA LEU G 149 -38.72 61.95 13.42
C LEU G 149 -38.04 62.98 14.29
N TYR G 150 -37.71 64.13 13.72
CA TYR G 150 -37.13 65.24 14.47
C TYR G 150 -38.12 66.40 14.49
N THR G 151 -38.62 66.72 15.68
CA THR G 151 -39.44 67.90 15.89
C THR G 151 -38.67 68.88 16.78
N GLN G 152 -38.88 70.17 16.53
CA GLN G 152 -38.17 71.17 17.32
C GLN G 152 -38.74 71.31 18.73
N THR G 153 -39.98 70.89 18.93
CA THR G 153 -40.61 70.88 20.25
C THR G 153 -41.62 69.76 20.25
N MET G 154 -41.49 68.83 21.19
CA MET G 154 -42.41 67.70 21.25
C MET G 154 -43.85 68.18 21.34
N ASN G 155 -44.73 67.50 20.61
CA ASN G 155 -46.13 67.91 20.53
C ASN G 155 -46.97 66.70 20.16
N VAL G 156 -48.29 66.89 20.22
CA VAL G 156 -49.21 65.81 19.90
C VAL G 156 -49.20 65.51 18.41
N ALA G 157 -48.91 66.51 17.59
CA ALA G 157 -48.83 66.28 16.16
C ALA G 157 -47.73 65.29 15.82
N THR G 158 -46.56 65.46 16.42
CA THR G 158 -45.44 64.56 16.13
C THR G 158 -45.67 63.17 16.68
N ILE G 159 -46.35 63.04 17.82
CA ILE G 159 -46.65 61.71 18.35
C ILE G 159 -47.66 61.00 17.45
N ARG G 160 -48.67 61.72 16.98
CA ARG G 160 -49.63 61.13 16.04
C ARG G 160 -48.95 60.77 14.73
N LYS G 161 -48.06 61.63 14.26
CA LYS G 161 -47.29 61.32 13.07
C LYS G 161 -46.46 60.06 13.24
N ALA G 162 -45.87 59.88 14.43
CA ALA G 162 -45.06 58.70 14.68
C ALA G 162 -45.92 57.44 14.76
N ILE G 163 -47.12 57.53 15.33
CA ILE G 163 -47.98 56.35 15.40
C ILE G 163 -48.49 55.98 14.02
N PHE G 164 -48.87 56.97 13.22
CA PHE G 164 -49.28 56.77 11.84
C PHE G 164 -48.14 56.17 11.01
N HIS G 165 -46.91 56.67 11.19
CA HIS G 165 -45.73 56.06 10.58
C HIS G 165 -45.51 54.63 11.04
N ALA G 166 -45.75 54.34 12.32
CA ALA G 166 -45.49 53.00 12.81
C ALA G 166 -46.44 52.00 12.19
N ARG G 167 -47.72 52.33 12.14
CA ARG G 167 -48.67 51.32 11.64
C ARG G 167 -48.75 51.30 10.11
N ASN G 168 -48.46 52.41 9.43
CA ASN G 168 -48.53 52.43 7.99
C ASN G 168 -47.16 52.31 7.35
N GLY G 169 -46.12 52.00 8.13
CA GLY G 169 -44.83 51.68 7.57
C GLY G 169 -44.13 52.78 6.82
N LEU G 170 -44.31 54.03 7.23
CA LEU G 170 -43.62 55.12 6.58
C LEU G 170 -42.29 55.40 7.27
N LYS G 171 -41.52 56.33 6.70
CA LYS G 171 -40.25 56.76 7.26
C LYS G 171 -40.28 58.28 7.41
N GLY G 172 -39.22 58.80 8.00
CA GLY G 172 -39.17 60.24 8.27
C GLY G 172 -39.23 61.07 7.01
N ASP G 173 -38.55 60.62 5.95
CA ASP G 173 -38.54 61.30 4.66
C ASP G 173 -39.62 60.80 3.73
N ASN G 174 -40.73 60.30 4.27
CA ASN G 174 -41.89 59.76 3.56
C ASN G 174 -41.57 58.49 2.78
N SER G 175 -40.34 57.97 2.86
CA SER G 175 -40.02 56.72 2.24
C SER G 175 -40.84 55.59 2.86
N LYS G 176 -40.84 54.44 2.20
CA LYS G 176 -41.65 53.32 2.64
C LYS G 176 -40.82 52.33 3.44
N ALA G 177 -41.47 51.67 4.38
CA ALA G 177 -40.89 50.65 5.23
C ALA G 177 -42.00 49.66 5.56
N PHE G 178 -41.80 48.88 6.58
CA PHE G 178 -42.82 47.92 6.95
C PHE G 178 -43.61 48.42 8.15
N PRO G 179 -44.83 47.92 8.34
CA PRO G 179 -45.60 48.29 9.55
C PRO G 179 -45.05 47.58 10.77
N ILE G 180 -44.83 48.36 11.83
CA ILE G 180 -44.31 47.84 13.08
C ILE G 180 -45.42 47.15 13.85
N LYS G 181 -45.14 45.96 14.35
CA LYS G 181 -46.13 45.24 15.12
C LYS G 181 -46.31 45.92 16.48
N PRO G 182 -47.53 46.20 16.90
CA PRO G 182 -47.76 46.94 18.14
C PRO G 182 -47.66 46.04 19.36
N ILE G 183 -47.53 46.68 20.53
CA ILE G 183 -47.63 45.94 21.79
C ILE G 183 -48.96 45.21 21.86
N ARG G 184 -50.05 45.93 21.62
CA ARG G 184 -51.34 45.26 21.53
C ARG G 184 -52.07 45.71 20.27
N ALA G 185 -52.96 44.85 19.79
CA ALA G 185 -53.79 45.16 18.64
C ALA G 185 -55.13 44.47 18.84
N THR G 186 -56.19 45.26 18.92
CA THR G 186 -57.53 44.77 19.18
C THR G 186 -58.43 45.03 17.99
N MET G 187 -59.58 44.38 17.98
CA MET G 187 -60.58 44.55 16.93
C MET G 187 -61.74 45.33 17.52
N GLN G 188 -61.81 46.61 17.18
CA GLN G 188 -62.85 47.50 17.66
C GLN G 188 -63.91 47.66 16.58
N SER G 189 -64.95 48.44 16.87
CA SER G 189 -66.06 48.63 15.96
C SER G 189 -66.38 50.12 15.84
N VAL G 190 -66.50 50.59 14.61
CA VAL G 190 -66.95 51.95 14.33
C VAL G 190 -68.23 51.80 13.53
N GLY G 191 -69.36 52.02 14.20
CA GLY G 191 -70.63 51.76 13.57
C GLY G 191 -70.77 50.28 13.28
N ASN G 192 -70.77 49.93 12.01
CA ASN G 192 -70.83 48.53 11.58
C ASN G 192 -69.48 48.00 11.11
N VAL G 193 -68.45 48.83 11.08
CA VAL G 193 -67.18 48.48 10.47
C VAL G 193 -66.22 48.03 11.56
N MET G 194 -65.81 46.77 11.53
CA MET G 194 -64.79 46.29 12.45
C MET G 194 -63.42 46.76 11.99
N VAL G 195 -62.75 47.53 12.83
CA VAL G 195 -61.46 48.11 12.54
C VAL G 195 -60.42 47.51 13.48
N GLN G 196 -59.16 47.65 13.12
CA GLN G 196 -58.05 47.19 13.93
C GLN G 196 -57.42 48.39 14.63
N ASN G 197 -57.34 48.34 15.95
CA ASN G 197 -56.82 49.42 16.76
C ASN G 197 -55.53 48.98 17.44
N THR G 198 -54.48 49.77 17.28
CA THR G 198 -53.15 49.40 17.75
C THR G 198 -52.73 50.24 18.95
N SER G 199 -51.82 49.66 19.73
CA SER G 199 -51.27 50.34 20.91
C SER G 199 -49.79 50.03 20.97
N TYR G 200 -48.98 51.06 20.71
CA TYR G 200 -47.54 51.07 20.87
C TYR G 200 -47.18 51.58 22.27
N ILE G 201 -45.92 51.91 22.49
CA ILE G 201 -45.48 52.52 23.74
C ILE G 201 -44.55 53.68 23.42
N ILE G 202 -44.87 54.86 23.90
CA ILE G 202 -44.07 56.06 23.67
C ILE G 202 -43.23 56.27 24.93
N LEU G 203 -41.91 56.14 24.80
CA LEU G 203 -40.97 56.42 25.88
C LEU G 203 -40.35 57.78 25.57
N LEU G 204 -40.78 58.80 26.28
CA LEU G 204 -40.33 60.16 26.04
C LEU G 204 -39.23 60.54 27.03
N ASP G 205 -38.38 61.47 26.61
CA ASP G 205 -37.48 62.12 27.53
C ASP G 205 -38.26 63.04 28.45
N SER G 206 -37.66 63.41 29.57
CA SER G 206 -38.35 64.29 30.51
C SER G 206 -38.39 65.72 30.00
N TYR G 207 -37.34 66.17 29.32
CA TYR G 207 -37.46 67.40 28.56
C TYR G 207 -38.61 67.31 27.58
N GLN G 208 -38.79 66.14 26.96
CA GLN G 208 -39.83 65.96 25.98
C GLN G 208 -41.22 65.92 26.62
N ALA G 209 -41.34 65.27 27.77
CA ALA G 209 -42.62 65.28 28.49
C ALA G 209 -42.97 66.70 28.93
N ASN G 210 -41.97 67.47 29.36
CA ASN G 210 -42.22 68.85 29.72
C ASN G 210 -42.69 69.65 28.51
N GLN G 211 -41.98 69.50 27.39
CA GLN G 211 -42.39 70.18 26.15
C GLN G 211 -43.81 69.81 25.74
N LEU G 212 -44.17 68.54 25.92
CA LEU G 212 -45.50 68.09 25.49
C LEU G 212 -46.58 68.61 26.42
N LYS G 213 -46.31 68.73 27.71
CA LYS G 213 -47.29 69.30 28.62
C LYS G 213 -47.60 70.74 28.27
N ALA G 214 -46.63 71.47 27.74
CA ALA G 214 -46.78 72.86 27.38
C ALA G 214 -47.27 73.06 25.96
N ASP G 215 -47.93 72.07 25.37
CA ASP G 215 -48.37 72.12 23.99
C ASP G 215 -49.88 72.30 23.93
N SER G 216 -50.32 73.16 23.02
CA SER G 216 -51.74 73.54 22.97
C SER G 216 -52.63 72.36 22.66
N GLU G 217 -52.17 71.46 21.77
CA GLU G 217 -53.01 70.35 21.35
C GLU G 217 -53.15 69.33 22.46
N PHE G 218 -52.10 69.13 23.26
CA PHE G 218 -52.23 68.29 24.43
C PHE G 218 -53.23 68.87 25.41
N LYS G 219 -53.30 70.20 25.49
CA LYS G 219 -54.28 70.82 26.37
C LYS G 219 -55.70 70.60 25.85
N GLU G 220 -55.92 70.80 24.56
CA GLU G 220 -57.22 70.49 23.97
C GLU G 220 -57.58 69.03 24.19
N LEU G 221 -56.59 68.15 24.11
CA LEU G 221 -56.85 66.73 24.27
C LEU G 221 -57.22 66.39 25.70
N ARG G 222 -56.56 67.04 26.67
CA ARG G 222 -56.93 66.83 28.07
C ARG G 222 -58.33 67.38 28.34
N LYS G 223 -58.66 68.53 27.75
CA LYS G 223 -60.03 69.03 27.82
C LYS G 223 -61.02 67.98 27.35
N LEU G 224 -60.74 67.38 26.19
CA LEU G 224 -61.63 66.38 25.62
C LEU G 224 -61.76 65.16 26.53
N TYR G 225 -60.62 64.64 26.99
CA TYR G 225 -60.64 63.48 27.87
C TYR G 225 -61.38 63.77 29.17
N ALA G 226 -61.35 65.03 29.63
CA ALA G 226 -62.07 65.39 30.84
C ALA G 226 -63.56 65.47 30.60
N PHE G 227 -63.96 66.10 29.48
CA PHE G 227 -65.36 66.07 29.07
C PHE G 227 -65.88 64.64 29.00
N ALA G 228 -65.06 63.73 28.46
CA ALA G 228 -65.47 62.34 28.34
C ALA G 228 -65.21 61.56 29.61
N GLY G 229 -63.97 61.59 30.12
CA GLY G 229 -63.61 60.79 31.26
C GLY G 229 -62.75 59.61 30.87
N GLU G 230 -61.84 59.81 29.90
CA GLU G 230 -61.12 58.69 29.30
C GLU G 230 -60.05 58.15 30.25
N ASP G 231 -59.14 59.01 30.68
CA ASP G 231 -58.04 58.61 31.57
C ASP G 231 -58.09 59.47 32.82
N LYS G 232 -58.87 59.03 33.80
CA LYS G 232 -59.07 59.76 35.04
C LYS G 232 -57.82 59.67 35.92
N GLY G 233 -57.21 60.81 36.20
CA GLY G 233 -56.12 60.91 37.14
C GLY G 233 -54.82 61.41 36.55
N MET G 234 -54.64 61.34 35.24
CA MET G 234 -53.34 61.67 34.67
C MET G 234 -53.01 63.15 34.85
N LEU G 235 -53.99 64.03 34.64
CA LEU G 235 -53.73 65.45 34.83
C LEU G 235 -53.53 65.78 36.30
N TYR G 236 -54.29 65.12 37.18
CA TYR G 236 -54.14 65.35 38.62
C TYR G 236 -52.86 64.77 39.17
N SER G 237 -52.25 63.80 38.49
CA SER G 237 -51.03 63.16 38.95
C SER G 237 -49.81 63.57 38.14
N GLY G 238 -49.95 64.57 37.27
CA GLY G 238 -48.81 65.05 36.50
C GLY G 238 -48.32 64.10 35.44
N LEU G 239 -49.10 63.10 35.07
CA LEU G 239 -48.71 62.15 34.04
C LEU G 239 -49.08 62.68 32.66
N LEU G 240 -48.95 61.82 31.65
CA LEU G 240 -49.28 62.18 30.28
C LEU G 240 -50.41 61.37 29.68
N GLY G 241 -50.75 60.22 30.24
CA GLY G 241 -51.86 59.45 29.72
C GLY G 241 -51.55 58.79 28.38
N VAL G 242 -52.62 58.43 27.67
CA VAL G 242 -52.51 57.72 26.41
C VAL G 242 -52.87 58.65 25.27
N ILE G 243 -52.18 58.48 24.14
CA ILE G 243 -52.52 59.28 22.91
C ILE G 243 -52.77 58.25 21.81
N ASP G 244 -53.99 58.18 21.28
CA ASP G 244 -54.36 57.15 20.27
C ASP G 244 -54.10 55.75 20.83
N ASN G 245 -54.68 55.42 21.99
CA ASN G 245 -54.56 54.06 22.59
C ASN G 245 -53.12 53.78 23.04
N CYS G 246 -52.17 54.66 22.74
CA CYS G 246 -50.77 54.39 23.05
C CYS G 246 -50.34 55.14 24.30
N PRO G 247 -49.92 54.45 25.36
CA PRO G 247 -49.47 55.16 26.56
C PRO G 247 -48.18 55.92 26.31
N VAL G 248 -48.17 57.19 26.71
CA VAL G 248 -46.98 58.03 26.64
C VAL G 248 -46.39 58.10 28.04
N ILE G 249 -45.09 57.85 28.13
CA ILE G 249 -44.40 57.69 29.41
C ILE G 249 -43.28 58.69 29.50
N ASP G 250 -43.14 59.30 30.68
CA ASP G 250 -41.95 60.06 31.03
C ASP G 250 -40.88 59.05 31.45
N ALA G 251 -39.84 58.91 30.63
CA ALA G 251 -38.84 57.88 30.85
C ALA G 251 -37.56 58.42 31.46
N GLY G 252 -37.62 59.56 32.13
CA GLY G 252 -36.49 60.05 32.89
C GLY G 252 -35.43 60.72 32.03
N VAL G 253 -34.34 61.09 32.69
CA VAL G 253 -33.18 61.67 32.06
C VAL G 253 -31.97 60.83 32.42
N TRP G 254 -31.08 60.62 31.46
CA TRP G 254 -29.89 59.80 31.66
C TRP G 254 -28.86 60.61 32.43
N ASN G 255 -28.57 60.18 33.65
CA ASN G 255 -27.48 60.74 34.44
C ASN G 255 -26.52 59.63 34.85
N LYS G 256 -25.52 59.98 35.64
CA LYS G 256 -24.52 59.03 36.08
C LYS G 256 -25.05 58.06 37.13
N PHE G 257 -26.21 58.33 37.72
CA PHE G 257 -26.73 57.50 38.80
C PHE G 257 -27.80 56.53 38.34
N ASN G 258 -28.76 56.99 37.56
CA ASN G 258 -29.90 56.17 37.19
C ASN G 258 -30.10 56.21 35.69
N VAL G 259 -30.93 55.31 35.20
CA VAL G 259 -31.25 55.23 33.79
C VAL G 259 -32.41 56.16 33.50
N GLY G 260 -32.31 56.87 32.39
CA GLY G 260 -33.40 57.67 31.89
C GLY G 260 -33.50 57.52 30.40
N MET G 261 -33.64 58.64 29.69
CA MET G 261 -33.53 58.64 28.26
C MET G 261 -32.33 59.47 27.86
N PRO G 262 -31.53 59.04 26.91
CA PRO G 262 -30.26 59.72 26.63
C PRO G 262 -30.48 61.06 25.95
N ASN G 263 -29.42 61.85 25.94
CA ASN G 263 -29.42 63.12 25.24
C ASN G 263 -28.01 63.38 24.75
N SER G 264 -27.87 64.41 23.93
CA SER G 264 -26.59 64.68 23.29
C SER G 264 -25.50 65.10 24.26
N SER G 265 -25.91 65.44 25.49
CA SER G 265 -24.97 65.86 26.56
C SER G 265 -24.05 64.70 26.93
N ILE G 266 -24.59 63.48 26.93
CA ILE G 266 -23.81 62.25 27.28
C ILE G 266 -22.62 62.12 26.32
N SER G 267 -21.45 61.76 26.85
CA SER G 267 -20.22 61.62 26.04
C SER G 267 -20.24 60.31 25.24
N ASP G 268 -19.45 60.24 24.18
CA ASP G 268 -19.36 59.05 23.33
C ASP G 268 -18.90 57.84 24.13
N SER G 269 -17.90 58.02 24.98
CA SER G 269 -17.36 56.92 25.76
C SER G 269 -18.40 56.37 26.72
N ASP G 270 -19.11 57.25 27.41
CA ASP G 270 -20.05 56.81 28.43
C ASP G 270 -21.25 56.11 27.81
N PHE G 271 -21.60 56.47 26.57
CA PHE G 271 -22.66 55.75 25.87
C PHE G 271 -22.17 54.42 25.33
N MET G 272 -21.00 54.41 24.70
CA MET G 272 -20.45 53.18 24.14
C MET G 272 -20.22 52.13 25.21
N ARG G 273 -19.91 52.55 26.44
CA ARG G 273 -19.66 51.60 27.52
C ARG G 273 -20.80 50.62 27.69
N TYR G 274 -22.03 51.01 27.33
CA TYR G 274 -23.20 50.20 27.57
C TYR G 274 -23.68 49.47 26.31
N LEU G 275 -22.82 49.37 25.30
CA LEU G 275 -23.12 48.62 24.09
C LEU G 275 -22.25 47.38 24.04
N ASN G 276 -22.75 46.34 23.39
CA ASN G 276 -22.09 45.03 23.42
C ASN G 276 -21.02 44.89 22.35
N LYS G 277 -21.17 45.56 21.20
CA LYS G 277 -20.17 45.60 20.14
C LYS G 277 -20.05 44.27 19.41
N ALA G 278 -20.69 43.23 19.95
CA ALA G 278 -20.93 42.00 19.22
C ALA G 278 -22.38 41.88 18.79
N ASN G 279 -23.28 42.56 19.48
CA ASN G 279 -24.69 42.60 19.17
C ASN G 279 -25.08 43.79 18.34
N VAL G 280 -24.11 44.56 17.86
CA VAL G 280 -24.34 45.87 17.29
C VAL G 280 -23.76 45.92 15.88
N SER G 281 -24.55 46.45 14.95
CA SER G 281 -24.08 46.64 13.59
C SER G 281 -23.16 47.85 13.49
N SER G 282 -23.65 49.01 13.91
CA SER G 282 -22.86 50.24 13.92
C SER G 282 -23.23 51.05 15.15
N ILE G 283 -22.43 52.07 15.43
CA ILE G 283 -22.55 52.83 16.66
C ILE G 283 -22.78 54.29 16.30
N VAL G 284 -23.97 54.79 16.58
CA VAL G 284 -24.29 56.20 16.46
C VAL G 284 -24.70 56.67 17.84
N THR G 285 -23.76 57.27 18.57
CA THR G 285 -24.06 57.81 19.88
C THR G 285 -24.92 59.06 19.74
N PRO G 286 -25.63 59.46 20.80
CA PRO G 286 -26.46 60.66 20.72
C PRO G 286 -25.73 61.90 20.21
N ARG G 287 -24.45 62.05 20.54
CA ARG G 287 -23.69 63.19 20.03
C ARG G 287 -23.48 63.08 18.53
N GLN G 288 -23.17 61.88 18.03
CA GLN G 288 -23.03 61.68 16.60
C GLN G 288 -24.38 61.83 15.89
N PHE G 289 -25.44 61.34 16.53
CA PHE G 289 -26.78 61.54 16.01
C PHE G 289 -27.11 63.03 15.90
N LYS G 290 -26.64 63.83 16.87
CA LYS G 290 -26.88 65.26 16.78
C LYS G 290 -26.05 65.89 15.67
N GLU G 291 -24.83 65.39 15.47
CA GLU G 291 -23.98 65.99 14.44
C GLU G 291 -24.43 65.62 13.05
N LYS G 292 -25.12 64.50 12.87
CA LYS G 292 -25.65 64.20 11.55
C LYS G 292 -26.93 64.97 11.27
N LEU G 293 -27.74 65.25 12.30
CA LEU G 293 -28.92 66.08 12.13
C LEU G 293 -28.58 67.54 11.88
N ASN G 294 -27.31 67.92 11.96
CA ASN G 294 -26.89 69.30 11.82
C ASN G 294 -26.40 69.63 10.42
N GLN G 295 -26.74 68.79 9.44
CA GLN G 295 -26.38 69.08 8.06
C GLN G 295 -27.46 69.85 7.33
N GLU G 296 -28.69 69.79 7.82
CA GLU G 296 -29.82 70.49 7.21
C GLU G 296 -29.87 71.94 7.67
N ASN G 305 -28.02 75.31 17.01
CA ASN G 305 -27.09 74.23 17.32
C ASN G 305 -27.11 73.91 18.81
N LYS G 306 -28.26 73.42 19.28
CA LYS G 306 -28.45 73.09 20.67
C LYS G 306 -28.39 71.57 20.86
N GLU G 307 -28.46 71.14 22.11
CA GLU G 307 -28.50 69.72 22.40
C GLU G 307 -29.88 69.17 22.07
N ILE G 308 -29.94 67.85 21.90
CA ILE G 308 -31.17 67.17 21.53
C ILE G 308 -31.52 66.14 22.59
N SER G 309 -32.80 65.91 22.79
CA SER G 309 -33.31 64.86 23.63
C SER G 309 -33.94 63.78 22.75
N ILE G 310 -33.84 62.54 23.22
CA ILE G 310 -34.12 61.36 22.40
C ILE G 310 -35.18 60.52 23.09
N GLY G 311 -36.32 60.34 22.44
CA GLY G 311 -37.35 59.42 22.87
C GLY G 311 -37.63 58.42 21.76
N CYS G 312 -38.62 57.57 21.95
CA CYS G 312 -38.83 56.51 20.97
C CYS G 312 -40.23 55.92 21.10
N LEU G 313 -40.85 55.66 19.95
CA LEU G 313 -41.97 54.74 19.88
C LEU G 313 -41.43 53.33 19.77
N ILE G 314 -41.90 52.44 20.62
CA ILE G 314 -41.52 51.04 20.56
C ILE G 314 -42.76 50.19 20.37
N GLY G 315 -42.63 49.13 19.58
CA GLY G 315 -43.62 48.10 19.47
C GLY G 315 -43.19 46.84 20.18
N ALA G 316 -43.85 45.74 19.83
CA ALA G 316 -43.57 44.47 20.49
C ALA G 316 -42.18 43.98 20.15
N SER G 317 -41.44 43.54 21.17
CA SER G 317 -40.09 43.02 21.06
C SER G 317 -39.20 43.94 20.23
N ALA G 318 -39.01 45.15 20.73
CA ALA G 318 -38.05 46.08 20.15
C ALA G 318 -36.65 45.86 20.70
N VAL G 319 -36.54 45.28 21.89
CA VAL G 319 -35.28 44.93 22.51
C VAL G 319 -35.35 43.48 22.91
N LEU G 320 -34.29 42.73 22.60
CA LEU G 320 -34.21 41.30 22.91
C LEU G 320 -33.18 41.09 24.00
N LEU G 321 -33.58 40.35 25.03
CA LEU G 321 -32.71 39.94 26.11
C LEU G 321 -32.50 38.43 26.04
N ALA G 322 -31.25 38.02 25.96
CA ALA G 322 -30.89 36.62 25.93
C ALA G 322 -30.11 36.29 27.21
N GLY G 323 -30.50 35.21 27.85
CA GLY G 323 -29.85 34.76 29.06
C GLY G 323 -30.73 34.93 30.28
N SER G 324 -30.07 35.20 31.40
CA SER G 324 -30.73 35.31 32.69
C SER G 324 -30.55 36.71 33.25
N LYS G 325 -31.65 37.28 33.74
CA LYS G 325 -31.61 38.54 34.48
C LYS G 325 -31.33 38.31 35.96
N GLU G 326 -30.79 37.15 36.33
CA GLU G 326 -30.44 36.84 37.70
C GLU G 326 -29.02 37.32 37.97
N THR G 327 -28.88 38.29 38.86
CA THR G 327 -27.58 38.75 39.29
C THR G 327 -27.06 37.88 40.43
N ARG G 328 -25.75 37.71 40.47
CA ARG G 328 -25.10 36.86 41.45
C ARG G 328 -24.24 37.69 42.39
N PHE G 329 -24.15 37.24 43.64
CA PHE G 329 -23.41 37.93 44.69
C PHE G 329 -22.28 37.06 45.20
N TYR G 330 -21.09 37.65 45.31
CA TYR G 330 -19.91 37.00 45.84
C TYR G 330 -19.43 37.79 47.06
N ILE G 331 -19.59 37.22 48.24
CA ILE G 331 -19.21 37.88 49.48
C ILE G 331 -18.01 37.13 50.05
N ASP G 332 -16.82 37.70 49.89
CA ASP G 332 -15.60 37.13 50.46
C ASP G 332 -15.19 37.97 51.66
N GLU G 333 -15.41 37.44 52.86
CA GLU G 333 -14.98 38.12 54.08
C GLU G 333 -13.74 37.51 54.67
N THR G 334 -12.78 37.11 53.83
CA THR G 334 -11.48 36.65 54.27
C THR G 334 -10.36 37.44 53.61
N VAL G 335 -10.65 38.63 53.11
CA VAL G 335 -9.60 39.50 52.59
C VAL G 335 -8.73 39.96 53.75
N ASP G 336 -7.42 40.06 53.51
CA ASP G 336 -6.47 40.57 54.50
C ASP G 336 -6.53 39.74 55.79
N ALA G 337 -6.28 38.45 55.64
CA ALA G 337 -6.34 37.47 56.72
C ALA G 337 -7.71 37.38 57.38
N GLY G 338 -8.73 37.99 56.79
CA GLY G 338 -10.04 38.03 57.39
C GLY G 338 -10.37 39.35 58.04
N ARG G 339 -9.47 40.32 57.94
CA ARG G 339 -9.66 41.60 58.62
C ARG G 339 -10.49 42.55 57.79
N LYS G 340 -10.35 42.49 56.46
CA LYS G 340 -11.21 43.22 55.54
C LYS G 340 -12.24 42.27 54.94
N SER G 341 -13.00 42.77 53.97
CA SER G 341 -13.94 41.93 53.23
C SER G 341 -14.17 42.56 51.87
N LEU G 342 -15.00 41.91 51.07
CA LEU G 342 -15.17 42.29 49.67
C LEU G 342 -16.50 41.75 49.18
N VAL G 343 -17.35 42.63 48.67
CA VAL G 343 -18.66 42.24 48.16
C VAL G 343 -18.69 42.55 46.68
N GLY G 344 -18.99 41.54 45.87
CA GLY G 344 -19.05 41.71 44.43
C GLY G 344 -20.41 41.27 43.91
N VAL G 345 -20.83 41.88 42.82
CA VAL G 345 -22.08 41.57 42.16
C VAL G 345 -21.76 41.41 40.68
N ASP G 346 -22.43 40.45 40.03
CA ASP G 346 -22.05 40.08 38.67
C ASP G 346 -23.27 39.66 37.88
N CYS G 347 -23.24 39.93 36.58
CA CYS G 347 -24.36 39.56 35.72
C CYS G 347 -23.86 39.21 34.33
N LEU G 348 -24.50 38.21 33.73
CA LEU G 348 -24.29 37.84 32.33
C LEU G 348 -25.61 38.05 31.61
N LEU G 349 -25.58 38.83 30.53
CA LEU G 349 -26.82 39.19 29.85
C LEU G 349 -26.50 39.69 28.45
N GLY G 350 -27.24 39.19 27.46
CA GLY G 350 -27.16 39.71 26.10
C GLY G 350 -28.33 40.64 25.84
N VAL G 351 -28.00 41.86 25.43
CA VAL G 351 -29.00 42.88 25.12
C VAL G 351 -28.77 43.33 23.70
N SER G 352 -29.82 43.31 22.89
CA SER G 352 -29.70 43.79 21.52
C SER G 352 -30.97 44.49 21.09
N LYS G 353 -30.82 45.56 20.33
CA LYS G 353 -31.97 46.13 19.64
C LYS G 353 -32.40 45.19 18.53
N ALA G 354 -33.69 44.87 18.47
CA ALA G 354 -34.20 43.96 17.47
C ALA G 354 -33.96 44.53 16.08
N ARG G 355 -33.06 43.92 15.33
CA ARG G 355 -32.67 44.45 14.02
C ARG G 355 -32.10 43.28 13.23
N TYR G 356 -32.92 42.68 12.38
CA TYR G 356 -32.59 41.42 11.74
C TYR G 356 -31.89 41.65 10.41
N GLN G 357 -31.03 40.70 10.04
CA GLN G 357 -30.25 40.75 8.82
C GLN G 357 -30.70 39.67 7.86
N SER G 358 -30.64 39.98 6.57
CA SER G 358 -31.00 39.00 5.55
C SER G 358 -30.04 37.83 5.58
N THR G 359 -30.58 36.62 5.72
CA THR G 359 -29.73 35.44 5.80
C THR G 359 -28.98 35.21 4.51
N ASP G 360 -29.70 35.01 3.40
CA ASP G 360 -28.98 34.61 2.19
C ASP G 360 -28.41 35.79 1.41
N GLY G 361 -29.24 36.54 0.68
CA GLY G 361 -28.73 37.71 0.00
C GLY G 361 -29.73 38.81 -0.30
N VAL G 362 -31.00 38.60 0.04
CA VAL G 362 -32.08 39.38 -0.55
C VAL G 362 -32.36 40.60 0.30
N VAL G 363 -32.32 41.78 -0.31
CA VAL G 363 -32.50 43.01 0.44
C VAL G 363 -33.98 43.31 0.58
N THR G 364 -34.62 42.66 1.55
CA THR G 364 -35.97 42.98 1.93
C THR G 364 -35.96 44.34 2.63
N PRO G 365 -37.12 44.93 2.87
CA PRO G 365 -37.13 46.20 3.61
C PRO G 365 -36.93 46.01 5.11
N TYR G 366 -36.50 44.83 5.54
CA TYR G 366 -36.20 44.58 6.95
C TYR G 366 -34.71 44.45 7.22
N ASP G 367 -33.87 44.65 6.21
CA ASP G 367 -32.53 44.05 6.23
C ASP G 367 -31.62 44.70 7.27
N ASN G 368 -31.61 46.02 7.34
CA ASN G 368 -30.83 46.69 8.37
C ASN G 368 -31.67 47.71 9.10
N GLN G 369 -32.89 47.31 9.45
CA GLN G 369 -33.90 48.24 9.94
C GLN G 369 -34.30 47.86 11.35
N ASP G 370 -34.54 48.88 12.17
CA ASP G 370 -34.96 48.64 13.54
C ASP G 370 -36.33 47.97 13.54
N TYR G 371 -36.36 46.70 13.88
CA TYR G 371 -37.63 46.06 14.20
C TYR G 371 -38.25 46.79 15.38
N ALA G 372 -39.36 47.47 15.15
CA ALA G 372 -40.24 47.95 16.22
C ALA G 372 -39.68 49.14 16.99
N VAL G 373 -38.92 50.01 16.33
CA VAL G 373 -38.41 51.22 17.00
C VAL G 373 -38.44 52.39 16.04
N ILE G 374 -39.14 53.46 16.43
CA ILE G 374 -39.05 54.76 15.76
C ILE G 374 -38.43 55.74 16.75
N GLY G 375 -37.45 56.51 16.28
CA GLY G 375 -36.86 57.53 17.10
C GLY G 375 -37.63 58.83 17.06
N LEU G 376 -37.54 59.60 18.15
CA LEU G 376 -38.17 60.91 18.27
C LEU G 376 -37.14 61.86 18.83
N VAL G 377 -36.75 62.85 18.05
CA VAL G 377 -35.67 63.74 18.43
C VAL G 377 -36.23 65.14 18.58
N SER G 378 -36.02 65.74 19.75
CA SER G 378 -36.38 67.14 19.94
C SER G 378 -35.20 67.88 20.56
N ASP G 379 -35.44 69.13 20.95
CA ASP G 379 -34.36 69.93 21.58
C ASP G 379 -34.39 69.67 23.10
N MET G 380 -33.21 69.64 23.73
CA MET G 380 -33.08 69.38 25.19
C MET G 380 -34.06 70.23 25.99
N GLU G 381 -34.08 71.55 25.74
CA GLU G 381 -35.01 72.47 26.45
C GLU G 381 -36.44 71.93 26.38
N ASN H 11 -66.39 119.63 72.99
CA ASN H 11 -67.56 120.28 73.53
C ASN H 11 -68.77 119.36 73.45
N ASN H 12 -68.58 118.10 73.84
CA ASN H 12 -69.62 117.09 73.66
C ASN H 12 -69.66 116.22 74.90
N ILE H 13 -70.34 115.08 74.79
CA ILE H 13 -70.54 114.17 75.90
C ILE H 13 -69.24 113.62 76.47
N SER H 14 -68.12 113.77 75.75
CA SER H 14 -66.84 113.29 76.27
C SER H 14 -66.44 114.03 77.54
N ASN H 15 -66.98 115.21 77.79
CA ASN H 15 -66.70 115.95 79.01
C ASN H 15 -67.94 116.14 79.87
N ASN H 16 -68.93 115.25 79.75
CA ASN H 16 -70.07 115.27 80.65
C ASN H 16 -69.66 114.58 81.94
N LEU H 17 -69.42 115.37 82.99
CA LEU H 17 -68.88 114.85 84.22
C LEU H 17 -69.96 114.23 85.09
N ASN H 18 -70.77 113.37 84.48
CA ASN H 18 -71.73 112.53 85.18
C ASN H 18 -71.57 111.08 84.81
N LEU H 19 -70.62 110.76 83.93
CA LEU H 19 -70.47 109.45 83.33
C LEU H 19 -69.20 108.79 83.83
N GLY H 20 -69.20 107.47 83.78
CA GLY H 20 -68.02 106.70 84.10
C GLY H 20 -67.56 105.84 82.95
N ILE H 21 -66.26 105.92 82.61
CA ILE H 21 -65.70 105.02 81.63
C ILE H 21 -65.69 103.61 82.18
N GLU H 22 -66.05 102.65 81.36
CA GLU H 22 -66.05 101.24 81.75
C GLU H 22 -65.21 100.47 80.74
N VAL H 23 -64.09 99.92 81.20
CA VAL H 23 -63.17 99.26 80.29
C VAL H 23 -63.63 97.83 80.05
N GLY H 24 -63.30 97.31 78.88
CA GLY H 24 -63.72 95.96 78.53
C GLY H 24 -63.16 94.94 79.49
N ARG H 25 -63.99 93.96 79.83
CA ARG H 25 -63.61 92.96 80.83
C ARG H 25 -62.40 92.16 80.38
N GLU H 26 -62.35 91.81 79.10
CA GLU H 26 -61.25 91.03 78.54
C GLU H 26 -60.46 91.88 77.56
N ILE H 27 -59.17 91.60 77.49
CA ILE H 27 -58.26 92.36 76.63
C ILE H 27 -58.17 91.67 75.28
N GLN H 28 -58.24 92.47 74.21
CA GLN H 28 -58.22 91.94 72.86
C GLN H 28 -56.87 91.30 72.55
N ASN H 29 -56.92 90.09 72.00
CA ASN H 29 -55.74 89.39 71.50
C ASN H 29 -55.68 89.59 70.00
N ALA H 30 -54.69 90.35 69.55
CA ALA H 30 -54.61 90.77 68.15
C ALA H 30 -53.93 89.75 67.25
N SER H 31 -53.47 88.62 67.80
CA SER H 31 -52.75 87.61 67.02
C SER H 31 -53.67 86.42 66.81
N TRP H 32 -53.83 86.03 65.55
CA TRP H 32 -54.69 84.93 65.16
C TRP H 32 -54.05 83.98 64.17
N ILE H 33 -53.04 84.43 63.42
CA ILE H 33 -52.60 83.73 62.23
C ILE H 33 -51.88 82.43 62.60
N LYS H 34 -52.09 81.41 61.79
CA LYS H 34 -51.42 80.13 61.94
C LYS H 34 -50.64 79.85 60.67
N SER H 35 -49.52 79.31 60.81
CA SER H 35 -48.66 79.05 59.68
C SER H 35 -48.68 77.57 59.32
N PRO H 36 -48.44 77.21 58.06
CA PRO H 36 -48.47 75.80 57.68
C PRO H 36 -47.23 75.02 58.09
N PHE H 37 -46.15 75.70 58.47
CA PHE H 37 -44.87 75.04 58.71
C PHE H 37 -44.88 74.07 59.87
N PHE H 38 -46.02 73.83 60.50
CA PHE H 38 -46.11 72.84 61.57
C PHE H 38 -46.60 71.49 61.07
N SER H 39 -47.47 71.47 60.06
CA SER H 39 -47.93 70.21 59.49
C SER H 39 -46.85 69.52 58.66
N ILE H 40 -45.89 70.28 58.15
CA ILE H 40 -44.78 69.68 57.42
C ILE H 40 -43.86 68.93 58.37
N THR H 41 -43.69 69.41 59.59
CA THR H 41 -42.71 68.83 60.50
C THR H 41 -43.17 67.47 61.02
N GLY H 42 -42.21 66.56 61.16
CA GLY H 42 -42.49 65.23 61.68
C GLY H 42 -41.20 64.49 61.95
N THR H 43 -41.34 63.37 62.63
CA THR H 43 -40.19 62.54 62.95
C THR H 43 -39.95 61.44 61.93
N GLY H 44 -40.94 61.13 61.09
CA GLY H 44 -40.72 60.21 60.01
C GLY H 44 -39.72 60.74 59.00
N ALA H 45 -39.10 59.83 58.27
CA ALA H 45 -38.08 60.21 57.30
C ALA H 45 -38.66 60.83 56.03
N ASP H 46 -39.99 60.95 55.94
CA ASP H 46 -40.66 61.39 54.72
C ASP H 46 -41.39 62.71 54.94
N ARG H 47 -40.82 63.60 55.74
CA ARG H 47 -41.42 64.89 56.02
C ARG H 47 -40.53 65.98 55.46
N GLY H 48 -41.12 67.14 55.18
CA GLY H 48 -40.32 68.23 54.64
C GLY H 48 -39.39 68.84 55.67
N VAL H 49 -39.83 68.89 56.92
CA VAL H 49 -39.01 69.33 58.04
C VAL H 49 -38.92 68.16 58.97
N ARG H 50 -37.73 67.58 59.10
CA ARG H 50 -37.59 66.37 59.90
C ARG H 50 -37.03 66.68 61.27
N LEU H 51 -37.59 66.01 62.26
CA LEU H 51 -37.20 66.15 63.66
C LEU H 51 -36.51 64.89 64.13
N PHE H 52 -35.42 65.05 64.87
CA PHE H 52 -34.64 63.92 65.35
C PHE H 52 -34.73 63.82 66.87
N SER H 53 -34.83 62.58 67.35
CA SER H 53 -34.78 62.30 68.78
C SER H 53 -33.31 62.24 69.19
N VAL H 54 -32.82 63.29 69.85
CA VAL H 54 -31.44 63.35 70.29
C VAL H 54 -31.32 63.04 71.78
N ALA H 55 -32.29 63.49 72.57
CA ALA H 55 -32.43 63.20 74.00
C ALA H 55 -31.32 63.81 74.85
N SER H 56 -30.32 64.44 74.24
CA SER H 56 -29.24 65.06 74.99
C SER H 56 -28.87 66.41 74.43
N GLN H 57 -29.52 66.87 73.37
CA GLN H 57 -29.23 68.16 72.73
C GLN H 57 -27.76 68.33 72.42
N GLN H 58 -27.03 67.24 72.32
CA GLN H 58 -25.68 67.31 71.79
C GLN H 58 -25.76 67.58 70.30
N PRO H 59 -24.73 68.17 69.72
CA PRO H 59 -24.68 68.30 68.26
C PRO H 59 -24.92 66.98 67.56
N PHE H 60 -25.96 66.92 66.74
CA PHE H 60 -26.33 65.72 66.03
C PHE H 60 -25.60 65.63 64.70
N ARG H 61 -25.47 64.41 64.19
CA ARG H 61 -24.80 64.17 62.92
C ARG H 61 -25.54 63.12 62.10
N PRO H 62 -26.39 63.54 61.18
CA PRO H 62 -27.01 62.58 60.27
C PRO H 62 -26.10 62.27 59.08
N ARG H 63 -26.26 61.06 58.56
CA ARG H 63 -25.42 60.52 57.50
C ARG H 63 -26.29 59.98 56.38
N ILE H 64 -25.88 60.21 55.14
CA ILE H 64 -26.51 59.63 53.97
C ILE H 64 -25.49 58.78 53.21
N LYS H 65 -25.99 57.78 52.51
CA LYS H 65 -25.15 56.93 51.66
C LYS H 65 -25.26 57.42 50.23
N ALA H 66 -24.14 57.88 49.68
CA ALA H 66 -24.12 58.33 48.29
C ALA H 66 -24.42 57.18 47.35
N GLN H 67 -24.98 57.50 46.20
CA GLN H 67 -25.28 56.45 45.24
C GLN H 67 -23.99 55.96 44.59
N LEU H 68 -23.99 54.68 44.26
CA LEU H 68 -22.81 54.00 43.77
C LEU H 68 -22.75 54.16 42.26
N SER H 69 -21.61 54.63 41.75
CA SER H 69 -21.46 54.89 40.33
C SER H 69 -20.11 54.33 39.90
N GLY H 70 -19.67 54.70 38.71
CA GLY H 70 -18.39 54.21 38.25
C GLY H 70 -18.51 52.86 37.57
N SER H 71 -17.80 52.70 36.46
CA SER H 71 -17.87 51.46 35.70
C SER H 71 -17.25 50.32 36.47
N GLY H 72 -17.89 49.16 36.41
CA GLY H 72 -17.39 48.02 37.13
C GLY H 72 -16.27 47.34 36.37
N VAL H 73 -16.37 46.04 36.22
CA VAL H 73 -15.41 45.28 35.43
C VAL H 73 -16.15 44.52 34.35
N SER H 74 -15.54 44.40 33.18
CA SER H 74 -16.14 43.75 32.03
C SER H 74 -15.54 42.37 31.83
N GLY H 75 -16.39 41.41 31.54
CA GLY H 75 -15.91 40.09 31.14
C GLY H 75 -15.16 39.41 32.25
N ASN H 76 -14.06 38.75 31.89
CA ASN H 76 -13.29 37.95 32.83
C ASN H 76 -12.23 38.78 33.53
N THR H 77 -12.61 39.92 34.07
CA THR H 77 -11.70 40.80 34.77
C THR H 77 -11.96 40.72 36.25
N ASP H 78 -10.89 40.81 37.03
CA ASP H 78 -11.01 40.69 38.48
C ASP H 78 -11.78 41.86 39.05
N PHE H 79 -12.64 41.56 40.02
CA PHE H 79 -13.32 42.61 40.78
C PHE H 79 -12.34 43.67 41.26
N GLU H 80 -11.09 43.26 41.53
CA GLU H 80 -10.06 44.14 42.05
C GLU H 80 -9.48 45.07 41.00
N ALA H 81 -9.89 44.96 39.74
CA ALA H 81 -9.41 45.88 38.73
C ALA H 81 -10.13 47.21 38.76
N ASN H 82 -11.34 47.26 39.29
CA ASN H 82 -12.07 48.51 39.47
C ASN H 82 -12.93 48.34 40.72
N TYR H 83 -12.39 48.73 41.86
CA TYR H 83 -13.18 48.78 43.08
C TYR H 83 -14.07 50.00 43.05
N ASP H 84 -15.23 49.88 43.67
CA ASP H 84 -16.08 51.04 43.89
C ASP H 84 -15.87 51.56 45.30
N ASN H 85 -16.30 52.80 45.51
CA ASN H 85 -16.11 53.48 46.79
C ASN H 85 -17.46 53.70 47.42
N LEU H 86 -17.72 53.03 48.54
CA LEU H 86 -18.89 53.33 49.34
C LEU H 86 -18.68 54.70 49.98
N GLU H 87 -19.48 55.67 49.58
CA GLU H 87 -19.29 57.05 50.01
C GLU H 87 -20.38 57.46 50.99
N ILE H 88 -19.95 57.96 52.16
CA ILE H 88 -20.91 58.40 53.21
C ILE H 88 -20.74 59.90 53.44
N LEU H 89 -21.85 60.65 53.37
CA LEU H 89 -21.85 62.06 53.64
C LEU H 89 -22.52 62.30 54.98
N SER H 90 -22.19 63.42 55.61
CA SER H 90 -22.73 63.73 56.92
C SER H 90 -22.96 65.22 57.04
N GLN H 91 -23.79 65.57 58.02
CA GLN H 91 -24.01 66.96 58.39
C GLN H 91 -23.93 67.08 59.90
N THR H 92 -23.52 68.23 60.39
CA THR H 92 -23.47 68.47 61.83
C THR H 92 -24.46 69.58 62.18
N ILE H 93 -25.45 69.24 62.99
CA ILE H 93 -26.47 70.19 63.44
C ILE H 93 -26.18 70.53 64.90
N TYR H 94 -25.84 71.79 65.14
CA TYR H 94 -25.52 72.47 66.39
C TYR H 94 -26.74 73.24 66.90
N PRO H 95 -26.98 73.26 68.20
CA PRO H 95 -28.11 74.03 68.72
C PRO H 95 -27.79 75.51 68.88
N ASP H 96 -28.84 76.32 68.81
CA ASP H 96 -28.79 77.73 69.20
C ASP H 96 -29.78 77.97 70.34
N ALA H 97 -29.46 78.96 71.18
CA ALA H 97 -30.32 79.36 72.27
C ALA H 97 -30.83 80.77 72.02
N PHE H 98 -32.14 80.96 72.18
CA PHE H 98 -32.73 82.27 71.96
C PHE H 98 -33.93 82.43 72.87
N GLY H 99 -34.27 83.68 73.18
CA GLY H 99 -35.36 83.90 74.10
C GLY H 99 -35.79 85.34 74.11
N ASN H 100 -36.84 85.58 74.89
CA ASN H 100 -37.44 86.90 75.03
C ASN H 100 -37.94 87.07 76.44
N SER H 101 -38.30 88.30 76.80
CA SER H 101 -38.69 88.59 78.17
C SER H 101 -39.50 89.87 78.23
N LEU H 102 -40.50 89.86 79.10
CA LEU H 102 -41.36 91.00 79.39
C LEU H 102 -41.17 91.42 80.84
N ARG H 103 -40.92 92.70 81.05
CA ARG H 103 -40.79 93.29 82.37
C ARG H 103 -42.06 94.06 82.69
N SER H 104 -42.80 93.57 83.69
CA SER H 104 -44.09 94.19 84.09
C SER H 104 -43.85 95.47 84.89
N LYS H 105 -44.86 96.31 85.02
CA LYS H 105 -44.75 97.57 85.81
C LYS H 105 -45.09 97.28 87.27
N ILE H 106 -45.00 98.29 88.14
CA ILE H 106 -45.29 98.13 89.59
C ILE H 106 -46.66 97.47 89.77
N LYS H 107 -46.73 96.47 90.66
CA LYS H 107 -47.95 95.68 90.99
C LYS H 107 -49.19 96.57 91.06
N ALA H 108 -49.14 97.65 91.84
CA ALA H 108 -50.26 98.60 91.99
C ALA H 108 -50.85 98.98 90.62
N TYR H 109 -50.00 99.41 89.67
CA TYR H 109 -50.49 99.80 88.35
C TYR H 109 -51.05 98.60 87.61
N SER H 110 -50.45 97.43 87.79
CA SER H 110 -50.98 96.22 87.17
C SER H 110 -52.35 95.86 87.72
N GLU H 111 -52.63 96.22 88.97
CA GLU H 111 -53.96 95.98 89.51
C GLU H 111 -54.91 97.12 89.15
N LEU H 112 -54.38 98.32 88.91
CA LEU H 112 -55.21 99.45 88.56
C LEU H 112 -55.66 99.37 87.10
N GLU H 113 -54.74 99.06 86.20
CA GLU H 113 -55.06 98.90 84.79
C GLU H 113 -55.61 97.53 84.47
N ARG H 114 -55.75 96.66 85.47
CA ARG H 114 -56.43 95.37 85.38
C ARG H 114 -55.75 94.43 84.38
N ILE H 115 -54.52 94.72 84.01
CA ILE H 115 -53.72 93.84 83.16
C ILE H 115 -53.17 92.72 84.03
N ASP H 116 -53.56 91.48 83.71
CA ASP H 116 -53.03 90.30 84.40
C ASP H 116 -51.72 89.93 83.73
N PHE H 117 -50.61 90.41 84.29
CA PHE H 117 -49.36 90.42 83.54
C PHE H 117 -48.82 89.02 83.28
N ILE H 118 -48.90 88.13 84.27
CA ILE H 118 -48.34 86.79 84.09
C ILE H 118 -49.02 86.09 82.92
N LYS H 119 -50.35 86.18 82.86
CA LYS H 119 -51.10 85.50 81.82
C LYS H 119 -50.85 86.13 80.45
N GLU H 120 -50.99 87.45 80.35
CA GLU H 120 -50.78 88.11 79.07
C GLU H 120 -49.37 87.88 78.56
N SER H 121 -48.40 87.83 79.47
CA SER H 121 -47.01 87.68 79.06
C SER H 121 -46.70 86.24 78.66
N VAL H 122 -47.24 85.26 79.38
CA VAL H 122 -47.05 83.87 78.95
C VAL H 122 -47.65 83.65 77.57
N ASP H 123 -48.83 84.22 77.32
CA ASP H 123 -49.47 84.03 76.03
C ASP H 123 -48.71 84.75 74.92
N SER H 124 -48.32 86.00 75.15
CA SER H 124 -47.58 86.74 74.14
C SER H 124 -46.24 86.09 73.85
N LEU H 125 -45.59 85.53 74.87
CA LEU H 125 -44.28 84.92 74.67
C LEU H 125 -44.41 83.57 74.00
N THR H 126 -45.46 82.81 74.28
CA THR H 126 -45.73 81.59 73.51
C THR H 126 -45.86 81.90 72.03
N THR H 127 -46.64 82.94 71.70
CA THR H 127 -46.78 83.32 70.30
C THR H 127 -45.44 83.75 69.70
N TRP H 128 -44.73 84.65 70.39
CA TRP H 128 -43.45 85.13 69.92
C TRP H 128 -42.50 83.96 69.65
N MET H 129 -42.51 82.97 70.55
CA MET H 129 -41.60 81.84 70.46
C MET H 129 -41.94 80.97 69.26
N ASN H 130 -43.23 80.69 69.05
CA ASN H 130 -43.64 79.93 67.88
C ASN H 130 -43.19 80.61 66.59
N GLU H 131 -43.40 81.93 66.50
CA GLU H 131 -43.00 82.63 65.30
C GLU H 131 -41.49 82.61 65.11
N GLU H 132 -40.73 82.74 66.20
CA GLU H 132 -39.27 82.76 66.06
C GLU H 132 -38.75 81.41 65.63
N ARG H 133 -39.34 80.33 66.14
CA ARG H 133 -38.97 79.00 65.67
C ARG H 133 -39.24 78.83 64.18
N ASP H 134 -40.45 79.20 63.74
CA ASP H 134 -40.76 79.05 62.32
C ASP H 134 -39.90 79.96 61.45
N LYS H 135 -39.45 81.09 61.97
CA LYS H 135 -38.57 81.92 61.17
C LYS H 135 -37.16 81.35 61.12
N ARG H 136 -36.71 80.70 62.20
CA ARG H 136 -35.48 79.91 62.12
C ARG H 136 -35.56 78.92 60.97
N ILE H 137 -36.65 78.15 60.95
CA ILE H 137 -36.80 77.11 59.92
C ILE H 137 -36.81 77.73 58.52
N VAL H 138 -37.60 78.79 58.33
CA VAL H 138 -37.69 79.38 57.00
C VAL H 138 -36.38 80.01 56.56
N ALA H 139 -35.65 80.63 57.49
CA ALA H 139 -34.40 81.27 57.12
C ALA H 139 -33.34 80.24 56.76
N SER H 140 -33.30 79.12 57.50
CA SER H 140 -32.38 78.06 57.11
C SER H 140 -32.79 77.45 55.79
N LEU H 141 -34.10 77.38 55.52
CA LEU H 141 -34.58 76.78 54.29
C LEU H 141 -34.22 77.62 53.07
N THR H 142 -34.35 78.94 53.15
CA THR H 142 -34.19 79.79 51.99
C THR H 142 -32.81 80.43 51.89
N ASN H 143 -31.88 80.05 52.76
CA ASN H 143 -30.53 80.58 52.68
C ASN H 143 -29.73 79.84 51.62
N ASP H 144 -29.09 80.58 50.73
CA ASP H 144 -28.06 80.06 49.82
C ASP H 144 -28.59 78.86 49.01
N PHE H 145 -29.54 79.18 48.13
CA PHE H 145 -30.07 78.17 47.23
C PHE H 145 -28.97 77.67 46.30
N THR H 146 -28.65 76.38 46.41
CA THR H 146 -27.77 75.77 45.41
C THR H 146 -28.51 75.52 44.11
N ASN H 147 -29.77 75.11 44.21
CA ASN H 147 -30.61 74.84 43.05
C ASN H 147 -31.82 75.74 43.09
N TYR H 148 -31.98 76.57 42.06
CA TYR H 148 -33.10 77.50 42.01
C TYR H 148 -33.39 77.83 40.55
N LEU H 149 -34.62 78.26 40.31
CA LEU H 149 -35.03 78.72 39.00
C LEU H 149 -35.94 79.92 39.16
N TYR H 150 -35.64 80.99 38.42
CA TYR H 150 -36.31 82.28 38.57
C TYR H 150 -37.19 82.59 37.37
N THR H 151 -38.34 83.19 37.64
CA THR H 151 -39.26 83.63 36.60
C THR H 151 -39.89 84.97 37.01
N GLN H 152 -40.21 85.79 36.01
CA GLN H 152 -40.78 87.11 36.30
C GLN H 152 -42.11 87.04 37.01
N THR H 153 -42.83 85.92 36.88
CA THR H 153 -44.13 85.78 37.53
C THR H 153 -44.49 84.31 37.58
N MET H 154 -44.95 83.86 38.73
CA MET H 154 -45.15 82.43 38.96
C MET H 154 -46.29 81.89 38.11
N ASN H 155 -46.05 80.77 37.45
CA ASN H 155 -46.97 80.17 36.51
C ASN H 155 -46.89 78.66 36.63
N VAL H 156 -47.85 77.96 36.02
CA VAL H 156 -47.82 76.51 36.03
C VAL H 156 -46.63 75.99 35.24
N ALA H 157 -46.12 76.78 34.28
CA ALA H 157 -44.95 76.37 33.51
C ALA H 157 -43.76 76.15 34.43
N THR H 158 -43.48 77.10 35.32
CA THR H 158 -42.31 76.97 36.17
C THR H 158 -42.53 75.99 37.32
N ILE H 159 -43.77 75.83 37.80
CA ILE H 159 -44.02 74.79 38.78
C ILE H 159 -43.76 73.42 38.16
N ARG H 160 -44.21 73.22 36.92
CA ARG H 160 -43.93 71.98 36.22
C ARG H 160 -42.43 71.81 36.00
N LYS H 161 -41.74 72.89 35.61
CA LYS H 161 -40.30 72.83 35.41
C LYS H 161 -39.56 72.46 36.69
N ALA H 162 -40.01 73.00 37.82
CA ALA H 162 -39.33 72.73 39.08
C ALA H 162 -39.60 71.31 39.55
N ILE H 163 -40.82 70.80 39.33
CA ILE H 163 -41.11 69.43 39.71
C ILE H 163 -40.32 68.47 38.83
N PHE H 164 -40.16 68.81 37.56
CA PHE H 164 -39.35 68.02 36.64
C PHE H 164 -37.87 68.04 37.03
N HIS H 165 -37.33 69.22 37.38
CA HIS H 165 -35.95 69.29 37.83
C HIS H 165 -35.75 68.53 39.14
N ALA H 166 -36.74 68.54 40.03
CA ALA H 166 -36.62 67.78 41.27
C ALA H 166 -36.66 66.29 41.00
N ARG H 167 -37.54 65.86 40.09
CA ARG H 167 -37.65 64.45 39.75
C ARG H 167 -36.38 63.94 39.09
N ASN H 168 -35.73 64.74 38.27
CA ASN H 168 -34.66 64.25 37.43
C ASN H 168 -33.31 64.88 37.73
N GLY H 169 -33.17 65.56 38.87
CA GLY H 169 -31.89 66.08 39.29
C GLY H 169 -31.22 67.00 38.30
N LEU H 170 -31.83 68.13 37.99
CA LEU H 170 -31.29 69.07 37.03
C LEU H 170 -31.16 70.45 37.66
N LYS H 171 -30.03 71.09 37.46
CA LYS H 171 -29.86 72.47 37.89
C LYS H 171 -30.65 73.41 36.99
N GLY H 172 -30.69 74.68 37.38
CA GLY H 172 -31.40 75.65 36.56
C GLY H 172 -30.80 75.84 35.19
N ASP H 173 -29.48 75.83 35.11
CA ASP H 173 -28.77 75.90 33.84
C ASP H 173 -28.61 74.53 33.19
N ASN H 174 -29.44 73.57 33.57
CA ASN H 174 -29.45 72.22 33.02
C ASN H 174 -28.17 71.45 33.34
N SER H 175 -27.40 71.91 34.32
CA SER H 175 -26.33 71.08 34.83
C SER H 175 -26.91 69.92 35.64
N LYS H 176 -26.04 69.03 36.07
CA LYS H 176 -26.48 67.77 36.65
C LYS H 176 -26.39 67.80 38.17
N ALA H 177 -27.35 67.14 38.80
CA ALA H 177 -27.45 67.02 40.24
C ALA H 177 -28.05 65.64 40.52
N PHE H 178 -28.55 65.46 41.70
CA PHE H 178 -29.17 64.20 42.00
C PHE H 178 -30.68 64.36 42.08
N PRO H 179 -31.45 63.33 41.76
CA PRO H 179 -32.91 63.41 41.93
C PRO H 179 -33.30 63.61 43.38
N ILE H 180 -34.00 64.71 43.66
CA ILE H 180 -34.44 65.02 45.00
C ILE H 180 -35.52 64.02 45.43
N LYS H 181 -35.34 63.43 46.59
CA LYS H 181 -36.31 62.47 47.08
C LYS H 181 -37.58 63.21 47.47
N PRO H 182 -38.75 62.74 47.06
CA PRO H 182 -39.99 63.47 47.32
C PRO H 182 -40.62 63.12 48.66
N ILE H 183 -41.62 63.91 49.04
CA ILE H 183 -42.44 63.57 50.20
C ILE H 183 -43.14 62.24 49.96
N ARG H 184 -43.67 62.02 48.76
CA ARG H 184 -44.26 60.72 48.47
C ARG H 184 -43.84 60.25 47.09
N ALA H 185 -43.76 58.94 46.93
CA ALA H 185 -43.51 58.33 45.63
C ALA H 185 -44.30 57.04 45.56
N THR H 186 -45.04 56.85 44.47
CA THR H 186 -45.82 55.63 44.36
C THR H 186 -45.88 55.18 42.91
N MET H 187 -46.17 53.89 42.73
CA MET H 187 -46.26 53.29 41.41
C MET H 187 -47.69 53.43 40.89
N GLN H 188 -47.85 54.15 39.80
CA GLN H 188 -49.12 54.29 39.12
C GLN H 188 -49.03 53.60 37.76
N SER H 189 -50.18 53.26 37.19
CA SER H 189 -50.23 52.53 35.93
C SER H 189 -50.77 53.44 34.83
N VAL H 190 -49.96 53.66 33.80
CA VAL H 190 -50.36 54.38 32.60
C VAL H 190 -50.60 53.32 31.54
N GLY H 191 -51.86 53.02 31.27
CA GLY H 191 -52.17 51.92 30.38
C GLY H 191 -51.66 50.63 30.97
N ASN H 192 -50.75 49.97 30.27
CA ASN H 192 -50.10 48.78 30.79
C ASN H 192 -48.74 49.08 31.40
N VAL H 193 -48.14 50.24 31.09
CA VAL H 193 -46.88 50.60 31.68
C VAL H 193 -47.10 50.99 33.14
N MET H 194 -46.07 50.80 33.96
CA MET H 194 -46.12 51.19 35.37
C MET H 194 -45.04 52.22 35.61
N VAL H 195 -45.46 53.46 35.88
CA VAL H 195 -44.56 54.56 36.10
C VAL H 195 -44.53 54.84 37.60
N GLN H 196 -43.58 55.67 38.02
CA GLN H 196 -43.45 56.10 39.40
C GLN H 196 -43.70 57.61 39.45
N ASN H 197 -44.76 58.03 40.12
CA ASN H 197 -45.04 59.45 40.26
C ASN H 197 -44.66 59.91 41.66
N THR H 198 -44.25 61.17 41.76
CA THR H 198 -43.63 61.72 42.95
C THR H 198 -44.29 63.04 43.32
N SER H 199 -44.68 63.15 44.59
CA SER H 199 -45.27 64.36 45.14
C SER H 199 -44.26 65.05 46.05
N TYR H 200 -43.96 66.31 45.73
CA TYR H 200 -43.19 67.24 46.53
C TYR H 200 -44.15 68.20 47.24
N ILE H 201 -43.61 69.24 47.87
CA ILE H 201 -44.43 70.31 48.41
C ILE H 201 -43.93 71.63 47.86
N ILE H 202 -44.84 72.47 47.39
CA ILE H 202 -44.48 73.78 46.87
C ILE H 202 -44.93 74.84 47.88
N LEU H 203 -43.96 75.56 48.44
CA LEU H 203 -44.21 76.64 49.39
C LEU H 203 -44.03 77.96 48.66
N LEU H 204 -45.14 78.63 48.37
CA LEU H 204 -45.10 79.93 47.73
C LEU H 204 -45.48 81.00 48.75
N ASP H 205 -44.86 82.17 48.63
CA ASP H 205 -45.35 83.30 49.40
C ASP H 205 -46.67 83.78 48.81
N SER H 206 -47.22 84.84 49.39
CA SER H 206 -48.53 85.29 48.96
C SER H 206 -48.47 86.08 47.67
N TYR H 207 -47.36 86.77 47.40
CA TYR H 207 -47.20 87.44 46.12
C TYR H 207 -47.20 86.43 44.98
N GLN H 208 -46.45 85.35 45.13
CA GLN H 208 -46.38 84.34 44.09
C GLN H 208 -47.66 83.52 44.03
N ALA H 209 -48.29 83.26 45.18
CA ALA H 209 -49.56 82.57 45.16
C ALA H 209 -50.66 83.41 44.54
N ASN H 210 -50.48 84.74 44.50
CA ASN H 210 -51.43 85.61 43.82
C ASN H 210 -51.12 85.73 42.34
N GLN H 211 -49.83 85.79 42.00
CA GLN H 211 -49.45 85.75 40.59
C GLN H 211 -49.88 84.45 39.93
N LEU H 212 -49.95 83.37 40.71
CA LEU H 212 -50.38 82.08 40.16
C LEU H 212 -51.87 82.08 39.83
N LYS H 213 -52.67 82.86 40.55
CA LYS H 213 -54.10 82.91 40.26
C LYS H 213 -54.42 83.80 39.08
N ALA H 214 -53.56 84.76 38.76
CA ALA H 214 -53.65 85.55 37.55
C ALA H 214 -53.00 84.87 36.36
N ASP H 215 -52.81 83.56 36.44
CA ASP H 215 -52.10 82.81 35.40
C ASP H 215 -53.11 82.02 34.59
N SER H 216 -53.16 82.29 33.29
CA SER H 216 -54.17 81.68 32.43
C SER H 216 -54.09 80.16 32.44
N GLU H 217 -52.87 79.63 32.42
CA GLU H 217 -52.70 78.18 32.46
C GLU H 217 -53.27 77.59 33.74
N PHE H 218 -53.14 78.31 34.84
CA PHE H 218 -53.74 77.83 36.09
C PHE H 218 -55.26 77.83 36.01
N LYS H 219 -55.84 78.84 35.36
CA LYS H 219 -57.28 78.86 35.18
C LYS H 219 -57.74 77.68 34.33
N GLU H 220 -56.99 77.35 33.28
CA GLU H 220 -57.33 76.19 32.47
C GLU H 220 -57.21 74.89 33.27
N LEU H 221 -56.16 74.78 34.08
CA LEU H 221 -56.01 73.61 34.94
C LEU H 221 -57.17 73.49 35.91
N ARG H 222 -57.64 74.62 36.45
CA ARG H 222 -58.78 74.57 37.37
C ARG H 222 -60.06 74.19 36.65
N LYS H 223 -60.27 74.74 35.45
CA LYS H 223 -61.37 74.31 34.60
C LYS H 223 -61.36 72.80 34.41
N LEU H 224 -60.19 72.24 34.11
CA LEU H 224 -60.09 70.81 33.86
C LEU H 224 -60.34 70.00 35.12
N TYR H 225 -59.82 70.46 36.26
CA TYR H 225 -60.11 69.78 37.51
C TYR H 225 -61.60 69.79 37.81
N ALA H 226 -62.27 70.89 37.48
CA ALA H 226 -63.71 70.98 37.72
C ALA H 226 -64.46 70.01 36.83
N PHE H 227 -64.11 69.95 35.55
CA PHE H 227 -64.72 68.95 34.68
C PHE H 227 -64.51 67.54 35.21
N ALA H 228 -63.30 67.22 35.63
CA ALA H 228 -63.05 65.91 36.23
C ALA H 228 -63.63 65.82 37.64
N GLY H 229 -63.41 66.85 38.46
CA GLY H 229 -63.84 66.82 39.85
C GLY H 229 -62.72 66.40 40.78
N GLU H 230 -61.53 66.98 40.60
CA GLU H 230 -60.35 66.51 41.31
C GLU H 230 -60.07 67.30 42.58
N ASP H 231 -59.84 68.61 42.46
CA ASP H 231 -59.59 69.45 43.62
C ASP H 231 -60.92 70.00 44.14
N LYS H 232 -61.68 69.11 44.76
CA LYS H 232 -63.03 69.44 45.21
C LYS H 232 -62.94 70.36 46.42
N GLY H 233 -62.99 71.65 46.19
CA GLY H 233 -62.95 72.62 47.26
C GLY H 233 -62.06 73.81 46.99
N MET H 234 -60.96 73.61 46.27
CA MET H 234 -60.06 74.71 45.98
C MET H 234 -60.69 75.65 44.94
N LEU H 235 -60.12 76.84 44.84
CA LEU H 235 -60.58 77.93 43.97
C LEU H 235 -61.87 78.53 44.51
N TYR H 236 -62.48 77.85 45.48
CA TYR H 236 -63.64 78.35 46.18
C TYR H 236 -63.33 78.74 47.60
N SER H 237 -62.36 78.06 48.21
CA SER H 237 -61.77 78.46 49.48
C SER H 237 -60.51 79.29 49.27
N GLY H 238 -60.27 79.76 48.05
CA GLY H 238 -59.10 80.55 47.76
C GLY H 238 -57.79 79.78 47.73
N LEU H 239 -57.81 78.49 48.02
CA LEU H 239 -56.61 77.67 48.02
C LEU H 239 -56.10 77.48 46.59
N LEU H 240 -54.98 76.78 46.46
CA LEU H 240 -54.33 76.57 45.17
C LEU H 240 -54.42 75.13 44.70
N GLY H 241 -54.41 74.18 45.62
CA GLY H 241 -54.59 72.79 45.25
C GLY H 241 -53.32 72.12 44.78
N VAL H 242 -53.53 71.03 44.07
CA VAL H 242 -52.47 70.12 43.64
C VAL H 242 -52.07 70.43 42.20
N ILE H 243 -50.76 70.49 41.96
CA ILE H 243 -50.25 70.70 40.57
C ILE H 243 -49.22 69.59 40.36
N ASP H 244 -49.47 68.66 39.43
CA ASP H 244 -48.56 67.52 39.18
C ASP H 244 -48.35 66.72 40.47
N ASN H 245 -49.44 66.26 41.11
CA ASN H 245 -49.36 65.43 42.34
C ASN H 245 -48.82 66.22 43.54
N CYS H 246 -48.34 67.45 43.35
CA CYS H 246 -47.68 68.19 44.43
C CYS H 246 -48.59 69.27 44.96
N PRO H 247 -48.91 69.30 46.25
CA PRO H 247 -49.78 70.35 46.79
C PRO H 247 -49.02 71.68 46.88
N VAL H 248 -49.53 72.69 46.19
CA VAL H 248 -48.94 74.02 46.24
C VAL H 248 -49.60 74.79 47.37
N ILE H 249 -48.79 75.51 48.14
CA ILE H 249 -49.21 76.09 49.41
C ILE H 249 -48.76 77.54 49.47
N ASP H 250 -49.67 78.42 49.88
CA ASP H 250 -49.32 79.80 50.20
C ASP H 250 -48.80 79.85 51.62
N ALA H 251 -47.51 80.14 51.77
CA ALA H 251 -46.89 80.14 53.09
C ALA H 251 -46.98 81.48 53.80
N GLY H 252 -47.29 82.54 53.08
CA GLY H 252 -47.47 83.85 53.67
C GLY H 252 -46.41 84.83 53.23
N VAL H 253 -46.30 85.91 53.98
CA VAL H 253 -45.28 86.93 53.75
C VAL H 253 -44.52 87.13 55.05
N TRP H 254 -43.20 87.23 54.94
CA TRP H 254 -42.35 87.45 56.10
C TRP H 254 -42.54 88.89 56.58
N ASN H 255 -43.13 89.05 57.75
CA ASN H 255 -43.24 90.35 58.40
C ASN H 255 -42.70 90.22 59.81
N LYS H 256 -42.57 91.36 60.48
CA LYS H 256 -42.02 91.38 61.82
C LYS H 256 -42.90 90.69 62.85
N PHE H 257 -44.13 90.32 62.49
CA PHE H 257 -45.05 89.71 63.43
C PHE H 257 -45.08 88.19 63.32
N ASN H 258 -45.17 87.66 62.11
CA ASN H 258 -45.33 86.23 61.91
C ASN H 258 -44.46 85.78 60.74
N VAL H 259 -44.45 84.50 60.51
CA VAL H 259 -43.56 83.88 59.53
C VAL H 259 -44.27 83.76 58.19
N GLY H 260 -43.54 84.07 57.13
CA GLY H 260 -43.92 83.75 55.78
C GLY H 260 -42.66 83.59 54.97
N MET H 261 -42.82 83.34 53.68
CA MET H 261 -41.65 83.24 52.82
C MET H 261 -40.98 84.61 52.72
N PRO H 262 -39.66 84.64 52.60
CA PRO H 262 -38.94 85.92 52.61
C PRO H 262 -39.06 86.63 51.27
N ASN H 263 -38.51 87.84 51.25
CA ASN H 263 -38.37 88.63 50.03
C ASN H 263 -37.16 89.53 50.22
N SER H 264 -36.77 90.22 49.16
CA SER H 264 -35.59 91.06 49.24
C SER H 264 -35.82 92.37 49.97
N SER H 265 -37.05 92.64 50.44
CA SER H 265 -37.26 93.79 51.29
C SER H 265 -36.73 93.56 52.71
N ILE H 266 -36.48 92.29 53.06
CA ILE H 266 -35.91 91.96 54.39
C ILE H 266 -34.43 92.39 54.38
N SER H 267 -33.98 93.00 55.48
CA SER H 267 -32.63 93.50 55.63
C SER H 267 -31.69 92.36 55.98
N ASP H 268 -30.43 92.48 55.55
CA ASP H 268 -29.49 91.38 55.72
C ASP H 268 -29.31 91.02 57.18
N SER H 269 -29.35 92.02 58.07
CA SER H 269 -29.25 91.74 59.49
C SER H 269 -30.51 91.03 59.99
N ASP H 270 -31.67 91.45 59.53
CA ASP H 270 -32.92 90.85 59.99
C ASP H 270 -33.01 89.39 59.56
N PHE H 271 -32.49 89.07 58.37
CA PHE H 271 -32.45 87.68 57.95
C PHE H 271 -31.37 86.91 58.67
N MET H 272 -30.18 87.50 58.81
CA MET H 272 -29.06 86.79 59.41
C MET H 272 -29.25 86.53 60.89
N ARG H 273 -30.14 87.27 61.55
CA ARG H 273 -30.42 86.99 62.96
C ARG H 273 -30.95 85.57 63.13
N TYR H 274 -31.54 84.98 62.09
CA TYR H 274 -32.20 83.70 62.21
C TYR H 274 -31.38 82.53 61.69
N LEU H 275 -30.15 82.77 61.23
CA LEU H 275 -29.26 81.70 60.85
C LEU H 275 -28.41 81.25 62.03
N ASN H 276 -28.06 79.98 62.04
CA ASN H 276 -27.28 79.43 63.14
C ASN H 276 -25.81 79.80 63.05
N LYS H 277 -25.27 79.89 61.84
CA LYS H 277 -23.89 80.30 61.56
C LYS H 277 -22.89 79.27 62.04
N ALA H 278 -23.36 78.25 62.76
CA ALA H 278 -22.64 77.01 62.92
C ALA H 278 -23.17 75.94 61.99
N ASN H 279 -24.47 76.01 61.69
CA ASN H 279 -25.15 75.11 60.78
C ASN H 279 -25.23 75.67 59.37
N VAL H 280 -24.38 76.63 59.03
CA VAL H 280 -24.47 77.34 57.76
C VAL H 280 -23.05 77.62 57.28
N SER H 281 -22.68 77.01 56.15
CA SER H 281 -21.36 77.20 55.57
C SER H 281 -21.25 78.44 54.69
N SER H 282 -22.38 79.05 54.34
CA SER H 282 -22.38 80.18 53.43
C SER H 282 -23.71 80.91 53.56
N ILE H 283 -23.67 82.23 53.52
CA ILE H 283 -24.86 83.06 53.72
C ILE H 283 -25.11 83.86 52.45
N VAL H 284 -26.28 83.66 51.86
CA VAL H 284 -26.77 84.48 50.76
C VAL H 284 -28.15 84.97 51.18
N THR H 285 -28.23 86.19 51.68
CA THR H 285 -29.50 86.74 52.13
C THR H 285 -30.39 87.06 50.93
N PRO H 286 -31.71 87.13 51.14
CA PRO H 286 -32.63 87.43 50.02
C PRO H 286 -32.22 88.60 49.14
N ARG H 287 -31.73 89.69 49.71
CA ARG H 287 -31.34 90.79 48.84
C ARG H 287 -29.94 90.58 48.28
N GLN H 288 -29.08 89.86 49.00
CA GLN H 288 -27.85 89.37 48.38
C GLN H 288 -28.17 88.47 47.20
N PHE H 289 -29.23 87.66 47.32
CA PHE H 289 -29.63 86.79 46.23
C PHE H 289 -30.19 87.60 45.06
N LYS H 290 -30.97 88.63 45.35
CA LYS H 290 -31.48 89.48 44.27
C LYS H 290 -30.35 90.17 43.55
N GLU H 291 -29.38 90.71 44.28
CA GLU H 291 -28.20 91.29 43.64
C GLU H 291 -27.45 90.25 42.83
N LYS H 292 -27.40 89.01 43.33
CA LYS H 292 -26.66 87.96 42.64
C LYS H 292 -27.30 87.61 41.29
N LEU H 293 -28.60 87.33 41.29
CA LEU H 293 -29.31 87.01 40.06
C LEU H 293 -29.72 88.25 39.27
N ASN H 294 -29.31 89.43 39.71
CA ASN H 294 -29.59 90.66 38.98
C ASN H 294 -28.35 91.16 38.28
N GLN H 295 -27.53 90.24 37.76
CA GLN H 295 -26.34 90.57 37.00
C GLN H 295 -26.42 90.07 35.56
N GLU H 296 -27.64 89.97 35.04
CA GLU H 296 -27.86 89.38 33.73
C GLU H 296 -28.42 90.39 32.74
N ASN H 305 -34.93 96.04 37.93
CA ASN H 305 -34.53 96.39 39.28
C ASN H 305 -35.71 96.34 40.23
N LYS H 306 -36.59 95.36 40.03
CA LYS H 306 -37.74 95.18 40.89
C LYS H 306 -37.31 94.48 42.17
N GLU H 307 -38.27 94.12 43.02
CA GLU H 307 -38.01 93.44 44.27
C GLU H 307 -38.39 91.97 44.11
N ILE H 308 -37.46 91.08 44.39
CA ILE H 308 -37.70 89.67 44.18
C ILE H 308 -38.49 89.11 45.37
N SER H 309 -38.97 87.89 45.19
CA SER H 309 -39.64 87.14 46.23
C SER H 309 -39.22 85.69 46.10
N ILE H 310 -39.30 84.95 47.20
CA ILE H 310 -38.71 83.63 47.30
C ILE H 310 -39.76 82.61 47.71
N GLY H 311 -39.82 81.51 46.97
CA GLY H 311 -40.52 80.31 47.41
C GLY H 311 -39.61 79.11 47.29
N CYS H 312 -40.16 77.95 47.61
CA CYS H 312 -39.36 76.74 47.66
C CYS H 312 -40.14 75.55 47.13
N LEU H 313 -39.44 74.68 46.42
CA LEU H 313 -39.85 73.30 46.27
C LEU H 313 -39.13 72.49 47.34
N ILE H 314 -39.89 71.68 48.06
CA ILE H 314 -39.43 70.98 49.25
C ILE H 314 -39.68 69.50 49.04
N GLY H 315 -38.61 68.72 49.04
CA GLY H 315 -38.70 67.27 49.17
C GLY H 315 -38.56 66.84 50.62
N ALA H 316 -38.56 65.53 50.81
CA ALA H 316 -38.48 65.00 52.16
C ALA H 316 -37.16 65.37 52.82
N SER H 317 -37.25 65.75 54.11
CA SER H 317 -36.09 66.10 54.92
C SER H 317 -35.28 67.23 54.26
N ALA H 318 -35.95 68.37 54.06
CA ALA H 318 -35.29 69.50 53.46
C ALA H 318 -34.54 70.33 54.50
N VAL H 319 -35.17 70.56 55.64
CA VAL H 319 -34.51 71.10 56.81
C VAL H 319 -34.63 70.08 57.93
N LEU H 320 -33.58 69.98 58.74
CA LEU H 320 -33.49 69.04 59.83
C LEU H 320 -33.53 69.78 61.14
N LEU H 321 -34.34 69.28 62.06
CA LEU H 321 -34.52 69.84 63.40
C LEU H 321 -33.88 68.88 64.40
N ALA H 322 -32.73 69.27 64.95
CA ALA H 322 -32.08 68.53 66.01
C ALA H 322 -32.38 69.16 67.35
N GLY H 323 -32.56 68.32 68.35
CA GLY H 323 -32.86 68.75 69.69
C GLY H 323 -34.31 68.56 70.05
N SER H 324 -34.82 69.45 70.89
CA SER H 324 -36.22 69.47 71.26
C SER H 324 -36.77 70.87 71.01
N LYS H 325 -38.05 70.93 70.68
CA LYS H 325 -38.75 72.21 70.57
C LYS H 325 -39.35 72.64 71.90
N GLU H 326 -38.96 72.00 72.99
CA GLU H 326 -39.42 72.38 74.31
C GLU H 326 -38.93 73.78 74.66
N THR H 327 -39.83 74.63 75.10
CA THR H 327 -39.48 75.95 75.59
C THR H 327 -39.62 75.98 77.11
N ARG H 328 -38.78 76.77 77.75
CA ARG H 328 -38.84 76.98 79.18
C ARG H 328 -39.34 78.40 79.46
N PHE H 329 -40.28 78.51 80.37
CA PHE H 329 -40.73 79.78 80.91
C PHE H 329 -40.08 80.02 82.26
N TYR H 330 -39.50 81.20 82.43
CA TYR H 330 -38.88 81.64 83.68
C TYR H 330 -39.67 82.82 84.22
N ILE H 331 -40.38 82.62 85.31
CA ILE H 331 -41.22 83.65 85.89
C ILE H 331 -40.54 84.13 87.16
N ASP H 332 -39.86 85.26 87.10
CA ASP H 332 -39.23 85.88 88.25
C ASP H 332 -40.21 86.88 88.85
N GLU H 333 -40.67 86.61 90.07
CA GLU H 333 -41.56 87.52 90.77
C GLU H 333 -40.82 88.49 91.67
N THR H 334 -39.52 88.31 91.87
CA THR H 334 -38.75 89.07 92.85
C THR H 334 -37.99 90.23 92.22
N VAL H 335 -38.56 90.87 91.22
CA VAL H 335 -38.00 92.07 90.64
C VAL H 335 -38.49 93.26 91.45
N ASP H 336 -37.61 94.23 91.69
CA ASP H 336 -37.96 95.42 92.46
C ASP H 336 -38.53 95.05 93.83
N ALA H 337 -37.76 94.25 94.56
CA ALA H 337 -38.14 93.70 95.86
C ALA H 337 -39.39 92.86 95.82
N GLY H 338 -39.90 92.53 94.63
CA GLY H 338 -41.15 91.84 94.47
C GLY H 338 -42.27 92.71 93.99
N ARG H 339 -41.98 93.96 93.66
CA ARG H 339 -43.00 94.88 93.17
C ARG H 339 -43.28 94.67 91.69
N LYS H 340 -42.28 94.23 90.94
CA LYS H 340 -42.41 93.97 89.52
C LYS H 340 -42.29 92.48 89.24
N SER H 341 -42.50 92.12 87.99
CA SER H 341 -42.34 90.76 87.53
C SER H 341 -41.54 90.76 86.25
N LEU H 342 -40.97 89.60 85.93
CA LEU H 342 -40.20 89.42 84.70
C LEU H 342 -40.52 88.03 84.19
N VAL H 343 -41.14 87.95 83.01
CA VAL H 343 -41.50 86.67 82.42
C VAL H 343 -40.66 86.48 81.18
N GLY H 344 -39.83 85.44 81.18
CA GLY H 344 -38.97 85.14 80.05
C GLY H 344 -39.29 83.78 79.48
N VAL H 345 -38.98 83.61 78.20
CA VAL H 345 -39.10 82.34 77.51
C VAL H 345 -37.78 82.07 76.79
N ASP H 346 -37.29 80.83 76.91
CA ASP H 346 -36.03 80.43 76.30
C ASP H 346 -36.22 79.12 75.55
N CYS H 347 -35.49 78.99 74.45
CA CYS H 347 -35.52 77.79 73.63
C CYS H 347 -34.12 77.45 73.16
N LEU H 348 -33.86 76.16 73.06
CA LEU H 348 -32.61 75.62 72.51
C LEU H 348 -32.96 74.67 71.39
N LEU H 349 -32.50 74.98 70.18
CA LEU H 349 -32.92 74.23 69.00
C LEU H 349 -31.86 74.32 67.91
N GLY H 350 -31.58 73.21 67.23
CA GLY H 350 -30.72 73.22 66.09
C GLY H 350 -31.55 73.03 64.83
N VAL H 351 -31.42 73.96 63.90
CA VAL H 351 -32.14 73.89 62.64
C VAL H 351 -31.14 74.10 61.52
N SER H 352 -31.10 73.16 60.57
CA SER H 352 -30.15 73.29 59.48
C SER H 352 -30.80 72.77 58.21
N LYS H 353 -30.62 73.49 57.11
CA LYS H 353 -31.02 72.94 55.83
C LYS H 353 -30.19 71.70 55.53
N ALA H 354 -30.86 70.63 55.11
CA ALA H 354 -30.19 69.39 54.77
C ALA H 354 -29.18 69.61 53.65
N ARG H 355 -27.90 69.47 53.98
CA ARG H 355 -26.84 69.74 53.03
C ARG H 355 -25.61 68.98 53.52
N TYR H 356 -25.33 67.83 52.93
CA TYR H 356 -24.34 66.92 53.49
C TYR H 356 -22.98 67.15 52.86
N GLN H 357 -21.96 66.74 53.60
CA GLN H 357 -20.56 66.88 53.22
C GLN H 357 -19.93 65.50 53.23
N SER H 358 -18.97 65.28 52.34
CA SER H 358 -18.26 64.00 52.34
C SER H 358 -17.44 63.87 53.61
N THR H 359 -17.56 62.71 54.27
CA THR H 359 -16.81 62.48 55.50
C THR H 359 -15.32 62.39 55.19
N ASP H 360 -14.96 61.64 54.16
CA ASP H 360 -13.62 61.70 53.57
C ASP H 360 -13.55 62.91 52.65
N GLY H 361 -12.52 62.96 51.81
CA GLY H 361 -12.32 64.16 51.00
C GLY H 361 -12.65 64.06 49.53
N VAL H 362 -13.50 63.11 49.14
CA VAL H 362 -13.87 62.96 47.75
C VAL H 362 -15.02 63.90 47.43
N VAL H 363 -15.29 64.09 46.14
CA VAL H 363 -16.36 64.95 45.67
C VAL H 363 -17.42 64.08 45.02
N THR H 364 -18.67 64.35 45.33
CA THR H 364 -19.81 63.69 44.68
C THR H 364 -20.80 64.77 44.28
N PRO H 365 -21.86 64.44 43.54
CA PRO H 365 -22.91 65.43 43.30
C PRO H 365 -23.72 65.80 44.53
N TYR H 366 -23.39 65.28 45.70
CA TYR H 366 -24.11 65.61 46.93
C TYR H 366 -23.35 66.56 47.85
N ASP H 367 -22.07 66.81 47.59
CA ASP H 367 -21.18 67.25 48.66
C ASP H 367 -21.47 68.67 49.14
N ASN H 368 -21.99 69.54 48.29
CA ASN H 368 -22.23 70.92 48.71
C ASN H 368 -23.53 71.43 48.15
N GLN H 369 -24.56 70.60 48.20
CA GLN H 369 -25.82 70.89 47.55
C GLN H 369 -26.95 70.73 48.57
N ASP H 370 -28.03 71.48 48.36
CA ASP H 370 -29.24 71.24 49.12
C ASP H 370 -29.78 69.87 48.76
N TYR H 371 -29.92 69.02 49.77
CA TYR H 371 -30.51 67.70 49.57
C TYR H 371 -31.85 67.77 48.85
N ALA H 372 -32.79 68.54 49.39
CA ALA H 372 -34.16 68.46 48.92
C ALA H 372 -34.82 69.82 48.82
N VAL H 373 -34.11 70.82 48.29
CA VAL H 373 -34.66 72.16 48.17
C VAL H 373 -34.33 72.73 46.81
N ILE H 374 -35.36 73.25 46.12
CA ILE H 374 -35.16 74.04 44.91
C ILE H 374 -35.77 75.42 45.14
N GLY H 375 -35.05 76.47 44.78
CA GLY H 375 -35.53 77.82 44.95
C GLY H 375 -36.43 78.24 43.81
N LEU H 376 -37.54 78.90 44.15
CA LEU H 376 -38.50 79.41 43.18
C LEU H 376 -38.55 80.91 43.35
N VAL H 377 -37.69 81.61 42.66
CA VAL H 377 -37.63 83.06 42.78
C VAL H 377 -38.59 83.65 41.77
N SER H 378 -39.29 84.69 42.19
CA SER H 378 -40.18 85.43 41.31
C SER H 378 -40.05 86.91 41.61
N ASP H 379 -40.93 87.72 41.06
CA ASP H 379 -40.95 89.14 41.31
C ASP H 379 -42.21 89.49 42.10
N MET H 380 -42.04 90.21 43.20
CA MET H 380 -43.17 90.63 44.01
C MET H 380 -43.75 91.94 43.48
N MET I 1 -57.91 -54.42 -97.58
CA MET I 1 -56.92 -53.55 -98.20
C MET I 1 -57.61 -52.39 -98.90
N LEU I 2 -57.05 -51.18 -98.75
CA LEU I 2 -57.67 -49.96 -99.24
C LEU I 2 -56.84 -49.21 -100.26
N GLU I 3 -55.51 -49.34 -100.22
CA GLU I 3 -54.64 -48.59 -101.12
C GLU I 3 -54.99 -48.86 -102.58
N LYS I 4 -54.86 -47.83 -103.41
CA LYS I 4 -55.42 -47.86 -104.76
C LYS I 4 -54.68 -48.83 -105.68
N LEU I 5 -53.36 -48.66 -105.80
CA LEU I 5 -52.64 -49.28 -106.90
C LEU I 5 -52.49 -50.78 -106.74
N ASN I 6 -52.27 -51.25 -105.52
CA ASN I 6 -52.13 -52.67 -105.23
C ASN I 6 -50.97 -53.29 -106.02
N ASN I 7 -49.86 -52.57 -106.10
CA ASN I 7 -48.63 -53.14 -106.62
C ASN I 7 -48.01 -54.08 -105.59
N ILE I 8 -46.89 -54.69 -105.93
CA ILE I 8 -46.25 -55.61 -105.01
C ILE I 8 -45.67 -54.83 -103.83
N ASN I 9 -46.04 -55.24 -102.62
CA ASN I 9 -45.52 -54.66 -101.41
C ASN I 9 -44.26 -55.43 -101.01
N PHE I 10 -43.11 -54.79 -101.14
CA PHE I 10 -41.82 -55.43 -100.85
C PHE I 10 -41.34 -55.12 -99.45
N ASN I 11 -42.26 -54.94 -98.50
CA ASN I 11 -41.89 -54.53 -97.15
C ASN I 11 -41.74 -55.73 -96.24
N ASN I 12 -40.81 -55.64 -95.28
CA ASN I 12 -40.61 -56.74 -94.30
C ASN I 12 -41.52 -56.53 -93.09
N ILE I 13 -41.40 -57.39 -92.08
CA ILE I 13 -42.23 -57.27 -90.85
C ILE I 13 -41.76 -56.05 -90.05
N SER I 14 -40.46 -55.74 -90.13
CA SER I 14 -39.87 -54.58 -89.40
C SER I 14 -40.72 -53.32 -89.63
N ASN I 15 -41.57 -53.29 -90.66
CA ASN I 15 -42.36 -52.10 -90.88
C ASN I 15 -43.77 -52.21 -90.32
N ASN I 16 -44.12 -53.35 -89.73
CA ASN I 16 -45.41 -53.50 -89.08
C ASN I 16 -45.34 -52.83 -87.71
N LEU I 17 -46.14 -51.78 -87.52
CA LEU I 17 -46.12 -51.01 -86.28
C LEU I 17 -47.05 -51.59 -85.22
N ASN I 18 -47.37 -52.88 -85.30
CA ASN I 18 -48.05 -53.58 -84.24
C ASN I 18 -47.12 -54.50 -83.47
N LEU I 19 -45.87 -54.58 -83.86
CA LEU I 19 -44.91 -55.47 -83.22
C LEU I 19 -44.06 -54.68 -82.24
N GLY I 20 -43.90 -55.22 -81.04
CA GLY I 20 -43.02 -54.64 -80.05
C GLY I 20 -41.59 -55.01 -80.32
N ILE I 21 -40.78 -54.92 -79.25
CA ILE I 21 -39.33 -55.29 -79.33
C ILE I 21 -38.88 -55.79 -77.95
N GLU I 22 -38.92 -57.10 -77.72
CA GLU I 22 -38.29 -57.63 -76.52
C GLU I 22 -36.77 -57.51 -76.67
N VAL I 23 -36.07 -57.26 -75.58
CA VAL I 23 -34.65 -56.97 -75.61
C VAL I 23 -33.84 -58.08 -74.96
N GLY I 24 -34.32 -58.64 -73.87
CA GLY I 24 -33.57 -59.69 -73.21
C GLY I 24 -32.57 -59.15 -72.22
N ARG I 25 -32.71 -59.54 -70.97
CA ARG I 25 -31.97 -58.90 -69.89
C ARG I 25 -30.59 -59.51 -69.70
N GLU I 26 -30.28 -60.63 -70.33
CA GLU I 26 -28.94 -61.21 -70.25
C GLU I 26 -28.09 -60.63 -71.37
N ILE I 27 -26.94 -60.06 -71.00
CA ILE I 27 -25.96 -59.57 -71.95
C ILE I 27 -24.90 -60.64 -72.11
N GLN I 28 -24.38 -60.80 -73.32
CA GLN I 28 -23.35 -61.79 -73.58
C GLN I 28 -22.01 -61.12 -73.78
N ASN I 29 -20.95 -61.82 -73.40
CA ASN I 29 -19.59 -61.32 -73.50
C ASN I 29 -18.80 -62.17 -74.49
N ALA I 30 -17.67 -61.62 -74.91
CA ALA I 30 -16.81 -62.24 -75.92
C ALA I 30 -15.42 -62.53 -75.35
N SER I 31 -15.38 -63.10 -74.15
CA SER I 31 -14.12 -63.39 -73.47
C SER I 31 -14.31 -64.66 -72.65
N TRP I 32 -13.70 -65.75 -73.10
CA TRP I 32 -13.85 -67.06 -72.46
C TRP I 32 -12.55 -67.46 -71.78
N ILE I 33 -12.58 -68.62 -71.12
CA ILE I 33 -11.44 -69.09 -70.34
C ILE I 33 -10.34 -69.54 -71.30
N LYS I 34 -9.33 -68.70 -71.47
CA LYS I 34 -8.24 -68.97 -72.40
C LYS I 34 -6.91 -69.16 -71.70
N SER I 35 -6.87 -69.08 -70.39
CA SER I 35 -5.62 -69.21 -69.67
C SER I 35 -5.09 -70.63 -69.82
N PRO I 36 -3.84 -70.80 -70.27
CA PRO I 36 -3.23 -72.13 -70.21
C PRO I 36 -2.94 -72.59 -68.80
N PHE I 37 -3.08 -71.70 -67.81
CA PHE I 37 -2.73 -72.00 -66.43
C PHE I 37 -3.93 -72.42 -65.59
N PHE I 38 -5.08 -72.65 -66.21
CA PHE I 38 -6.27 -73.03 -65.46
C PHE I 38 -6.08 -74.37 -64.78
N SER I 39 -5.68 -75.40 -65.53
CA SER I 39 -5.43 -76.71 -64.95
C SER I 39 -4.08 -76.80 -64.28
N ILE I 40 -3.27 -75.75 -64.36
CA ILE I 40 -1.94 -75.74 -63.78
C ILE I 40 -1.95 -75.11 -62.39
N THR I 41 -2.70 -74.03 -62.22
CA THR I 41 -2.72 -73.32 -60.96
C THR I 41 -3.22 -74.21 -59.83
N GLY I 42 -2.68 -74.00 -58.65
CA GLY I 42 -3.08 -74.78 -57.49
C GLY I 42 -2.14 -74.53 -56.34
N THR I 43 -2.52 -75.08 -55.19
CA THR I 43 -1.77 -74.87 -53.96
C THR I 43 -0.67 -75.90 -53.75
N GLY I 44 -0.73 -77.05 -54.42
CA GLY I 44 0.28 -78.08 -54.23
C GLY I 44 1.64 -77.67 -54.77
N ALA I 45 2.67 -78.33 -54.27
CA ALA I 45 4.02 -78.04 -54.72
C ALA I 45 4.30 -78.60 -56.10
N ASP I 46 3.51 -79.56 -56.56
CA ASP I 46 3.61 -80.08 -57.93
C ASP I 46 2.66 -79.35 -58.86
N ARG I 47 2.71 -78.02 -58.84
CA ARG I 47 1.90 -77.18 -59.70
C ARG I 47 2.82 -76.22 -60.43
N GLY I 48 2.50 -75.93 -61.69
CA GLY I 48 3.36 -75.07 -62.48
C GLY I 48 3.38 -73.66 -61.93
N VAL I 49 2.21 -73.12 -61.58
CA VAL I 49 2.11 -71.85 -60.88
C VAL I 49 1.50 -72.15 -59.52
N ARG I 50 2.17 -71.68 -58.47
CA ARG I 50 1.82 -72.03 -57.11
C ARG I 50 0.96 -70.95 -56.48
N LEU I 51 0.05 -71.37 -55.59
CA LEU I 51 -0.80 -70.45 -54.85
C LEU I 51 -0.39 -70.47 -53.39
N PHE I 52 0.03 -69.32 -52.88
CA PHE I 52 0.37 -69.16 -51.48
C PHE I 52 -0.71 -68.32 -50.83
N SER I 53 -1.51 -68.95 -49.96
CA SER I 53 -2.61 -68.26 -49.31
C SER I 53 -2.09 -67.65 -48.01
N VAL I 54 -1.34 -66.56 -48.15
CA VAL I 54 -0.78 -65.87 -47.00
C VAL I 54 -1.84 -64.94 -46.39
N ALA I 55 -2.56 -65.46 -45.41
CA ALA I 55 -3.51 -64.64 -44.67
C ALA I 55 -2.78 -63.52 -43.96
N SER I 56 -3.50 -62.43 -43.70
CA SER I 56 -2.89 -61.18 -43.24
C SER I 56 -1.81 -60.75 -44.23
N GLN I 57 -2.28 -60.43 -45.43
CA GLN I 57 -1.42 -60.28 -46.61
C GLN I 57 -0.24 -59.39 -46.31
N GLN I 58 0.95 -59.94 -46.47
CA GLN I 58 2.17 -59.17 -46.31
C GLN I 58 3.10 -59.60 -47.43
N PRO I 59 4.18 -58.89 -47.68
CA PRO I 59 5.23 -59.45 -48.55
C PRO I 59 5.61 -60.85 -48.09
N PHE I 60 5.40 -61.82 -48.96
CA PHE I 60 5.59 -63.22 -48.60
C PHE I 60 6.99 -63.67 -48.97
N ARG I 61 7.43 -64.73 -48.30
CA ARG I 61 8.80 -65.21 -48.43
C ARG I 61 8.78 -66.74 -48.44
N PRO I 62 8.69 -67.35 -49.62
CA PRO I 62 8.73 -68.80 -49.71
C PRO I 62 10.16 -69.31 -49.79
N ARG I 63 10.39 -70.49 -49.18
CA ARG I 63 11.72 -71.02 -49.03
C ARG I 63 11.79 -72.46 -49.52
N ILE I 64 12.93 -72.82 -50.10
CA ILE I 64 13.21 -74.19 -50.51
C ILE I 64 14.39 -74.70 -49.71
N LYS I 65 14.48 -76.01 -49.59
CA LYS I 65 15.67 -76.66 -49.07
C LYS I 65 16.28 -77.53 -50.16
N ALA I 66 17.57 -77.39 -50.38
CA ALA I 66 18.24 -78.19 -51.39
C ALA I 66 18.25 -79.66 -50.98
N GLN I 67 18.49 -80.52 -51.97
CA GLN I 67 18.63 -81.94 -51.73
C GLN I 67 19.90 -82.22 -50.95
N LEU I 68 19.82 -83.09 -49.95
CA LEU I 68 21.02 -83.53 -49.24
C LEU I 68 21.86 -84.38 -50.19
N SER I 69 23.12 -84.01 -50.35
CA SER I 69 23.97 -84.65 -51.34
C SER I 69 25.34 -84.98 -50.77
N GLY I 70 25.40 -85.31 -49.49
CA GLY I 70 26.61 -85.77 -48.86
C GLY I 70 26.55 -87.27 -48.69
N SER I 71 27.72 -87.91 -48.65
CA SER I 71 27.80 -89.27 -48.15
C SER I 71 27.67 -89.22 -46.64
N GLY I 72 26.89 -90.13 -46.08
CA GLY I 72 26.72 -90.15 -44.66
C GLY I 72 27.88 -90.85 -43.99
N VAL I 73 27.58 -91.79 -43.12
CA VAL I 73 28.59 -92.58 -42.43
C VAL I 73 28.32 -94.05 -42.68
N SER I 74 29.38 -94.84 -42.68
CA SER I 74 29.31 -96.27 -42.92
C SER I 74 29.60 -97.03 -41.64
N GLY I 75 28.83 -98.08 -41.40
CA GLY I 75 29.12 -99.01 -40.33
C GLY I 75 29.01 -98.44 -38.93
N ASN I 76 30.13 -98.38 -38.22
CA ASN I 76 30.14 -97.93 -36.84
C ASN I 76 30.50 -96.47 -36.70
N THR I 77 31.04 -95.84 -37.75
CA THR I 77 31.29 -94.41 -37.72
C THR I 77 30.06 -93.67 -37.21
N ASP I 78 30.28 -92.67 -36.36
CA ASP I 78 29.16 -91.90 -35.85
C ASP I 78 28.90 -90.69 -36.74
N PHE I 79 27.69 -90.15 -36.59
CA PHE I 79 27.21 -89.12 -37.51
C PHE I 79 28.13 -87.90 -37.54
N GLU I 80 28.79 -87.58 -36.44
CA GLU I 80 29.61 -86.37 -36.38
C GLU I 80 30.79 -86.40 -37.33
N ALA I 81 31.21 -87.58 -37.81
CA ALA I 81 32.28 -87.63 -38.77
C ALA I 81 31.86 -87.12 -40.13
N ASN I 82 30.57 -87.12 -40.43
CA ASN I 82 30.08 -86.47 -41.64
C ASN I 82 28.69 -85.93 -41.34
N TYR I 83 28.64 -84.68 -40.91
CA TYR I 83 27.39 -83.98 -40.76
C TYR I 83 26.95 -83.44 -42.10
N ASP I 84 25.67 -83.57 -42.40
CA ASP I 84 25.13 -83.12 -43.68
C ASP I 84 24.53 -81.74 -43.51
N ASN I 85 24.78 -80.88 -44.49
CA ASN I 85 24.48 -79.45 -44.38
C ASN I 85 23.11 -79.16 -44.98
N LEU I 86 22.17 -78.77 -44.14
CA LEU I 86 20.87 -78.29 -44.61
C LEU I 86 21.03 -76.88 -45.14
N GLU I 87 20.59 -76.65 -46.38
CA GLU I 87 20.71 -75.37 -47.03
C GLU I 87 19.34 -74.88 -47.43
N ILE I 88 19.02 -73.63 -47.04
CA ILE I 88 17.69 -73.03 -47.32
C ILE I 88 17.87 -71.80 -48.22
N LEU I 89 17.10 -71.74 -49.31
CA LEU I 89 17.10 -70.63 -50.24
C LEU I 89 15.75 -69.93 -50.14
N SER I 90 15.75 -68.64 -50.47
CA SER I 90 14.63 -67.79 -50.15
C SER I 90 14.32 -66.87 -51.32
N GLN I 91 13.16 -66.25 -51.25
CA GLN I 91 12.70 -65.27 -52.22
C GLN I 91 11.65 -64.41 -51.55
N THR I 92 11.59 -63.14 -51.93
CA THR I 92 10.63 -62.22 -51.35
C THR I 92 9.64 -61.81 -52.44
N ILE I 93 8.36 -61.91 -52.12
CA ILE I 93 7.29 -61.63 -53.07
C ILE I 93 6.49 -60.44 -52.53
N TYR I 94 6.69 -59.29 -53.13
CA TYR I 94 5.94 -58.14 -52.65
C TYR I 94 4.60 -58.04 -53.35
N PRO I 95 3.55 -57.66 -52.63
CA PRO I 95 2.23 -57.56 -53.25
C PRO I 95 2.20 -56.43 -54.26
N ASP I 96 1.12 -56.40 -55.03
CA ASP I 96 0.93 -55.36 -56.02
C ASP I 96 -0.56 -55.08 -56.13
N ALA I 97 -0.94 -53.82 -55.96
CA ALA I 97 -2.33 -53.42 -56.00
C ALA I 97 -2.71 -52.96 -57.39
N PHE I 98 -3.81 -53.49 -57.91
CA PHE I 98 -4.32 -53.03 -59.20
C PHE I 98 -5.80 -53.30 -59.27
N GLY I 99 -6.51 -52.47 -60.03
CA GLY I 99 -7.95 -52.59 -60.12
C GLY I 99 -8.48 -51.88 -61.35
N ASN I 100 -9.79 -51.95 -61.48
CA ASN I 100 -10.50 -51.30 -62.58
C ASN I 100 -11.93 -51.07 -62.14
N SER I 101 -12.57 -50.06 -62.71
CA SER I 101 -13.92 -49.71 -62.30
C SER I 101 -14.79 -49.37 -63.51
N LEU I 102 -16.09 -49.50 -63.31
CA LEU I 102 -17.10 -49.15 -64.28
C LEU I 102 -18.10 -48.21 -63.63
N ARG I 103 -18.37 -47.09 -64.28
CA ARG I 103 -19.39 -46.14 -63.86
C ARG I 103 -20.65 -46.37 -64.68
N SER I 104 -21.80 -46.43 -64.00
CA SER I 104 -23.07 -46.71 -64.70
C SER I 104 -23.72 -45.41 -65.17
N LYS I 105 -24.87 -45.51 -65.83
CA LYS I 105 -25.64 -44.32 -66.27
C LYS I 105 -26.66 -43.98 -65.19
N ILE I 106 -27.58 -43.06 -65.48
CA ILE I 106 -28.61 -42.72 -64.46
C ILE I 106 -29.54 -43.93 -64.31
N LYS I 107 -30.06 -44.17 -63.10
CA LYS I 107 -30.95 -45.32 -62.78
C LYS I 107 -32.05 -45.49 -63.84
N ALA I 108 -32.74 -44.40 -64.20
CA ALA I 108 -33.81 -44.41 -65.22
C ALA I 108 -33.34 -45.07 -66.52
N TYR I 109 -32.08 -44.84 -66.94
CA TYR I 109 -31.62 -45.41 -68.20
C TYR I 109 -31.21 -46.86 -68.02
N SER I 110 -30.69 -47.21 -66.86
CA SER I 110 -30.38 -48.60 -66.56
C SER I 110 -31.64 -49.45 -66.51
N GLU I 111 -32.80 -48.84 -66.29
CA GLU I 111 -34.05 -49.58 -66.38
C GLU I 111 -34.60 -49.60 -67.80
N LEU I 112 -34.38 -48.53 -68.57
CA LEU I 112 -34.80 -48.55 -69.97
C LEU I 112 -34.06 -49.61 -70.77
N GLU I 113 -32.74 -49.57 -70.73
CA GLU I 113 -31.93 -50.51 -71.49
C GLU I 113 -31.77 -51.84 -70.76
N ARG I 114 -32.50 -52.02 -69.66
CA ARG I 114 -32.65 -53.30 -68.97
C ARG I 114 -31.30 -53.91 -68.62
N ILE I 115 -30.40 -53.06 -68.16
CA ILE I 115 -29.06 -53.46 -67.76
C ILE I 115 -29.01 -53.55 -66.25
N ASP I 116 -28.71 -54.74 -65.72
CA ASP I 116 -28.46 -54.91 -64.30
C ASP I 116 -26.99 -54.58 -64.10
N PHE I 117 -26.69 -53.31 -63.87
CA PHE I 117 -25.32 -52.82 -63.98
C PHE I 117 -24.40 -53.48 -62.97
N ILE I 118 -24.92 -53.77 -61.76
CA ILE I 118 -24.07 -54.40 -60.75
C ILE I 118 -23.63 -55.77 -61.23
N LYS I 119 -24.57 -56.56 -61.77
CA LYS I 119 -24.25 -57.91 -62.18
C LYS I 119 -23.38 -57.93 -63.43
N GLU I 120 -23.75 -57.15 -64.44
CA GLU I 120 -22.93 -57.08 -65.66
C GLU I 120 -21.54 -56.56 -65.35
N SER I 121 -21.44 -55.64 -64.40
CA SER I 121 -20.14 -55.08 -64.04
C SER I 121 -19.30 -56.07 -63.27
N VAL I 122 -19.89 -56.82 -62.34
CA VAL I 122 -19.13 -57.83 -61.62
C VAL I 122 -18.63 -58.89 -62.60
N ASP I 123 -19.47 -59.24 -63.59
CA ASP I 123 -19.03 -60.22 -64.58
C ASP I 123 -17.86 -59.68 -65.42
N SER I 124 -18.04 -58.51 -66.02
CA SER I 124 -17.00 -57.95 -66.87
C SER I 124 -15.71 -57.71 -66.11
N LEU I 125 -15.81 -57.25 -64.86
CA LEU I 125 -14.63 -56.98 -64.07
C LEU I 125 -13.96 -58.25 -63.60
N THR I 126 -14.73 -59.30 -63.32
CA THR I 126 -14.12 -60.59 -63.03
C THR I 126 -13.33 -61.10 -64.22
N THR I 127 -13.91 -61.01 -65.41
CA THR I 127 -13.18 -61.39 -66.62
C THR I 127 -11.90 -60.57 -66.77
N TRP I 128 -12.01 -59.26 -66.59
CA TRP I 128 -10.84 -58.39 -66.71
C TRP I 128 -9.76 -58.75 -65.69
N MET I 129 -10.17 -59.06 -64.47
CA MET I 129 -9.21 -59.38 -63.42
C MET I 129 -8.53 -60.72 -63.67
N ASN I 130 -9.30 -61.71 -64.16
CA ASN I 130 -8.68 -62.97 -64.55
C ASN I 130 -7.64 -62.75 -65.64
N GLU I 131 -7.98 -61.93 -66.64
CA GLU I 131 -7.05 -61.67 -67.72
C GLU I 131 -5.82 -60.93 -67.22
N GLU I 132 -5.98 -60.04 -66.25
CA GLU I 132 -4.84 -59.32 -65.69
C GLU I 132 -3.93 -60.26 -64.90
N ARG I 133 -4.52 -61.16 -64.12
CA ARG I 133 -3.72 -62.18 -63.44
C ARG I 133 -2.92 -62.99 -64.44
N ASP I 134 -3.57 -63.44 -65.52
CA ASP I 134 -2.88 -64.30 -66.47
C ASP I 134 -1.77 -63.54 -67.19
N LYS I 135 -2.04 -62.29 -67.57
CA LYS I 135 -0.99 -61.50 -68.22
C LYS I 135 0.18 -61.25 -67.28
N ARG I 136 -0.07 -61.09 -65.99
CA ARG I 136 1.03 -60.91 -65.05
C ARG I 136 1.85 -62.19 -64.92
N ILE I 137 1.18 -63.35 -64.84
CA ILE I 137 1.89 -64.63 -64.79
C ILE I 137 2.76 -64.79 -66.03
N VAL I 138 2.21 -64.48 -67.21
CA VAL I 138 2.97 -64.63 -68.44
C VAL I 138 4.17 -63.69 -68.46
N ALA I 139 3.96 -62.43 -68.08
CA ALA I 139 5.05 -61.47 -68.12
C ALA I 139 6.17 -61.87 -67.17
N SER I 140 5.83 -62.18 -65.92
CA SER I 140 6.86 -62.57 -64.96
C SER I 140 7.54 -63.85 -65.37
N LEU I 141 6.84 -64.71 -66.11
CA LEU I 141 7.40 -65.99 -66.51
C LEU I 141 8.44 -65.82 -67.62
N THR I 142 8.25 -64.83 -68.49
CA THR I 142 9.09 -64.70 -69.68
C THR I 142 10.08 -63.54 -69.55
N ASN I 143 10.37 -63.13 -68.32
CA ASN I 143 11.26 -62.02 -68.07
C ASN I 143 12.59 -62.56 -67.56
N ASP I 144 13.67 -62.23 -68.26
CA ASP I 144 15.04 -62.50 -67.80
C ASP I 144 15.26 -64.00 -67.56
N PHE I 145 15.21 -64.75 -68.66
CA PHE I 145 15.58 -66.15 -68.61
C PHE I 145 17.02 -66.29 -68.16
N THR I 146 17.23 -67.02 -67.06
CA THR I 146 18.59 -67.38 -66.68
C THR I 146 19.07 -68.62 -67.41
N ASN I 147 18.19 -69.28 -68.15
CA ASN I 147 18.50 -70.55 -68.79
C ASN I 147 17.53 -70.71 -69.95
N TYR I 148 18.03 -70.66 -71.18
CA TYR I 148 17.17 -70.67 -72.34
C TYR I 148 17.87 -71.37 -73.50
N LEU I 149 17.07 -71.79 -74.47
CA LEU I 149 17.55 -72.36 -75.71
C LEU I 149 17.04 -71.51 -76.87
N TYR I 150 17.93 -71.14 -77.78
CA TYR I 150 17.54 -70.42 -78.99
C TYR I 150 17.62 -71.36 -80.18
N THR I 151 16.72 -71.15 -81.13
CA THR I 151 16.71 -71.95 -82.35
C THR I 151 16.15 -71.10 -83.48
N GLN I 152 16.73 -71.24 -84.68
CA GLN I 152 16.25 -70.48 -85.82
C GLN I 152 14.79 -70.79 -86.12
N THR I 153 14.41 -72.06 -86.04
CA THR I 153 13.03 -72.47 -86.26
C THR I 153 12.72 -73.62 -85.32
N MET I 154 11.53 -73.58 -84.70
CA MET I 154 11.17 -74.61 -83.74
C MET I 154 11.21 -75.99 -84.37
N ASN I 155 11.57 -76.98 -83.57
CA ASN I 155 11.64 -78.35 -84.01
C ASN I 155 11.62 -79.26 -82.79
N VAL I 156 11.39 -80.55 -83.04
CA VAL I 156 11.37 -81.51 -81.94
C VAL I 156 12.76 -81.70 -81.35
N ALA I 157 13.81 -81.42 -82.12
CA ALA I 157 15.16 -81.54 -81.60
C ALA I 157 15.40 -80.57 -80.45
N THR I 158 14.95 -79.32 -80.60
CA THR I 158 15.18 -78.34 -79.55
C THR I 158 14.31 -78.61 -78.34
N ILE I 159 13.06 -79.03 -78.53
CA ILE I 159 12.23 -79.40 -77.40
C ILE I 159 12.85 -80.57 -76.65
N ARG I 160 13.41 -81.53 -77.39
CA ARG I 160 14.06 -82.67 -76.75
C ARG I 160 15.29 -82.24 -75.97
N LYS I 161 16.09 -81.33 -76.55
CA LYS I 161 17.25 -80.82 -75.85
C LYS I 161 16.85 -80.12 -74.57
N ALA I 162 15.75 -79.36 -74.61
CA ALA I 162 15.29 -78.65 -73.42
C ALA I 162 14.77 -79.62 -72.37
N ILE I 163 14.07 -80.67 -72.78
CA ILE I 163 13.58 -81.64 -71.80
C ILE I 163 14.74 -82.40 -71.18
N PHE I 164 15.78 -82.69 -71.97
CA PHE I 164 16.98 -83.32 -71.41
C PHE I 164 17.66 -82.40 -70.40
N HIS I 165 17.83 -81.14 -70.77
CA HIS I 165 18.38 -80.13 -69.86
C HIS I 165 17.59 -80.08 -68.56
N ALA I 166 16.27 -80.05 -68.65
CA ALA I 166 15.45 -79.96 -67.43
C ALA I 166 15.52 -81.24 -66.62
N ARG I 167 15.62 -82.39 -67.29
CA ARG I 167 15.50 -83.66 -66.60
C ARG I 167 16.80 -84.07 -65.93
N ASN I 168 17.94 -83.66 -66.48
CA ASN I 168 19.23 -84.02 -65.91
C ASN I 168 19.94 -82.84 -65.25
N GLY I 169 19.67 -81.62 -65.70
CA GLY I 169 20.30 -80.45 -65.14
C GLY I 169 21.41 -79.95 -66.04
N LEU I 170 21.10 -78.96 -66.87
CA LEU I 170 22.04 -78.44 -67.83
C LEU I 170 21.55 -77.07 -68.28
N LYS I 171 22.49 -76.19 -68.59
CA LYS I 171 22.20 -74.84 -69.04
C LYS I 171 22.39 -74.73 -70.55
N GLY I 172 21.98 -73.59 -71.10
CA GLY I 172 22.28 -73.29 -72.49
C GLY I 172 23.75 -73.34 -72.81
N ASP I 173 24.61 -73.25 -71.80
CA ASP I 173 26.04 -73.43 -71.95
C ASP I 173 26.45 -74.91 -71.96
N ASN I 174 25.49 -75.82 -71.79
CA ASN I 174 25.77 -77.22 -71.48
C ASN I 174 26.59 -77.37 -70.21
N SER I 175 26.60 -76.34 -69.38
CA SER I 175 27.25 -76.39 -68.07
C SER I 175 26.27 -76.95 -67.03
N LYS I 176 26.84 -77.52 -65.98
CA LYS I 176 26.02 -78.26 -65.02
C LYS I 176 25.16 -77.32 -64.20
N ALA I 177 23.97 -77.77 -63.86
CA ALA I 177 23.02 -77.03 -63.02
C ALA I 177 22.17 -78.06 -62.31
N PHE I 178 21.06 -77.62 -61.76
CA PHE I 178 20.13 -78.47 -61.05
C PHE I 178 19.03 -78.95 -61.99
N PRO I 179 18.37 -80.07 -61.66
CA PRO I 179 17.24 -80.53 -62.48
C PRO I 179 15.92 -79.93 -62.03
N ILE I 180 14.97 -79.91 -62.97
CA ILE I 180 13.65 -79.32 -62.75
C ILE I 180 12.67 -80.43 -62.39
N LYS I 181 11.74 -80.13 -61.49
CA LYS I 181 10.76 -81.09 -61.04
C LYS I 181 9.47 -80.95 -61.84
N PRO I 182 8.86 -82.04 -62.29
CA PRO I 182 7.75 -81.95 -63.23
C PRO I 182 6.44 -81.53 -62.58
N ILE I 183 5.58 -80.93 -63.40
CA ILE I 183 4.26 -80.48 -62.97
C ILE I 183 3.34 -81.69 -62.81
N ARG I 184 2.23 -81.47 -62.09
CA ARG I 184 1.10 -82.38 -62.06
C ARG I 184 -0.16 -81.57 -62.32
N ALA I 185 -0.62 -81.60 -63.58
CA ALA I 185 -1.87 -80.96 -63.94
C ALA I 185 -3.05 -81.82 -63.46
N THR I 186 -4.14 -81.13 -63.12
CA THR I 186 -5.28 -81.78 -62.48
C THR I 186 -6.55 -81.07 -62.86
N MET I 187 -7.59 -81.84 -63.17
CA MET I 187 -8.88 -81.31 -63.59
C MET I 187 -9.98 -82.23 -63.08
N GLN I 188 -11.18 -81.68 -62.96
CA GLN I 188 -12.35 -82.46 -62.58
C GLN I 188 -13.22 -82.78 -63.79
N MET I 194 -11.65 -87.44 -61.03
CA MET I 194 -10.52 -86.52 -61.09
C MET I 194 -9.44 -87.06 -62.01
N VAL I 195 -8.92 -86.17 -62.87
CA VAL I 195 -7.91 -86.52 -63.86
C VAL I 195 -6.62 -85.79 -63.51
N GLN I 196 -5.51 -86.52 -63.50
CA GLN I 196 -4.21 -85.95 -63.16
C GLN I 196 -3.17 -86.42 -64.18
N ASN I 197 -2.07 -85.70 -64.24
CA ASN I 197 -1.00 -86.02 -65.18
C ASN I 197 0.29 -85.33 -64.77
N THR I 198 1.39 -86.07 -64.75
CA THR I 198 2.67 -85.58 -64.26
C THR I 198 3.68 -85.53 -65.39
N SER I 199 4.20 -84.34 -65.68
CA SER I 199 5.17 -84.11 -66.76
C SER I 199 5.58 -82.64 -66.75
N TYR I 200 6.58 -82.33 -67.57
CA TYR I 200 6.87 -80.94 -67.88
C TYR I 200 5.77 -80.36 -68.76
N ILE I 201 5.79 -79.04 -68.94
CA ILE I 201 4.82 -78.40 -69.82
C ILE I 201 5.55 -77.40 -70.70
N ILE I 202 5.34 -77.49 -72.01
CA ILE I 202 5.98 -76.60 -72.97
C ILE I 202 4.94 -75.63 -73.48
N LEU I 203 5.04 -74.37 -73.05
CA LEU I 203 4.16 -73.31 -73.52
C LEU I 203 4.82 -72.67 -74.72
N LEU I 204 4.27 -72.94 -75.90
CA LEU I 204 4.72 -72.33 -77.14
C LEU I 204 3.69 -71.31 -77.61
N ASP I 205 4.14 -70.34 -78.38
CA ASP I 205 3.19 -69.40 -78.95
C ASP I 205 2.73 -69.92 -80.31
N SER I 206 1.77 -69.22 -80.92
CA SER I 206 1.13 -69.76 -82.10
C SER I 206 2.08 -69.86 -83.29
N TYR I 207 3.01 -68.91 -83.41
CA TYR I 207 4.00 -68.99 -84.48
C TYR I 207 4.97 -70.13 -84.27
N GLN I 208 5.40 -70.34 -83.03
CA GLN I 208 6.24 -71.50 -82.73
C GLN I 208 5.46 -72.79 -82.93
N ALA I 209 4.17 -72.78 -82.59
CA ALA I 209 3.33 -73.95 -82.86
C ALA I 209 3.26 -74.23 -84.35
N ASN I 210 3.18 -73.19 -85.17
CA ASN I 210 3.18 -73.37 -86.61
C ASN I 210 4.50 -73.98 -87.07
N GLN I 211 5.61 -73.42 -86.60
CA GLN I 211 6.92 -73.96 -86.99
C GLN I 211 7.07 -75.41 -86.54
N LEU I 212 6.43 -75.79 -85.44
CA LEU I 212 6.50 -77.17 -84.98
C LEU I 212 5.60 -78.08 -85.82
N LYS I 213 4.45 -77.57 -86.26
CA LYS I 213 3.56 -78.37 -87.11
C LYS I 213 4.21 -78.67 -88.46
N ALA I 214 5.01 -77.76 -88.98
CA ALA I 214 5.70 -77.97 -90.25
C ALA I 214 7.09 -78.54 -90.02
N ASP I 215 7.16 -79.63 -89.27
CA ASP I 215 8.42 -80.26 -88.91
C ASP I 215 8.29 -81.76 -89.07
N SER I 216 9.20 -82.36 -89.83
CA SER I 216 9.07 -83.76 -90.20
C SER I 216 8.98 -84.66 -88.98
N GLU I 217 9.82 -84.41 -87.98
CA GLU I 217 9.85 -85.25 -86.79
C GLU I 217 8.61 -85.10 -85.93
N PHE I 218 7.79 -84.08 -86.16
CA PHE I 218 6.59 -83.89 -85.37
C PHE I 218 5.41 -84.66 -85.94
N LYS I 219 5.27 -84.72 -87.26
CA LYS I 219 4.14 -85.40 -87.87
C LYS I 219 4.15 -86.89 -87.55
N GLU I 220 5.33 -87.53 -87.62
CA GLU I 220 5.40 -88.95 -87.29
C GLU I 220 5.12 -89.22 -85.82
N LEU I 221 5.23 -88.20 -84.96
CA LEU I 221 4.94 -88.37 -83.54
C LEU I 221 3.45 -88.28 -83.23
N ARG I 222 2.60 -88.21 -84.26
CA ARG I 222 1.16 -88.14 -84.03
C ARG I 222 0.59 -89.53 -83.82
N LYS I 223 1.17 -90.28 -82.90
CA LYS I 223 0.63 -91.57 -82.47
C LYS I 223 -0.33 -91.34 -81.30
N LEU I 224 -1.21 -92.32 -81.09
CA LEU I 224 -2.24 -92.22 -80.06
C LEU I 224 -1.63 -91.86 -78.71
N TYR I 225 -2.14 -90.80 -78.09
CA TYR I 225 -1.69 -90.41 -76.76
C TYR I 225 -2.47 -91.15 -75.69
N LYS I 232 -6.59 -87.58 -69.40
CA LYS I 232 -5.48 -86.64 -69.46
C LYS I 232 -5.54 -85.80 -70.74
N GLY I 233 -6.56 -86.03 -71.55
CA GLY I 233 -6.58 -85.44 -72.88
C GLY I 233 -6.65 -83.94 -72.91
N MET I 234 -7.78 -83.38 -72.53
CA MET I 234 -7.97 -81.92 -72.53
C MET I 234 -7.86 -81.35 -71.12
N LEU I 235 -6.71 -81.58 -70.49
CA LEU I 235 -6.25 -80.77 -69.38
C LEU I 235 -5.44 -79.57 -69.85
N TYR I 236 -5.42 -79.34 -71.16
CA TYR I 236 -4.58 -78.33 -71.78
C TYR I 236 -5.37 -77.72 -72.93
N SER I 237 -5.43 -76.40 -72.99
CA SER I 237 -6.34 -75.73 -73.92
C SER I 237 -6.01 -76.06 -75.37
N GLY I 238 -4.87 -75.60 -75.86
CA GLY I 238 -4.44 -76.03 -77.18
C GLY I 238 -3.31 -77.03 -77.11
N LEU I 239 -3.64 -78.31 -77.22
CA LEU I 239 -2.67 -79.38 -77.06
C LEU I 239 -2.19 -79.79 -78.44
N LEU I 240 -0.97 -79.36 -78.80
CA LEU I 240 -0.38 -79.80 -80.05
C LEU I 240 -0.10 -81.29 -80.02
N GLY I 241 0.68 -81.72 -79.04
CA GLY I 241 1.03 -83.12 -78.96
C GLY I 241 1.75 -83.50 -77.68
N VAL I 242 2.59 -84.52 -77.77
CA VAL I 242 3.34 -85.02 -76.62
C VAL I 242 4.73 -85.40 -77.13
N ILE I 243 5.75 -84.66 -76.66
CA ILE I 243 7.16 -84.97 -77.04
C ILE I 243 7.89 -85.39 -75.75
N ASP I 244 8.48 -86.59 -75.73
CA ASP I 244 9.17 -87.10 -74.52
C ASP I 244 8.24 -87.04 -73.31
N ASN I 245 7.00 -87.54 -73.46
CA ASN I 245 6.00 -87.55 -72.35
C ASN I 245 5.81 -86.13 -71.79
N CYS I 246 5.77 -85.10 -72.64
CA CYS I 246 5.56 -83.72 -72.23
C CYS I 246 4.63 -83.00 -73.18
N PRO I 247 3.48 -82.53 -72.68
CA PRO I 247 2.45 -81.96 -73.56
C PRO I 247 2.73 -80.55 -74.07
N VAL I 248 3.42 -80.44 -75.21
CA VAL I 248 3.52 -79.15 -75.88
C VAL I 248 2.15 -78.52 -76.04
N ILE I 249 2.07 -77.22 -75.83
CA ILE I 249 0.80 -76.50 -75.83
C ILE I 249 0.95 -75.21 -76.62
N ASP I 250 0.01 -74.95 -77.52
CA ASP I 250 -0.10 -73.66 -78.19
C ASP I 250 -0.73 -72.70 -77.20
N ALA I 251 0.12 -71.97 -76.47
CA ALA I 251 -0.37 -71.12 -75.41
C ALA I 251 -1.03 -69.85 -75.95
N GLY I 252 -0.83 -69.52 -77.21
CA GLY I 252 -1.50 -68.39 -77.80
C GLY I 252 -0.56 -67.31 -78.28
N VAL I 253 -1.07 -66.10 -78.44
CA VAL I 253 -0.26 -64.95 -78.81
C VAL I 253 -0.70 -63.77 -77.94
N TRP I 254 0.26 -63.10 -77.34
CA TRP I 254 -0.02 -61.91 -76.54
C TRP I 254 -0.47 -60.79 -77.47
N ASN I 255 -1.77 -60.51 -77.47
CA ASN I 255 -2.30 -59.36 -78.19
C ASN I 255 -3.18 -58.53 -77.27
N LYS I 256 -3.88 -57.55 -77.83
CA LYS I 256 -4.74 -56.71 -77.01
C LYS I 256 -5.92 -57.47 -76.41
N PHE I 257 -6.35 -58.56 -77.04
CA PHE I 257 -7.56 -59.24 -76.61
C PHE I 257 -7.29 -60.27 -75.52
N ASN I 258 -6.48 -61.27 -75.83
CA ASN I 258 -6.29 -62.39 -74.94
C ASN I 258 -4.84 -62.47 -74.49
N VAL I 259 -4.62 -63.29 -73.49
CA VAL I 259 -3.28 -63.55 -72.99
C VAL I 259 -2.66 -64.67 -73.82
N GLY I 260 -1.37 -64.53 -74.11
CA GLY I 260 -0.63 -65.56 -74.80
C GLY I 260 0.84 -65.30 -74.61
N MET I 261 1.64 -66.19 -75.14
CA MET I 261 3.08 -66.04 -74.99
C MET I 261 3.52 -64.75 -75.68
N PRO I 262 4.49 -64.05 -75.14
CA PRO I 262 4.89 -62.75 -75.70
C PRO I 262 5.86 -62.93 -76.85
N ASN I 263 6.26 -61.80 -77.43
CA ASN I 263 7.23 -61.78 -78.51
C ASN I 263 7.73 -60.35 -78.64
N SER I 264 8.70 -60.15 -79.55
CA SER I 264 9.36 -58.85 -79.68
C SER I 264 8.44 -57.75 -80.17
N SER I 265 7.23 -58.14 -80.61
CA SER I 265 6.23 -57.18 -81.15
C SER I 265 5.78 -56.25 -80.02
N ILE I 266 5.56 -56.82 -78.84
CA ILE I 266 5.14 -56.03 -77.64
C ILE I 266 6.28 -55.07 -77.30
N SER I 267 5.95 -53.84 -76.89
CA SER I 267 6.98 -52.81 -76.57
C SER I 267 7.45 -52.96 -75.11
N ASP I 268 8.32 -52.05 -74.67
CA ASP I 268 8.80 -52.17 -73.31
C ASP I 268 7.75 -51.72 -72.30
N SER I 269 6.92 -50.75 -72.67
CA SER I 269 5.97 -50.18 -71.72
C SER I 269 4.85 -51.17 -71.41
N ASP I 270 4.15 -51.65 -72.43
CA ASP I 270 3.02 -52.54 -72.20
C ASP I 270 3.45 -53.91 -71.69
N PHE I 271 4.75 -54.20 -71.71
CA PHE I 271 5.23 -55.42 -71.07
C PHE I 271 5.64 -55.14 -69.63
N MET I 272 6.41 -54.08 -69.41
CA MET I 272 6.85 -53.72 -68.07
C MET I 272 5.70 -53.35 -67.15
N ARG I 273 4.55 -52.96 -67.70
CA ARG I 273 3.43 -52.64 -66.84
C ARG I 273 2.86 -53.87 -66.15
N TYR I 274 3.28 -55.06 -66.56
CA TYR I 274 2.85 -56.29 -65.92
C TYR I 274 3.91 -56.90 -65.03
N LEU I 275 5.09 -56.31 -64.97
CA LEU I 275 6.11 -56.73 -64.02
C LEU I 275 6.00 -55.89 -62.76
N ASN I 276 6.41 -56.47 -61.63
CA ASN I 276 6.25 -55.79 -60.35
C ASN I 276 7.42 -54.86 -60.03
N LYS I 277 8.63 -55.19 -60.50
CA LYS I 277 9.86 -54.44 -60.27
C LYS I 277 10.32 -54.47 -58.84
N ALA I 278 9.53 -55.03 -57.93
CA ALA I 278 9.95 -55.33 -56.58
C ALA I 278 10.23 -56.81 -56.38
N ASN I 279 9.61 -57.66 -57.20
CA ASN I 279 9.80 -59.09 -57.16
C ASN I 279 10.89 -59.56 -58.11
N VAL I 280 11.37 -58.68 -58.99
CA VAL I 280 12.39 -59.02 -59.96
C VAL I 280 13.64 -58.20 -59.67
N SER I 281 14.80 -58.78 -59.95
CA SER I 281 16.05 -58.06 -59.80
C SER I 281 16.40 -57.29 -61.07
N SER I 282 16.53 -57.99 -62.18
CA SER I 282 16.73 -57.37 -63.48
C SER I 282 15.47 -57.50 -64.31
N ILE I 283 15.44 -56.76 -65.42
CA ILE I 283 14.28 -56.74 -66.31
C ILE I 283 14.77 -56.79 -67.74
N VAL I 284 14.39 -57.84 -68.46
CA VAL I 284 14.72 -57.99 -69.87
C VAL I 284 13.42 -58.22 -70.62
N THR I 285 12.97 -57.20 -71.33
CA THR I 285 11.77 -57.31 -72.14
C THR I 285 12.08 -58.07 -73.43
N PRO I 286 11.06 -58.64 -74.07
CA PRO I 286 11.30 -59.38 -75.33
C PRO I 286 12.14 -58.63 -76.34
N ARG I 287 11.97 -57.32 -76.48
CA ARG I 287 12.83 -56.55 -77.37
C ARG I 287 14.26 -56.51 -76.85
N GLN I 288 14.43 -56.32 -75.54
CA GLN I 288 15.76 -56.34 -74.94
C GLN I 288 16.40 -57.71 -75.11
N PHE I 289 15.62 -58.77 -74.95
CA PHE I 289 16.16 -60.11 -75.11
C PHE I 289 16.57 -60.36 -76.55
N LYS I 290 15.77 -59.87 -77.51
CA LYS I 290 16.15 -59.95 -78.91
C LYS I 290 17.47 -59.24 -79.16
N GLU I 291 17.59 -58.00 -78.69
CA GLU I 291 18.82 -57.25 -78.88
C GLU I 291 20.00 -57.94 -78.21
N LYS I 292 19.76 -58.60 -77.08
CA LYS I 292 20.84 -59.29 -76.38
C LYS I 292 21.34 -60.49 -77.17
N LEU I 293 20.42 -61.38 -77.58
CA LEU I 293 20.84 -62.52 -78.38
C LEU I 293 21.11 -62.13 -79.84
N ASN I 294 21.06 -60.85 -80.16
CA ASN I 294 21.49 -60.34 -81.45
C ASN I 294 22.91 -59.79 -81.43
N GLN I 295 23.59 -59.86 -80.29
CA GLN I 295 24.98 -59.43 -80.19
C GLN I 295 25.93 -60.55 -80.59
N GLU I 296 25.70 -61.14 -81.76
CA GLU I 296 26.51 -62.25 -82.25
C GLU I 296 26.89 -62.03 -83.71
N ILE I 304 19.69 -60.44 -89.22
CA ILE I 304 19.86 -60.14 -87.80
C ILE I 304 18.78 -59.18 -87.33
N ASN I 305 17.86 -58.85 -88.23
CA ASN I 305 16.74 -57.96 -87.93
C ASN I 305 15.45 -58.75 -88.18
N LYS I 306 15.02 -59.48 -87.15
CA LYS I 306 13.87 -60.36 -87.28
C LYS I 306 13.28 -60.58 -85.90
N GLU I 307 11.95 -60.60 -85.82
CA GLU I 307 11.27 -60.74 -84.55
C GLU I 307 11.50 -62.14 -83.97
N ILE I 308 11.36 -62.26 -82.66
CA ILE I 308 11.49 -63.53 -81.98
C ILE I 308 10.19 -63.83 -81.24
N SER I 309 9.93 -65.11 -81.04
CA SER I 309 8.88 -65.61 -80.16
C SER I 309 9.51 -66.29 -78.95
N ILE I 310 8.82 -66.20 -77.82
CA ILE I 310 9.27 -66.75 -76.57
C ILE I 310 8.27 -67.79 -76.11
N GLY I 311 8.72 -69.04 -75.98
CA GLY I 311 8.03 -70.06 -75.24
C GLY I 311 8.90 -70.50 -74.07
N CYS I 312 8.40 -71.49 -73.35
CA CYS I 312 9.13 -71.92 -72.17
C CYS I 312 8.73 -73.32 -71.76
N LEU I 313 9.72 -74.09 -71.32
CA LEU I 313 9.47 -75.30 -70.55
C LEU I 313 9.28 -74.89 -69.10
N ILE I 314 8.25 -75.40 -68.46
CA ILE I 314 7.95 -75.11 -67.08
C ILE I 314 7.77 -76.41 -66.31
N GLY I 315 8.37 -76.44 -65.11
CA GLY I 315 8.15 -77.47 -64.15
C GLY I 315 7.35 -76.97 -62.97
N ALA I 316 7.40 -77.73 -61.88
CA ALA I 316 6.61 -77.39 -60.70
C ALA I 316 7.09 -76.09 -60.10
N SER I 317 6.13 -75.24 -59.73
CA SER I 317 6.41 -73.95 -59.08
C SER I 317 7.34 -73.10 -59.94
N ALA I 318 6.94 -72.90 -61.20
CA ALA I 318 7.71 -72.03 -62.07
C ALA I 318 7.54 -70.58 -61.69
N VAL I 319 6.31 -70.17 -61.35
CA VAL I 319 6.05 -68.85 -60.82
C VAL I 319 5.19 -69.03 -59.59
N LEU I 320 5.31 -68.08 -58.66
CA LEU I 320 4.61 -68.11 -57.39
C LEU I 320 3.63 -66.94 -57.32
N LEU I 321 2.38 -67.26 -57.03
CA LEU I 321 1.35 -66.26 -56.78
C LEU I 321 1.10 -66.15 -55.28
N ALA I 322 1.97 -65.38 -54.62
CA ALA I 322 1.74 -65.08 -53.22
C ALA I 322 0.67 -64.01 -53.09
N GLY I 323 0.15 -63.88 -51.89
CA GLY I 323 -0.94 -62.96 -51.66
C GLY I 323 -2.26 -63.67 -51.85
N SER I 324 -3.20 -63.44 -50.93
CA SER I 324 -4.50 -64.08 -51.01
C SER I 324 -5.16 -63.83 -52.37
N LYS I 325 -6.02 -64.76 -52.77
CA LYS I 325 -6.82 -64.61 -53.97
C LYS I 325 -8.10 -63.84 -53.71
N GLU I 326 -8.16 -63.09 -52.62
CA GLU I 326 -9.30 -62.25 -52.31
C GLU I 326 -9.25 -61.00 -53.18
N THR I 327 -9.66 -61.16 -54.43
CA THR I 327 -10.04 -60.00 -55.22
C THR I 327 -11.33 -59.43 -54.62
N ARG I 328 -11.35 -58.13 -54.40
CA ARG I 328 -12.48 -57.50 -53.72
C ARG I 328 -13.25 -56.63 -54.70
N PHE I 329 -14.57 -56.61 -54.51
CA PHE I 329 -15.46 -55.77 -55.30
C PHE I 329 -15.99 -54.65 -54.42
N TYR I 330 -16.03 -53.45 -54.98
CA TYR I 330 -16.50 -52.26 -54.29
C TYR I 330 -17.70 -51.73 -55.06
N ILE I 331 -18.89 -51.86 -54.47
CA ILE I 331 -20.12 -51.37 -55.06
C ILE I 331 -20.49 -50.08 -54.36
N ASP I 332 -20.63 -49.00 -55.13
CA ASP I 332 -21.02 -47.70 -54.58
C ASP I 332 -22.25 -47.22 -55.32
N GLU I 333 -23.41 -47.36 -54.71
CA GLU I 333 -24.67 -46.90 -55.30
C GLU I 333 -25.03 -45.50 -54.83
N THR I 334 -24.03 -44.68 -54.55
CA THR I 334 -24.22 -43.32 -54.06
C THR I 334 -23.51 -42.29 -54.93
N VAL I 335 -23.14 -42.64 -56.16
CA VAL I 335 -22.64 -41.66 -57.10
C VAL I 335 -23.80 -40.79 -57.56
N ASP I 336 -23.54 -39.49 -57.72
CA ASP I 336 -24.54 -38.56 -58.27
C ASP I 336 -25.81 -38.55 -57.41
N ALA I 337 -25.63 -38.28 -56.12
CA ALA I 337 -26.72 -38.27 -55.15
C ALA I 337 -27.39 -39.63 -55.02
N GLY I 338 -26.68 -40.70 -55.38
CA GLY I 338 -27.26 -42.02 -55.40
C GLY I 338 -27.99 -42.38 -56.67
N ARG I 339 -27.80 -41.61 -57.73
CA ARG I 339 -28.51 -41.85 -58.98
C ARG I 339 -27.70 -42.66 -59.97
N LYS I 340 -26.38 -42.57 -59.90
CA LYS I 340 -25.49 -43.48 -60.60
C LYS I 340 -24.81 -44.39 -59.60
N SER I 341 -24.11 -45.39 -60.11
CA SER I 341 -23.38 -46.31 -59.26
C SER I 341 -22.06 -46.67 -59.93
N LEU I 342 -21.11 -47.07 -59.11
CA LEU I 342 -19.75 -47.35 -59.55
C LEU I 342 -19.35 -48.70 -58.98
N VAL I 343 -18.96 -49.62 -59.84
CA VAL I 343 -18.49 -50.93 -59.42
C VAL I 343 -17.01 -51.03 -59.74
N GLY I 344 -16.19 -51.17 -58.72
CA GLY I 344 -14.77 -51.35 -58.90
C GLY I 344 -14.30 -52.71 -58.43
N VAL I 345 -13.17 -53.16 -58.95
CA VAL I 345 -12.55 -54.41 -58.53
C VAL I 345 -11.09 -54.12 -58.25
N ASP I 346 -10.59 -54.63 -57.13
CA ASP I 346 -9.23 -54.34 -56.69
C ASP I 346 -8.60 -55.62 -56.18
N CYS I 347 -7.29 -55.73 -56.37
CA CYS I 347 -6.59 -56.94 -55.95
C CYS I 347 -5.16 -56.61 -55.55
N LEU I 348 -4.73 -57.20 -54.44
CA LEU I 348 -3.32 -57.30 -54.09
C LEU I 348 -2.81 -58.64 -54.57
N LEU I 349 -1.80 -58.62 -55.44
CA LEU I 349 -1.29 -59.84 -56.04
C LEU I 349 0.22 -59.79 -56.06
N GLY I 350 0.86 -60.82 -55.53
CA GLY I 350 2.30 -60.94 -55.66
C GLY I 350 2.67 -62.02 -56.65
N VAL I 351 3.21 -61.63 -57.79
CA VAL I 351 3.58 -62.56 -58.85
C VAL I 351 5.09 -62.55 -59.00
N SER I 352 5.70 -63.72 -58.96
CA SER I 352 7.15 -63.74 -59.14
C SER I 352 7.60 -65.06 -59.74
N LYS I 353 8.35 -65.01 -60.83
CA LYS I 353 9.02 -66.20 -61.33
C LYS I 353 9.94 -66.73 -60.24
N ALA I 354 9.72 -67.99 -59.85
CA ALA I 354 10.49 -68.59 -58.76
C ALA I 354 11.99 -68.58 -59.07
N ARG I 355 12.72 -67.78 -58.32
CA ARG I 355 14.16 -67.56 -58.53
C ARG I 355 14.75 -67.29 -57.15
N TYR I 356 15.24 -68.36 -56.53
CA TYR I 356 15.60 -68.31 -55.12
C TYR I 356 17.05 -67.85 -54.94
N GLN I 357 17.31 -67.24 -53.79
CA GLN I 357 18.63 -66.79 -53.41
C GLN I 357 19.05 -67.49 -52.13
N SER I 358 20.35 -67.64 -51.94
CA SER I 358 20.86 -68.30 -50.75
C SER I 358 20.70 -67.39 -49.53
N THR I 359 20.10 -67.92 -48.46
CA THR I 359 19.89 -67.13 -47.26
C THR I 359 21.18 -66.84 -46.51
N ASP I 360 22.32 -67.34 -46.99
CA ASP I 360 23.63 -66.99 -46.46
C ASP I 360 24.64 -67.08 -47.60
N GLY I 361 25.91 -67.17 -47.27
CA GLY I 361 26.95 -67.19 -48.28
C GLY I 361 27.30 -68.54 -48.86
N VAL I 362 26.35 -69.48 -48.83
CA VAL I 362 26.57 -70.80 -49.40
C VAL I 362 26.09 -70.79 -50.84
N VAL I 363 27.02 -70.95 -51.78
CA VAL I 363 26.67 -70.96 -53.20
C VAL I 363 26.19 -72.35 -53.57
N THR I 364 25.07 -72.41 -54.27
CA THR I 364 24.43 -73.64 -54.70
C THR I 364 24.08 -73.55 -56.17
N PRO I 365 23.69 -74.66 -56.80
CA PRO I 365 23.18 -74.56 -58.18
C PRO I 365 21.88 -73.78 -58.28
N TYR I 366 21.08 -73.74 -57.22
CA TYR I 366 19.81 -73.00 -57.24
C TYR I 366 19.98 -71.51 -57.01
N ASP I 367 21.22 -71.01 -56.95
CA ASP I 367 21.47 -69.64 -56.51
C ASP I 367 21.26 -68.68 -57.68
N ASN I 368 20.21 -67.86 -57.58
CA ASN I 368 19.94 -66.80 -58.54
C ASN I 368 19.59 -67.36 -59.93
N GLN I 369 18.98 -68.54 -59.97
CA GLN I 369 18.64 -69.19 -61.22
C GLN I 369 17.13 -69.40 -61.28
N ASP I 370 16.59 -69.41 -62.49
CA ASP I 370 15.18 -69.75 -62.68
C ASP I 370 14.94 -71.17 -62.19
N TYR I 371 14.04 -71.30 -61.23
CA TYR I 371 13.88 -72.58 -60.54
C TYR I 371 13.28 -73.64 -61.45
N ALA I 372 12.28 -73.28 -62.26
CA ALA I 372 11.57 -74.29 -63.02
C ALA I 372 11.21 -73.82 -64.41
N VAL I 373 12.05 -72.98 -65.02
CA VAL I 373 11.75 -72.39 -66.31
C VAL I 373 12.97 -72.49 -67.20
N ILE I 374 12.79 -73.02 -68.40
CA ILE I 374 13.79 -72.97 -69.46
C ILE I 374 13.19 -72.19 -70.62
N GLY I 375 13.88 -71.14 -71.05
CA GLY I 375 13.42 -70.39 -72.20
C GLY I 375 13.52 -71.21 -73.48
N LEU I 376 12.67 -70.85 -74.44
CA LEU I 376 12.64 -71.48 -75.76
C LEU I 376 12.39 -70.36 -76.76
N VAL I 377 13.44 -69.84 -77.33
CA VAL I 377 13.35 -68.69 -78.21
C VAL I 377 13.40 -69.16 -79.65
N SER I 378 12.62 -68.52 -80.51
CA SER I 378 12.62 -68.85 -81.93
C SER I 378 12.40 -67.57 -82.72
N ASP I 379 12.56 -67.67 -84.03
CA ASP I 379 12.16 -66.60 -84.92
C ASP I 379 10.67 -66.69 -85.21
N MET I 380 10.10 -65.58 -85.66
CA MET I 380 8.68 -65.57 -85.99
C MET I 380 8.40 -64.84 -87.29
N MET J 1 -13.33 -14.22 -46.13
CA MET J 1 -13.65 -13.72 -47.49
C MET J 1 -14.37 -14.84 -48.27
N LYS J 2 -15.71 -14.86 -48.21
CA LYS J 2 -16.49 -15.90 -48.93
C LYS J 2 -16.71 -15.44 -50.38
N GLN J 3 -16.79 -16.39 -51.31
CA GLN J 3 -16.99 -16.09 -52.76
C GLN J 3 -17.70 -17.28 -53.42
N LYS J 4 -18.13 -17.11 -54.67
CA LYS J 4 -18.79 -18.18 -55.41
C LYS J 4 -17.89 -18.58 -56.56
N VAL J 5 -17.49 -19.84 -56.56
CA VAL J 5 -16.57 -20.36 -57.57
C VAL J 5 -17.23 -21.54 -58.26
N HIS J 6 -16.75 -21.81 -59.47
CA HIS J 6 -17.21 -22.93 -60.28
C HIS J 6 -16.39 -24.16 -59.94
N SER J 7 -17.07 -25.18 -59.42
CA SER J 7 -16.39 -26.40 -58.99
C SER J 7 -16.04 -27.31 -60.17
N VAL J 8 -17.03 -27.62 -60.99
CA VAL J 8 -16.95 -28.72 -61.95
C VAL J 8 -16.37 -28.23 -63.26
N SER J 9 -15.55 -29.05 -63.89
CA SER J 9 -14.83 -28.69 -65.09
C SER J 9 -14.75 -29.88 -66.03
N TYR J 10 -14.91 -29.64 -67.33
CA TYR J 10 -14.88 -30.67 -68.35
C TYR J 10 -13.90 -30.29 -69.44
N LEU J 11 -13.28 -31.31 -70.03
CA LEU J 11 -12.48 -31.16 -71.23
C LEU J 11 -13.12 -31.98 -72.35
N ALA J 12 -13.71 -31.30 -73.33
CA ALA J 12 -14.22 -31.97 -74.51
C ALA J 12 -13.17 -31.96 -75.60
N LYS J 13 -13.02 -33.08 -76.29
CA LYS J 13 -12.00 -33.26 -77.30
C LYS J 13 -12.63 -33.87 -78.52
N ALA J 14 -12.66 -33.12 -79.62
CA ALA J 14 -13.32 -33.54 -80.84
C ALA J 14 -12.32 -33.61 -81.99
N GLU J 15 -12.67 -34.41 -83.00
CA GLU J 15 -11.76 -34.75 -84.09
C GLU J 15 -12.47 -34.54 -85.42
N PHE J 16 -11.75 -33.98 -86.39
CA PHE J 16 -12.33 -33.82 -87.72
C PHE J 16 -11.23 -33.92 -88.77
N LYS J 17 -11.64 -34.28 -89.98
CA LYS J 17 -10.71 -34.76 -91.01
C LYS J 17 -10.30 -33.69 -92.02
N PHE J 18 -10.58 -32.41 -91.75
CA PHE J 18 -10.19 -31.32 -92.64
C PHE J 18 -10.72 -31.48 -94.06
N ASN J 19 -11.92 -32.06 -94.20
CA ASN J 19 -12.62 -32.02 -95.47
C ASN J 19 -13.29 -30.65 -95.57
N ASN J 20 -14.23 -30.48 -96.49
CA ASN J 20 -14.98 -29.24 -96.53
C ASN J 20 -16.27 -29.38 -95.74
N GLY J 21 -16.74 -28.26 -95.21
CA GLY J 21 -17.98 -28.22 -94.48
C GLY J 21 -17.80 -27.72 -93.06
N VAL J 22 -18.85 -27.87 -92.27
CA VAL J 22 -18.90 -27.43 -90.89
C VAL J 22 -19.10 -28.65 -90.01
N TYR J 23 -18.34 -28.73 -88.91
CA TYR J 23 -18.39 -29.87 -88.02
C TYR J 23 -18.86 -29.42 -86.64
N ASN J 24 -19.89 -30.07 -86.12
CA ASN J 24 -20.40 -29.77 -84.78
C ASN J 24 -19.50 -30.46 -83.77
N LEU J 25 -18.62 -29.70 -83.14
CA LEU J 25 -17.58 -30.28 -82.31
C LEU J 25 -17.97 -30.40 -80.84
N VAL J 26 -18.27 -29.27 -80.19
CA VAL J 26 -18.41 -29.25 -78.73
C VAL J 26 -19.77 -28.70 -78.33
N ALA J 27 -20.44 -29.38 -77.42
CA ALA J 27 -21.73 -28.97 -76.90
C ALA J 27 -21.52 -28.20 -75.61
N LEU J 28 -21.82 -26.90 -75.61
CA LEU J 28 -21.63 -26.06 -74.44
C LEU J 28 -22.96 -25.87 -73.73
N PRO J 29 -23.07 -26.21 -72.45
CA PRO J 29 -24.31 -25.94 -71.72
C PRO J 29 -24.49 -24.46 -71.47
N SER J 30 -25.73 -24.07 -71.19
CA SER J 30 -26.02 -22.69 -70.86
C SER J 30 -25.36 -22.32 -69.54
N GLY J 31 -24.58 -21.25 -69.53
CA GLY J 31 -23.87 -20.82 -68.36
C GLY J 31 -22.47 -21.37 -68.24
N ALA J 32 -22.02 -22.19 -69.19
CA ALA J 32 -20.67 -22.72 -69.15
C ALA J 32 -19.64 -21.60 -69.20
N GLU J 33 -18.48 -21.87 -68.63
CA GLU J 33 -17.37 -20.92 -68.61
C GLU J 33 -16.24 -21.53 -69.40
N VAL J 34 -16.13 -21.16 -70.67
CA VAL J 34 -15.08 -21.67 -71.53
C VAL J 34 -13.78 -20.94 -71.21
N VAL J 35 -12.80 -21.67 -70.71
CA VAL J 35 -11.52 -21.08 -70.35
C VAL J 35 -10.39 -21.52 -71.26
N LYS J 36 -10.58 -22.54 -72.08
CA LYS J 36 -9.53 -22.90 -73.02
C LYS J 36 -10.13 -23.46 -74.29
N VAL J 37 -9.65 -22.97 -75.43
CA VAL J 37 -10.02 -23.50 -76.73
C VAL J 37 -8.75 -23.61 -77.56
N SER J 38 -8.40 -24.83 -77.96
CA SER J 38 -7.16 -25.06 -78.69
C SER J 38 -7.42 -25.97 -79.87
N LEU J 39 -6.66 -25.77 -80.94
CA LEU J 39 -6.76 -26.54 -82.16
C LEU J 39 -5.37 -27.06 -82.51
N GLU J 40 -5.31 -28.36 -82.80
CA GLU J 40 -4.06 -29.05 -83.08
C GLU J 40 -4.15 -29.71 -84.44
N VAL J 41 -3.21 -29.38 -85.32
CA VAL J 41 -3.17 -29.94 -86.67
C VAL J 41 -2.30 -31.18 -86.64
N VAL J 42 -2.94 -32.34 -86.73
CA VAL J 42 -2.25 -33.63 -86.76
C VAL J 42 -2.10 -34.04 -88.22
N GLY J 43 -0.88 -34.15 -88.68
CA GLY J 43 -0.59 -34.47 -90.06
C GLY J 43 0.40 -33.51 -90.66
N ASN J 44 0.77 -33.80 -91.92
CA ASN J 44 1.77 -33.03 -92.65
C ASN J 44 1.10 -32.26 -93.78
N PRO J 45 0.69 -31.03 -93.55
CA PRO J 45 0.10 -30.24 -94.64
C PRO J 45 1.16 -29.86 -95.68
N ILE J 46 1.07 -30.46 -96.86
CA ILE J 46 2.07 -30.21 -97.89
C ILE J 46 1.99 -28.77 -98.36
N ALA J 47 3.02 -28.34 -99.08
CA ALA J 47 3.04 -26.99 -99.62
C ALA J 47 1.86 -26.77 -100.57
N THR J 48 1.61 -25.51 -100.89
CA THR J 48 0.42 -25.09 -101.63
C THR J 48 -0.86 -25.46 -100.89
N SER J 49 -0.80 -25.48 -99.56
CA SER J 49 -1.97 -25.78 -98.75
C SER J 49 -2.95 -24.62 -98.84
N THR J 50 -4.13 -24.90 -99.35
CA THR J 50 -5.17 -23.89 -99.51
C THR J 50 -6.18 -23.93 -98.36
N THR J 51 -6.12 -24.95 -97.52
CA THR J 51 -7.08 -25.15 -96.44
C THR J 51 -7.14 -23.92 -95.54
N SER J 52 -8.33 -23.68 -94.97
CA SER J 52 -8.53 -22.60 -94.01
C SER J 52 -9.61 -23.03 -93.04
N VAL J 53 -9.26 -23.13 -91.77
CA VAL J 53 -10.18 -23.57 -90.73
C VAL J 53 -10.49 -22.37 -89.84
N SER J 54 -11.66 -22.39 -89.22
CA SER J 54 -11.98 -21.40 -88.22
C SER J 54 -12.95 -22.01 -87.22
N VAL J 55 -12.69 -21.78 -85.94
CA VAL J 55 -13.49 -22.35 -84.86
C VAL J 55 -14.31 -21.23 -84.26
N GLY J 56 -15.62 -21.41 -84.26
CA GLY J 56 -16.56 -20.43 -83.75
C GLY J 56 -17.84 -21.11 -83.33
N PHE J 57 -18.95 -20.40 -83.47
CA PHE J 57 -20.26 -20.94 -83.16
C PHE J 57 -21.08 -21.07 -84.44
N GLU J 58 -22.15 -21.87 -84.36
CA GLU J 58 -22.99 -22.04 -85.54
C GLU J 58 -24.13 -21.05 -85.60
N ASP J 59 -24.53 -20.47 -84.48
CA ASP J 59 -25.58 -19.46 -84.47
C ASP J 59 -25.09 -18.09 -84.89
N GLU J 60 -23.89 -18.02 -85.47
CA GLU J 60 -23.33 -16.78 -85.98
C GLU J 60 -22.94 -16.99 -87.43
N THR J 61 -22.91 -15.89 -88.19
CA THR J 61 -22.67 -15.99 -89.63
C THR J 61 -21.23 -16.39 -89.92
N THR J 62 -20.27 -15.67 -89.35
CA THR J 62 -18.85 -15.99 -89.51
C THR J 62 -18.45 -16.94 -88.39
N LYS J 63 -18.02 -18.14 -88.77
CA LYS J 63 -17.70 -19.19 -87.81
C LYS J 63 -16.25 -19.08 -87.34
N ASN J 64 -15.90 -17.90 -86.81
CA ASN J 64 -14.51 -17.67 -86.42
C ASN J 64 -14.40 -16.92 -85.11
N TYR J 65 -15.36 -17.10 -84.20
CA TYR J 65 -15.30 -16.40 -82.92
C TYR J 65 -14.03 -16.76 -82.17
N PHE J 66 -13.85 -18.06 -81.89
CA PHE J 66 -12.75 -18.47 -81.03
C PHE J 66 -11.41 -18.28 -81.72
N LEU J 67 -11.20 -18.97 -82.84
CA LEU J 67 -9.90 -18.86 -83.48
C LEU J 67 -10.05 -19.06 -84.99
N THR J 68 -8.97 -18.82 -85.70
CA THR J 68 -8.94 -18.98 -87.15
C THR J 68 -7.52 -19.32 -87.57
N LEU J 69 -7.41 -20.30 -88.46
CA LEU J 69 -6.14 -20.85 -88.89
C LEU J 69 -6.14 -20.94 -90.41
N ASP J 70 -5.00 -20.65 -91.03
CA ASP J 70 -4.85 -20.74 -92.47
C ASP J 70 -3.36 -20.76 -92.79
N ASN J 71 -3.05 -20.94 -94.07
CA ASN J 71 -1.67 -21.06 -94.54
C ASN J 71 -0.95 -22.15 -93.76
N LEU J 72 -1.56 -23.33 -93.70
CA LEU J 72 -1.12 -24.40 -92.82
C LEU J 72 0.31 -24.85 -93.09
N ALA J 73 0.95 -24.37 -94.14
CA ALA J 73 2.28 -24.83 -94.50
C ALA J 73 3.35 -23.75 -94.46
N VAL J 74 3.01 -22.51 -94.11
CA VAL J 74 3.99 -21.43 -94.22
C VAL J 74 4.97 -21.46 -93.05
N ASP J 75 4.47 -21.53 -91.81
CA ASP J 75 5.33 -21.55 -90.61
C ASP J 75 4.72 -22.57 -89.66
N ASP J 76 5.16 -23.82 -89.78
CA ASP J 76 4.56 -24.90 -89.01
C ASP J 76 4.86 -24.81 -87.53
N ALA J 77 5.86 -24.02 -87.14
CA ALA J 77 6.12 -23.82 -85.72
C ALA J 77 4.99 -23.08 -85.02
N SER J 78 4.13 -22.39 -85.77
CA SER J 78 3.00 -21.68 -85.20
C SER J 78 1.65 -22.23 -85.63
N LYS J 79 1.61 -23.16 -86.60
CA LYS J 79 0.35 -23.63 -87.12
C LYS J 79 -0.09 -24.97 -86.54
N LYS J 80 0.83 -25.80 -86.07
CA LYS J 80 0.43 -27.09 -85.53
C LYS J 80 -0.32 -26.98 -84.21
N HIS J 81 -0.34 -25.81 -83.59
CA HIS J 81 -1.04 -25.60 -82.33
C HIS J 81 -1.48 -24.15 -82.26
N THR J 82 -2.76 -23.94 -81.97
CA THR J 82 -3.31 -22.59 -81.89
C THR J 82 -4.31 -22.54 -80.75
N THR J 83 -4.08 -21.67 -79.77
CA THR J 83 -5.00 -21.52 -78.66
C THR J 83 -5.82 -20.25 -78.86
N SER J 84 -7.10 -20.32 -78.49
CA SER J 84 -7.94 -19.13 -78.55
C SER J 84 -7.52 -18.15 -77.46
N ALA J 85 -7.41 -16.88 -77.83
CA ALA J 85 -7.11 -15.85 -76.86
C ALA J 85 -8.33 -15.39 -76.10
N LYS J 86 -9.50 -15.97 -76.35
CA LYS J 86 -10.76 -15.50 -75.79
C LYS J 86 -11.30 -16.49 -74.77
N ASP J 87 -11.89 -15.97 -73.71
CA ASP J 87 -12.74 -16.74 -72.81
C ASP J 87 -14.19 -16.39 -73.08
N TYR J 88 -15.08 -17.33 -72.78
CA TYR J 88 -16.47 -17.17 -73.16
C TYR J 88 -17.36 -17.69 -72.03
N THR J 89 -18.51 -17.04 -71.86
CA THR J 89 -19.54 -17.49 -70.95
C THR J 89 -20.81 -17.73 -71.75
N ALA J 90 -21.23 -18.99 -71.81
CA ALA J 90 -22.34 -19.39 -72.66
C ALA J 90 -23.65 -18.84 -72.10
N THR J 91 -24.29 -17.94 -72.84
CA THR J 91 -25.59 -17.42 -72.44
C THR J 91 -26.72 -18.40 -72.69
N SER J 92 -26.55 -19.32 -73.63
CA SER J 92 -27.53 -20.35 -73.93
C SER J 92 -26.78 -21.63 -74.21
N ASN J 93 -27.49 -22.63 -74.75
CA ASN J 93 -26.86 -23.88 -75.16
C ASN J 93 -26.16 -23.64 -76.49
N LYS J 94 -24.83 -23.68 -76.49
CA LYS J 94 -24.03 -23.33 -77.65
C LYS J 94 -23.47 -24.58 -78.32
N VAL J 95 -23.07 -24.41 -79.58
CA VAL J 95 -22.43 -25.46 -80.35
C VAL J 95 -21.16 -24.88 -80.94
N VAL J 96 -20.01 -25.26 -80.37
CA VAL J 96 -18.73 -24.87 -80.92
C VAL J 96 -18.46 -25.72 -82.15
N VAL J 97 -18.30 -25.06 -83.29
CA VAL J 97 -18.16 -25.71 -84.59
C VAL J 97 -16.85 -25.26 -85.21
N ALA J 98 -16.39 -26.04 -86.18
CA ALA J 98 -15.25 -25.71 -87.01
C ALA J 98 -15.72 -25.68 -88.46
N GLU J 99 -15.55 -24.54 -89.12
CA GLU J 99 -15.81 -24.42 -90.55
C GLU J 99 -14.46 -24.43 -91.27
N VAL J 100 -14.28 -25.40 -92.14
CA VAL J 100 -13.06 -25.54 -92.92
C VAL J 100 -13.41 -25.49 -94.40
N LYS J 101 -12.72 -24.63 -95.13
CA LYS J 101 -12.99 -24.45 -96.55
C LYS J 101 -11.67 -24.42 -97.32
N ASN J 102 -11.78 -24.61 -98.64
CA ASN J 102 -10.64 -24.62 -99.56
C ASN J 102 -9.69 -25.78 -99.25
N ALA J 103 -10.23 -26.88 -98.75
CA ALA J 103 -9.38 -28.01 -98.39
C ALA J 103 -8.78 -28.64 -99.64
N ASN J 104 -7.45 -28.80 -99.64
CA ASN J 104 -6.77 -29.41 -100.76
C ASN J 104 -5.68 -30.39 -100.34
N ASP J 105 -5.52 -30.66 -99.05
CA ASP J 105 -4.50 -31.57 -98.55
C ASP J 105 -5.16 -32.81 -97.98
N ASN J 106 -4.43 -33.91 -98.00
CA ASN J 106 -4.96 -35.21 -97.64
C ASN J 106 -4.31 -35.74 -96.37
N ASN J 107 -5.09 -36.54 -95.63
CA ASN J 107 -4.64 -37.15 -94.38
C ASN J 107 -4.16 -36.10 -93.39
N VAL J 108 -4.86 -34.97 -93.35
CA VAL J 108 -4.60 -33.92 -92.37
C VAL J 108 -5.85 -33.82 -91.49
N LYS J 109 -5.62 -33.59 -90.19
CA LYS J 109 -6.67 -33.77 -89.20
C LYS J 109 -6.59 -32.64 -88.18
N GLY J 110 -7.74 -32.29 -87.61
CA GLY J 110 -7.79 -31.30 -86.56
C GLY J 110 -8.36 -31.87 -85.28
N VAL J 111 -7.70 -31.59 -84.16
CA VAL J 111 -8.17 -31.96 -82.84
C VAL J 111 -8.49 -30.68 -82.08
N LEU J 112 -9.74 -30.51 -81.72
CA LEU J 112 -10.17 -29.34 -80.97
C LEU J 112 -10.40 -29.74 -79.52
N ARG J 113 -9.67 -29.09 -78.61
CA ARG J 113 -9.84 -29.29 -77.18
C ARG J 113 -10.48 -28.05 -76.58
N VAL J 114 -11.53 -28.26 -75.79
CA VAL J 114 -12.25 -27.16 -75.15
C VAL J 114 -12.37 -27.51 -73.67
N LEU J 115 -11.73 -26.72 -72.84
CA LEU J 115 -11.82 -26.84 -71.40
C LEU J 115 -12.80 -25.78 -70.90
N TYR J 116 -13.89 -26.21 -70.28
CA TYR J 116 -14.93 -25.31 -69.80
C TYR J 116 -15.43 -25.76 -68.44
N PHE J 117 -15.80 -24.77 -67.62
CA PHE J 117 -16.40 -25.01 -66.31
C PHE J 117 -17.91 -24.96 -66.42
N LEU J 118 -18.58 -25.87 -65.73
CA LEU J 118 -20.03 -25.91 -65.70
C LEU J 118 -20.59 -24.72 -64.92
N PRO J 119 -21.86 -24.36 -65.15
CA PRO J 119 -22.42 -23.21 -64.44
C PRO J 119 -22.94 -23.56 -63.05
N SER J 120 -22.18 -24.34 -62.29
CA SER J 120 -22.59 -24.80 -60.98
C SER J 120 -21.66 -24.18 -59.96
N VAL J 121 -22.17 -23.27 -59.15
CA VAL J 121 -21.34 -22.51 -58.22
C VAL J 121 -21.46 -23.09 -56.82
N ILE J 122 -20.37 -22.99 -56.08
CA ILE J 122 -20.35 -23.26 -54.65
C ILE J 122 -19.72 -22.05 -53.97
N GLU J 123 -20.16 -21.77 -52.76
CA GLU J 123 -19.61 -20.63 -52.04
C GLU J 123 -18.61 -21.11 -50.99
N VAL J 124 -17.41 -20.54 -51.06
CA VAL J 124 -16.25 -20.98 -50.29
C VAL J 124 -15.76 -19.82 -49.43
N GLU J 125 -15.22 -20.14 -48.27
CA GLU J 125 -14.56 -19.17 -47.41
C GLU J 125 -13.09 -19.53 -47.28
N TYR J 126 -12.23 -18.53 -47.32
CA TYR J 126 -10.82 -18.75 -47.02
C TYR J 126 -10.35 -17.83 -45.90
N MET K 1 -28.12 -32.76 -77.17
CA MET K 1 -26.80 -33.08 -77.67
C MET K 1 -26.03 -33.95 -76.70
N LYS K 2 -25.67 -35.15 -77.14
CA LYS K 2 -24.85 -36.05 -76.34
C LYS K 2 -23.39 -35.89 -76.73
N GLN K 3 -22.50 -36.13 -75.77
CA GLN K 3 -21.07 -36.13 -76.03
C GLN K 3 -20.35 -36.80 -74.88
N LYS K 4 -19.06 -37.04 -75.08
CA LYS K 4 -18.18 -37.59 -74.05
C LYS K 4 -17.17 -36.53 -73.62
N VAL K 5 -17.02 -36.38 -72.30
CA VAL K 5 -16.15 -35.35 -71.74
C VAL K 5 -15.23 -35.98 -70.70
N HIS K 6 -14.01 -35.47 -70.62
CA HIS K 6 -13.12 -35.77 -69.51
C HIS K 6 -13.49 -34.91 -68.32
N SER K 7 -13.57 -35.53 -67.14
CA SER K 7 -14.08 -34.84 -65.96
C SER K 7 -13.13 -34.83 -64.78
N VAL K 8 -11.97 -35.49 -64.88
CA VAL K 8 -11.03 -35.57 -63.76
C VAL K 8 -9.72 -34.96 -64.21
N SER K 9 -9.28 -33.93 -63.50
CA SER K 9 -8.15 -33.11 -63.88
C SER K 9 -7.13 -33.08 -62.74
N TYR K 10 -5.86 -33.17 -63.09
CA TYR K 10 -4.77 -33.16 -62.12
C TYR K 10 -3.75 -32.11 -62.51
N LEU K 11 -3.29 -31.36 -61.53
CA LEU K 11 -2.15 -30.47 -61.69
C LEU K 11 -0.95 -31.07 -60.96
N ALA K 12 0.14 -31.28 -61.69
CA ALA K 12 1.38 -31.79 -61.12
C ALA K 12 2.41 -30.67 -61.12
N LYS K 13 2.93 -30.36 -59.94
CA LYS K 13 3.97 -29.36 -59.77
C LYS K 13 5.26 -30.05 -59.38
N ALA K 14 6.37 -29.63 -59.98
CA ALA K 14 7.65 -30.26 -59.70
C ALA K 14 8.77 -29.23 -59.76
N GLU K 15 9.57 -29.17 -58.69
CA GLU K 15 10.71 -28.27 -58.62
C GLU K 15 12.00 -29.02 -58.93
N PHE K 16 12.91 -28.36 -59.65
CA PHE K 16 14.25 -28.85 -59.88
C PHE K 16 15.20 -27.67 -59.79
N LYS K 17 16.51 -27.97 -59.70
CA LYS K 17 17.47 -27.01 -59.20
C LYS K 17 18.48 -26.53 -60.25
N PHE K 18 18.17 -26.66 -61.54
CA PHE K 18 18.97 -26.05 -62.61
C PHE K 18 20.45 -26.45 -62.53
N ASN K 19 20.71 -27.70 -62.19
CA ASN K 19 22.04 -28.29 -62.29
C ASN K 19 22.02 -29.33 -63.38
N ASN K 20 23.06 -29.33 -64.22
CA ASN K 20 23.12 -30.18 -65.41
C ASN K 20 22.65 -31.59 -65.11
N GLY K 21 21.70 -32.05 -65.91
CA GLY K 21 21.10 -33.35 -65.72
C GLY K 21 19.70 -33.38 -66.28
N VAL K 22 19.11 -34.58 -66.23
CA VAL K 22 17.76 -34.82 -66.73
C VAL K 22 16.89 -35.22 -65.54
N TYR K 23 15.86 -34.43 -65.28
CA TYR K 23 15.04 -34.59 -64.10
C TYR K 23 13.70 -35.21 -64.46
N ASN K 24 13.35 -36.31 -63.79
CA ASN K 24 12.07 -36.96 -64.03
C ASN K 24 11.00 -36.20 -63.26
N LEU K 25 10.30 -35.30 -63.94
CA LEU K 25 9.43 -34.35 -63.28
C LEU K 25 8.01 -34.87 -63.10
N VAL K 26 7.32 -35.17 -64.20
CA VAL K 26 5.88 -35.44 -64.16
C VAL K 26 5.59 -36.79 -64.79
N ALA K 27 4.66 -37.53 -64.20
CA ALA K 27 4.27 -38.84 -64.71
C ALA K 27 2.86 -38.75 -65.28
N LEU K 28 2.74 -38.98 -66.59
CA LEU K 28 1.47 -38.95 -67.29
C LEU K 28 0.95 -40.36 -67.50
N PRO K 29 -0.30 -40.64 -67.18
CA PRO K 29 -0.88 -41.94 -67.54
C PRO K 29 -1.16 -42.00 -69.03
N SER K 30 -1.36 -43.22 -69.53
CA SER K 30 -1.77 -43.38 -70.91
C SER K 30 -3.21 -42.92 -71.08
N GLY K 31 -3.44 -42.09 -72.08
CA GLY K 31 -4.73 -41.45 -72.25
C GLY K 31 -4.86 -40.09 -71.61
N ALA K 32 -3.83 -39.64 -70.90
CA ALA K 32 -3.88 -38.33 -70.26
C ALA K 32 -3.86 -37.24 -71.32
N GLU K 33 -4.62 -36.19 -71.08
CA GLU K 33 -4.73 -35.06 -71.98
C GLU K 33 -4.03 -33.87 -71.34
N VAL K 34 -2.84 -33.55 -71.83
CA VAL K 34 -2.07 -32.43 -71.32
C VAL K 34 -2.65 -31.15 -71.91
N VAL K 35 -3.24 -30.32 -71.05
CA VAL K 35 -3.82 -29.05 -71.50
C VAL K 35 -3.00 -27.84 -71.09
N LYS K 36 -2.00 -28.00 -70.22
CA LYS K 36 -1.11 -26.87 -69.98
C LYS K 36 0.23 -27.36 -69.45
N VAL K 37 1.31 -26.76 -69.93
CA VAL K 37 2.65 -27.02 -69.43
C VAL K 37 3.38 -25.69 -69.32
N SER K 38 3.73 -25.29 -68.10
CA SER K 38 4.39 -24.02 -67.87
C SER K 38 5.63 -24.21 -67.00
N LEU K 39 6.61 -23.35 -67.23
CA LEU K 39 7.85 -23.35 -66.48
C LEU K 39 8.08 -21.96 -65.88
N GLU K 40 8.54 -21.95 -64.64
CA GLU K 40 8.82 -20.73 -63.90
C GLU K 40 10.26 -20.76 -63.42
N VAL K 41 10.98 -19.67 -63.65
CA VAL K 41 12.39 -19.55 -63.27
C VAL K 41 12.42 -18.74 -61.98
N VAL K 42 12.38 -19.44 -60.84
CA VAL K 42 12.46 -18.79 -59.54
C VAL K 42 13.92 -18.49 -59.24
N GLY K 43 14.21 -17.23 -58.94
CA GLY K 43 15.57 -16.79 -58.71
C GLY K 43 16.00 -15.76 -59.72
N ASN K 44 17.22 -15.27 -59.54
CA ASN K 44 17.79 -14.20 -60.35
C ASN K 44 18.98 -14.73 -61.14
N PRO K 45 18.76 -15.17 -62.36
CA PRO K 45 19.89 -15.56 -63.21
C PRO K 45 20.74 -14.37 -63.60
N ILE K 46 21.99 -14.36 -63.14
CA ILE K 46 22.91 -13.29 -63.49
C ILE K 46 23.18 -13.31 -65.00
N ALA K 47 23.68 -12.19 -65.51
CA ALA K 47 24.14 -12.16 -66.89
C ALA K 47 25.35 -13.07 -67.04
N THR K 48 25.85 -13.22 -68.27
CA THR K 48 26.87 -14.23 -68.58
C THR K 48 26.41 -15.62 -68.14
N SER K 49 25.13 -15.90 -68.37
CA SER K 49 24.53 -17.18 -68.04
C SER K 49 24.24 -17.92 -69.34
N THR K 50 24.69 -19.18 -69.41
CA THR K 50 24.51 -20.00 -70.60
C THR K 50 23.61 -21.19 -70.34
N THR K 51 23.05 -21.31 -69.13
CA THR K 51 22.19 -22.43 -68.82
C THR K 51 20.96 -22.44 -69.71
N SER K 52 20.66 -23.59 -70.29
CA SER K 52 19.49 -23.78 -71.13
C SER K 52 18.71 -24.98 -70.63
N VAL K 53 17.39 -24.85 -70.63
CA VAL K 53 16.49 -25.88 -70.11
C VAL K 53 15.51 -26.28 -71.20
N SER K 54 15.40 -27.57 -71.46
CA SER K 54 14.37 -28.11 -72.33
C SER K 54 13.43 -28.98 -71.52
N VAL K 55 12.17 -28.99 -71.92
CA VAL K 55 11.14 -29.78 -71.28
C VAL K 55 10.51 -30.67 -72.34
N GLY K 56 10.66 -31.98 -72.17
CA GLY K 56 10.17 -32.95 -73.13
C GLY K 56 9.88 -34.27 -72.46
N PHE K 57 10.06 -35.36 -73.19
CA PHE K 57 9.74 -36.69 -72.71
C PHE K 57 11.01 -37.51 -72.49
N GLU K 58 10.97 -38.38 -71.48
CA GLU K 58 12.10 -39.23 -71.19
C GLU K 58 12.40 -40.19 -72.34
N ASP K 59 11.36 -40.72 -72.98
CA ASP K 59 11.55 -41.74 -74.00
C ASP K 59 12.03 -41.17 -75.33
N GLU K 60 11.79 -39.89 -75.60
CA GLU K 60 12.24 -39.32 -76.85
C GLU K 60 13.74 -39.06 -76.82
N THR K 61 14.28 -38.63 -77.95
CA THR K 61 15.72 -38.48 -78.10
C THR K 61 16.19 -37.05 -77.80
N THR K 62 15.41 -36.04 -78.15
CA THR K 62 15.73 -34.65 -77.86
C THR K 62 14.65 -34.12 -76.94
N LYS K 63 14.99 -33.91 -75.67
CA LYS K 63 14.01 -33.72 -74.61
C LYS K 63 13.45 -32.29 -74.59
N ASN K 64 12.91 -31.86 -75.73
CA ASN K 64 12.41 -30.50 -75.86
C ASN K 64 11.06 -30.48 -76.55
N TYR K 65 10.22 -31.47 -76.27
CA TYR K 65 8.91 -31.51 -76.94
C TYR K 65 8.04 -30.34 -76.50
N PHE K 66 8.12 -29.96 -75.23
CA PHE K 66 7.24 -28.94 -74.69
C PHE K 66 7.86 -27.56 -74.69
N LEU K 67 9.05 -27.40 -74.13
CA LEU K 67 9.59 -26.07 -73.95
C LEU K 67 11.09 -26.04 -74.22
N THR K 68 11.56 -24.92 -74.75
CA THR K 68 12.97 -24.57 -74.76
C THR K 68 13.14 -23.22 -74.11
N LEU K 69 14.22 -23.06 -73.34
CA LEU K 69 14.42 -21.83 -72.59
C LEU K 69 15.92 -21.60 -72.46
N ASP K 70 16.44 -20.64 -73.21
CA ASP K 70 17.86 -20.31 -73.18
C ASP K 70 18.04 -18.80 -73.11
N ASN K 71 19.27 -18.38 -72.84
CA ASN K 71 19.61 -16.97 -72.68
C ASN K 71 18.72 -16.32 -71.62
N LEU K 72 18.81 -16.86 -70.40
CA LEU K 72 17.95 -16.41 -69.31
C LEU K 72 18.20 -14.97 -68.90
N ALA K 73 19.23 -14.32 -69.43
CA ALA K 73 19.56 -12.96 -69.07
C ALA K 73 19.22 -11.93 -70.15
N VAL K 74 18.95 -12.37 -71.38
CA VAL K 74 18.69 -11.44 -72.47
C VAL K 74 17.44 -10.61 -72.18
N ASP K 75 16.37 -11.25 -71.73
CA ASP K 75 15.18 -10.55 -71.27
C ASP K 75 14.68 -11.34 -70.06
N ASP K 76 14.86 -10.76 -68.87
CA ASP K 76 14.53 -11.46 -67.64
C ASP K 76 13.04 -11.57 -67.41
N ALA K 77 12.24 -10.72 -68.05
CA ALA K 77 10.79 -10.73 -67.83
C ALA K 77 10.09 -11.79 -68.69
N SER K 78 10.34 -11.77 -70.00
CA SER K 78 9.70 -12.72 -70.89
C SER K 78 10.15 -14.15 -70.64
N LYS K 79 11.22 -14.34 -69.87
CA LYS K 79 11.81 -15.66 -69.69
C LYS K 79 11.70 -16.17 -68.27
N LYS K 80 10.99 -15.46 -67.39
CA LYS K 80 10.74 -16.00 -66.07
C LYS K 80 9.60 -17.01 -66.09
N HIS K 81 8.55 -16.71 -66.86
CA HIS K 81 7.43 -17.62 -67.03
C HIS K 81 7.30 -17.95 -68.50
N THR K 82 7.11 -19.23 -68.81
CA THR K 82 6.99 -19.67 -70.19
C THR K 82 5.99 -20.81 -70.27
N THR K 83 4.97 -20.64 -71.11
CA THR K 83 3.93 -21.64 -71.29
C THR K 83 4.09 -22.26 -72.67
N SER K 84 4.10 -23.60 -72.73
CA SER K 84 4.21 -24.27 -74.00
C SER K 84 2.91 -24.18 -74.78
N ALA K 85 3.02 -24.19 -76.10
CA ALA K 85 1.85 -24.14 -76.96
C ALA K 85 1.25 -25.52 -77.21
N LYS K 86 2.07 -26.56 -77.24
CA LYS K 86 1.57 -27.87 -77.62
C LYS K 86 0.69 -28.47 -76.54
N ASP K 87 -0.50 -28.90 -76.94
CA ASP K 87 -1.26 -29.84 -76.13
C ASP K 87 -0.90 -31.26 -76.56
N TYR K 88 -1.14 -32.21 -75.67
CA TYR K 88 -0.67 -33.56 -75.88
C TYR K 88 -1.68 -34.55 -75.33
N THR K 89 -1.84 -35.67 -76.01
CA THR K 89 -2.59 -36.81 -75.50
C THR K 89 -1.62 -37.96 -75.33
N ALA K 90 -1.45 -38.42 -74.09
CA ALA K 90 -0.48 -39.46 -73.80
C ALA K 90 -1.00 -40.80 -74.30
N THR K 91 -0.25 -41.44 -75.18
CA THR K 91 -0.61 -42.76 -75.69
C THR K 91 0.11 -43.88 -74.94
N SER K 92 1.07 -43.54 -74.09
CA SER K 92 1.68 -44.52 -73.19
C SER K 92 1.79 -43.88 -71.81
N ASN K 93 2.45 -44.55 -70.88
CA ASN K 93 2.80 -43.91 -69.62
C ASN K 93 4.04 -43.07 -69.85
N LYS K 94 3.88 -41.75 -69.81
CA LYS K 94 4.96 -40.84 -70.16
C LYS K 94 5.63 -40.28 -68.93
N VAL K 95 6.89 -39.88 -69.09
CA VAL K 95 7.63 -39.16 -68.07
C VAL K 95 8.09 -37.84 -68.69
N VAL K 96 7.46 -36.75 -68.28
CA VAL K 96 7.87 -35.41 -68.67
C VAL K 96 9.11 -35.04 -67.86
N VAL K 97 10.21 -34.79 -68.56
CA VAL K 97 11.50 -34.52 -67.96
C VAL K 97 11.97 -33.14 -68.40
N ALA K 98 12.90 -32.59 -67.61
CA ALA K 98 13.61 -31.37 -67.95
C ALA K 98 15.08 -31.70 -68.08
N GLU K 99 15.67 -31.35 -69.21
CA GLU K 99 17.10 -31.48 -69.43
C GLU K 99 17.72 -30.09 -69.39
N VAL K 100 18.57 -29.86 -68.40
CA VAL K 100 19.31 -28.61 -68.28
C VAL K 100 20.76 -28.87 -68.67
N LYS K 101 21.32 -27.94 -69.44
CA LYS K 101 22.71 -28.05 -69.83
C LYS K 101 23.37 -26.67 -69.78
N ASN K 102 24.68 -26.66 -69.57
CA ASN K 102 25.49 -25.45 -69.50
C ASN K 102 25.13 -24.60 -68.28
N ALA K 103 24.73 -25.26 -67.19
CA ALA K 103 24.35 -24.55 -65.98
C ALA K 103 25.55 -23.82 -65.41
N ASN K 104 25.48 -22.50 -65.37
CA ASN K 104 26.54 -21.69 -64.77
C ASN K 104 25.94 -20.60 -63.88
N ASP K 105 24.72 -20.82 -63.41
CA ASP K 105 24.05 -19.88 -62.52
C ASP K 105 24.18 -20.35 -61.08
N ASN K 106 23.48 -19.68 -60.17
CA ASN K 106 23.57 -19.97 -58.75
C ASN K 106 22.19 -19.89 -58.13
N ASN K 107 21.83 -20.93 -57.38
CA ASN K 107 20.53 -21.09 -56.72
C ASN K 107 19.37 -20.63 -57.60
N VAL K 108 19.44 -20.92 -58.89
CA VAL K 108 18.32 -20.71 -59.78
C VAL K 108 17.50 -21.98 -59.84
N LYS K 109 16.19 -21.84 -59.76
CA LYS K 109 15.28 -22.96 -59.57
C LYS K 109 14.24 -22.94 -60.68
N GLY K 110 13.80 -24.13 -61.07
CA GLY K 110 12.72 -24.28 -62.04
C GLY K 110 11.53 -24.95 -61.38
N VAL K 111 10.35 -24.39 -61.63
CA VAL K 111 9.09 -24.99 -61.21
C VAL K 111 8.31 -25.31 -62.48
N LEU K 112 8.04 -26.59 -62.69
CA LEU K 112 7.24 -27.04 -63.82
C LEU K 112 5.83 -27.37 -63.32
N ARG K 113 4.84 -26.79 -63.97
CA ARG K 113 3.44 -27.06 -63.69
C ARG K 113 2.81 -27.70 -64.91
N VAL K 114 2.12 -28.81 -64.71
CA VAL K 114 1.49 -29.55 -65.79
C VAL K 114 0.05 -29.81 -65.41
N LEU K 115 -0.87 -29.24 -66.19
CA LEU K 115 -2.29 -29.48 -66.02
C LEU K 115 -2.73 -30.48 -67.08
N TYR K 116 -3.26 -31.62 -66.63
CA TYR K 116 -3.68 -32.67 -67.55
C TYR K 116 -4.96 -33.33 -67.06
N PHE K 117 -5.82 -33.70 -68.00
CA PHE K 117 -7.04 -34.43 -67.69
C PHE K 117 -6.80 -35.92 -67.81
N LEU K 118 -7.51 -36.69 -67.01
CA LEU K 118 -7.36 -38.13 -66.99
C LEU K 118 -8.11 -38.76 -68.15
N PRO K 119 -7.78 -40.00 -68.51
CA PRO K 119 -8.41 -40.63 -69.69
C PRO K 119 -9.89 -40.95 -69.53
N SER K 120 -10.44 -40.97 -68.33
CA SER K 120 -11.79 -41.45 -68.14
C SER K 120 -12.81 -40.42 -68.63
N VAL K 121 -13.78 -40.88 -69.41
CA VAL K 121 -14.80 -40.02 -69.99
C VAL K 121 -16.15 -40.33 -69.35
N ILE K 122 -17.06 -39.37 -69.44
CA ILE K 122 -18.45 -39.55 -69.06
C ILE K 122 -19.31 -38.97 -70.17
N GLU K 123 -20.59 -39.34 -70.15
CA GLU K 123 -21.57 -38.89 -71.13
C GLU K 123 -22.34 -37.70 -70.60
N VAL K 124 -22.44 -36.65 -71.40
CA VAL K 124 -23.22 -35.46 -71.07
C VAL K 124 -24.27 -35.26 -72.14
N GLU K 125 -25.45 -34.80 -71.72
CA GLU K 125 -26.57 -34.51 -72.62
C GLU K 125 -27.07 -33.11 -72.30
N TYR K 126 -27.07 -32.23 -73.30
CA TYR K 126 -27.49 -30.85 -73.06
C TYR K 126 -28.74 -30.48 -73.86
N MET L 1 5.49 -45.47 -61.10
CA MET L 1 5.76 -44.05 -60.88
C MET L 1 4.79 -43.46 -59.89
N LYS L 2 5.30 -42.99 -58.77
CA LYS L 2 4.51 -42.31 -57.76
C LYS L 2 4.68 -40.81 -57.91
N GLN L 3 3.60 -40.06 -57.67
CA GLN L 3 3.72 -38.61 -57.57
C GLN L 3 2.60 -38.09 -56.69
N LYS L 4 2.64 -36.79 -56.43
CA LYS L 4 1.58 -36.10 -55.73
C LYS L 4 1.03 -34.99 -56.62
N VAL L 5 -0.28 -34.95 -56.74
CA VAL L 5 -0.94 -34.03 -57.66
C VAL L 5 -2.07 -33.33 -56.93
N HIS L 6 -2.42 -32.15 -57.44
CA HIS L 6 -3.62 -31.45 -57.00
C HIS L 6 -4.79 -31.91 -57.87
N SER L 7 -5.90 -32.24 -57.24
CA SER L 7 -7.06 -32.74 -57.96
C SER L 7 -8.29 -31.84 -57.86
N VAL L 8 -8.30 -30.88 -56.95
CA VAL L 8 -9.41 -29.94 -56.83
C VAL L 8 -9.00 -28.63 -57.50
N SER L 9 -9.91 -28.08 -58.31
CA SER L 9 -9.64 -26.83 -59.00
C SER L 9 -10.91 -26.03 -59.07
N TYR L 10 -10.77 -24.72 -59.00
CA TYR L 10 -11.89 -23.80 -58.98
C TYR L 10 -11.68 -22.73 -60.04
N LEU L 11 -12.79 -22.17 -60.49
CA LEU L 11 -12.76 -20.98 -61.35
C LEU L 11 -13.55 -19.89 -60.64
N ALA L 12 -12.89 -18.79 -60.34
CA ALA L 12 -13.52 -17.62 -59.78
C ALA L 12 -13.74 -16.61 -60.89
N LYS L 13 -14.95 -16.08 -60.97
CA LYS L 13 -15.33 -15.11 -61.99
C LYS L 13 -15.83 -13.86 -61.29
N ALA L 14 -15.11 -12.75 -61.49
CA ALA L 14 -15.46 -11.48 -60.84
C ALA L 14 -15.66 -10.41 -61.90
N GLU L 15 -16.54 -9.48 -61.61
CA GLU L 15 -16.84 -8.38 -62.51
C GLU L 15 -16.61 -7.05 -61.79
N PHE L 16 -16.05 -6.08 -62.52
CA PHE L 16 -15.84 -4.76 -61.95
C PHE L 16 -16.06 -3.70 -63.02
N LYS L 17 -16.35 -2.48 -62.56
CA LYS L 17 -17.04 -1.47 -63.36
C LYS L 17 -16.12 -0.56 -64.16
N PHE L 18 -14.80 -0.65 -63.98
CA PHE L 18 -13.82 0.19 -64.67
C PHE L 18 -13.88 1.65 -64.21
N ASN L 19 -14.34 1.90 -63.00
CA ASN L 19 -14.12 3.20 -62.39
C ASN L 19 -12.81 3.16 -61.59
N ASN L 20 -12.34 4.34 -61.20
CA ASN L 20 -11.12 4.41 -60.41
C ASN L 20 -11.31 3.71 -59.06
N GLY L 21 -10.23 3.16 -58.55
CA GLY L 21 -10.25 2.43 -57.30
C GLY L 21 -9.66 1.05 -57.47
N VAL L 22 -9.52 0.36 -56.33
CA VAL L 22 -9.07 -1.01 -56.29
C VAL L 22 -10.26 -1.89 -55.93
N TYR L 23 -10.35 -3.05 -56.57
CA TYR L 23 -11.48 -3.95 -56.40
C TYR L 23 -10.98 -5.30 -55.92
N ASN L 24 -11.51 -5.76 -54.79
CA ASN L 24 -11.18 -7.07 -54.25
C ASN L 24 -11.90 -8.11 -55.08
N LEU L 25 -11.20 -8.70 -56.04
CA LEU L 25 -11.85 -9.55 -57.04
C LEU L 25 -11.93 -11.00 -56.60
N VAL L 26 -10.79 -11.64 -56.35
CA VAL L 26 -10.74 -13.07 -56.11
C VAL L 26 -9.98 -13.36 -54.83
N ALA L 27 -10.53 -14.22 -53.98
CA ALA L 27 -9.83 -14.65 -52.77
C ALA L 27 -9.12 -15.97 -53.04
N LEU L 28 -7.88 -16.07 -52.58
CA LEU L 28 -7.07 -17.25 -52.78
C LEU L 28 -6.68 -17.85 -51.44
N PRO L 29 -6.83 -19.16 -51.26
CA PRO L 29 -6.34 -19.79 -50.04
C PRO L 29 -4.83 -19.94 -50.08
N SER L 30 -4.27 -20.17 -48.89
CA SER L 30 -2.85 -20.49 -48.81
C SER L 30 -2.58 -21.81 -49.50
N GLY L 31 -1.52 -21.85 -50.29
CA GLY L 31 -1.18 -23.05 -51.03
C GLY L 31 -1.88 -23.18 -52.36
N ALA L 32 -2.79 -22.27 -52.70
CA ALA L 32 -3.46 -22.31 -53.98
C ALA L 32 -2.45 -22.30 -55.10
N GLU L 33 -2.86 -22.84 -56.24
CA GLU L 33 -2.01 -22.98 -57.42
C GLU L 33 -2.73 -22.27 -58.55
N VAL L 34 -2.39 -21.01 -58.77
CA VAL L 34 -3.05 -20.21 -59.79
C VAL L 34 -2.46 -20.59 -61.14
N VAL L 35 -3.27 -21.18 -62.00
CA VAL L 35 -2.80 -21.62 -63.30
C VAL L 35 -3.29 -20.73 -64.43
N LYS L 36 -4.39 -19.99 -64.25
CA LYS L 36 -4.85 -19.15 -65.34
C LYS L 36 -5.48 -17.88 -64.78
N VAL L 37 -5.04 -16.73 -65.28
CA VAL L 37 -5.61 -15.44 -64.92
C VAL L 37 -5.87 -14.67 -66.21
N SER L 38 -7.13 -14.36 -66.47
CA SER L 38 -7.49 -13.67 -67.70
C SER L 38 -8.44 -12.52 -67.39
N LEU L 39 -8.32 -11.46 -68.19
CA LEU L 39 -9.16 -10.28 -68.07
C LEU L 39 -9.80 -10.02 -69.42
N GLU L 40 -11.11 -9.81 -69.42
CA GLU L 40 -11.88 -9.52 -70.61
C GLU L 40 -12.55 -8.18 -70.45
N VAL L 41 -12.54 -7.38 -71.52
CA VAL L 41 -13.12 -6.05 -71.51
C VAL L 41 -14.49 -6.15 -72.19
N VAL L 42 -15.54 -6.00 -71.39
CA VAL L 42 -16.92 -6.05 -71.88
C VAL L 42 -17.37 -4.61 -72.08
N GLY L 43 -17.42 -4.19 -73.34
CA GLY L 43 -17.81 -2.83 -73.66
C GLY L 43 -16.96 -2.28 -74.79
N ASN L 44 -17.38 -1.13 -75.34
CA ASN L 44 -16.65 -0.51 -76.44
C ASN L 44 -15.87 0.68 -75.91
N PRO L 45 -14.58 0.55 -75.64
CA PRO L 45 -13.81 1.72 -75.19
C PRO L 45 -13.49 2.64 -76.35
N ILE L 46 -14.20 3.77 -76.41
CA ILE L 46 -14.06 4.73 -77.50
C ILE L 46 -12.68 5.38 -77.45
N ALA L 47 -12.31 6.08 -78.51
CA ALA L 47 -11.10 6.88 -78.48
C ALA L 47 -11.20 7.93 -77.38
N THR L 48 -10.07 8.57 -77.10
CA THR L 48 -9.93 9.44 -75.93
C THR L 48 -10.19 8.63 -74.66
N SER L 49 -9.32 7.64 -74.44
CA SER L 49 -9.49 6.67 -73.36
C SER L 49 -8.16 6.50 -72.63
N THR L 50 -8.01 7.20 -71.52
CA THR L 50 -6.83 7.09 -70.67
C THR L 50 -6.91 5.90 -69.72
N THR L 51 -8.01 5.16 -69.73
CA THR L 51 -8.25 4.11 -68.73
C THR L 51 -7.13 3.07 -68.79
N SER L 52 -6.57 2.76 -67.62
CA SER L 52 -5.54 1.75 -67.50
C SER L 52 -5.84 0.88 -66.29
N VAL L 53 -5.96 -0.43 -66.52
CA VAL L 53 -6.29 -1.39 -65.49
C VAL L 53 -5.06 -2.26 -65.23
N SER L 54 -4.97 -2.75 -64.01
CA SER L 54 -3.93 -3.74 -63.71
C SER L 54 -4.50 -4.74 -62.71
N VAL L 55 -4.08 -6.00 -62.87
CA VAL L 55 -4.50 -7.08 -61.99
C VAL L 55 -3.26 -7.55 -61.22
N GLY L 56 -3.38 -7.57 -59.92
CA GLY L 56 -2.26 -7.92 -59.05
C GLY L 56 -2.78 -8.35 -57.72
N PHE L 57 -1.95 -8.19 -56.70
CA PHE L 57 -2.29 -8.61 -55.34
C PHE L 57 -2.61 -7.41 -54.47
N GLU L 58 -3.45 -7.65 -53.46
CA GLU L 58 -3.81 -6.61 -52.50
C GLU L 58 -2.62 -6.15 -51.68
N ASP L 59 -1.57 -6.96 -51.59
CA ASP L 59 -0.45 -6.66 -50.71
C ASP L 59 0.53 -5.70 -51.35
N GLU L 60 0.91 -5.96 -52.60
CA GLU L 60 1.96 -5.19 -53.24
C GLU L 60 1.54 -3.72 -53.38
N THR L 61 2.52 -2.88 -53.71
CA THR L 61 2.26 -1.47 -53.94
C THR L 61 1.99 -1.16 -55.39
N THR L 62 2.65 -1.86 -56.31
CA THR L 62 2.34 -1.79 -57.73
C THR L 62 1.49 -3.01 -58.07
N LYS L 63 0.16 -2.84 -57.98
CA LYS L 63 -0.77 -3.96 -58.07
C LYS L 63 -0.94 -4.41 -59.53
N ASN L 64 0.17 -4.83 -60.12
CA ASN L 64 0.17 -5.30 -61.50
C ASN L 64 1.04 -6.55 -61.64
N TYR L 65 0.96 -7.44 -60.65
CA TYR L 65 1.74 -8.69 -60.75
C TYR L 65 1.26 -9.55 -61.90
N PHE L 66 -0.06 -9.69 -62.04
CA PHE L 66 -0.64 -10.62 -63.00
C PHE L 66 -0.76 -10.00 -64.39
N LEU L 67 -1.45 -8.87 -64.49
CA LEU L 67 -1.72 -8.25 -65.78
C LEU L 67 -1.63 -6.75 -65.68
N THR L 68 -1.39 -6.12 -66.82
CA THR L 68 -1.52 -4.68 -66.93
C THR L 68 -1.99 -4.36 -68.35
N LEU L 69 -3.11 -3.65 -68.45
CA LEU L 69 -3.76 -3.35 -69.71
C LEU L 69 -4.03 -1.85 -69.77
N ASP L 70 -3.28 -1.13 -70.60
CA ASP L 70 -3.47 0.30 -70.77
C ASP L 70 -3.79 0.61 -72.22
N ASN L 71 -4.15 1.87 -72.46
CA ASN L 71 -4.47 2.41 -73.79
C ASN L 71 -5.43 1.49 -74.55
N LEU L 72 -6.66 1.45 -74.03
CA LEU L 72 -7.70 0.54 -74.49
C LEU L 72 -8.22 0.84 -75.88
N ALA L 73 -7.60 1.75 -76.64
CA ALA L 73 -8.11 2.12 -77.95
C ALA L 73 -7.12 1.89 -79.08
N VAL L 74 -5.90 1.43 -78.79
CA VAL L 74 -4.89 1.29 -79.84
C VAL L 74 -5.30 0.24 -80.86
N ASP L 75 -5.58 -0.98 -80.39
CA ASP L 75 -6.09 -2.03 -81.28
C ASP L 75 -6.93 -2.96 -80.41
N ASP L 76 -8.25 -2.79 -80.48
CA ASP L 76 -9.15 -3.50 -79.57
C ASP L 76 -9.14 -5.00 -79.82
N ALA L 77 -8.69 -5.44 -81.00
CA ALA L 77 -8.67 -6.88 -81.28
C ALA L 77 -7.72 -7.61 -80.33
N SER L 78 -6.64 -6.95 -79.94
CA SER L 78 -5.65 -7.54 -79.05
C SER L 78 -5.80 -7.09 -77.61
N LYS L 79 -6.87 -6.35 -77.29
CA LYS L 79 -7.04 -5.80 -75.96
C LYS L 79 -8.36 -6.18 -75.30
N LYS L 80 -9.31 -6.77 -76.04
CA LYS L 80 -10.53 -7.24 -75.40
C LYS L 80 -10.25 -8.38 -74.44
N HIS L 81 -9.22 -9.17 -74.70
CA HIS L 81 -8.87 -10.30 -73.87
C HIS L 81 -7.37 -10.28 -73.61
N THR L 82 -6.98 -10.53 -72.37
CA THR L 82 -5.56 -10.56 -72.02
C THR L 82 -5.36 -11.57 -70.90
N THR L 83 -4.46 -12.51 -71.10
CA THR L 83 -4.23 -13.56 -70.13
C THR L 83 -2.86 -13.37 -69.49
N SER L 84 -2.80 -13.65 -68.19
CA SER L 84 -1.54 -13.51 -67.47
C SER L 84 -0.57 -14.60 -67.89
N ALA L 85 0.68 -14.21 -68.14
CA ALA L 85 1.72 -15.16 -68.46
C ALA L 85 2.27 -15.88 -67.23
N LYS L 86 1.86 -15.47 -66.04
CA LYS L 86 2.45 -15.94 -64.80
C LYS L 86 1.53 -16.94 -64.10
N ASP L 87 2.12 -17.99 -63.55
CA ASP L 87 1.46 -18.84 -62.58
C ASP L 87 1.99 -18.51 -61.19
N TYR L 88 1.18 -18.80 -60.18
CA TYR L 88 1.45 -18.32 -58.84
C TYR L 88 1.08 -19.37 -57.81
N THR L 89 1.95 -19.56 -56.84
CA THR L 89 1.68 -20.41 -55.69
C THR L 89 1.50 -19.53 -54.48
N ALA L 90 0.31 -19.59 -53.87
CA ALA L 90 -0.02 -18.73 -52.75
C ALA L 90 0.66 -19.25 -51.49
N THR L 91 1.52 -18.42 -50.89
CA THR L 91 2.11 -18.74 -49.61
C THR L 91 1.23 -18.36 -48.43
N SER L 92 0.17 -17.60 -48.68
CA SER L 92 -0.78 -17.21 -47.65
C SER L 92 -2.08 -16.87 -48.34
N ASN L 93 -3.12 -16.67 -47.54
CA ASN L 93 -4.39 -16.24 -48.10
C ASN L 93 -4.21 -14.93 -48.85
N LYS L 94 -4.33 -14.98 -50.17
CA LYS L 94 -4.08 -13.81 -51.01
C LYS L 94 -5.41 -13.25 -51.51
N VAL L 95 -5.33 -12.07 -52.12
CA VAL L 95 -6.48 -11.40 -52.70
C VAL L 95 -6.06 -10.79 -54.03
N VAL L 96 -6.54 -11.36 -55.13
CA VAL L 96 -6.31 -10.81 -56.45
C VAL L 96 -7.25 -9.62 -56.64
N VAL L 97 -6.66 -8.45 -56.87
CA VAL L 97 -7.39 -7.21 -57.05
C VAL L 97 -7.11 -6.65 -58.43
N ALA L 98 -7.99 -5.75 -58.86
CA ALA L 98 -7.77 -4.91 -60.02
C ALA L 98 -7.77 -3.47 -59.56
N GLU L 99 -6.85 -2.68 -60.10
CA GLU L 99 -6.83 -1.25 -59.89
C GLU L 99 -6.95 -0.55 -61.23
N VAL L 100 -7.94 0.34 -61.33
CA VAL L 100 -8.21 1.13 -62.52
C VAL L 100 -7.81 2.56 -62.22
N LYS L 101 -7.10 3.19 -63.15
CA LYS L 101 -6.75 4.58 -62.99
C LYS L 101 -6.80 5.28 -64.34
N ASN L 102 -7.09 6.58 -64.28
CA ASN L 102 -7.32 7.41 -65.48
C ASN L 102 -8.57 6.98 -66.22
N ALA L 103 -9.59 6.60 -65.47
CA ALA L 103 -10.81 6.05 -66.06
C ALA L 103 -11.68 7.17 -66.61
N ASN L 104 -11.84 7.18 -67.93
CA ASN L 104 -12.77 8.09 -68.59
C ASN L 104 -13.79 7.35 -69.45
N ASP L 105 -13.49 6.13 -69.88
CA ASP L 105 -14.46 5.34 -70.64
C ASP L 105 -15.72 5.10 -69.83
N ASN L 106 -16.85 5.14 -70.50
CA ASN L 106 -18.14 4.95 -69.86
C ASN L 106 -18.75 3.60 -70.25
N ASN L 107 -19.51 3.03 -69.33
CA ASN L 107 -20.21 1.75 -69.50
C ASN L 107 -19.28 0.62 -69.93
N VAL L 108 -17.98 0.77 -69.72
CA VAL L 108 -17.01 -0.28 -70.01
C VAL L 108 -16.78 -1.08 -68.73
N LYS L 109 -16.63 -2.40 -68.86
CA LYS L 109 -16.59 -3.29 -67.73
C LYS L 109 -15.45 -4.29 -67.90
N GLY L 110 -15.02 -4.87 -66.80
CA GLY L 110 -13.98 -5.89 -66.84
C GLY L 110 -14.43 -7.14 -66.12
N VAL L 111 -14.14 -8.28 -66.73
CA VAL L 111 -14.38 -9.60 -66.14
C VAL L 111 -13.04 -10.26 -65.91
N LEU L 112 -12.76 -10.63 -64.67
CA LEU L 112 -11.56 -11.38 -64.32
C LEU L 112 -11.95 -12.84 -64.08
N ARG L 113 -11.25 -13.75 -64.75
CA ARG L 113 -11.40 -15.17 -64.51
C ARG L 113 -10.09 -15.71 -63.95
N VAL L 114 -10.18 -16.49 -62.89
CA VAL L 114 -9.03 -17.09 -62.25
C VAL L 114 -9.31 -18.57 -62.11
N LEU L 115 -8.54 -19.40 -62.80
CA LEU L 115 -8.54 -20.83 -62.59
C LEU L 115 -7.36 -21.16 -61.69
N TYR L 116 -7.66 -21.75 -60.53
CA TYR L 116 -6.63 -22.05 -59.55
C TYR L 116 -6.92 -23.39 -58.89
N PHE L 117 -5.85 -24.11 -58.55
CA PHE L 117 -5.93 -25.40 -57.92
C PHE L 117 -5.76 -25.26 -56.42
N LEU L 118 -6.46 -26.10 -55.67
CA LEU L 118 -6.48 -26.00 -54.22
C LEU L 118 -5.24 -26.67 -53.63
N PRO L 119 -4.88 -26.33 -52.38
CA PRO L 119 -3.63 -26.86 -51.83
C PRO L 119 -3.75 -28.25 -51.25
N SER L 120 -4.44 -29.15 -51.95
CA SER L 120 -4.70 -30.48 -51.43
C SER L 120 -4.14 -31.47 -52.43
N VAL L 121 -3.18 -32.25 -52.00
CA VAL L 121 -2.52 -33.21 -52.88
C VAL L 121 -3.04 -34.60 -52.58
N ILE L 122 -3.02 -35.44 -53.61
CA ILE L 122 -3.25 -36.87 -53.47
C ILE L 122 -2.11 -37.59 -54.18
N GLU L 123 -1.91 -38.84 -53.80
CA GLU L 123 -0.85 -39.66 -54.36
C GLU L 123 -1.39 -40.44 -55.55
N VAL L 124 -0.68 -40.39 -56.68
CA VAL L 124 -1.05 -41.12 -57.88
C VAL L 124 0.04 -42.15 -58.17
N GLU L 125 -0.39 -43.40 -58.36
CA GLU L 125 0.44 -44.49 -58.86
C GLU L 125 0.25 -44.58 -60.37
N TYR L 126 1.35 -44.67 -61.11
CA TYR L 126 1.28 -44.90 -62.55
C TYR L 126 2.27 -45.96 -62.96
N MET M 1 -33.07 10.22 -37.06
CA MET M 1 -32.04 11.23 -36.91
C MET M 1 -31.88 11.61 -35.45
N LYS M 2 -31.12 10.78 -34.73
CA LYS M 2 -30.86 10.97 -33.32
C LYS M 2 -29.83 12.07 -33.10
N GLN M 3 -29.93 12.73 -31.95
CA GLN M 3 -28.87 13.63 -31.54
C GLN M 3 -28.90 13.80 -30.02
N LYS M 4 -27.87 14.45 -29.51
CA LYS M 4 -27.75 14.79 -28.08
C LYS M 4 -27.71 16.31 -27.96
N VAL M 5 -28.66 16.87 -27.21
CA VAL M 5 -28.79 18.31 -27.10
C VAL M 5 -28.79 18.74 -25.64
N HIS M 6 -28.56 20.03 -25.43
CA HIS M 6 -28.60 20.65 -24.11
C HIS M 6 -29.97 21.29 -23.91
N SER M 7 -30.70 20.81 -22.92
CA SER M 7 -32.06 21.27 -22.70
C SER M 7 -32.20 22.32 -21.61
N VAL M 8 -31.18 22.50 -20.78
CA VAL M 8 -31.25 23.36 -19.61
C VAL M 8 -30.39 24.59 -19.85
N SER M 9 -30.95 25.76 -19.57
CA SER M 9 -30.30 27.03 -19.91
C SER M 9 -30.52 28.03 -18.79
N TYR M 10 -29.46 28.77 -18.44
CA TYR M 10 -29.50 29.80 -17.42
C TYR M 10 -29.06 31.14 -18.00
N LEU M 11 -29.58 32.20 -17.42
CA LEU M 11 -29.09 33.54 -17.68
C LEU M 11 -28.59 34.13 -16.37
N ALA M 12 -27.32 34.47 -16.32
CA ALA M 12 -26.73 35.16 -15.19
C ALA M 12 -26.64 36.65 -15.51
N LYS M 13 -27.07 37.48 -14.57
CA LYS M 13 -27.02 38.93 -14.73
C LYS M 13 -26.33 39.52 -13.51
N ALA M 14 -25.36 40.40 -13.75
CA ALA M 14 -24.59 40.96 -12.64
C ALA M 14 -24.25 42.41 -12.92
N GLU M 15 -24.29 43.24 -11.88
CA GLU M 15 -23.93 44.65 -11.99
C GLU M 15 -22.61 44.91 -11.30
N PHE M 16 -21.85 45.85 -11.84
CA PHE M 16 -20.65 46.36 -11.19
C PHE M 16 -20.57 47.87 -11.39
N LYS M 17 -19.86 48.53 -10.47
CA LYS M 17 -20.01 49.97 -10.29
C LYS M 17 -18.95 50.78 -11.05
N PHE M 18 -18.14 50.14 -11.88
CA PHE M 18 -17.17 50.85 -12.73
C PHE M 18 -16.14 51.62 -11.91
N ASN M 19 -15.76 51.06 -10.75
CA ASN M 19 -14.57 51.52 -10.06
C ASN M 19 -13.37 50.80 -10.69
N ASN M 20 -12.21 50.91 -10.07
CA ASN M 20 -11.08 50.14 -10.58
C ASN M 20 -11.04 48.78 -9.90
N GLY M 21 -10.38 47.84 -10.56
CA GLY M 21 -10.26 46.49 -10.05
C GLY M 21 -11.04 45.50 -10.91
N VAL M 22 -11.16 44.29 -10.37
CA VAL M 22 -11.83 43.19 -11.06
C VAL M 22 -13.00 42.74 -10.21
N TYR M 23 -14.04 42.23 -10.89
CA TYR M 23 -15.28 41.83 -10.24
C TYR M 23 -15.61 40.41 -10.63
N ASN M 24 -15.86 39.56 -9.64
CA ASN M 24 -16.21 38.17 -9.88
C ASN M 24 -17.69 38.11 -10.24
N LEU M 25 -17.98 38.14 -11.54
CA LEU M 25 -19.35 38.36 -12.00
C LEU M 25 -20.16 37.07 -12.16
N VAL M 26 -19.70 36.16 -13.01
CA VAL M 26 -20.51 35.02 -13.43
C VAL M 26 -19.78 33.71 -13.14
N ALA M 27 -20.49 32.77 -12.53
CA ALA M 27 -19.93 31.47 -12.14
C ALA M 27 -20.35 30.42 -13.17
N LEU M 28 -19.40 29.95 -13.98
CA LEU M 28 -19.70 28.94 -15.00
C LEU M 28 -19.34 27.56 -14.48
N PRO M 29 -20.25 26.59 -14.54
CA PRO M 29 -19.88 25.21 -14.23
C PRO M 29 -19.02 24.64 -15.34
N SER M 30 -18.46 23.46 -15.07
CA SER M 30 -17.67 22.77 -16.08
C SER M 30 -18.57 22.17 -17.14
N GLY M 31 -18.14 22.26 -18.39
CA GLY M 31 -18.94 21.75 -19.49
C GLY M 31 -20.12 22.61 -19.89
N ALA M 32 -20.19 23.84 -19.39
CA ALA M 32 -21.28 24.74 -19.71
C ALA M 32 -20.99 25.43 -21.03
N GLU M 33 -22.04 25.60 -21.84
CA GLU M 33 -21.92 26.17 -23.18
C GLU M 33 -22.40 27.61 -23.13
N VAL M 34 -21.46 28.55 -23.20
CA VAL M 34 -21.79 29.97 -23.14
C VAL M 34 -22.17 30.44 -24.53
N VAL M 35 -23.43 30.80 -24.71
CA VAL M 35 -23.91 31.22 -26.02
C VAL M 35 -24.06 32.74 -26.14
N LYS M 36 -24.09 33.47 -25.03
CA LYS M 36 -24.18 34.92 -25.16
C LYS M 36 -23.52 35.59 -23.97
N VAL M 37 -22.64 36.56 -24.23
CA VAL M 37 -22.03 37.39 -23.20
C VAL M 37 -22.15 38.84 -23.66
N SER M 38 -22.92 39.64 -22.94
CA SER M 38 -23.22 41.01 -23.34
C SER M 38 -22.98 41.96 -22.18
N LEU M 39 -22.48 43.15 -22.51
CA LEU M 39 -22.19 44.18 -21.53
C LEU M 39 -22.94 45.45 -21.91
N GLU M 40 -23.70 46.00 -20.95
CA GLU M 40 -24.42 47.25 -21.14
C GLU M 40 -23.94 48.26 -20.10
N VAL M 41 -23.54 49.43 -20.54
CA VAL M 41 -23.10 50.49 -19.65
C VAL M 41 -24.28 51.41 -19.37
N VAL M 42 -24.78 51.39 -18.14
CA VAL M 42 -25.88 52.23 -17.72
C VAL M 42 -25.28 53.47 -17.06
N GLY M 43 -25.42 54.61 -17.69
CA GLY M 43 -24.90 55.85 -17.17
C GLY M 43 -24.46 56.76 -18.30
N ASN M 44 -24.01 57.95 -17.91
CA ASN M 44 -23.56 58.97 -18.85
C ASN M 44 -22.07 59.19 -18.68
N PRO M 45 -21.23 58.41 -19.35
CA PRO M 45 -19.78 58.65 -19.28
C PRO M 45 -19.42 60.01 -19.86
N ILE M 46 -18.85 60.87 -19.01
CA ILE M 46 -18.51 62.22 -19.43
C ILE M 46 -17.46 62.16 -20.54
N ALA M 47 -17.40 63.23 -21.33
CA ALA M 47 -16.34 63.37 -22.30
C ALA M 47 -15.00 63.49 -21.59
N THR M 48 -13.93 63.20 -22.32
CA THR M 48 -12.57 63.13 -21.78
C THR M 48 -12.54 62.12 -20.63
N SER M 49 -12.81 60.87 -20.97
CA SER M 49 -12.83 59.77 -20.00
C SER M 49 -11.96 58.65 -20.52
N THR M 50 -11.14 58.09 -19.64
CA THR M 50 -10.24 57.00 -19.99
C THR M 50 -10.71 55.65 -19.49
N THR M 51 -11.91 55.57 -18.91
CA THR M 51 -12.40 54.33 -18.33
C THR M 51 -12.42 53.22 -19.39
N SER M 52 -11.75 52.12 -19.09
CA SER M 52 -11.70 50.98 -20.00
C SER M 52 -12.08 49.73 -19.24
N VAL M 53 -12.98 48.94 -19.82
CA VAL M 53 -13.52 47.73 -19.21
C VAL M 53 -13.18 46.55 -20.10
N SER M 54 -12.97 45.39 -19.47
CA SER M 54 -12.63 44.19 -20.22
C SER M 54 -13.20 42.98 -19.50
N VAL M 55 -14.08 42.27 -20.17
CA VAL M 55 -14.73 41.08 -19.62
C VAL M 55 -13.99 39.85 -20.12
N GLY M 56 -13.60 38.99 -19.20
CA GLY M 56 -12.87 37.78 -19.54
C GLY M 56 -12.90 36.83 -18.38
N PHE M 57 -11.83 36.06 -18.22
CA PHE M 57 -11.71 35.09 -17.15
C PHE M 57 -10.68 35.54 -16.13
N GLU M 58 -10.83 35.08 -14.90
CA GLU M 58 -9.84 35.41 -13.88
C GLU M 58 -8.58 34.57 -14.02
N ASP M 59 -8.73 33.31 -14.45
CA ASP M 59 -7.59 32.40 -14.53
C ASP M 59 -6.58 32.83 -15.58
N GLU M 60 -6.95 33.71 -16.50
CA GLU M 60 -6.04 34.21 -17.51
C GLU M 60 -5.48 35.56 -17.08
N THR M 61 -4.25 35.83 -17.52
CA THR M 61 -3.59 37.06 -17.11
C THR M 61 -4.35 38.29 -17.60
N THR M 62 -4.45 38.45 -18.92
CA THR M 62 -5.24 39.52 -19.48
C THR M 62 -6.72 39.13 -19.48
N LYS M 63 -7.54 40.00 -18.91
CA LYS M 63 -8.96 39.70 -18.67
C LYS M 63 -9.83 40.27 -19.79
N ASN M 64 -9.55 39.87 -21.02
CA ASN M 64 -10.27 40.42 -22.16
C ASN M 64 -10.62 39.34 -23.17
N TYR M 65 -10.93 38.14 -22.69
CA TYR M 65 -11.32 37.08 -23.62
C TYR M 65 -12.63 37.42 -24.33
N PHE M 66 -13.65 37.76 -23.55
CA PHE M 66 -14.98 37.99 -24.11
C PHE M 66 -15.10 39.36 -24.75
N LEU M 67 -14.91 40.42 -23.97
CA LEU M 67 -15.21 41.76 -24.42
C LEU M 67 -14.12 42.73 -24.03
N THR M 68 -13.89 43.73 -24.88
CA THR M 68 -13.16 44.92 -24.53
C THR M 68 -14.05 46.14 -24.78
N LEU M 69 -13.79 47.22 -24.05
CA LEU M 69 -14.65 48.39 -24.15
C LEU M 69 -13.86 49.60 -23.72
N ASP M 70 -13.51 50.47 -24.68
CA ASP M 70 -12.78 51.70 -24.42
C ASP M 70 -13.61 52.89 -24.89
N ASN M 71 -13.13 54.08 -24.54
CA ASN M 71 -13.66 55.35 -25.04
C ASN M 71 -15.18 55.42 -24.92
N LEU M 72 -15.65 55.41 -23.67
CA LEU M 72 -17.08 55.34 -23.42
C LEU M 72 -17.83 56.59 -23.85
N ALA M 73 -17.13 57.68 -24.17
CA ALA M 73 -17.76 58.94 -24.53
C ALA M 73 -17.64 59.24 -26.02
N VAL M 74 -17.49 58.19 -26.82
CA VAL M 74 -17.36 58.36 -28.31
C VAL M 74 -18.52 57.63 -28.98
N ASP M 75 -19.47 58.40 -29.53
CA ASP M 75 -20.68 57.86 -30.23
C ASP M 75 -21.50 57.01 -29.26
N ASP M 76 -22.26 57.65 -28.36
CA ASP M 76 -23.10 56.92 -27.36
C ASP M 76 -24.23 56.18 -28.06
N ALA M 77 -23.93 54.98 -28.58
CA ALA M 77 -24.86 54.10 -29.32
C ALA M 77 -24.15 52.76 -29.53
N SER M 78 -22.90 52.82 -30.00
CA SER M 78 -22.12 51.61 -30.19
C SER M 78 -21.23 51.30 -29.00
N LYS M 79 -21.25 52.15 -27.97
CA LYS M 79 -20.59 51.86 -26.72
C LYS M 79 -21.57 51.55 -25.60
N LYS M 80 -22.85 51.88 -25.78
CA LYS M 80 -23.84 51.60 -24.75
C LYS M 80 -24.00 50.10 -24.52
N HIS M 81 -24.08 49.34 -25.59
CA HIS M 81 -24.21 47.89 -25.53
C HIS M 81 -23.14 47.26 -26.39
N THR M 82 -22.63 46.11 -25.94
CA THR M 82 -21.63 45.39 -26.71
C THR M 82 -21.76 43.91 -26.39
N THR M 83 -22.03 43.10 -27.40
CA THR M 83 -22.18 41.67 -27.24
C THR M 83 -20.90 40.97 -27.71
N SER M 84 -20.55 39.89 -27.02
CA SER M 84 -19.35 39.17 -27.37
C SER M 84 -19.56 38.34 -28.64
N ALA M 85 -18.53 38.25 -29.46
CA ALA M 85 -18.57 37.46 -30.68
C ALA M 85 -18.13 36.03 -30.44
N LYS M 86 -17.87 35.64 -29.20
CA LYS M 86 -17.26 34.36 -28.89
C LYS M 86 -18.20 33.48 -28.09
N ASP M 87 -18.26 32.21 -28.46
CA ASP M 87 -18.85 31.17 -27.63
C ASP M 87 -17.75 30.42 -26.91
N TYR M 88 -18.14 29.59 -25.95
CA TYR M 88 -17.14 28.98 -25.10
C TYR M 88 -17.72 27.80 -24.37
N THR M 89 -17.05 26.65 -24.45
CA THR M 89 -17.36 25.50 -23.62
C THR M 89 -16.40 25.50 -22.44
N ALA M 90 -16.95 25.50 -21.24
CA ALA M 90 -16.15 25.58 -20.03
C ALA M 90 -15.52 24.22 -19.75
N THR M 91 -14.19 24.14 -19.89
CA THR M 91 -13.48 22.91 -19.58
C THR M 91 -13.52 22.60 -18.09
N SER M 92 -13.50 23.64 -17.25
CA SER M 92 -13.61 23.47 -15.81
C SER M 92 -14.55 24.55 -15.28
N ASN M 93 -14.73 24.56 -13.97
CA ASN M 93 -15.40 25.68 -13.32
C ASN M 93 -14.66 26.96 -13.63
N LYS M 94 -15.41 27.98 -14.08
CA LYS M 94 -14.81 29.23 -14.52
C LYS M 94 -15.48 30.39 -13.82
N VAL M 95 -14.78 31.52 -13.78
CA VAL M 95 -15.26 32.75 -13.19
C VAL M 95 -15.12 33.84 -14.24
N VAL M 96 -16.23 34.22 -14.85
CA VAL M 96 -16.26 35.35 -15.77
C VAL M 96 -16.16 36.61 -14.92
N VAL M 97 -15.05 37.34 -15.08
CA VAL M 97 -14.80 38.56 -14.35
C VAL M 97 -14.80 39.72 -15.34
N ALA M 98 -14.85 40.93 -14.81
CA ALA M 98 -14.64 42.15 -15.58
C ALA M 98 -13.61 42.99 -14.86
N GLU M 99 -12.61 43.47 -15.59
CA GLU M 99 -11.56 44.31 -15.06
C GLU M 99 -11.72 45.71 -15.63
N VAL M 100 -11.73 46.71 -14.75
CA VAL M 100 -11.89 48.10 -15.14
C VAL M 100 -10.63 48.86 -14.72
N LYS M 101 -10.14 49.73 -15.60
CA LYS M 101 -8.98 50.52 -15.28
C LYS M 101 -9.09 51.90 -15.92
N ASN M 102 -8.28 52.82 -15.41
CA ASN M 102 -8.29 54.22 -15.84
C ASN M 102 -9.64 54.87 -15.58
N ALA M 103 -10.33 54.42 -14.54
CA ALA M 103 -11.69 54.86 -14.24
C ALA M 103 -11.66 56.31 -13.78
N ASN M 104 -12.17 57.21 -14.60
CA ASN M 104 -12.31 58.62 -14.26
C ASN M 104 -13.73 59.08 -14.50
N ASP M 105 -14.71 58.27 -14.09
CA ASP M 105 -16.11 58.58 -14.32
C ASP M 105 -16.89 58.39 -13.02
N ASN M 106 -18.10 58.94 -13.00
CA ASN M 106 -18.97 58.87 -11.84
C ASN M 106 -20.31 58.31 -12.26
N ASN M 107 -20.98 57.65 -11.31
CA ASN M 107 -22.28 57.01 -11.46
C ASN M 107 -22.45 56.30 -12.80
N VAL M 108 -21.40 55.63 -13.27
CA VAL M 108 -21.47 54.77 -14.44
C VAL M 108 -21.48 53.33 -13.96
N LYS M 109 -22.36 52.52 -14.51
CA LYS M 109 -22.57 51.15 -14.07
C LYS M 109 -22.44 50.21 -15.27
N GLY M 110 -22.14 48.96 -14.99
CA GLY M 110 -22.14 47.95 -16.03
C GLY M 110 -22.99 46.75 -15.65
N VAL M 111 -23.88 46.35 -16.54
CA VAL M 111 -24.70 45.17 -16.38
C VAL M 111 -24.20 44.14 -17.39
N LEU M 112 -23.74 43.00 -16.88
CA LEU M 112 -23.28 41.90 -17.71
C LEU M 112 -24.33 40.80 -17.69
N ARG M 113 -24.69 40.32 -18.87
CA ARG M 113 -25.63 39.23 -19.03
C ARG M 113 -24.94 38.09 -19.75
N VAL M 114 -24.98 36.91 -19.16
CA VAL M 114 -24.34 35.72 -19.69
C VAL M 114 -25.39 34.63 -19.81
N LEU M 115 -25.82 34.34 -21.03
CA LEU M 115 -26.70 33.22 -21.30
C LEU M 115 -25.86 32.00 -21.64
N TYR M 116 -26.01 30.94 -20.86
CA TYR M 116 -25.22 29.74 -21.04
C TYR M 116 -26.08 28.50 -20.76
N PHE M 117 -25.74 27.41 -21.42
CA PHE M 117 -26.43 26.15 -21.24
C PHE M 117 -25.67 25.26 -20.27
N LEU M 118 -26.41 24.40 -19.58
CA LEU M 118 -25.81 23.48 -18.63
C LEU M 118 -25.24 22.26 -19.35
N PRO M 119 -24.30 21.56 -18.74
CA PRO M 119 -23.66 20.43 -19.42
C PRO M 119 -24.56 19.22 -19.66
N SER M 120 -25.78 19.20 -19.14
CA SER M 120 -26.66 18.06 -19.35
C SER M 120 -27.01 17.89 -20.83
N VAL M 121 -27.28 16.66 -21.22
CA VAL M 121 -27.67 16.33 -22.59
C VAL M 121 -28.78 15.30 -22.55
N ILE M 122 -29.74 15.43 -23.47
CA ILE M 122 -30.76 14.44 -23.67
C ILE M 122 -30.74 14.02 -25.14
N GLU M 123 -31.28 12.83 -25.39
CA GLU M 123 -31.38 12.30 -26.75
C GLU M 123 -32.69 12.75 -27.38
N VAL M 124 -32.60 13.34 -28.57
CA VAL M 124 -33.76 13.82 -29.30
C VAL M 124 -33.84 13.10 -30.64
N GLU M 125 -35.07 12.83 -31.07
CA GLU M 125 -35.38 12.09 -32.28
C GLU M 125 -36.24 12.99 -33.16
N TYR M 126 -35.81 13.19 -34.40
CA TYR M 126 -36.62 13.97 -35.34
C TYR M 126 -36.78 13.23 -36.67
N MET N 1 -19.17 28.75 -5.15
CA MET N 1 -19.64 29.72 -6.12
C MET N 1 -21.16 29.76 -6.17
N LYS N 2 -21.75 30.60 -5.34
CA LYS N 2 -23.18 30.83 -5.40
C LYS N 2 -23.50 31.95 -6.38
N GLN N 3 -24.68 31.86 -6.98
CA GLN N 3 -25.23 32.96 -7.76
C GLN N 3 -26.72 32.72 -7.91
N LYS N 4 -27.41 33.70 -8.49
CA LYS N 4 -28.84 33.61 -8.74
C LYS N 4 -29.08 33.87 -10.21
N VAL N 5 -29.74 32.93 -10.87
CA VAL N 5 -29.90 33.00 -12.32
C VAL N 5 -31.36 32.78 -12.68
N HIS N 6 -31.74 33.29 -13.84
CA HIS N 6 -33.05 33.00 -14.41
C HIS N 6 -32.98 31.68 -15.17
N SER N 7 -33.94 30.80 -14.88
CA SER N 7 -33.94 29.48 -15.50
C SER N 7 -35.04 29.30 -16.54
N VAL N 8 -35.99 30.22 -16.64
CA VAL N 8 -37.14 30.12 -17.55
C VAL N 8 -36.98 31.15 -18.65
N SER N 9 -37.14 30.72 -19.90
CA SER N 9 -37.01 31.60 -21.05
C SER N 9 -38.13 31.31 -22.03
N TYR N 10 -38.61 32.36 -22.69
CA TYR N 10 -39.65 32.28 -23.69
C TYR N 10 -39.18 32.97 -24.96
N LEU N 11 -39.47 32.35 -26.09
CA LEU N 11 -39.35 33.01 -27.38
C LEU N 11 -40.75 33.39 -27.85
N ALA N 12 -40.92 34.64 -28.26
CA ALA N 12 -42.19 35.17 -28.72
C ALA N 12 -42.01 35.64 -30.14
N LYS N 13 -42.75 35.04 -31.06
CA LYS N 13 -42.71 35.41 -32.46
C LYS N 13 -44.01 36.13 -32.83
N ALA N 14 -43.88 37.19 -33.61
CA ALA N 14 -45.05 37.89 -34.13
C ALA N 14 -44.73 38.38 -35.53
N GLU N 15 -45.76 38.45 -36.38
CA GLU N 15 -45.58 38.94 -37.73
C GLU N 15 -46.56 40.07 -38.02
N PHE N 16 -46.16 40.97 -38.89
CA PHE N 16 -46.98 42.12 -39.25
C PHE N 16 -46.71 42.48 -40.70
N LYS N 17 -47.76 42.84 -41.43
CA LYS N 17 -47.74 42.87 -42.88
C LYS N 17 -47.36 44.23 -43.46
N PHE N 18 -46.65 45.07 -42.70
CA PHE N 18 -45.96 46.24 -43.23
C PHE N 18 -46.90 47.29 -43.81
N ASN N 19 -48.09 47.44 -43.22
CA ASN N 19 -48.95 48.56 -43.54
C ASN N 19 -48.44 49.78 -42.76
N ASN N 20 -49.23 50.84 -42.67
CA ASN N 20 -48.85 51.98 -41.86
C ASN N 20 -49.54 51.90 -40.51
N GLY N 21 -48.79 52.16 -39.45
CA GLY N 21 -49.30 52.14 -38.09
C GLY N 21 -48.36 51.42 -37.16
N VAL N 22 -48.82 51.24 -35.93
CA VAL N 22 -48.09 50.51 -34.91
C VAL N 22 -48.76 49.16 -34.70
N TYR N 23 -47.98 48.19 -34.25
CA TYR N 23 -48.47 46.84 -34.03
C TYR N 23 -47.96 46.36 -32.68
N ASN N 24 -48.88 45.97 -31.81
CA ASN N 24 -48.53 45.44 -30.50
C ASN N 24 -48.04 44.01 -30.69
N LEU N 25 -46.72 43.84 -30.76
CA LEU N 25 -46.13 42.56 -31.12
C LEU N 25 -45.90 41.65 -29.92
N VAL N 26 -45.06 42.10 -28.98
CA VAL N 26 -44.60 41.23 -27.90
C VAL N 26 -45.04 41.79 -26.55
N ALA N 27 -45.39 40.91 -25.63
CA ALA N 27 -45.78 41.29 -24.28
C ALA N 27 -44.69 40.85 -23.32
N LEU N 28 -44.11 41.79 -22.60
CA LEU N 28 -43.09 41.49 -21.61
C LEU N 28 -43.65 41.69 -20.22
N PRO N 29 -43.41 40.75 -19.30
CA PRO N 29 -43.79 40.99 -17.90
C PRO N 29 -42.74 41.84 -17.20
N SER N 30 -43.05 42.21 -15.96
CA SER N 30 -42.15 43.05 -15.18
C SER N 30 -41.04 42.18 -14.60
N GLY N 31 -39.81 42.50 -14.97
CA GLY N 31 -38.67 41.68 -14.60
C GLY N 31 -38.13 40.82 -15.72
N ALA N 32 -38.71 40.90 -16.91
CA ALA N 32 -38.25 40.08 -18.02
C ALA N 32 -36.92 40.59 -18.53
N GLU N 33 -36.05 39.66 -18.89
CA GLU N 33 -34.71 39.97 -19.38
C GLU N 33 -34.70 39.73 -20.88
N VAL N 34 -34.93 40.80 -21.64
CA VAL N 34 -34.89 40.70 -23.10
C VAL N 34 -33.45 40.45 -23.51
N VAL N 35 -33.15 39.23 -23.95
CA VAL N 35 -31.80 38.88 -24.37
C VAL N 35 -31.63 38.89 -25.89
N LYS N 36 -32.72 38.85 -26.66
CA LYS N 36 -32.56 38.96 -28.10
C LYS N 36 -33.81 39.53 -28.75
N VAL N 37 -33.64 40.51 -29.62
CA VAL N 37 -34.73 41.03 -30.44
C VAL N 37 -34.24 41.05 -31.88
N SER N 38 -34.98 40.39 -32.77
CA SER N 38 -34.57 40.29 -34.16
C SER N 38 -35.77 40.53 -35.05
N LEU N 39 -35.52 41.17 -36.20
CA LEU N 39 -36.56 41.46 -37.18
C LEU N 39 -36.11 40.96 -38.54
N GLU N 40 -36.96 40.18 -39.19
CA GLU N 40 -36.68 39.55 -40.47
C GLU N 40 -37.71 40.02 -41.49
N VAL N 41 -37.24 40.44 -42.66
CA VAL N 41 -38.11 40.93 -43.73
C VAL N 41 -38.37 39.78 -44.69
N VAL N 42 -39.60 39.28 -44.68
CA VAL N 42 -40.05 38.26 -45.60
C VAL N 42 -40.74 38.94 -46.78
N GLY N 43 -40.17 38.81 -47.96
CA GLY N 43 -40.71 39.41 -49.16
C GLY N 43 -39.63 40.10 -49.97
N ASN N 44 -40.06 40.61 -51.12
CA ASN N 44 -39.15 41.29 -52.06
C ASN N 44 -39.49 42.77 -52.07
N PRO N 45 -38.82 43.59 -51.26
CA PRO N 45 -39.11 45.02 -51.26
C PRO N 45 -38.80 45.65 -52.61
N ILE N 46 -39.72 46.49 -53.07
CA ILE N 46 -39.57 47.14 -54.36
C ILE N 46 -38.33 48.02 -54.35
N ALA N 47 -37.71 48.17 -55.53
CA ALA N 47 -36.67 49.17 -55.68
C ALA N 47 -37.25 50.56 -55.45
N THR N 48 -36.46 51.43 -54.83
CA THR N 48 -36.87 52.79 -54.46
C THR N 48 -38.12 52.79 -53.59
N SER N 49 -38.35 51.71 -52.84
CA SER N 49 -39.46 51.65 -51.88
C SER N 49 -38.94 52.22 -50.56
N THR N 50 -39.28 53.47 -50.30
CA THR N 50 -38.77 54.16 -49.12
C THR N 50 -39.65 53.95 -47.90
N THR N 51 -39.97 52.70 -47.61
CA THR N 51 -40.69 52.36 -46.39
C THR N 51 -39.70 52.18 -45.25
N SER N 52 -40.13 52.53 -44.04
CA SER N 52 -39.24 52.53 -42.89
C SER N 52 -39.95 51.97 -41.67
N VAL N 53 -39.34 50.99 -41.03
CA VAL N 53 -39.91 50.37 -39.85
C VAL N 53 -38.97 50.61 -38.68
N SER N 54 -39.53 50.61 -37.47
CA SER N 54 -38.72 50.79 -36.27
C SER N 54 -39.38 50.07 -35.13
N VAL N 55 -38.61 49.25 -34.42
CA VAL N 55 -39.11 48.41 -33.34
C VAL N 55 -38.69 49.03 -32.02
N GLY N 56 -39.67 49.20 -31.12
CA GLY N 56 -39.41 49.74 -29.81
C GLY N 56 -40.57 49.48 -28.87
N PHE N 57 -40.89 50.45 -28.01
CA PHE N 57 -41.98 50.31 -27.06
C PHE N 57 -43.12 51.25 -27.43
N GLU N 58 -44.30 50.94 -26.92
CA GLU N 58 -45.46 51.78 -27.18
C GLU N 58 -45.55 52.96 -26.23
N ASP N 59 -45.07 52.81 -24.99
CA ASP N 59 -45.17 53.90 -24.03
C ASP N 59 -44.16 55.01 -24.29
N GLU N 60 -43.19 54.78 -25.16
CA GLU N 60 -42.25 55.83 -25.53
C GLU N 60 -42.71 56.53 -26.81
N THR N 61 -42.36 57.80 -26.92
CA THR N 61 -42.83 58.61 -28.04
C THR N 61 -42.20 58.15 -29.35
N THR N 62 -40.91 57.85 -29.34
CA THR N 62 -40.21 57.36 -30.52
C THR N 62 -40.03 55.85 -30.37
N LYS N 63 -40.69 55.09 -31.23
CA LYS N 63 -40.73 53.64 -31.10
C LYS N 63 -39.60 53.02 -31.93
N ASN N 64 -38.38 53.28 -31.48
CA ASN N 64 -37.19 52.79 -32.14
C ASN N 64 -36.12 52.34 -31.14
N TYR N 65 -36.54 51.86 -29.97
CA TYR N 65 -35.58 51.47 -28.96
C TYR N 65 -34.73 50.31 -29.43
N PHE N 66 -35.34 49.33 -30.07
CA PHE N 66 -34.63 48.12 -30.48
C PHE N 66 -34.04 48.24 -31.87
N LEU N 67 -34.88 48.50 -32.87
CA LEU N 67 -34.42 48.38 -34.26
C LEU N 67 -34.91 49.55 -35.08
N THR N 68 -34.20 49.80 -36.18
CA THR N 68 -34.61 50.79 -37.17
C THR N 68 -34.15 50.29 -38.54
N LEU N 69 -35.09 50.10 -39.45
CA LEU N 69 -34.81 49.67 -40.81
C LEU N 69 -35.28 50.74 -41.78
N ASP N 70 -34.35 51.24 -42.59
CA ASP N 70 -34.63 52.19 -43.65
C ASP N 70 -34.05 51.64 -44.93
N ASN N 71 -34.53 52.17 -46.06
CA ASN N 71 -34.01 51.81 -47.39
C ASN N 71 -33.99 50.30 -47.57
N LEU N 72 -35.17 49.71 -47.57
CA LEU N 72 -35.23 48.26 -47.56
C LEU N 72 -34.78 47.63 -48.85
N ALA N 73 -34.24 48.36 -49.83
CA ALA N 73 -33.89 47.76 -51.11
C ALA N 73 -32.48 48.06 -51.58
N VAL N 74 -31.61 48.63 -50.75
CA VAL N 74 -30.27 48.97 -51.22
C VAL N 74 -29.31 47.79 -51.05
N ASP N 75 -28.97 47.47 -49.81
CA ASP N 75 -28.28 46.22 -49.49
C ASP N 75 -29.27 45.23 -48.88
N ASP N 76 -30.14 44.73 -49.76
CA ASP N 76 -31.21 43.84 -49.32
C ASP N 76 -30.72 42.71 -48.44
N ALA N 77 -29.55 42.13 -48.77
CA ALA N 77 -29.05 40.98 -48.02
C ALA N 77 -28.84 41.32 -46.56
N SER N 78 -28.11 42.39 -46.27
CA SER N 78 -27.92 42.83 -44.90
C SER N 78 -29.20 43.42 -44.31
N LYS N 79 -30.21 43.67 -45.14
CA LYS N 79 -31.46 44.26 -44.68
C LYS N 79 -32.56 43.23 -44.47
N LYS N 80 -32.35 41.97 -44.87
CA LYS N 80 -33.35 40.95 -44.63
C LYS N 80 -33.54 40.71 -43.14
N HIS N 81 -32.44 40.55 -42.41
CA HIS N 81 -32.46 40.29 -40.98
C HIS N 81 -31.64 41.33 -40.27
N THR N 82 -32.17 41.82 -39.15
CA THR N 82 -31.42 42.74 -38.30
C THR N 82 -31.66 42.35 -36.85
N THR N 83 -30.58 42.22 -36.10
CA THR N 83 -30.65 41.92 -34.68
C THR N 83 -30.36 43.19 -33.89
N SER N 84 -31.13 43.40 -32.83
CA SER N 84 -30.94 44.56 -31.97
C SER N 84 -29.72 44.36 -31.10
N ALA N 85 -28.94 45.43 -30.92
CA ALA N 85 -27.74 45.35 -30.12
C ALA N 85 -27.99 45.50 -28.63
N LYS N 86 -29.21 45.87 -28.24
CA LYS N 86 -29.52 46.20 -26.86
C LYS N 86 -30.13 45.01 -26.13
N ASP N 87 -29.79 44.89 -24.86
CA ASP N 87 -30.51 44.01 -23.95
C ASP N 87 -31.32 44.87 -22.99
N TYR N 88 -32.45 44.33 -22.54
CA TYR N 88 -33.41 45.12 -21.80
C TYR N 88 -33.89 44.33 -20.59
N THR N 89 -34.15 45.05 -19.50
CA THR N 89 -34.83 44.48 -18.34
C THR N 89 -36.12 45.26 -18.14
N ALA N 90 -37.24 44.57 -18.22
CA ALA N 90 -38.54 45.20 -18.12
C ALA N 90 -38.85 45.52 -16.67
N THR N 91 -38.96 46.81 -16.35
CA THR N 91 -39.31 47.24 -15.01
C THR N 91 -40.82 47.24 -14.76
N SER N 92 -41.61 47.26 -15.83
CA SER N 92 -43.05 47.07 -15.75
C SER N 92 -43.49 46.25 -16.94
N ASN N 93 -44.76 45.86 -16.94
CA ASN N 93 -45.32 45.17 -18.10
C ASN N 93 -45.17 46.04 -19.34
N LYS N 94 -44.40 45.56 -20.30
CA LYS N 94 -44.07 46.31 -21.49
C LYS N 94 -44.74 45.68 -22.72
N VAL N 95 -44.86 46.47 -23.77
CA VAL N 95 -45.40 46.00 -25.04
C VAL N 95 -44.43 46.44 -26.13
N VAL N 96 -43.69 45.48 -26.67
CA VAL N 96 -42.84 45.73 -27.81
C VAL N 96 -43.70 45.89 -29.05
N VAL N 97 -43.52 46.99 -29.76
CA VAL N 97 -44.31 47.34 -30.93
C VAL N 97 -43.35 47.64 -32.09
N ALA N 98 -43.92 47.73 -33.28
CA ALA N 98 -43.23 48.19 -34.47
C ALA N 98 -44.04 49.31 -35.10
N GLU N 99 -43.39 50.44 -35.35
CA GLU N 99 -44.00 51.56 -36.06
C GLU N 99 -43.40 51.58 -37.47
N VAL N 100 -44.23 51.42 -38.47
CA VAL N 100 -43.81 51.39 -39.86
C VAL N 100 -44.56 52.47 -40.63
N LYS N 101 -43.79 53.31 -41.34
CA LYS N 101 -44.34 54.46 -42.02
C LYS N 101 -43.71 54.56 -43.40
N ASN N 102 -44.31 55.43 -44.23
CA ASN N 102 -43.94 55.57 -45.63
C ASN N 102 -44.09 54.26 -46.39
N ALA N 103 -45.03 53.43 -45.96
CA ALA N 103 -45.19 52.09 -46.51
C ALA N 103 -45.79 52.18 -47.90
N ASN N 104 -44.99 51.85 -48.90
CA ASN N 104 -45.39 51.90 -50.31
C ASN N 104 -45.04 50.59 -50.99
N ASP N 105 -45.40 49.47 -50.36
CA ASP N 105 -45.01 48.17 -50.87
C ASP N 105 -46.14 47.17 -50.69
N ASN N 106 -45.96 46.01 -51.31
CA ASN N 106 -46.94 44.94 -51.27
C ASN N 106 -46.21 43.61 -51.12
N ASN N 107 -46.83 42.69 -50.37
CA ASN N 107 -46.33 41.36 -50.06
C ASN N 107 -45.15 41.37 -49.10
N VAL N 108 -44.67 42.54 -48.69
CA VAL N 108 -43.54 42.63 -47.78
C VAL N 108 -44.07 42.53 -46.35
N LYS N 109 -43.36 41.77 -45.52
CA LYS N 109 -43.85 41.40 -44.22
C LYS N 109 -42.67 41.34 -43.25
N GLY N 110 -42.96 41.48 -41.97
CA GLY N 110 -41.94 41.42 -40.93
C GLY N 110 -42.26 40.35 -39.92
N VAL N 111 -41.22 39.63 -39.50
CA VAL N 111 -41.31 38.68 -38.40
C VAL N 111 -40.36 39.16 -37.31
N LEU N 112 -40.89 39.40 -36.12
CA LEU N 112 -40.12 39.81 -34.97
C LEU N 112 -40.04 38.65 -34.00
N ARG N 113 -38.83 38.22 -33.70
CA ARG N 113 -38.55 37.18 -32.72
C ARG N 113 -37.89 37.82 -31.51
N VAL N 114 -38.50 37.66 -30.35
CA VAL N 114 -38.00 38.24 -29.11
C VAL N 114 -37.81 37.10 -28.12
N LEU N 115 -36.56 36.87 -27.74
CA LEU N 115 -36.21 35.89 -26.73
C LEU N 115 -35.93 36.61 -25.43
N TYR N 116 -36.66 36.25 -24.38
CA TYR N 116 -36.52 36.91 -23.09
C TYR N 116 -36.62 35.88 -21.97
N PHE N 117 -35.92 36.15 -20.89
CA PHE N 117 -35.96 35.29 -19.72
C PHE N 117 -36.96 35.82 -18.71
N LEU N 118 -37.49 34.94 -17.93
CA LEU N 118 -38.56 35.31 -17.03
C LEU N 118 -37.99 35.84 -15.72
N PRO N 119 -38.78 36.59 -14.94
CA PRO N 119 -38.24 37.22 -13.73
C PRO N 119 -37.76 36.24 -12.67
N SER N 120 -38.19 34.99 -12.70
CA SER N 120 -37.84 34.06 -11.63
C SER N 120 -36.35 33.77 -11.60
N VAL N 121 -35.82 33.60 -10.39
CA VAL N 121 -34.43 33.22 -10.20
C VAL N 121 -34.37 31.99 -9.32
N ILE N 122 -33.27 31.26 -9.46
CA ILE N 122 -32.94 30.15 -8.58
C ILE N 122 -31.47 30.29 -8.22
N GLU N 123 -31.12 29.74 -7.07
CA GLU N 123 -29.77 29.81 -6.54
C GLU N 123 -28.98 28.60 -7.02
N VAL N 124 -27.89 28.86 -7.74
CA VAL N 124 -27.04 27.82 -8.27
C VAL N 124 -25.67 27.91 -7.60
N GLU N 125 -25.15 26.76 -7.18
CA GLU N 125 -23.85 26.68 -6.55
C GLU N 125 -22.94 25.76 -7.34
N TYR N 126 -21.78 26.27 -7.72
CA TYR N 126 -20.84 25.50 -8.52
C TYR N 126 -19.49 25.38 -7.82
N MET O 1 -53.19 40.82 -21.49
CA MET O 1 -52.43 40.78 -22.74
C MET O 1 -51.94 39.36 -23.02
N LYS O 2 -52.72 38.63 -23.79
CA LYS O 2 -52.41 37.24 -24.10
C LYS O 2 -51.40 37.14 -25.23
N GLN O 3 -50.55 36.12 -25.15
CA GLN O 3 -49.71 35.75 -26.28
C GLN O 3 -49.41 34.27 -26.21
N LYS O 4 -48.84 33.74 -27.27
CA LYS O 4 -48.42 32.34 -27.34
C LYS O 4 -46.93 32.30 -27.61
N VAL O 5 -46.17 31.78 -26.66
CA VAL O 5 -44.73 31.80 -26.71
C VAL O 5 -44.20 30.38 -26.84
N HIS O 6 -42.96 30.28 -27.32
CA HIS O 6 -42.22 29.03 -27.32
C HIS O 6 -41.48 28.90 -26.00
N SER O 7 -41.77 27.83 -25.26
CA SER O 7 -41.22 27.64 -23.93
C SER O 7 -39.97 26.76 -23.90
N VAL O 8 -39.90 25.75 -24.75
CA VAL O 8 -38.84 24.75 -24.71
C VAL O 8 -37.75 25.15 -25.70
N SER O 9 -36.50 24.88 -25.35
CA SER O 9 -35.36 25.38 -26.13
C SER O 9 -34.20 24.40 -26.01
N TYR O 10 -33.60 24.04 -27.13
CA TYR O 10 -32.47 23.12 -27.16
C TYR O 10 -31.27 23.78 -27.82
N LEU O 11 -30.09 23.41 -27.34
CA LEU O 11 -28.84 23.77 -27.97
C LEU O 11 -28.16 22.52 -28.49
N ALA O 12 -28.02 22.43 -29.80
CA ALA O 12 -27.27 21.36 -30.44
C ALA O 12 -25.86 21.86 -30.71
N LYS O 13 -24.89 20.96 -30.56
CA LYS O 13 -23.50 21.32 -30.72
C LYS O 13 -22.79 20.15 -31.39
N ALA O 14 -22.19 20.39 -32.55
CA ALA O 14 -21.59 19.34 -33.33
C ALA O 14 -20.26 19.82 -33.91
N GLU O 15 -19.26 18.94 -33.89
CA GLU O 15 -17.94 19.28 -34.39
C GLU O 15 -17.61 18.45 -35.62
N PHE O 16 -16.83 19.04 -36.51
CA PHE O 16 -16.36 18.38 -37.72
C PHE O 16 -14.92 18.81 -37.96
N LYS O 17 -14.27 18.18 -38.94
CA LYS O 17 -12.81 18.21 -39.02
C LYS O 17 -12.24 19.08 -40.14
N PHE O 18 -13.06 19.79 -40.89
CA PHE O 18 -12.59 20.62 -42.00
C PHE O 18 -11.85 19.80 -43.06
N ASN O 19 -12.26 18.56 -43.29
CA ASN O 19 -11.79 17.77 -44.42
C ASN O 19 -12.90 17.74 -45.46
N ASN O 20 -12.53 18.00 -46.72
CA ASN O 20 -13.48 18.15 -47.81
C ASN O 20 -14.62 17.15 -47.73
N GLY O 21 -15.84 17.66 -47.77
CA GLY O 21 -17.00 16.81 -47.64
C GLY O 21 -18.21 17.63 -47.22
N VAL O 22 -19.26 16.90 -46.83
CA VAL O 22 -20.49 17.48 -46.35
C VAL O 22 -20.88 16.76 -45.07
N TYR O 23 -21.08 17.51 -44.00
CA TYR O 23 -21.30 16.94 -42.68
C TYR O 23 -22.73 17.23 -42.23
N ASN O 24 -23.46 16.19 -41.86
CA ASN O 24 -24.79 16.35 -41.28
C ASN O 24 -24.61 16.70 -39.81
N LEU O 25 -24.83 17.97 -39.47
CA LEU O 25 -24.50 18.48 -38.15
C LEU O 25 -25.70 18.49 -37.20
N VAL O 26 -26.76 19.21 -37.54
CA VAL O 26 -27.83 19.46 -36.58
C VAL O 26 -29.17 19.06 -37.19
N ALA O 27 -29.95 18.28 -36.45
CA ALA O 27 -31.31 17.94 -36.82
C ALA O 27 -32.28 19.01 -36.33
N LEU O 28 -33.14 19.50 -37.21
CA LEU O 28 -34.11 20.54 -36.86
C LEU O 28 -35.52 19.98 -37.00
N PRO O 29 -36.33 19.95 -35.95
CA PRO O 29 -37.71 19.48 -36.10
C PRO O 29 -38.51 20.43 -36.96
N SER O 30 -39.69 19.99 -37.35
CA SER O 30 -40.60 20.83 -38.13
C SER O 30 -41.23 21.86 -37.20
N GLY O 31 -41.18 23.13 -37.59
CA GLY O 31 -41.67 24.19 -36.75
C GLY O 31 -40.65 24.75 -35.79
N ALA O 32 -39.44 24.23 -35.78
CA ALA O 32 -38.40 24.74 -34.90
C ALA O 32 -38.05 26.18 -35.28
N GLU O 33 -37.76 26.98 -34.26
CA GLU O 33 -37.34 28.37 -34.44
C GLU O 33 -35.86 28.45 -34.13
N VAL O 34 -35.04 28.53 -35.17
CA VAL O 34 -33.60 28.64 -35.00
C VAL O 34 -33.27 30.09 -34.68
N VAL O 35 -32.77 30.34 -33.49
CA VAL O 35 -32.45 31.69 -33.06
C VAL O 35 -30.95 31.96 -33.04
N LYS O 36 -30.11 30.94 -33.05
CA LYS O 36 -28.68 31.21 -33.11
C LYS O 36 -27.95 30.10 -33.84
N VAL O 37 -27.08 30.48 -34.77
CA VAL O 37 -26.16 29.56 -35.43
C VAL O 37 -24.77 30.19 -35.39
N SER O 38 -23.79 29.46 -34.87
CA SER O 38 -22.45 30.00 -34.74
C SER O 38 -21.42 28.92 -35.07
N LEU O 39 -20.34 29.33 -35.73
CA LEU O 39 -19.26 28.43 -36.10
C LEU O 39 -17.97 28.93 -35.48
N GLU O 40 -17.26 28.05 -34.79
CA GLU O 40 -16.00 28.38 -34.14
C GLU O 40 -14.90 27.51 -34.71
N VAL O 41 -13.90 28.13 -35.31
CA VAL O 41 -12.75 27.40 -35.82
C VAL O 41 -11.80 27.10 -34.66
N VAL O 42 -11.41 25.84 -34.54
CA VAL O 42 -10.46 25.41 -33.52
C VAL O 42 -9.20 24.94 -34.22
N GLY O 43 -8.06 25.43 -33.75
CA GLY O 43 -6.80 25.22 -34.44
C GLY O 43 -6.40 26.43 -35.28
N ASN O 44 -5.10 26.54 -35.53
CA ASN O 44 -4.57 27.70 -36.23
C ASN O 44 -4.35 27.37 -37.70
N PRO O 45 -5.01 28.09 -38.61
CA PRO O 45 -4.79 27.85 -40.04
C PRO O 45 -3.60 28.62 -40.58
N ILE O 46 -2.66 27.90 -41.19
CA ILE O 46 -1.43 28.49 -41.71
C ILE O 46 -1.74 29.35 -42.92
N ALA O 47 -0.76 30.14 -43.35
CA ALA O 47 -0.93 30.96 -44.55
C ALA O 47 -1.15 30.07 -45.77
N THR O 48 -1.70 30.68 -46.82
CA THR O 48 -2.10 29.98 -48.05
C THR O 48 -3.08 28.86 -47.76
N SER O 49 -3.95 29.04 -46.77
CA SER O 49 -5.02 28.09 -46.46
C SER O 49 -6.26 28.53 -47.22
N THR O 50 -6.56 27.85 -48.31
CA THR O 50 -7.73 28.15 -49.12
C THR O 50 -8.94 27.30 -48.71
N THR O 51 -9.25 27.28 -47.43
CA THR O 51 -10.38 26.52 -46.92
C THR O 51 -11.63 27.38 -46.99
N SER O 52 -12.70 26.83 -47.53
CA SER O 52 -13.98 27.53 -47.63
C SER O 52 -15.06 26.65 -47.03
N VAL O 53 -15.56 27.04 -45.86
CA VAL O 53 -16.60 26.27 -45.18
C VAL O 53 -17.90 27.03 -45.28
N SER O 54 -19.01 26.30 -45.28
CA SER O 54 -20.31 26.91 -45.51
C SER O 54 -21.37 26.12 -44.77
N VAL O 55 -22.12 26.80 -43.91
CA VAL O 55 -23.16 26.18 -43.09
C VAL O 55 -24.51 26.56 -43.68
N GLY O 56 -25.28 25.56 -44.06
CA GLY O 56 -26.59 25.79 -44.65
C GLY O 56 -27.45 24.57 -44.47
N PHE O 57 -28.37 24.37 -45.39
CA PHE O 57 -29.30 23.26 -45.30
C PHE O 57 -28.93 22.14 -46.27
N GLU O 58 -29.40 20.93 -45.96
CA GLU O 58 -29.00 19.76 -46.72
C GLU O 58 -29.67 19.73 -48.08
N ASP O 59 -30.91 20.19 -48.17
CA ASP O 59 -31.70 20.06 -49.38
C ASP O 59 -31.66 21.30 -50.26
N GLU O 60 -30.79 22.25 -49.98
CA GLU O 60 -30.62 23.39 -50.87
C GLU O 60 -29.37 23.17 -51.73
N THR O 61 -29.37 23.84 -52.89
CA THR O 61 -28.26 23.69 -53.84
C THR O 61 -26.98 24.28 -53.26
N THR O 62 -26.99 25.58 -52.99
CA THR O 62 -25.87 26.24 -52.35
C THR O 62 -26.11 26.21 -50.85
N LYS O 63 -25.33 25.39 -50.14
CA LYS O 63 -25.50 25.21 -48.71
C LYS O 63 -24.76 26.32 -47.97
N ASN O 64 -25.31 27.53 -48.08
CA ASN O 64 -24.75 28.70 -47.43
C ASN O 64 -25.82 29.57 -46.81
N TYR O 65 -26.94 28.97 -46.41
CA TYR O 65 -28.04 29.76 -45.87
C TYR O 65 -27.59 30.56 -44.66
N PHE O 66 -27.00 29.90 -43.68
CA PHE O 66 -26.59 30.58 -42.46
C PHE O 66 -25.24 31.25 -42.61
N LEU O 67 -24.20 30.49 -42.94
CA LEU O 67 -22.84 30.99 -42.84
C LEU O 67 -22.04 30.62 -44.07
N THR O 68 -21.11 31.52 -44.44
CA THR O 68 -20.03 31.19 -45.35
C THR O 68 -18.76 31.82 -44.81
N LEU O 69 -17.71 31.03 -44.66
CA LEU O 69 -16.49 31.45 -44.02
C LEU O 69 -15.31 31.08 -44.90
N ASP O 70 -14.50 32.08 -45.22
CA ASP O 70 -13.38 31.95 -46.14
C ASP O 70 -12.15 32.59 -45.53
N ASN O 71 -11.03 32.45 -46.22
CA ASN O 71 -9.81 33.20 -45.97
C ASN O 71 -9.40 33.13 -44.50
N LEU O 72 -9.32 31.90 -43.98
CA LEU O 72 -9.02 31.72 -42.57
C LEU O 72 -7.64 32.23 -42.18
N ALA O 73 -6.82 32.66 -43.14
CA ALA O 73 -5.54 33.28 -42.82
C ALA O 73 -5.65 34.78 -42.62
N VAL O 74 -6.64 35.42 -43.23
CA VAL O 74 -6.83 36.86 -43.09
C VAL O 74 -7.50 37.13 -41.75
N ASP O 75 -6.76 37.75 -40.83
CA ASP O 75 -7.27 38.14 -39.51
C ASP O 75 -7.93 36.95 -38.80
N ASP O 76 -7.06 36.00 -38.45
CA ASP O 76 -7.52 34.76 -37.82
C ASP O 76 -8.43 35.01 -36.63
N ALA O 77 -8.20 36.11 -35.90
CA ALA O 77 -9.02 36.39 -34.72
C ALA O 77 -10.45 36.74 -35.12
N SER O 78 -10.61 37.50 -36.21
CA SER O 78 -11.94 37.88 -36.65
C SER O 78 -12.73 36.71 -37.23
N LYS O 79 -12.05 35.62 -37.60
CA LYS O 79 -12.69 34.48 -38.23
C LYS O 79 -12.71 33.24 -37.35
N LYS O 80 -12.07 33.28 -36.18
CA LYS O 80 -12.16 32.15 -35.26
C LYS O 80 -13.60 31.90 -34.84
N HIS O 81 -14.40 32.95 -34.69
CA HIS O 81 -15.81 32.83 -34.34
C HIS O 81 -16.63 33.62 -35.33
N THR O 82 -17.64 32.99 -35.91
CA THR O 82 -18.51 33.65 -36.88
C THR O 82 -19.93 33.20 -36.63
N THR O 83 -20.80 34.12 -36.26
CA THR O 83 -22.22 33.83 -36.11
C THR O 83 -22.96 34.25 -37.37
N SER O 84 -24.14 33.66 -37.56
CA SER O 84 -24.99 34.00 -38.68
C SER O 84 -26.03 35.04 -38.25
N ALA O 85 -26.49 35.82 -39.21
CA ALA O 85 -27.46 36.86 -38.94
C ALA O 85 -28.90 36.39 -39.15
N LYS O 86 -29.11 35.35 -39.95
CA LYS O 86 -30.45 34.90 -40.29
C LYS O 86 -30.97 33.95 -39.23
N ASP O 87 -32.07 34.31 -38.59
CA ASP O 87 -32.85 33.32 -37.87
C ASP O 87 -33.82 32.63 -38.81
N TYR O 88 -34.27 31.44 -38.41
CA TYR O 88 -34.97 30.56 -39.33
C TYR O 88 -36.05 29.79 -38.60
N THR O 89 -37.24 29.73 -39.20
CA THR O 89 -38.31 28.88 -38.71
C THR O 89 -38.43 27.68 -39.64
N ALA O 90 -38.25 26.48 -39.09
CA ALA O 90 -38.22 25.28 -39.90
C ALA O 90 -39.63 24.94 -40.39
N THR O 91 -39.76 24.77 -41.71
CA THR O 91 -41.06 24.41 -42.27
C THR O 91 -41.28 22.90 -42.16
N SER O 92 -40.27 22.11 -42.48
CA SER O 92 -40.29 20.67 -42.28
C SER O 92 -39.01 20.28 -41.54
N ASN O 93 -38.88 19.00 -41.22
CA ASN O 93 -37.67 18.52 -40.56
C ASN O 93 -36.47 18.76 -41.46
N LYS O 94 -35.52 19.55 -40.98
CA LYS O 94 -34.36 19.94 -41.74
C LYS O 94 -33.09 19.37 -41.12
N VAL O 95 -31.99 19.53 -41.86
CA VAL O 95 -30.67 19.11 -41.40
C VAL O 95 -29.71 20.24 -41.74
N VAL O 96 -29.21 20.92 -40.72
CA VAL O 96 -28.16 21.91 -40.89
C VAL O 96 -26.85 21.17 -41.12
N VAL O 97 -26.22 21.45 -42.26
CA VAL O 97 -24.99 20.82 -42.69
C VAL O 97 -23.92 21.89 -42.87
N ALA O 98 -22.67 21.44 -42.96
CA ALA O 98 -21.55 22.31 -43.24
C ALA O 98 -20.70 21.66 -44.32
N GLU O 99 -20.72 22.23 -45.53
CA GLU O 99 -19.91 21.74 -46.62
C GLU O 99 -18.60 22.52 -46.63
N VAL O 100 -17.49 21.78 -46.62
CA VAL O 100 -16.16 22.37 -46.65
C VAL O 100 -15.51 22.02 -47.97
N LYS O 101 -14.84 22.99 -48.58
CA LYS O 101 -14.24 22.80 -49.89
C LYS O 101 -12.84 23.42 -49.91
N ASN O 102 -11.98 22.83 -50.73
CA ASN O 102 -10.62 23.30 -50.95
C ASN O 102 -9.81 23.28 -49.66
N ALA O 103 -10.08 22.31 -48.81
CA ALA O 103 -9.45 22.21 -47.50
C ALA O 103 -8.02 21.75 -47.67
N ASN O 104 -7.06 22.66 -47.48
CA ASN O 104 -5.64 22.37 -47.63
C ASN O 104 -4.91 22.52 -46.31
N ASP O 105 -5.58 22.25 -45.20
CA ASP O 105 -4.95 22.33 -43.90
C ASP O 105 -5.48 21.20 -43.03
N ASN O 106 -4.74 20.91 -41.98
CA ASN O 106 -5.00 19.75 -41.14
C ASN O 106 -5.06 20.14 -39.68
N ASN O 107 -5.62 19.23 -38.87
CA ASN O 107 -5.89 19.37 -37.45
C ASN O 107 -6.53 20.71 -37.12
N VAL O 108 -7.22 21.29 -38.10
CA VAL O 108 -8.08 22.45 -37.89
C VAL O 108 -9.52 21.99 -38.06
N LYS O 109 -10.34 22.22 -37.04
CA LYS O 109 -11.69 21.70 -37.01
C LYS O 109 -12.67 22.84 -36.78
N GLY O 110 -13.95 22.51 -36.80
CA GLY O 110 -15.00 23.49 -36.58
C GLY O 110 -16.03 22.96 -35.62
N VAL O 111 -16.55 23.87 -34.79
CA VAL O 111 -17.60 23.56 -33.84
C VAL O 111 -18.80 24.41 -34.21
N LEU O 112 -19.91 23.76 -34.53
CA LEU O 112 -21.18 24.43 -34.84
C LEU O 112 -22.06 24.36 -33.61
N ARG O 113 -22.63 25.49 -33.24
CA ARG O 113 -23.64 25.56 -32.19
C ARG O 113 -24.91 26.12 -32.79
N VAL O 114 -26.03 25.49 -32.45
CA VAL O 114 -27.34 25.88 -32.97
C VAL O 114 -28.29 25.92 -31.78
N LEU O 115 -28.77 27.10 -31.46
CA LEU O 115 -29.77 27.29 -30.42
C LEU O 115 -31.11 27.48 -31.11
N TYR O 116 -32.07 26.61 -30.82
CA TYR O 116 -33.37 26.67 -31.44
C TYR O 116 -34.44 26.43 -30.40
N PHE O 117 -35.64 26.92 -30.69
CA PHE O 117 -36.82 26.69 -29.86
C PHE O 117 -37.73 25.70 -30.53
N LEU O 118 -38.38 24.87 -29.73
CA LEU O 118 -39.19 23.78 -30.26
C LEU O 118 -40.54 24.30 -30.74
N PRO O 119 -41.19 23.57 -31.64
CA PRO O 119 -42.47 24.06 -32.19
C PRO O 119 -43.59 24.22 -31.18
N SER O 120 -43.42 23.73 -29.95
CA SER O 120 -44.51 23.78 -28.99
C SER O 120 -44.71 25.20 -28.46
N VAL O 121 -45.97 25.60 -28.33
CA VAL O 121 -46.31 26.91 -27.80
C VAL O 121 -47.16 26.73 -26.56
N ILE O 122 -47.06 27.70 -25.66
CA ILE O 122 -47.96 27.81 -24.52
C ILE O 122 -48.42 29.25 -24.42
N GLU O 123 -49.60 29.42 -23.82
CA GLU O 123 -50.23 30.72 -23.69
C GLU O 123 -49.82 31.40 -22.40
N VAL O 124 -49.55 32.70 -22.48
CA VAL O 124 -49.12 33.50 -21.34
C VAL O 124 -49.94 34.78 -21.28
N GLU O 125 -50.33 35.18 -20.06
CA GLU O 125 -51.06 36.41 -19.81
C GLU O 125 -50.23 37.30 -18.89
N TYR O 126 -49.96 38.52 -19.35
CA TYR O 126 -49.25 39.47 -18.51
C TYR O 126 -50.13 40.68 -18.18
N MET P 1 -12.69 43.97 24.06
CA MET P 1 -11.28 43.83 23.75
C MET P 1 -10.56 43.03 24.83
N LYS P 2 -10.19 41.80 24.50
CA LYS P 2 -9.51 40.90 25.42
C LYS P 2 -8.00 41.05 25.31
N GLN P 3 -7.31 40.54 26.33
CA GLN P 3 -5.86 40.42 26.29
C GLN P 3 -5.43 39.53 27.44
N LYS P 4 -4.17 39.14 27.41
CA LYS P 4 -3.54 38.41 28.50
C LYS P 4 -2.43 39.27 29.06
N VAL P 5 -2.43 39.45 30.37
CA VAL P 5 -1.49 40.33 31.04
C VAL P 5 -0.80 39.55 32.15
N HIS P 6 0.40 40.01 32.49
CA HIS P 6 1.09 39.57 33.68
C HIS P 6 0.61 40.40 34.86
N SER P 7 0.25 39.73 35.95
CA SER P 7 -0.28 40.42 37.11
C SER P 7 0.62 40.32 38.34
N VAL P 8 1.54 39.36 38.38
CA VAL P 8 2.40 39.13 39.53
C VAL P 8 3.76 39.72 39.25
N SER P 9 4.24 40.57 40.16
CA SER P 9 5.47 41.32 39.96
C SER P 9 6.33 41.21 41.21
N TYR P 10 7.64 41.09 41.01
CA TYR P 10 8.60 41.00 42.10
C TYR P 10 9.68 42.05 41.90
N LEU P 11 10.23 42.51 43.01
CA LEU P 11 11.43 43.33 43.02
C LEU P 11 12.49 42.60 43.81
N ALA P 12 13.68 42.47 43.22
CA ALA P 12 14.81 41.84 43.87
C ALA P 12 15.88 42.90 44.08
N LYS P 13 16.35 43.02 45.32
CA LYS P 13 17.34 44.01 45.70
C LYS P 13 18.55 43.29 46.24
N ALA P 14 19.65 43.36 45.50
CA ALA P 14 20.89 42.70 45.90
C ALA P 14 21.95 43.75 46.15
N GLU P 15 23.00 43.38 46.86
CA GLU P 15 23.99 44.33 47.34
C GLU P 15 25.36 43.68 47.34
N PHE P 16 26.31 44.32 46.68
CA PHE P 16 27.66 43.78 46.55
C PHE P 16 28.70 44.86 46.84
N LYS P 17 29.93 44.43 47.08
CA LYS P 17 30.92 45.27 47.74
C LYS P 17 32.09 45.70 46.85
N PHE P 18 31.92 45.71 45.53
CA PHE P 18 32.86 46.34 44.62
C PHE P 18 34.30 45.84 44.82
N ASN P 19 34.43 44.52 44.88
CA ASN P 19 35.72 43.86 44.86
C ASN P 19 35.83 43.03 43.59
N ASN P 20 37.05 42.81 43.13
CA ASN P 20 37.27 42.04 41.92
C ASN P 20 36.62 40.66 42.06
N GLY P 21 35.67 40.38 41.19
CA GLY P 21 34.97 39.11 41.21
C GLY P 21 33.60 39.28 40.59
N VAL P 22 32.89 38.15 40.53
CA VAL P 22 31.51 38.13 40.07
C VAL P 22 30.61 37.89 41.28
N TYR P 23 29.36 38.32 41.14
CA TYR P 23 28.40 38.23 42.23
C TYR P 23 27.07 37.77 41.68
N ASN P 24 26.58 36.63 42.15
CA ASN P 24 25.30 36.08 41.71
C ASN P 24 24.21 36.88 42.40
N LEU P 25 23.72 37.90 41.70
CA LEU P 25 22.87 38.90 42.32
C LEU P 25 21.39 38.52 42.30
N VAL P 26 20.82 38.35 41.11
CA VAL P 26 19.37 38.18 40.99
C VAL P 26 19.05 36.88 40.26
N ALA P 27 18.07 36.14 40.76
CA ALA P 27 17.66 34.87 40.18
C ALA P 27 16.38 35.07 39.40
N LEU P 28 16.46 34.96 38.08
CA LEU P 28 15.28 35.10 37.23
C LEU P 28 14.74 33.74 36.87
N PRO P 29 13.43 33.52 37.00
CA PRO P 29 12.84 32.29 36.49
C PRO P 29 12.60 32.39 34.99
N SER P 30 12.33 31.25 34.38
CA SER P 30 12.02 31.23 32.96
C SER P 30 10.66 31.86 32.72
N GLY P 31 10.61 32.81 31.79
CA GLY P 31 9.41 33.55 31.53
C GLY P 31 9.30 34.86 32.26
N ALA P 32 10.31 35.22 33.05
CA ALA P 32 10.28 36.46 33.79
C ALA P 32 10.43 37.64 32.85
N GLU P 33 9.54 38.61 32.99
CA GLU P 33 9.55 39.82 32.16
C GLU P 33 10.29 40.90 32.93
N VAL P 34 11.58 41.00 32.71
CA VAL P 34 12.38 42.04 33.33
C VAL P 34 11.95 43.39 32.77
N VAL P 35 11.51 44.28 33.64
CA VAL P 35 11.10 45.62 33.22
C VAL P 35 11.95 46.73 33.81
N LYS P 36 12.73 46.48 34.87
CA LYS P 36 13.67 47.49 35.33
C LYS P 36 14.91 46.84 35.91
N VAL P 37 16.07 47.41 35.59
CA VAL P 37 17.36 46.96 36.11
C VAL P 37 18.18 48.21 36.38
N SER P 38 18.44 48.50 37.64
CA SER P 38 19.16 49.71 38.00
C SER P 38 20.27 49.40 38.99
N LEU P 39 21.36 50.13 38.87
CA LEU P 39 22.52 50.01 39.74
C LEU P 39 22.75 51.35 40.44
N GLU P 40 22.67 51.33 41.77
CA GLU P 40 23.01 52.48 42.59
C GLU P 40 24.39 52.28 43.18
N VAL P 41 25.22 53.29 43.10
CA VAL P 41 26.50 53.30 43.77
C VAL P 41 26.33 53.94 45.14
N VAL P 42 26.96 53.35 46.14
CA VAL P 42 26.85 53.79 47.53
C VAL P 42 28.25 53.96 48.07
N GLY P 43 28.60 55.18 48.43
CA GLY P 43 29.94 55.52 48.83
C GLY P 43 30.56 56.54 47.91
N ASN P 44 31.79 56.91 48.23
CA ASN P 44 32.47 57.97 47.50
C ASN P 44 33.68 57.38 46.77
N PRO P 45 33.54 57.04 45.50
CA PRO P 45 34.70 56.62 44.72
C PRO P 45 35.74 57.73 44.68
N ILE P 46 36.90 57.45 45.27
CA ILE P 46 37.98 58.42 45.41
C ILE P 46 38.52 58.77 44.03
N ALA P 47 39.35 59.81 43.96
CA ALA P 47 40.06 60.12 42.73
C ALA P 47 40.91 58.92 42.31
N THR P 48 41.22 58.86 41.01
CA THR P 48 41.93 57.72 40.43
C THR P 48 41.17 56.41 40.64
N SER P 49 39.85 56.46 40.45
CA SER P 49 38.99 55.30 40.63
C SER P 49 38.83 54.60 39.28
N THR P 50 39.76 53.71 38.98
CA THR P 50 39.71 52.90 37.76
C THR P 50 38.97 51.59 37.99
N THR P 51 37.77 51.67 38.56
CA THR P 51 36.96 50.50 38.89
C THR P 51 35.86 50.36 37.86
N SER P 52 35.70 49.15 37.33
CA SER P 52 34.70 48.89 36.29
C SER P 52 33.72 47.83 36.77
N VAL P 53 32.43 48.10 36.57
CA VAL P 53 31.36 47.23 37.03
C VAL P 53 30.38 47.03 35.88
N SER P 54 30.05 45.77 35.60
CA SER P 54 29.12 45.45 34.52
C SER P 54 28.06 44.48 35.01
N VAL P 55 26.80 44.85 34.80
CA VAL P 55 25.68 43.98 35.13
C VAL P 55 25.25 43.27 33.87
N GLY P 56 25.20 41.95 33.93
CA GLY P 56 24.81 41.15 32.79
C GLY P 56 24.32 39.81 33.28
N PHE P 57 24.50 38.79 32.45
CA PHE P 57 24.09 37.44 32.81
C PHE P 57 25.30 36.59 33.17
N GLU P 58 25.03 35.46 33.81
CA GLU P 58 26.11 34.59 34.26
C GLU P 58 26.59 33.67 33.16
N ASP P 59 25.68 33.18 32.33
CA ASP P 59 26.00 32.22 31.29
C ASP P 59 26.42 32.87 29.99
N GLU P 60 26.89 34.12 30.02
CA GLU P 60 27.37 34.80 28.84
C GLU P 60 28.84 35.16 29.00
N THR P 61 29.52 35.31 27.86
CA THR P 61 30.95 35.54 27.86
C THR P 61 31.30 36.92 28.43
N THR P 62 30.59 37.96 27.99
CA THR P 62 30.79 39.31 28.49
C THR P 62 29.59 39.65 29.36
N LYS P 63 29.78 39.57 30.68
CA LYS P 63 28.68 39.72 31.62
C LYS P 63 28.31 41.20 31.77
N ASN P 64 27.85 41.78 30.67
CA ASN P 64 27.49 43.19 30.62
C ASN P 64 26.22 43.43 29.81
N TYR P 65 25.30 42.47 29.82
CA TYR P 65 24.10 42.59 29.00
C TYR P 65 23.30 43.84 29.35
N PHE P 66 23.20 44.18 30.62
CA PHE P 66 22.38 45.32 31.04
C PHE P 66 23.20 46.61 31.15
N LEU P 67 24.22 46.60 31.99
CA LEU P 67 24.93 47.83 32.34
C LEU P 67 26.42 47.65 32.21
N THR P 68 27.10 48.71 31.79
CA THR P 68 28.52 48.88 31.99
C THR P 68 28.72 50.20 32.72
N LEU P 69 29.76 50.28 33.54
CA LEU P 69 29.97 51.42 34.40
C LEU P 69 31.46 51.54 34.69
N ASP P 70 31.99 52.75 34.54
CA ASP P 70 33.43 52.95 34.61
C ASP P 70 33.71 54.42 34.92
N ASN P 71 34.93 54.68 35.39
CA ASN P 71 35.39 56.03 35.70
C ASN P 71 34.40 56.72 36.63
N LEU P 72 34.13 56.07 37.76
CA LEU P 72 33.13 56.57 38.68
C LEU P 72 33.40 58.00 39.11
N ALA P 73 34.68 58.38 39.20
CA ALA P 73 35.04 59.70 39.69
C ALA P 73 34.85 60.80 38.67
N VAL P 74 34.60 60.47 37.41
CA VAL P 74 34.45 61.49 36.37
C VAL P 74 33.30 62.43 36.72
N ASP P 75 32.16 61.87 37.10
CA ASP P 75 31.05 62.69 37.58
C ASP P 75 30.23 61.85 38.55
N ASP P 76 30.47 62.04 39.84
CA ASP P 76 29.79 61.30 40.90
C ASP P 76 28.30 61.63 41.02
N ALA P 77 27.78 62.50 40.16
CA ALA P 77 26.37 62.86 40.19
C ALA P 77 25.52 62.05 39.24
N SER P 78 26.06 61.69 38.07
CA SER P 78 25.33 60.86 37.12
C SER P 78 25.70 59.39 37.20
N LYS P 79 26.94 59.08 37.51
CA LYS P 79 27.39 57.70 37.62
C LYS P 79 27.01 57.07 38.93
N LYS P 80 26.13 57.73 39.68
CA LYS P 80 25.73 57.23 40.99
C LYS P 80 24.46 56.39 40.89
N HIS P 81 23.63 56.64 39.88
CA HIS P 81 22.45 55.84 39.61
C HIS P 81 22.38 55.60 38.12
N THR P 82 22.38 54.34 37.71
CA THR P 82 22.41 53.99 36.28
C THR P 82 21.41 52.88 36.03
N THR P 83 20.37 53.18 35.25
CA THR P 83 19.36 52.20 34.91
C THR P 83 19.62 51.62 33.52
N SER P 84 19.16 50.39 33.31
CA SER P 84 19.38 49.68 32.06
C SER P 84 18.32 50.08 31.04
N ALA P 85 18.77 50.31 29.81
CA ALA P 85 17.85 50.70 28.75
C ALA P 85 17.10 49.52 28.15
N LYS P 86 17.42 48.30 28.57
CA LYS P 86 16.87 47.10 27.96
C LYS P 86 15.94 46.38 28.91
N ASP P 87 14.76 46.03 28.44
CA ASP P 87 13.93 45.05 29.11
C ASP P 87 14.34 43.67 28.61
N TYR P 88 13.73 42.63 29.15
CA TYR P 88 14.21 41.29 28.83
C TYR P 88 13.16 40.26 29.21
N THR P 89 13.09 39.19 28.43
CA THR P 89 12.25 38.04 28.72
C THR P 89 13.15 36.83 28.89
N ALA P 90 12.97 36.11 30.00
CA ALA P 90 13.83 34.99 30.33
C ALA P 90 13.28 33.72 29.71
N THR P 91 14.04 33.14 28.78
CA THR P 91 13.66 31.87 28.18
C THR P 91 13.92 30.71 29.11
N SER P 92 15.01 30.76 29.86
CA SER P 92 15.34 29.79 30.89
C SER P 92 15.60 30.54 32.20
N ASN P 93 15.87 29.78 33.25
CA ASN P 93 16.26 30.37 34.52
C ASN P 93 17.61 31.06 34.37
N LYS P 94 17.63 32.37 34.58
CA LYS P 94 18.83 33.16 34.42
C LYS P 94 19.33 33.62 35.77
N VAL P 95 20.57 34.12 35.77
CA VAL P 95 21.21 34.66 36.97
C VAL P 95 21.85 35.98 36.58
N VAL P 96 21.22 37.08 36.97
CA VAL P 96 21.82 38.40 36.80
C VAL P 96 23.00 38.52 37.74
N VAL P 97 24.13 38.95 37.17
CA VAL P 97 25.44 38.90 37.79
C VAL P 97 26.17 40.22 37.56
N ALA P 98 26.92 40.67 38.55
CA ALA P 98 27.78 41.83 38.43
C ALA P 98 29.24 41.37 38.34
N GLU P 99 29.94 41.85 37.32
CA GLU P 99 31.36 41.63 37.14
C GLU P 99 32.09 42.89 37.52
N VAL P 100 32.91 42.81 38.55
CA VAL P 100 33.68 43.95 39.06
C VAL P 100 35.15 43.66 38.83
N LYS P 101 35.82 44.59 38.15
CA LYS P 101 37.24 44.40 37.86
C LYS P 101 37.98 45.72 37.96
N ASN P 102 39.28 45.61 38.29
CA ASN P 102 40.16 46.74 38.52
C ASN P 102 39.72 47.56 39.73
N ALA P 103 39.16 46.91 40.74
CA ALA P 103 38.69 47.60 41.93
C ALA P 103 39.87 48.17 42.69
N ASN P 104 40.04 49.49 42.63
CA ASN P 104 41.15 50.16 43.30
C ASN P 104 40.68 51.10 44.40
N ASP P 105 39.38 51.20 44.64
CA ASP P 105 38.85 52.07 45.67
C ASP P 105 38.18 51.25 46.75
N ASN P 106 38.16 51.80 47.96
CA ASN P 106 37.65 51.11 49.13
C ASN P 106 36.25 51.59 49.48
N ASN P 107 35.55 50.76 50.26
CA ASN P 107 34.25 51.09 50.87
C ASN P 107 33.24 51.65 49.87
N VAL P 108 33.38 51.28 48.61
CA VAL P 108 32.37 51.59 47.60
C VAL P 108 31.52 50.35 47.42
N LYS P 109 30.23 50.56 47.18
CA LYS P 109 29.25 49.49 47.24
C LYS P 109 28.26 49.67 46.10
N GLY P 110 27.61 48.58 45.72
CA GLY P 110 26.61 48.62 44.67
C GLY P 110 25.34 47.95 45.11
N VAL P 111 24.22 48.53 44.71
CA VAL P 111 22.89 47.95 44.93
C VAL P 111 22.25 47.74 43.58
N LEU P 112 21.77 46.53 43.34
CA LEU P 112 21.11 46.19 42.09
C LEU P 112 19.63 45.96 42.38
N ARG P 113 18.79 46.77 41.75
CA ARG P 113 17.34 46.61 41.85
C ARG P 113 16.84 46.08 40.53
N VAL P 114 16.18 44.92 40.56
CA VAL P 114 15.62 44.30 39.37
C VAL P 114 14.14 44.12 39.60
N LEU P 115 13.33 44.84 38.85
CA LEU P 115 11.88 44.71 38.86
C LEU P 115 11.48 43.84 37.67
N TYR P 116 10.83 42.72 37.94
CA TYR P 116 10.44 41.81 36.88
C TYR P 116 9.06 41.23 37.18
N PHE P 117 8.31 40.98 36.11
CA PHE P 117 7.03 40.32 36.25
C PHE P 117 7.20 38.81 36.11
N LEU P 118 6.29 38.09 36.68
CA LEU P 118 6.36 36.64 36.63
C LEU P 118 5.74 36.14 35.33
N PRO P 119 6.15 34.96 34.86
CA PRO P 119 5.61 34.46 33.59
C PRO P 119 4.10 34.26 33.60
N SER P 120 3.50 34.14 34.77
CA SER P 120 2.08 33.84 34.85
C SER P 120 1.24 34.93 34.21
N VAL P 121 0.14 34.53 33.55
CA VAL P 121 -0.76 35.46 32.89
C VAL P 121 -2.19 35.22 33.33
N ILE P 122 -3.00 36.27 33.20
CA ILE P 122 -4.44 36.23 33.39
C ILE P 122 -5.08 36.96 32.23
N GLU P 123 -6.33 36.60 31.94
CA GLU P 123 -7.03 37.15 30.79
C GLU P 123 -8.00 38.24 31.23
N VAL P 124 -7.78 39.44 30.73
CA VAL P 124 -8.55 40.61 31.13
C VAL P 124 -9.27 41.20 29.92
N GLU P 125 -10.42 41.80 30.16
CA GLU P 125 -11.23 42.43 29.13
C GLU P 125 -11.69 43.79 29.60
N TYR P 126 -11.42 44.82 28.80
CA TYR P 126 -11.88 46.16 29.11
C TYR P 126 -12.81 46.67 28.02
N MET Q 1 18.35 27.90 43.69
CA MET Q 1 18.39 29.36 43.78
C MET Q 1 17.28 29.89 44.67
N LYS Q 2 17.64 30.32 45.87
CA LYS Q 2 16.71 31.01 46.75
C LYS Q 2 17.01 32.50 46.76
N GLN Q 3 15.97 33.30 46.93
CA GLN Q 3 16.17 34.74 47.12
C GLN Q 3 14.96 35.33 47.83
N LYS Q 4 15.16 36.53 48.35
CA LYS Q 4 14.11 37.32 48.97
C LYS Q 4 13.65 38.38 47.99
N VAL Q 5 12.35 38.56 47.86
CA VAL Q 5 11.80 39.55 46.95
C VAL Q 5 10.70 40.35 47.64
N HIS Q 6 10.52 41.58 47.17
CA HIS Q 6 9.34 42.35 47.48
C HIS Q 6 8.26 42.01 46.46
N SER Q 7 7.08 41.64 46.94
CA SER Q 7 6.00 41.24 46.07
C SER Q 7 4.85 42.22 46.05
N VAL Q 8 4.76 43.13 47.01
CA VAL Q 8 3.68 44.09 47.09
C VAL Q 8 4.20 45.44 46.62
N SER Q 9 3.42 46.10 45.77
CA SER Q 9 3.85 47.33 45.12
C SER Q 9 2.68 48.29 45.01
N TYR Q 10 2.97 49.57 45.17
CA TYR Q 10 1.94 50.60 45.16
C TYR Q 10 2.34 51.72 44.22
N LEU Q 11 1.33 52.36 43.66
CA LEU Q 11 1.50 53.60 42.91
C LEU Q 11 0.71 54.70 43.61
N ALA Q 12 1.39 55.77 43.96
CA ALA Q 12 0.77 56.95 44.58
C ALA Q 12 0.83 58.10 43.57
N LYS Q 13 -0.33 58.66 43.26
CA LYS Q 13 -0.42 59.78 42.34
C LYS Q 13 -0.96 60.99 43.09
N ALA Q 14 -0.31 62.13 42.93
CA ALA Q 14 -0.70 63.33 43.65
C ALA Q 14 -0.48 64.55 42.78
N GLU Q 15 -1.52 65.36 42.62
CA GLU Q 15 -1.46 66.58 41.82
C GLU Q 15 -1.45 67.81 42.72
N PHE Q 16 -0.60 68.78 42.37
CA PHE Q 16 -0.47 70.05 43.06
C PHE Q 16 -0.45 71.17 42.03
N LYS Q 17 -0.59 72.41 42.51
CA LYS Q 17 -0.99 73.51 41.65
C LYS Q 17 0.12 74.49 41.27
N PHE Q 18 1.38 74.16 41.53
CA PHE Q 18 2.52 74.99 41.12
C PHE Q 18 2.50 76.40 41.70
N ASN Q 19 1.64 76.68 42.67
CA ASN Q 19 1.83 77.90 43.45
C ASN Q 19 3.05 77.73 44.35
N ASN Q 20 3.63 78.85 44.75
CA ASN Q 20 4.77 78.80 45.66
C ASN Q 20 4.38 78.06 46.93
N GLY Q 21 5.34 77.31 47.48
CA GLY Q 21 5.11 76.61 48.71
C GLY Q 21 5.66 75.20 48.64
N VAL Q 22 5.39 74.44 49.70
CA VAL Q 22 5.82 73.05 49.82
C VAL Q 22 4.59 72.20 50.08
N TYR Q 23 4.45 71.12 49.32
CA TYR Q 23 3.28 70.26 49.37
C TYR Q 23 3.67 68.87 49.84
N ASN Q 24 2.95 68.37 50.84
CA ASN Q 24 3.15 67.01 51.34
C ASN Q 24 2.47 66.05 50.38
N LEU Q 25 3.26 65.44 49.49
CA LEU Q 25 2.68 64.68 48.39
C LEU Q 25 2.50 63.20 48.72
N VAL Q 26 3.58 62.49 49.04
CA VAL Q 26 3.53 61.03 49.11
C VAL Q 26 4.09 60.56 50.44
N ALA Q 27 3.44 59.55 51.04
CA ALA Q 27 3.83 59.01 52.33
C ALA Q 27 4.47 57.64 52.13
N LEU Q 28 5.77 57.54 52.38
CA LEU Q 28 6.49 56.29 52.22
C LEU Q 28 6.70 55.61 53.56
N PRO Q 29 6.43 54.32 53.67
CA PRO Q 29 6.74 53.59 54.91
C PRO Q 29 8.24 53.34 55.04
N SER Q 30 8.63 52.98 56.25
CA SER Q 30 10.01 52.57 56.47
C SER Q 30 10.26 51.23 55.78
N GLY Q 31 11.30 51.17 54.97
CA GLY Q 31 11.60 49.99 54.21
C GLY Q 31 10.94 49.92 52.85
N ALA Q 32 10.35 51.02 52.38
CA ALA Q 32 9.80 51.06 51.04
C ALA Q 32 10.90 51.18 50.01
N GLU Q 33 10.73 50.51 48.90
CA GLU Q 33 11.67 50.57 47.79
C GLU Q 33 11.07 51.47 46.72
N VAL Q 34 11.58 52.69 46.63
CA VAL Q 34 11.10 53.63 45.62
C VAL Q 34 11.83 53.32 44.32
N VAL Q 35 11.06 52.89 43.32
CA VAL Q 35 11.65 52.49 42.04
C VAL Q 35 11.26 53.41 40.90
N LYS Q 36 10.25 54.26 41.06
CA LYS Q 36 9.99 55.24 40.02
C LYS Q 36 9.39 56.51 40.62
N VAL Q 37 9.92 57.65 40.22
CA VAL Q 37 9.40 58.96 40.61
C VAL Q 37 9.36 59.80 39.35
N SER Q 38 8.16 60.17 38.90
CA SER Q 38 8.00 60.97 37.70
C SER Q 38 7.10 62.16 37.99
N LEU Q 39 7.35 63.27 37.28
CA LEU Q 39 6.58 64.49 37.42
C LEU Q 39 6.18 64.96 36.04
N GLU Q 40 4.89 65.24 35.86
CA GLU Q 40 4.37 65.79 34.63
C GLU Q 40 3.79 67.18 34.90
N VAL Q 41 4.21 68.16 34.12
CA VAL Q 41 3.58 69.47 34.14
C VAL Q 41 2.37 69.43 33.22
N VAL Q 42 1.27 70.00 33.69
CA VAL Q 42 0.00 69.95 32.99
C VAL Q 42 -0.46 71.39 32.79
N GLY Q 43 -0.41 71.85 31.56
CA GLY Q 43 -0.85 73.21 31.25
C GLY Q 43 -0.07 73.74 30.06
N ASN Q 44 0.06 75.06 30.02
CA ASN Q 44 0.76 75.76 28.94
C ASN Q 44 1.60 76.87 29.55
N PRO Q 45 2.81 76.56 30.01
CA PRO Q 45 3.65 77.58 30.65
C PRO Q 45 4.02 78.69 29.68
N ILE Q 46 3.71 79.93 30.08
CA ILE Q 46 4.04 81.08 29.24
C ILE Q 46 5.56 81.24 29.17
N ALA Q 47 5.99 82.04 28.19
CA ALA Q 47 7.39 82.42 28.14
C ALA Q 47 7.73 83.35 29.31
N THR Q 48 9.03 83.53 29.54
CA THR Q 48 9.51 84.31 30.68
C THR Q 48 8.96 83.76 32.00
N SER Q 49 8.99 82.44 32.15
CA SER Q 49 8.49 81.77 33.35
C SER Q 49 9.69 81.20 34.09
N THR Q 50 10.24 81.98 35.00
CA THR Q 50 11.38 81.48 35.78
C THR Q 50 10.92 80.75 37.04
N THR Q 51 9.96 79.84 36.85
CA THR Q 51 9.47 79.00 37.93
C THR Q 51 10.35 77.76 38.06
N SER Q 52 10.51 77.30 39.29
CA SER Q 52 11.36 76.15 39.55
C SER Q 52 10.66 75.23 40.54
N VAL Q 53 10.44 73.99 40.14
CA VAL Q 53 9.85 72.99 41.02
C VAL Q 53 10.92 71.96 41.33
N SER Q 54 10.78 71.31 42.48
CA SER Q 54 11.82 70.41 42.94
C SER Q 54 11.20 69.35 43.83
N VAL Q 55 11.32 68.09 43.44
CA VAL Q 55 10.77 66.97 44.17
C VAL Q 55 11.88 66.39 45.05
N GLY Q 56 11.66 66.39 46.35
CA GLY Q 56 12.63 65.87 47.30
C GLY Q 56 11.93 65.33 48.52
N PHE Q 57 12.62 65.36 49.65
CA PHE Q 57 12.10 64.82 50.89
C PHE Q 57 11.73 65.93 51.87
N GLU Q 58 10.71 65.66 52.67
CA GLU Q 58 10.26 66.64 53.65
C GLU Q 58 11.31 66.91 54.71
N ASP Q 59 11.83 65.86 55.34
CA ASP Q 59 12.74 66.03 56.46
C ASP Q 59 14.08 66.60 56.05
N GLU Q 60 14.47 66.43 54.80
CA GLU Q 60 15.78 66.94 54.39
C GLU Q 60 15.70 68.44 54.14
N THR Q 61 16.86 69.09 54.25
CA THR Q 61 16.91 70.54 54.13
C THR Q 61 16.62 71.02 52.71
N THR Q 62 17.16 70.34 51.72
CA THR Q 62 17.04 70.75 50.33
C THR Q 62 16.20 69.72 49.59
N LYS Q 63 15.07 70.16 49.04
CA LYS Q 63 14.08 69.25 48.47
C LYS Q 63 14.32 69.04 46.97
N ASN Q 64 15.53 68.59 46.65
CA ASN Q 64 15.91 68.38 45.26
C ASN Q 64 16.47 66.98 45.01
N TYR Q 65 16.24 66.06 45.96
CA TYR Q 65 16.83 64.73 45.85
C TYR Q 65 16.35 64.01 44.59
N PHE Q 66 15.04 63.97 44.38
CA PHE Q 66 14.49 63.22 43.26
C PHE Q 66 14.58 64.00 41.96
N LEU Q 67 13.99 65.19 41.92
CA LEU Q 67 13.88 65.91 40.66
C LEU Q 67 14.13 67.40 40.88
N THR Q 68 14.82 68.01 39.93
CA THR Q 68 14.83 69.45 39.77
C THR Q 68 14.19 69.75 38.42
N LEU Q 69 13.51 70.88 38.31
CA LEU Q 69 12.84 71.22 37.06
C LEU Q 69 12.75 72.74 36.99
N ASP Q 70 13.60 73.33 36.15
CA ASP Q 70 13.68 74.76 35.97
C ASP Q 70 13.40 75.10 34.51
N ASN Q 71 13.03 76.37 34.28
CA ASN Q 71 12.92 76.94 32.94
C ASN Q 71 11.91 76.16 32.10
N LEU Q 72 10.65 76.20 32.54
CA LEU Q 72 9.63 75.46 31.81
C LEU Q 72 9.17 76.24 30.60
N ALA Q 73 10.12 76.76 29.83
CA ALA Q 73 9.83 77.43 28.56
C ALA Q 73 10.82 77.10 27.46
N VAL Q 74 12.04 76.66 27.78
CA VAL Q 74 13.05 76.43 26.75
C VAL Q 74 12.58 75.37 25.76
N ASP Q 75 12.01 74.28 26.28
CA ASP Q 75 11.38 73.26 25.45
C ASP Q 75 10.10 72.83 26.14
N ASP Q 76 8.97 73.12 25.51
CA ASP Q 76 7.66 72.78 26.04
C ASP Q 76 7.25 71.34 25.71
N ALA Q 77 8.20 70.48 25.34
CA ALA Q 77 7.93 69.07 25.08
C ALA Q 77 8.83 68.13 25.86
N SER Q 78 10.11 68.51 26.05
CA SER Q 78 11.03 67.68 26.84
C SER Q 78 10.78 67.83 28.33
N LYS Q 79 10.26 68.97 28.76
CA LYS Q 79 10.02 69.22 30.17
C LYS Q 79 8.58 68.96 30.58
N LYS Q 80 7.71 68.58 29.65
CA LYS Q 80 6.36 68.16 30.01
C LYS Q 80 6.40 66.97 30.95
N HIS Q 81 7.36 66.07 30.75
CA HIS Q 81 7.51 64.87 31.58
C HIS Q 81 8.97 64.77 32.01
N THR Q 82 9.19 64.46 33.28
CA THR Q 82 10.54 64.32 33.81
C THR Q 82 10.53 63.21 34.83
N THR Q 83 11.28 62.15 34.56
CA THR Q 83 11.38 61.04 35.49
C THR Q 83 12.68 61.14 36.28
N SER Q 84 12.64 60.66 37.51
CA SER Q 84 13.82 60.69 38.36
C SER Q 84 14.72 59.51 38.05
N ALA Q 85 16.03 59.75 38.11
CA ALA Q 85 17.01 58.73 37.79
C ALA Q 85 17.45 57.92 39.01
N LYS Q 86 16.89 58.20 40.18
CA LYS Q 86 17.37 57.63 41.42
C LYS Q 86 16.33 56.74 42.05
N ASP Q 87 16.76 55.58 42.50
CA ASP Q 87 15.95 54.71 43.33
C ASP Q 87 16.27 54.98 44.80
N TYR Q 88 15.43 54.47 45.69
CA TYR Q 88 15.53 54.86 47.08
C TYR Q 88 14.96 53.78 47.97
N THR Q 89 15.69 53.45 49.03
CA THR Q 89 15.17 52.65 50.13
C THR Q 89 14.87 53.58 51.28
N ALA Q 90 13.64 53.50 51.80
CA ALA Q 90 13.19 54.38 52.87
C ALA Q 90 13.59 53.79 54.21
N THR Q 91 14.65 54.34 54.81
CA THR Q 91 15.10 53.88 56.12
C THR Q 91 14.18 54.32 57.25
N SER Q 92 13.30 55.28 56.99
CA SER Q 92 12.27 55.68 57.94
C SER Q 92 11.04 56.08 57.16
N ASN Q 93 9.93 56.24 57.87
CA ASN Q 93 8.74 56.81 57.26
C ASN Q 93 9.08 58.17 56.70
N LYS Q 94 8.94 58.32 55.39
CA LYS Q 94 9.33 59.55 54.70
C LYS Q 94 8.10 60.22 54.08
N VAL Q 95 8.29 61.47 53.68
CA VAL Q 95 7.26 62.23 53.00
C VAL Q 95 7.92 62.88 51.78
N VAL Q 96 7.58 62.39 50.60
CA VAL Q 96 8.03 63.03 49.37
C VAL Q 96 7.23 64.30 49.15
N VAL Q 97 7.93 65.41 48.96
CA VAL Q 97 7.33 66.73 48.82
C VAL Q 97 7.85 67.38 47.55
N ALA Q 98 7.12 68.41 47.11
CA ALA Q 98 7.52 69.22 45.97
C ALA Q 98 7.57 70.68 46.41
N GLU Q 99 8.75 71.28 46.32
CA GLU Q 99 8.94 72.69 46.58
C GLU Q 99 8.83 73.47 45.28
N VAL Q 100 7.88 74.39 45.22
CA VAL Q 100 7.71 75.29 44.10
C VAL Q 100 8.21 76.66 44.52
N LYS Q 101 8.98 77.33 43.66
CA LYS Q 101 9.44 78.66 44.00
C LYS Q 101 9.65 79.47 42.73
N ASN Q 102 9.42 80.79 42.87
CA ASN Q 102 9.41 81.76 41.77
C ASN Q 102 8.25 81.50 40.81
N ALA Q 103 7.09 81.19 41.36
CA ALA Q 103 5.93 80.79 40.54
C ALA Q 103 5.34 82.00 39.84
N ASN Q 104 5.72 82.20 38.59
CA ASN Q 104 5.15 83.28 37.78
C ASN Q 104 4.43 82.73 36.56
N ASP Q 105 3.65 81.67 36.74
CA ASP Q 105 2.79 81.12 35.70
C ASP Q 105 1.34 81.18 36.17
N ASN Q 106 0.44 80.55 35.41
CA ASN Q 106 -0.95 80.49 35.81
C ASN Q 106 -1.56 79.22 35.26
N ASN Q 107 -2.42 78.59 36.07
CA ASN Q 107 -3.21 77.43 35.68
C ASN Q 107 -2.35 76.22 35.37
N VAL Q 108 -1.04 76.34 35.50
CA VAL Q 108 -0.14 75.22 35.29
C VAL Q 108 -0.13 74.35 36.54
N LYS Q 109 0.06 73.05 36.35
CA LYS Q 109 -0.17 72.06 37.39
C LYS Q 109 0.94 71.02 37.34
N GLY Q 110 1.06 70.23 38.41
CA GLY Q 110 2.05 69.18 38.43
C GLY Q 110 1.54 67.89 39.03
N VAL Q 111 1.63 66.80 38.29
CA VAL Q 111 1.21 65.49 38.75
C VAL Q 111 2.45 64.67 39.03
N LEU Q 112 2.60 64.23 40.29
CA LEU Q 112 3.70 63.37 40.70
C LEU Q 112 3.19 61.95 40.80
N ARG Q 113 3.93 61.01 40.22
CA ARG Q 113 3.62 59.59 40.29
C ARG Q 113 4.82 58.88 40.91
N VAL Q 114 4.56 58.12 41.97
CA VAL Q 114 5.60 57.38 42.67
C VAL Q 114 5.20 55.91 42.67
N LEU Q 115 6.06 55.07 42.10
CA LEU Q 115 5.91 53.63 42.18
C LEU Q 115 6.93 53.12 43.18
N TYR Q 116 6.45 52.50 44.25
CA TYR Q 116 7.31 52.00 45.30
C TYR Q 116 6.86 50.63 45.76
N PHE Q 117 7.83 49.79 46.10
CA PHE Q 117 7.56 48.47 46.64
C PHE Q 117 7.58 48.52 48.17
N LEU Q 118 6.73 47.72 48.77
CA LEU Q 118 6.59 47.71 50.22
C LEU Q 118 7.77 46.99 50.85
N PRO Q 119 7.94 47.11 52.17
CA PRO Q 119 9.04 46.40 52.82
C PRO Q 119 8.85 44.90 52.88
N SER Q 120 7.61 44.41 52.89
CA SER Q 120 7.35 42.99 53.05
C SER Q 120 8.14 42.18 52.03
N VAL Q 121 8.58 40.99 52.44
CA VAL Q 121 9.52 40.19 51.66
C VAL Q 121 9.14 38.73 51.77
N ILE Q 122 9.14 38.04 50.62
CA ILE Q 122 8.87 36.61 50.58
C ILE Q 122 10.08 35.90 49.98
N GLU Q 123 10.09 34.58 50.16
CA GLU Q 123 11.16 33.73 49.67
C GLU Q 123 10.72 33.05 48.37
N VAL Q 124 11.63 33.01 47.40
CA VAL Q 124 11.34 32.41 46.10
C VAL Q 124 12.48 31.49 45.73
N GLU Q 125 12.14 30.31 45.20
CA GLU Q 125 13.11 29.32 44.79
C GLU Q 125 12.94 29.04 43.30
N TYR Q 126 13.95 29.41 42.51
CA TYR Q 126 13.93 29.16 41.09
C TYR Q 126 14.97 28.12 40.70
N MET R 1 0.43 59.24 57.91
CA MET R 1 -0.30 59.98 56.89
C MET R 1 -1.11 59.05 56.01
N LYS R 2 -2.42 59.29 55.93
CA LYS R 2 -3.28 58.54 55.04
C LYS R 2 -2.96 58.85 53.58
N GLN R 3 -3.28 57.91 52.70
CA GLN R 3 -3.23 58.19 51.27
C GLN R 3 -4.07 57.16 50.54
N LYS R 4 -4.41 57.50 49.29
CA LYS R 4 -5.09 56.60 48.37
C LYS R 4 -4.10 56.20 47.27
N VAL R 5 -3.86 54.90 47.12
CA VAL R 5 -2.87 54.40 46.19
C VAL R 5 -3.46 53.28 45.33
N HIS R 6 -2.83 53.07 44.17
CA HIS R 6 -3.16 51.95 43.31
C HIS R 6 -2.32 50.75 43.70
N SER R 7 -2.98 49.62 43.98
CA SER R 7 -2.27 48.42 44.37
C SER R 7 -2.16 47.38 43.28
N VAL R 8 -3.07 47.40 42.29
CA VAL R 8 -3.08 46.40 41.24
C VAL R 8 -2.29 46.93 40.04
N SER R 9 -1.44 46.10 39.48
CA SER R 9 -0.55 46.48 38.39
C SER R 9 -0.46 45.34 37.39
N TYR R 10 -0.60 45.66 36.10
CA TYR R 10 -0.53 44.68 35.02
C TYR R 10 0.58 45.05 34.05
N LEU R 11 1.23 44.04 33.51
CA LEU R 11 2.12 44.18 32.38
C LEU R 11 1.48 43.52 31.16
N ALA R 12 1.35 44.26 30.08
CA ALA R 12 0.83 43.75 28.83
C ALA R 12 1.94 43.73 27.79
N LYS R 13 2.11 42.58 27.14
CA LYS R 13 3.19 42.37 26.20
C LYS R 13 2.61 41.95 24.86
N ALA R 14 2.95 42.69 23.82
CA ALA R 14 2.40 42.42 22.49
C ALA R 14 3.52 42.43 21.46
N GLU R 15 3.34 41.63 20.41
CA GLU R 15 4.33 41.54 19.35
C GLU R 15 3.70 41.93 18.02
N PHE R 16 4.50 42.53 17.16
CA PHE R 16 4.09 42.81 15.80
C PHE R 16 5.32 42.70 14.91
N LYS R 17 5.11 42.47 13.62
CA LYS R 17 6.20 42.03 12.76
C LYS R 17 6.67 43.06 11.75
N PHE R 18 6.38 44.34 11.97
CA PHE R 18 6.99 45.43 11.20
C PHE R 18 6.59 45.44 9.73
N ASN R 19 5.39 44.96 9.42
CA ASN R 19 4.80 45.17 8.11
C ASN R 19 3.87 46.36 8.17
N ASN R 20 3.87 47.17 7.11
CA ASN R 20 3.13 48.42 7.10
C ASN R 20 1.69 48.23 7.53
N GLY R 21 1.22 49.11 8.40
CA GLY R 21 -0.15 49.05 8.86
C GLY R 21 -0.25 49.52 10.30
N VAL R 22 -1.34 49.12 10.94
CA VAL R 22 -1.66 49.52 12.30
C VAL R 22 -2.04 48.27 13.08
N TYR R 23 -1.48 48.11 14.27
CA TYR R 23 -1.76 46.97 15.12
C TYR R 23 -2.35 47.44 16.43
N ASN R 24 -3.41 46.76 16.88
CA ASN R 24 -4.04 47.08 18.16
C ASN R 24 -3.36 46.24 19.23
N LEU R 25 -2.36 46.84 19.88
CA LEU R 25 -1.48 46.08 20.77
C LEU R 25 -2.09 45.92 22.16
N VAL R 26 -2.31 47.02 22.88
CA VAL R 26 -2.62 46.96 24.31
C VAL R 26 -3.95 47.65 24.58
N ALA R 27 -4.77 47.05 25.43
CA ALA R 27 -6.04 47.63 25.84
C ALA R 27 -5.90 48.24 27.22
N LEU R 28 -6.09 49.55 27.32
CA LEU R 28 -6.01 50.27 28.59
C LEU R 28 -7.40 50.52 29.14
N PRO R 29 -7.69 50.12 30.38
CA PRO R 29 -8.98 50.46 30.98
C PRO R 29 -9.10 51.95 31.23
N SER R 30 -10.33 52.38 31.49
CA SER R 30 -10.57 53.78 31.85
C SER R 30 -10.13 54.00 33.29
N GLY R 31 -9.17 54.90 33.48
CA GLY R 31 -8.58 55.14 34.78
C GLY R 31 -7.22 54.51 34.97
N ALA R 32 -6.78 53.68 34.03
CA ALA R 32 -5.47 53.06 34.11
C ALA R 32 -4.37 54.12 34.22
N GLU R 33 -3.26 53.72 34.82
CA GLU R 33 -2.11 54.60 35.02
C GLU R 33 -0.91 53.93 34.36
N VAL R 34 -0.55 54.43 33.19
CA VAL R 34 0.55 53.86 32.42
C VAL R 34 1.86 54.39 32.98
N VAL R 35 2.65 53.51 33.58
CA VAL R 35 3.91 53.92 34.19
C VAL R 35 5.12 53.51 33.37
N LYS R 36 4.99 52.58 32.42
CA LYS R 36 6.10 52.37 31.50
C LYS R 36 5.58 51.88 30.16
N VAL R 37 6.14 52.45 29.09
CA VAL R 37 5.91 52.00 27.73
C VAL R 37 7.27 51.81 27.09
N SER R 38 7.54 50.60 26.60
CA SER R 38 8.85 50.29 26.05
C SER R 38 8.70 49.46 24.78
N LEU R 39 9.57 49.71 23.81
CA LEU R 39 9.57 48.99 22.56
C LEU R 39 10.96 48.43 22.30
N GLU R 40 11.01 47.13 22.02
CA GLU R 40 12.24 46.43 21.66
C GLU R 40 12.17 45.99 20.20
N VAL R 41 13.29 46.11 19.51
CA VAL R 41 13.38 45.71 18.10
C VAL R 41 14.11 44.37 18.05
N VAL R 42 13.37 43.31 17.73
CA VAL R 42 13.94 41.97 17.61
C VAL R 42 14.23 41.71 16.15
N GLY R 43 15.38 41.15 15.86
CA GLY R 43 15.78 41.01 14.49
C GLY R 43 16.76 42.09 14.08
N ASN R 44 17.64 41.74 13.15
CA ASN R 44 18.67 42.66 12.70
C ASN R 44 18.13 43.47 11.52
N PRO R 45 17.85 44.75 11.69
CA PRO R 45 17.35 45.55 10.56
C PRO R 45 18.43 45.75 9.52
N ILE R 46 18.04 45.70 8.25
CA ILE R 46 19.01 45.87 7.17
C ILE R 46 19.56 47.29 7.19
N ALA R 47 20.72 47.46 6.56
CA ALA R 47 21.22 48.80 6.31
C ALA R 47 20.33 49.51 5.30
N THR R 48 20.42 50.83 5.29
CA THR R 48 19.54 51.67 4.47
C THR R 48 18.07 51.41 4.78
N SER R 49 17.77 51.06 6.03
CA SER R 49 16.40 50.76 6.42
C SER R 49 15.62 52.07 6.51
N THR R 50 14.73 52.29 5.55
CA THR R 50 13.86 53.46 5.56
C THR R 50 12.52 53.14 6.20
N THR R 51 12.52 52.58 7.39
CA THR R 51 11.29 52.19 8.06
C THR R 51 11.04 53.08 9.26
N SER R 52 9.78 53.20 9.65
CA SER R 52 9.39 54.06 10.76
C SER R 52 8.33 53.36 11.60
N VAL R 53 8.48 53.47 12.92
CA VAL R 53 7.53 52.90 13.87
C VAL R 53 7.11 53.98 14.83
N SER R 54 5.87 53.89 15.30
CA SER R 54 5.36 54.90 16.21
C SER R 54 4.32 54.28 17.12
N VAL R 55 4.43 54.51 18.42
CA VAL R 55 3.51 53.95 19.39
C VAL R 55 2.64 55.08 19.91
N GLY R 56 1.32 54.93 19.74
CA GLY R 56 0.37 55.95 20.15
C GLY R 56 -0.97 55.35 20.49
N PHE R 57 -2.03 56.10 20.23
CA PHE R 57 -3.38 55.69 20.59
C PHE R 57 -4.22 55.47 19.34
N GLU R 58 -5.20 54.56 19.47
CA GLU R 58 -6.06 54.22 18.34
C GLU R 58 -6.87 55.42 17.88
N ASP R 59 -7.43 56.18 18.83
CA ASP R 59 -8.35 57.24 18.47
C ASP R 59 -7.61 58.45 17.90
N GLU R 60 -6.43 58.76 18.43
CA GLU R 60 -5.70 59.93 17.95
C GLU R 60 -5.32 59.79 16.49
N THR R 61 -5.18 60.92 15.81
CA THR R 61 -4.96 60.92 14.37
C THR R 61 -3.51 60.57 14.03
N THR R 62 -2.56 61.23 14.69
CA THR R 62 -1.15 60.92 14.53
C THR R 62 -0.74 60.00 15.67
N LYS R 63 -0.52 58.73 15.36
CA LYS R 63 -0.32 57.69 16.38
C LYS R 63 1.12 57.73 16.86
N ASN R 64 1.45 58.82 17.56
CA ASN R 64 2.83 59.03 18.00
C ASN R 64 2.94 59.54 19.42
N TYR R 65 1.93 59.31 20.26
CA TYR R 65 1.93 59.87 21.61
C TYR R 65 3.12 59.37 22.41
N PHE R 66 3.20 58.05 22.62
CA PHE R 66 4.24 57.50 23.48
C PHE R 66 5.59 57.54 22.78
N LEU R 67 5.74 56.81 21.68
CA LEU R 67 7.06 56.49 21.14
C LEU R 67 7.16 56.83 19.67
N THR R 68 8.38 57.17 19.26
CA THR R 68 8.74 57.24 17.85
C THR R 68 10.05 56.49 17.66
N LEU R 69 10.23 55.91 16.47
CA LEU R 69 11.44 55.14 16.18
C LEU R 69 11.67 55.18 14.67
N ASP R 70 12.58 56.04 14.24
CA ASP R 70 12.94 56.17 12.84
C ASP R 70 14.45 55.95 12.69
N ASN R 71 14.86 55.64 11.45
CA ASN R 71 16.27 55.48 11.10
C ASN R 71 16.92 54.40 11.97
N LEU R 72 16.44 53.16 11.80
CA LEU R 72 16.95 52.00 12.58
C LEU R 72 18.34 51.60 12.05
N ALA R 73 19.16 52.59 11.69
CA ALA R 73 20.52 52.31 11.17
C ALA R 73 21.50 53.39 11.64
N VAL R 74 21.00 54.58 11.95
CA VAL R 74 21.86 55.71 12.42
C VAL R 74 22.67 55.22 13.64
N ASP R 75 21.98 54.61 14.61
CA ASP R 75 22.62 54.09 15.84
C ASP R 75 21.84 52.87 16.32
N ASP R 76 22.00 51.74 15.61
CA ASP R 76 21.28 50.47 15.93
C ASP R 76 21.35 50.15 17.42
N ALA R 77 22.56 50.19 18.01
CA ALA R 77 22.76 49.88 19.44
C ALA R 77 21.75 50.63 20.31
N SER R 78 21.62 51.95 20.11
CA SER R 78 20.68 52.78 20.92
C SER R 78 19.28 52.76 20.30
N LYS R 79 19.15 52.26 19.08
CA LYS R 79 17.82 52.19 18.40
C LYS R 79 17.24 50.78 18.53
N LYS R 80 17.75 50.01 19.49
CA LYS R 80 17.26 48.62 19.71
C LYS R 80 16.17 48.64 20.79
N HIS R 81 16.38 49.41 21.86
CA HIS R 81 15.40 49.53 22.93
C HIS R 81 15.07 51.00 23.12
N THR R 82 13.78 51.31 23.21
CA THR R 82 13.38 52.69 23.43
C THR R 82 12.24 52.72 24.42
N THR R 83 12.38 53.52 25.47
CA THR R 83 11.34 53.66 26.47
C THR R 83 10.66 55.01 26.32
N SER R 84 9.34 55.02 26.42
CA SER R 84 8.60 56.26 26.40
C SER R 84 8.95 57.10 27.61
N ALA R 85 9.06 58.41 27.40
CA ALA R 85 9.35 59.35 28.46
C ALA R 85 8.10 59.90 29.14
N LYS R 86 6.94 59.40 28.78
CA LYS R 86 5.67 59.94 29.25
C LYS R 86 4.92 58.92 30.08
N ASP R 87 4.22 59.41 31.09
CA ASP R 87 3.25 58.63 31.83
C ASP R 87 1.86 59.14 31.50
N TYR R 88 0.87 58.27 31.64
CA TYR R 88 -0.45 58.60 31.10
C TYR R 88 -1.54 58.03 31.98
N THR R 89 -2.54 58.85 32.28
CA THR R 89 -3.77 58.40 32.92
C THR R 89 -4.87 58.32 31.88
N ALA R 90 -5.57 57.18 31.83
CA ALA R 90 -6.59 56.94 30.83
C ALA R 90 -7.92 57.50 31.30
N THR R 91 -8.43 58.50 30.57
CA THR R 91 -9.73 59.08 30.89
C THR R 91 -10.88 58.26 30.31
N SER R 92 -10.57 57.34 29.40
CA SER R 92 -11.55 56.45 28.82
C SER R 92 -10.82 55.17 28.41
N ASN R 93 -11.60 54.17 27.98
CA ASN R 93 -10.99 52.96 27.45
C ASN R 93 -10.14 53.31 26.23
N LYS R 94 -8.88 52.92 26.26
CA LYS R 94 -7.95 53.29 25.21
C LYS R 94 -7.33 52.03 24.61
N VAL R 95 -6.64 52.21 23.48
CA VAL R 95 -5.93 51.13 22.82
C VAL R 95 -4.60 51.69 22.35
N VAL R 96 -3.51 51.21 22.93
CA VAL R 96 -2.17 51.54 22.49
C VAL R 96 -1.88 50.75 21.23
N VAL R 97 -1.51 51.47 20.16
CA VAL R 97 -1.35 50.91 18.83
C VAL R 97 0.03 51.25 18.27
N ALA R 98 0.49 50.41 17.36
CA ALA R 98 1.70 50.66 16.60
C ALA R 98 1.33 51.08 15.18
N GLU R 99 1.92 52.17 14.74
CA GLU R 99 1.79 52.69 13.38
C GLU R 99 3.16 52.53 12.75
N VAL R 100 3.31 51.53 11.89
CA VAL R 100 4.55 51.28 11.17
C VAL R 100 4.32 51.62 9.71
N LYS R 101 5.26 52.36 9.13
CA LYS R 101 5.15 52.74 7.73
C LYS R 101 6.53 52.67 7.09
N ASN R 102 6.51 52.53 5.76
CA ASN R 102 7.72 52.50 4.95
C ASN R 102 8.57 51.28 5.28
N ALA R 103 7.92 50.14 5.43
CA ALA R 103 8.64 48.92 5.79
C ALA R 103 9.43 48.38 4.61
N ASN R 104 10.66 48.90 4.45
CA ASN R 104 11.58 48.38 3.45
C ASN R 104 12.40 47.22 4.00
N ASP R 105 11.90 46.54 5.02
CA ASP R 105 12.63 45.49 5.70
C ASP R 105 11.70 44.31 5.97
N ASN R 106 12.29 43.19 6.36
CA ASN R 106 11.53 42.07 6.89
C ASN R 106 12.48 41.23 7.72
N ASN R 107 11.92 40.23 8.41
CA ASN R 107 12.56 39.46 9.47
C ASN R 107 12.79 40.31 10.72
N VAL R 108 12.20 41.49 10.80
CA VAL R 108 12.29 42.37 11.95
C VAL R 108 10.93 42.48 12.59
N LYS R 109 10.90 42.48 13.92
CA LYS R 109 9.67 42.61 14.68
C LYS R 109 9.88 43.58 15.84
N GLY R 110 8.77 44.04 16.39
CA GLY R 110 8.78 44.87 17.57
C GLY R 110 7.98 44.22 18.69
N VAL R 111 8.49 44.34 19.90
CA VAL R 111 7.82 43.89 21.11
C VAL R 111 7.51 45.12 21.95
N LEU R 112 6.25 45.33 22.24
CA LEU R 112 5.80 46.42 23.09
C LEU R 112 5.46 45.88 24.47
N ARG R 113 5.99 46.53 25.50
CA ARG R 113 5.68 46.21 26.89
C ARG R 113 5.07 47.45 27.53
N VAL R 114 3.87 47.31 28.06
CA VAL R 114 3.16 48.40 28.71
C VAL R 114 2.87 47.96 30.14
N LEU R 115 3.55 48.60 31.09
CA LEU R 115 3.30 48.39 32.51
C LEU R 115 2.37 49.50 32.98
N TYR R 116 1.18 49.13 33.46
CA TYR R 116 0.19 50.09 33.87
C TYR R 116 -0.47 49.63 35.18
N PHE R 117 -0.85 50.60 36.00
CA PHE R 117 -1.58 50.35 37.23
C PHE R 117 -3.08 50.51 36.99
N LEU R 118 -3.87 49.68 37.64
CA LEU R 118 -5.31 49.67 37.47
C LEU R 118 -5.96 50.86 38.18
N PRO R 119 -7.19 51.21 37.81
CA PRO R 119 -7.83 52.38 38.44
C PRO R 119 -8.12 52.21 39.92
N SER R 120 -8.36 51.00 40.41
CA SER R 120 -8.83 50.84 41.78
C SER R 120 -7.79 51.35 42.78
N VAL R 121 -8.28 51.98 43.85
CA VAL R 121 -7.44 52.55 44.89
C VAL R 121 -7.83 51.94 46.23
N ILE R 122 -6.84 51.83 47.10
CA ILE R 122 -7.04 51.51 48.50
C ILE R 122 -6.42 52.61 49.34
N GLU R 123 -6.87 52.71 50.58
CA GLU R 123 -6.34 53.70 51.50
C GLU R 123 -5.33 53.05 52.41
N VAL R 124 -4.16 53.66 52.53
CA VAL R 124 -3.08 53.15 53.37
C VAL R 124 -2.74 54.18 54.44
N GLU R 125 -2.39 53.66 55.62
CA GLU R 125 -1.93 54.43 56.76
C GLU R 125 -0.43 54.21 56.92
N TYR R 126 0.31 55.26 57.26
CA TYR R 126 1.72 55.11 57.60
C TYR R 126 2.09 55.99 58.78
#